data_6TMH
#
_entry.id   6TMH
#
_cell.length_a   1.00
_cell.length_b   1.00
_cell.length_c   1.00
_cell.angle_alpha   90.00
_cell.angle_beta   90.00
_cell.angle_gamma   90.00
#
_symmetry.space_group_name_H-M   'P 1'
#
loop_
_entity.id
_entity.type
_entity.pdbx_description
1 polymer 'Inhibitor of F1'
2 polymer 'ATP synthase subunit alpha,subunit alpha'
3 polymer 'ATP synthase subunit beta'
4 polymer 'ATP synthase subunit gamma'
5 polymer 'ATP synthase subunit delta'
6 polymer 'ATP synthase subunit epsilon'
7 polymer 'Oligomycin sensitivity conferring protein (OSCP)'
8 polymer 'subunit c'
9 non-polymer "ADENOSINE-5'-TRIPHOSPHATE"
10 non-polymer 'MAGNESIUM ION'
11 non-polymer "ADENOSINE-5'-DIPHOSPHATE"
#
loop_
_entity_poly.entity_id
_entity_poly.type
_entity_poly.pdbx_seq_one_letter_code
_entity_poly.pdbx_strand_id
1 'polypeptide(L)'
;MSSPCCVAIRRVARTTLESGRRQVDSKSTDVSPFFTGTQQMSLPSAGMVTKIRNFSSVKFMDQKRSGEETVYFKKEDEAL
LRNLLANHPEYDPKYSVDHMNAEVGSIARDITLACQKHGMKDPSAAFMKDLISIFGAHGYAKNSK
;
i
2 'polypeptide(L)'
;MTIHSCLARRAVSVAASGARAFASGLGARAVAVGALQSARLLHTSSLRAAGAKISPSEMSRLLEERIAGWKTQTSTEEVG
RVVSVGDGIARLFGLEGVQAGELVEFQNGMTGMALNLETDNVGVVIFGDDRSVLEGDSVKRTGRIVDVPIGPGLLGRVVD
ALGNPIDGKGPIPAKERRRVELKAPGIIPRKSVHEPMMTGLKCVDALVPVGRGQRELIIGDRQTGKTAVAVDAIINQKEI
NDSTDDESKKLYCIYVAVGQKRSTVAQIVKALEQRDAMKYTTVVAATASEAAPLQFLAPYSGCAMGEWFRDSGRHCVIIY
DDLSKQATAYRQMSLLLRRPPGREAYPGDVFYLHSRLLERAAKMGDKSGGGSLTALPVIETQAGDVSAYIPTNVISITDG
QIFLETELFYKGIRPAINVGLSVSRVGSAAQVKAMKQVAGTMKLELAQYREVAAFAQFGSDLDASTRQLLTRGTALTELL
KQRQYSPMKNSVQVCVLYCGVKGYLDPLDPKEISRFESLFIDYINANHQDILKTIETEKELSEKTEAKLRAAVDEFVAMN
EFKKK
;
A,E,C
3 'polypeptide(L)'
;MASPALQTCWRNLARLSGAQVRPSHFGAFSLGSRMSPFSSLLGARASPIATGRAGLRFLSSAAPNPGKKPASAAPPAGTN
HGRITQVIGAVVDVHFDEQLPPILNSLEVQGHTNRLVLEVAQHLGENTVRTIAMDATEGLVRGQKVVDTGAPIQVPVGVE
TLGRIMNVIGEPVDECGPVPAKKTYSIHRAAPLFADQSTEPGLLQTGIKVVDLLAPYAKGGKIGLFGGAGVGKTVLIMEL
INNVANKHGGFSVFAGVGERTREGNDLYHEMMTTGVIKRKKLEDGKFDFTGSKAALVYGQMNEPPGARARVALTALSVAE
YFRDEQGQDVLLFIDNIYRFTQAGSEVSALLGRIPSAVGYQPTLATDLGQLQERITTTKKGSITSVQAVYVPADDLTDPA
PATTFAHLDATTVLSRQIAELGIYPAVDPLDSTSRMLAPEIVGQEHYDTARATQKLLQDYKSLQDIIAILGMDELSEEDK
LVVSRARKIQRFLSQPFTVAEVFTGKPGRFVELPETIKSAQTILRGECDDLPEMAFYMCGGLEEVRSKAVKMAQEAASGK
;
B,F,D
4 'polypeptide(L)'
;MAGLASLSSVGALRGMRLVPAAHLLPLHSAFGQQTRNFGAGDLKIVAARMKSVKSIQKITKAMKMVAASKLRMDQRRLEN
GLPFATPVQKLVQRIPVDPKEKGTLAVLALSSDKGLCGGVNSFVAKQARIVIKENEMAGNAVQVYGVGDKIRSALQRTFG
DRFKRIMTEVTRFPWNFGQACIIADRLMQDNPARLMVIYNHFKSAVAYDTLTLNVLTPTQAAQSAKEQLNTFEFEPEKTD
VWKDLQDFYYACTVFGCMLDNIASEQSARMSAMDNASTNAGEMISSLTLRYNRARQAKITTELVEIISGANALE
;
g
5 'polypeptide(L)'
;MFARAFSRFASLAAPAPQRGWNAFVLPSRHFATAAGGANPFKNQLLLTLSSPSEAIYVRTPVRSVTVPGSEGAMTMTNGH
SQTVARLKAGEIIVRKGETGDEVERFFLSDGFVLFKSPEDDSGCCTAEVLGVEVVPVSMLDKESAATALQELLQQGAGAT
DEWTKARTLLGQELLSSVIRAAP
;
d
6 'polypeptide(L)' MWRSSGVSFTRYASEMAALLRQCLKEPYRTQAMQRNQIHLKETVYQQGQVLTRETFNDIKKAFEAAAKHAGEK e
7 'polypeptide(L)'
;MALPLLASRRLFSSFVFRGQPSTLSSNLSLVRIRGLHGGSLSPPSATLPRAVQLFSSRIAFSTAAAEDSGASQTLEGRYA
SALFRVAKKKNQLEKVYGDLESVRNALKDSSEFRLFVDSPAVSVQQKLDVLRQLVNRYKFDPLTGNLLTTLVENKRLPML
ARVADAFDAMYRKEKGEVKCLVTSAKPLSAQQQKEIVAALQNRAGTQARLIIDYAVSPQIMGGLVVRLGEQVLDFSVATR
LDRLQSQLLAPL
;
G
8 'polypeptide(L)'
;MFFSRLSLSALKAAPAREALPGLLSRQSFSSAGFSQFSSQKFFFSPSRNFSQSPLFQKHTPVHCNQRIASALVPTQQPAM
TRQNPYAMQVGARYDAGVASLSAAIALMSVGGVAQGIGSLFAALVSGTARNPSIKEDLFTYTLIGMGFLEFLGIICVLMS
AVLLYS
;
H,I,J,K,L,M,N,O,P,Q
#
# COMPACT_ATOMS: atom_id res chain seq x y z
N SER A 57 -1.10 -3.16 -6.80
CA SER A 57 -0.36 -2.41 -5.81
C SER A 57 1.14 -2.67 -5.94
N VAL A 58 1.48 -3.91 -6.24
CA VAL A 58 2.90 -4.29 -6.37
C VAL A 58 3.45 -3.84 -7.71
N LYS A 59 2.86 -4.36 -8.80
CA LYS A 59 3.27 -3.91 -10.12
C LYS A 59 2.99 -2.42 -10.30
N PHE A 60 1.90 -1.94 -9.72
CA PHE A 60 1.58 -0.51 -9.78
C PHE A 60 2.71 0.32 -9.20
N MET A 61 3.08 0.07 -7.94
CA MET A 61 4.14 0.84 -7.31
C MET A 61 5.47 0.67 -8.03
N ASP A 62 5.78 -0.55 -8.45
CA ASP A 62 7.06 -0.81 -9.11
C ASP A 62 7.18 -0.01 -10.40
N GLN A 63 6.14 -0.06 -11.24
CA GLN A 63 6.19 0.63 -12.51
C GLN A 63 6.15 2.13 -12.33
N LYS A 64 5.39 2.62 -11.34
CA LYS A 64 5.38 4.04 -11.05
C LYS A 64 6.76 4.53 -10.64
N ARG A 65 7.41 3.77 -9.74
CA ARG A 65 8.76 4.12 -9.31
C ARG A 65 9.72 4.15 -10.49
N SER A 66 9.65 3.11 -11.33
CA SER A 66 10.56 3.05 -12.47
C SER A 66 10.35 4.24 -13.40
N GLY A 67 9.10 4.57 -13.69
CA GLY A 67 8.83 5.69 -14.58
C GLY A 67 9.28 7.02 -13.99
N GLU A 68 9.01 7.24 -12.71
CA GLU A 68 9.40 8.49 -12.08
C GLU A 68 10.91 8.66 -12.09
N GLU A 69 11.63 7.62 -11.66
CA GLU A 69 13.08 7.68 -11.68
C GLU A 69 13.61 7.89 -13.08
N THR A 70 13.04 7.18 -14.06
CA THR A 70 13.49 7.32 -15.44
C THR A 70 13.36 8.75 -15.92
N VAL A 71 12.20 9.36 -15.65
CA VAL A 71 11.97 10.73 -16.11
C VAL A 71 12.92 11.70 -15.43
N TYR A 72 13.01 11.63 -14.11
CA TYR A 72 13.87 12.52 -13.35
C TYR A 72 15.30 12.46 -13.86
N PHE A 73 15.85 11.25 -13.95
CA PHE A 73 17.24 11.13 -14.32
C PHE A 73 17.48 11.33 -15.81
N LYS A 74 16.44 11.20 -16.64
CA LYS A 74 16.56 11.61 -18.03
C LYS A 74 16.74 13.12 -18.14
N LYS A 75 15.94 13.88 -17.38
CA LYS A 75 16.13 15.32 -17.34
C LYS A 75 17.53 15.67 -16.86
N GLU A 76 17.96 15.05 -15.76
CA GLU A 76 19.28 15.36 -15.21
C GLU A 76 20.38 15.00 -16.20
N ASP A 77 20.22 13.89 -16.94
CA ASP A 77 21.24 13.53 -17.91
C ASP A 77 21.24 14.50 -19.08
N GLU A 78 20.08 15.05 -19.44
CA GLU A 78 20.04 16.04 -20.51
C GLU A 78 20.82 17.29 -20.10
N ALA A 79 20.66 17.71 -18.85
CA ALA A 79 21.37 18.89 -18.37
C ALA A 79 22.86 18.61 -18.26
N LEU A 80 23.24 17.45 -17.74
CA LEU A 80 24.66 17.14 -17.62
C LEU A 80 25.31 17.03 -18.99
N LEU A 81 24.58 16.50 -19.97
CA LEU A 81 25.13 16.44 -21.32
C LEU A 81 25.29 17.82 -21.91
N ARG A 82 24.39 18.74 -21.57
CA ARG A 82 24.56 20.13 -22.00
C ARG A 82 25.82 20.73 -21.40
N ASN A 83 26.03 20.53 -20.10
CA ASN A 83 27.07 21.24 -19.37
C ASN A 83 28.36 20.44 -19.21
N LEU A 84 28.49 19.32 -19.92
CA LEU A 84 29.69 18.50 -19.77
C LEU A 84 30.91 19.13 -20.43
N LEU A 85 30.84 19.34 -21.74
CA LEU A 85 32.05 19.63 -22.51
C LEU A 85 32.71 20.92 -22.05
N ALA A 86 31.95 21.84 -21.48
CA ALA A 86 32.55 23.06 -20.95
C ALA A 86 33.48 22.77 -19.79
N ASN A 87 32.96 22.11 -18.75
CA ASN A 87 33.71 21.90 -17.52
C ASN A 87 34.77 20.81 -17.65
N HIS A 88 34.79 20.06 -18.74
CA HIS A 88 35.76 18.98 -18.95
C HIS A 88 36.23 19.04 -20.40
N PRO A 89 36.99 20.08 -20.76
CA PRO A 89 37.43 20.22 -22.15
C PRO A 89 38.49 19.22 -22.56
N GLU A 90 39.17 18.58 -21.60
CA GLU A 90 40.17 17.59 -21.95
C GLU A 90 39.55 16.42 -22.70
N TYR A 91 38.26 16.14 -22.46
CA TYR A 91 37.55 15.13 -23.22
C TYR A 91 36.95 15.68 -24.50
N ASP A 92 36.73 16.99 -24.57
CA ASP A 92 36.11 17.58 -25.74
C ASP A 92 36.98 17.34 -26.97
N PRO A 93 36.48 16.61 -27.99
CA PRO A 93 37.29 16.40 -29.19
C PRO A 93 37.53 17.67 -29.99
N LYS A 94 36.83 18.76 -29.68
CA LYS A 94 37.08 20.02 -30.36
C LYS A 94 38.50 20.49 -30.12
N TYR A 95 39.06 20.19 -28.95
CA TYR A 95 40.43 20.56 -28.61
C TYR A 95 41.39 19.38 -28.79
N SER A 96 41.14 18.51 -29.76
CA SER A 96 41.99 17.36 -30.00
C SER A 96 42.02 17.01 -31.49
N LYS B 53 2.36 -60.88 -0.58
CA LYS B 53 2.77 -60.61 0.78
C LYS B 53 3.30 -61.89 1.41
N ILE B 54 4.60 -61.94 1.65
CA ILE B 54 5.25 -63.13 2.18
C ILE B 54 6.20 -62.73 3.30
N SER B 55 6.33 -63.59 4.28
CA SER B 55 7.21 -63.37 5.41
C SER B 55 8.59 -63.95 5.13
N PRO B 56 9.63 -63.47 5.80
CA PRO B 56 10.95 -64.08 5.61
C PRO B 56 10.98 -65.55 5.95
N SER B 57 10.17 -65.97 6.93
CA SER B 57 10.07 -67.39 7.25
C SER B 57 9.33 -68.17 6.18
N GLU B 58 8.58 -67.49 5.32
CA GLU B 58 7.77 -68.16 4.31
C GLU B 58 8.47 -68.29 2.97
N MET B 59 9.72 -67.86 2.88
CA MET B 59 10.46 -68.03 1.63
C MET B 59 10.67 -69.52 1.36
N SER B 60 10.88 -69.84 0.08
CA SER B 60 10.93 -71.24 -0.34
C SER B 60 12.36 -71.78 -0.26
N ARG B 61 13.01 -71.56 0.88
CA ARG B 61 14.23 -72.30 1.21
C ARG B 61 14.13 -72.82 2.64
N LEU B 62 13.37 -72.14 3.49
CA LEU B 62 13.19 -72.56 4.86
C LEU B 62 12.04 -73.55 5.01
N LEU B 63 10.96 -73.35 4.26
CA LEU B 63 9.82 -74.27 4.33
C LEU B 63 10.21 -75.65 3.83
N GLU B 64 11.22 -75.74 2.97
CA GLU B 64 11.78 -77.03 2.62
C GLU B 64 12.44 -77.71 3.82
N GLU B 65 12.82 -76.94 4.84
CA GLU B 65 13.36 -77.50 6.07
C GLU B 65 12.25 -77.83 7.06
N ARG B 66 11.31 -76.91 7.27
CA ARG B 66 10.23 -77.16 8.21
C ARG B 66 9.38 -78.33 7.76
N ILE B 67 9.05 -78.38 6.47
CA ILE B 67 8.24 -79.48 5.94
C ILE B 67 8.98 -80.80 6.09
N ALA B 68 10.30 -80.77 6.01
CA ALA B 68 11.10 -81.99 6.12
C ALA B 68 11.39 -82.36 7.57
N GLY B 69 10.70 -81.73 8.52
CA GLY B 69 10.93 -82.03 9.92
C GLY B 69 12.24 -81.55 10.47
N TRP B 70 12.99 -80.74 9.71
CA TRP B 70 14.26 -80.24 10.21
C TRP B 70 14.02 -79.27 11.36
N LYS B 71 14.68 -79.53 12.48
CA LYS B 71 14.55 -78.68 13.65
C LYS B 71 15.91 -78.08 13.99
N THR B 72 16.61 -77.59 12.99
CA THR B 72 17.93 -76.99 13.20
C THR B 72 17.79 -75.53 13.60
N GLN B 73 17.00 -75.27 14.65
CA GLN B 73 16.86 -73.93 15.21
C GLN B 73 17.94 -73.64 16.24
N THR B 74 19.00 -74.45 16.29
CA THR B 74 20.10 -74.19 17.19
C THR B 74 20.87 -72.93 16.81
N SER B 75 20.61 -72.36 15.64
CA SER B 75 21.11 -71.03 15.33
C SER B 75 20.72 -70.07 16.44
N THR B 76 21.74 -69.53 17.12
CA THR B 76 21.51 -68.80 18.36
C THR B 76 20.75 -67.52 18.09
N GLU B 77 20.45 -66.79 19.17
CA GLU B 77 19.85 -65.48 19.08
C GLU B 77 20.86 -64.42 18.66
N GLU B 78 22.12 -64.79 18.46
CA GLU B 78 23.16 -63.85 18.10
C GLU B 78 23.28 -63.65 16.60
N VAL B 79 22.93 -64.67 15.81
CA VAL B 79 23.22 -64.70 14.38
C VAL B 79 21.92 -64.57 13.61
N GLY B 80 21.98 -63.80 12.52
CA GLY B 80 20.84 -63.64 11.63
C GLY B 80 21.30 -63.53 10.20
N ARG B 81 20.34 -63.63 9.29
CA ARG B 81 20.60 -63.59 7.86
C ARG B 81 19.90 -62.38 7.26
N VAL B 82 20.64 -61.61 6.46
CA VAL B 82 20.04 -60.47 5.80
C VAL B 82 18.96 -60.94 4.86
N VAL B 83 17.87 -60.19 4.79
CA VAL B 83 16.73 -60.51 3.95
C VAL B 83 16.51 -59.47 2.87
N SER B 84 16.73 -58.20 3.19
CA SER B 84 16.52 -57.16 2.19
C SER B 84 17.48 -56.02 2.42
N VAL B 85 17.78 -55.29 1.36
CA VAL B 85 18.70 -54.17 1.40
C VAL B 85 18.18 -53.09 0.46
N GLY B 86 18.39 -51.84 0.83
CA GLY B 86 18.09 -50.75 -0.06
C GLY B 86 18.17 -49.37 0.58
N ASP B 87 18.82 -48.45 -0.12
CA ASP B 87 18.77 -47.03 0.24
C ASP B 87 19.34 -46.77 1.62
N GLY B 88 20.29 -47.58 2.06
CA GLY B 88 20.86 -47.43 3.38
C GLY B 88 20.12 -48.13 4.48
N ILE B 89 19.14 -48.96 4.14
CA ILE B 89 18.37 -49.74 5.10
C ILE B 89 18.62 -51.21 4.83
N ALA B 90 18.62 -52.00 5.89
CA ALA B 90 18.68 -53.45 5.79
C ALA B 90 17.59 -54.04 6.65
N ARG B 91 17.15 -55.23 6.27
CA ARG B 91 16.08 -55.92 6.97
C ARG B 91 16.51 -57.36 7.16
N LEU B 92 16.53 -57.80 8.41
CA LEU B 92 17.11 -59.05 8.83
C LEU B 92 16.01 -60.00 9.32
N PHE B 93 16.35 -61.28 9.32
CA PHE B 93 15.54 -62.31 9.96
C PHE B 93 16.40 -62.97 11.02
N GLY B 94 15.98 -62.87 12.28
CA GLY B 94 16.68 -63.46 13.39
C GLY B 94 17.02 -62.43 14.44
N LEU B 95 18.09 -62.70 15.19
CA LEU B 95 18.55 -61.81 16.24
C LEU B 95 17.46 -61.59 17.28
N GLU B 96 16.72 -62.65 17.59
CA GLU B 96 15.71 -62.58 18.62
C GLU B 96 16.38 -62.49 19.98
N GLY B 97 16.59 -61.27 20.46
CA GLY B 97 17.40 -61.03 21.63
C GLY B 97 18.19 -59.75 21.52
N VAL B 98 18.26 -59.19 20.31
CA VAL B 98 18.93 -57.91 20.12
C VAL B 98 18.11 -56.79 20.74
N GLN B 99 18.81 -55.84 21.34
CA GLN B 99 18.19 -54.69 21.97
C GLN B 99 17.96 -53.58 20.94
N ALA B 100 17.00 -52.72 21.23
CA ALA B 100 16.76 -51.56 20.40
C ALA B 100 17.84 -50.52 20.66
N GLY B 101 18.40 -49.97 19.58
CA GLY B 101 19.55 -49.11 19.69
C GLY B 101 20.87 -49.83 19.77
N GLU B 102 20.89 -51.13 19.52
CA GLU B 102 22.07 -51.95 19.64
C GLU B 102 22.83 -52.01 18.32
N LEU B 103 24.14 -52.12 18.42
CA LEU B 103 24.99 -52.25 17.25
C LEU B 103 25.04 -53.69 16.80
N VAL B 104 25.08 -53.88 15.49
CA VAL B 104 25.25 -55.19 14.87
C VAL B 104 26.34 -55.08 13.82
N GLU B 105 26.92 -56.22 13.48
CA GLU B 105 28.08 -56.27 12.60
C GLU B 105 27.84 -57.30 11.50
N PHE B 106 28.20 -56.93 10.28
CA PHE B 106 27.98 -57.75 9.11
C PHE B 106 29.23 -58.58 8.81
N GLN B 107 29.14 -59.38 7.74
CA GLN B 107 30.28 -60.20 7.33
C GLN B 107 31.49 -59.33 6.98
N ASN B 108 31.25 -58.25 6.24
CA ASN B 108 32.32 -57.44 5.68
C ASN B 108 32.80 -56.33 6.63
N GLY B 109 32.61 -56.51 7.93
CA GLY B 109 33.18 -55.61 8.91
C GLY B 109 32.34 -54.39 9.22
N MET B 110 31.43 -54.01 8.34
CA MET B 110 30.60 -52.85 8.58
C MET B 110 29.64 -53.10 9.73
N THR B 111 29.06 -52.01 10.24
CA THR B 111 28.22 -52.07 11.42
C THR B 111 26.98 -51.21 11.22
N GLY B 112 25.95 -51.50 12.00
CA GLY B 112 24.68 -50.82 11.87
C GLY B 112 23.93 -50.79 13.18
N MET B 113 22.87 -49.99 13.19
CA MET B 113 22.01 -49.80 14.35
C MET B 113 20.64 -50.41 14.10
N ALA B 114 20.19 -51.23 15.04
CA ALA B 114 18.86 -51.83 14.97
C ALA B 114 17.85 -50.89 15.59
N LEU B 115 16.88 -50.45 14.79
CA LEU B 115 15.89 -49.48 15.23
C LEU B 115 14.49 -50.06 15.27
N ASN B 116 14.02 -50.62 14.15
CA ASN B 116 12.65 -51.08 14.01
C ASN B 116 12.60 -52.59 14.24
N LEU B 117 12.52 -52.97 15.51
CA LEU B 117 12.20 -54.35 15.82
C LEU B 117 10.77 -54.66 15.42
N GLU B 118 10.58 -55.83 14.83
CA GLU B 118 9.29 -56.25 14.34
C GLU B 118 9.11 -57.73 14.65
N THR B 119 7.88 -58.20 14.46
CA THR B 119 7.56 -59.58 14.82
C THR B 119 8.27 -60.57 13.91
N ASP B 120 8.54 -60.17 12.67
CA ASP B 120 9.09 -61.08 11.67
C ASP B 120 10.49 -60.70 11.19
N ASN B 121 10.91 -59.44 11.37
CA ASN B 121 12.20 -58.99 10.87
C ASN B 121 12.77 -57.96 11.83
N VAL B 122 13.93 -57.42 11.46
CA VAL B 122 14.60 -56.38 12.23
C VAL B 122 15.12 -55.34 11.25
N GLY B 123 14.82 -54.08 11.52
CA GLY B 123 15.25 -52.99 10.66
C GLY B 123 16.54 -52.39 11.15
N VAL B 124 17.50 -52.26 10.25
CA VAL B 124 18.85 -51.82 10.56
C VAL B 124 19.22 -50.66 9.64
N VAL B 125 19.84 -49.65 10.22
CA VAL B 125 20.41 -48.55 9.46
C VAL B 125 21.92 -48.73 9.44
N ILE B 126 22.53 -48.45 8.30
CA ILE B 126 23.90 -48.84 8.02
C ILE B 126 24.80 -47.62 8.15
N PHE B 127 25.98 -47.83 8.75
CA PHE B 127 26.99 -46.79 8.86
C PHE B 127 27.97 -46.87 7.69
N GLY B 128 27.42 -46.76 6.49
CA GLY B 128 28.22 -46.88 5.29
C GLY B 128 27.34 -47.05 4.08
N ASP B 129 27.90 -47.66 3.04
CA ASP B 129 27.22 -47.86 1.78
C ASP B 129 26.71 -49.28 1.67
N ASP B 130 25.69 -49.45 0.82
CA ASP B 130 25.02 -50.73 0.68
C ASP B 130 25.70 -51.64 -0.34
N ARG B 131 26.73 -51.17 -1.03
CA ARG B 131 27.46 -52.03 -1.96
C ARG B 131 28.15 -53.16 -1.21
N SER B 132 28.50 -52.93 0.06
CA SER B 132 29.15 -53.96 0.85
C SER B 132 28.17 -55.06 1.24
N VAL B 133 26.96 -54.67 1.57
CA VAL B 133 25.96 -55.59 2.08
C VAL B 133 25.22 -56.19 0.90
N LEU B 134 24.84 -57.46 1.03
CA LEU B 134 24.01 -58.10 0.04
C LEU B 134 23.18 -59.19 0.70
N GLU B 135 22.04 -59.49 0.08
CA GLU B 135 21.13 -60.48 0.63
C GLU B 135 21.82 -61.82 0.79
N GLY B 136 21.56 -62.48 1.92
CA GLY B 136 22.21 -63.71 2.28
C GLY B 136 23.37 -63.57 3.24
N ASP B 137 23.85 -62.34 3.45
CA ASP B 137 24.94 -62.13 4.38
C ASP B 137 24.52 -62.48 5.80
N SER B 138 25.51 -62.64 6.67
CA SER B 138 25.27 -62.94 8.07
C SER B 138 25.48 -61.69 8.90
N VAL B 139 24.74 -61.60 10.00
CA VAL B 139 24.83 -60.49 10.92
C VAL B 139 24.92 -61.04 12.33
N LYS B 140 25.78 -60.44 13.13
CA LYS B 140 25.98 -60.87 14.51
C LYS B 140 25.89 -59.67 15.44
N ARG B 141 25.40 -59.93 16.65
CA ARG B 141 25.35 -58.89 17.65
C ARG B 141 26.72 -58.58 18.20
N THR B 142 26.95 -57.30 18.51
CA THR B 142 28.08 -56.91 19.32
C THR B 142 27.73 -56.93 20.80
N GLY B 143 26.47 -56.70 21.14
CA GLY B 143 26.00 -56.76 22.51
C GLY B 143 26.00 -55.43 23.22
N ARG B 144 26.75 -54.45 22.73
CA ARG B 144 26.88 -53.16 23.38
C ARG B 144 26.05 -52.11 22.66
N ILE B 145 25.35 -51.28 23.45
CA ILE B 145 24.66 -50.14 22.88
C ILE B 145 25.68 -49.13 22.36
N VAL B 146 25.23 -48.30 21.42
CA VAL B 146 26.13 -47.32 20.81
C VAL B 146 26.66 -46.38 21.87
N ASP B 147 27.97 -46.18 21.87
CA ASP B 147 28.65 -45.40 22.89
C ASP B 147 29.80 -44.64 22.24
N VAL B 148 30.43 -43.77 23.02
CA VAL B 148 31.54 -42.96 22.52
C VAL B 148 32.53 -42.71 23.65
N PRO B 149 33.81 -42.50 23.35
CA PRO B 149 34.76 -42.18 24.42
C PRO B 149 34.58 -40.75 24.92
N ILE B 150 35.09 -40.52 26.12
CA ILE B 150 35.05 -39.19 26.72
C ILE B 150 36.33 -38.97 27.50
N GLY B 151 36.84 -37.75 27.46
CA GLY B 151 38.01 -37.40 28.23
C GLY B 151 38.78 -36.24 27.63
N PRO B 152 39.91 -35.90 28.25
CA PRO B 152 40.80 -34.89 27.67
C PRO B 152 41.55 -35.37 26.45
N GLY B 153 41.48 -36.65 26.12
CA GLY B 153 42.14 -37.13 24.92
C GLY B 153 41.51 -36.65 23.64
N LEU B 154 40.31 -36.08 23.71
CA LEU B 154 39.62 -35.55 22.55
C LEU B 154 39.94 -34.10 22.28
N LEU B 155 40.52 -33.40 23.24
CA LEU B 155 40.82 -31.98 23.07
C LEU B 155 41.87 -31.79 21.98
N GLY B 156 41.54 -30.96 20.99
CA GLY B 156 42.42 -30.73 19.88
C GLY B 156 42.37 -31.80 18.82
N ARG B 157 41.29 -32.57 18.77
CA ARG B 157 41.15 -33.69 17.86
C ARG B 157 39.82 -33.59 17.14
N VAL B 158 39.83 -33.97 15.87
CA VAL B 158 38.62 -34.07 15.07
C VAL B 158 38.23 -35.52 15.01
N VAL B 159 36.94 -35.79 15.17
CA VAL B 159 36.42 -37.15 15.23
C VAL B 159 35.07 -37.20 14.53
N ASP B 160 34.69 -38.41 14.16
CA ASP B 160 33.39 -38.65 13.56
C ASP B 160 32.35 -38.82 14.66
N ALA B 161 31.17 -39.31 14.30
CA ALA B 161 30.08 -39.48 15.25
C ALA B 161 30.22 -40.72 16.12
N LEU B 162 31.37 -41.39 16.09
CA LEU B 162 31.59 -42.56 16.91
C LEU B 162 32.96 -42.53 17.58
N GLY B 163 33.59 -41.36 17.62
CA GLY B 163 34.89 -41.20 18.22
C GLY B 163 36.06 -41.55 17.32
N ASN B 164 35.82 -42.21 16.20
CA ASN B 164 36.89 -42.59 15.30
C ASN B 164 37.52 -41.35 14.68
N PRO B 165 38.78 -41.04 14.97
CA PRO B 165 39.35 -39.78 14.49
C PRO B 165 39.53 -39.76 12.98
N ILE B 166 39.55 -38.55 12.44
CA ILE B 166 39.74 -38.34 11.02
C ILE B 166 40.80 -37.28 10.79
N ASP B 167 41.51 -36.90 11.86
CA ASP B 167 42.61 -35.96 11.73
C ASP B 167 43.85 -36.59 11.13
N GLY B 168 44.02 -37.90 11.29
CA GLY B 168 45.25 -38.54 10.88
C GLY B 168 46.41 -38.31 11.81
N LYS B 169 46.14 -38.02 13.09
CA LYS B 169 47.19 -37.76 14.06
C LYS B 169 47.45 -38.93 14.99
N GLY B 170 46.48 -39.81 15.18
CA GLY B 170 46.66 -40.98 16.02
C GLY B 170 45.36 -41.41 16.66
N PRO B 171 45.42 -42.49 17.44
CA PRO B 171 44.22 -42.94 18.14
C PRO B 171 43.85 -42.03 19.31
N ILE B 172 42.82 -42.41 20.05
CA ILE B 172 42.26 -41.59 21.11
C ILE B 172 42.32 -42.38 22.42
N PRO B 173 43.04 -41.91 23.45
CA PRO B 173 42.93 -42.56 24.75
C PRO B 173 41.56 -42.31 25.37
N ALA B 174 41.03 -43.33 26.04
CA ALA B 174 39.68 -43.24 26.59
C ALA B 174 39.59 -44.22 27.76
N LYS B 175 39.66 -43.68 28.97
CA LYS B 175 39.38 -44.47 30.16
C LYS B 175 37.89 -44.58 30.44
N GLU B 176 37.05 -43.81 29.74
CA GLU B 176 35.62 -43.80 29.97
C GLU B 176 34.88 -43.76 28.65
N ARG B 177 33.91 -44.65 28.50
CA ARG B 177 33.03 -44.70 27.34
C ARG B 177 31.60 -44.52 27.80
N ARG B 178 30.94 -43.49 27.29
CA ARG B 178 29.63 -43.07 27.73
C ARG B 178 28.60 -43.34 26.65
N ARG B 179 27.39 -43.67 27.09
CA ARG B 179 26.30 -43.91 26.17
C ARG B 179 25.89 -42.62 25.48
N VAL B 180 25.16 -42.78 24.39
CA VAL B 180 24.80 -41.68 23.52
C VAL B 180 23.41 -41.14 23.83
N GLU B 181 22.49 -42.03 24.21
CA GLU B 181 21.14 -41.65 24.58
C GLU B 181 20.95 -41.99 26.04
N LEU B 182 20.91 -40.96 26.88
CA LEU B 182 20.78 -41.10 28.32
C LEU B 182 19.65 -40.22 28.82
N LYS B 183 19.25 -40.45 30.05
CA LYS B 183 18.29 -39.58 30.70
C LYS B 183 18.94 -38.26 31.08
N ALA B 184 18.23 -37.18 30.85
CA ALA B 184 18.72 -35.86 31.18
C ALA B 184 18.62 -35.66 32.68
N PRO B 185 19.25 -34.62 33.22
CA PRO B 185 19.10 -34.35 34.65
C PRO B 185 17.66 -33.97 34.99
N GLY B 186 17.38 -33.99 36.28
CA GLY B 186 16.04 -33.73 36.76
C GLY B 186 15.78 -32.26 37.01
N ILE B 187 15.30 -31.95 38.22
CA ILE B 187 15.00 -30.59 38.62
C ILE B 187 15.78 -30.19 39.87
N ILE B 188 15.84 -31.07 40.86
CA ILE B 188 16.57 -30.76 42.08
C ILE B 188 18.06 -30.58 41.81
N PRO B 189 18.72 -31.45 41.04
CA PRO B 189 20.17 -31.28 40.83
C PRO B 189 20.53 -30.00 40.11
N ARG B 190 19.59 -29.39 39.41
CA ARG B 190 19.88 -28.22 38.59
C ARG B 190 19.99 -26.98 39.47
N LYS B 191 20.36 -25.87 38.85
CA LYS B 191 20.57 -24.61 39.53
C LYS B 191 20.19 -23.49 38.57
N SER B 192 19.83 -22.36 39.15
CA SER B 192 19.47 -21.21 38.35
C SER B 192 20.71 -20.61 37.70
N VAL B 193 20.51 -20.04 36.51
CA VAL B 193 21.61 -19.47 35.75
C VAL B 193 21.99 -18.13 36.37
N HIS B 194 23.26 -18.00 36.76
CA HIS B 194 23.73 -16.78 37.39
C HIS B 194 25.14 -16.40 36.94
N GLU B 195 25.59 -16.91 35.80
CA GLU B 195 26.95 -16.71 35.34
C GLU B 195 26.94 -16.57 33.83
N PRO B 196 27.76 -15.68 33.27
CA PRO B 196 27.75 -15.47 31.82
C PRO B 196 28.75 -16.36 31.09
N MET B 197 28.67 -16.29 29.75
CA MET B 197 29.50 -17.09 28.87
C MET B 197 30.52 -16.27 28.10
N MET B 198 30.26 -14.98 27.86
CA MET B 198 31.22 -14.08 27.23
C MET B 198 31.58 -14.56 25.82
N THR B 199 30.58 -14.47 24.94
CA THR B 199 30.80 -14.75 23.53
C THR B 199 31.93 -13.90 22.97
N GLY B 200 32.03 -12.66 23.40
CA GLY B 200 32.97 -11.71 22.85
C GLY B 200 32.34 -10.67 21.96
N LEU B 201 31.08 -10.83 21.60
CA LEU B 201 30.37 -9.85 20.80
C LEU B 201 29.68 -8.85 21.71
N LYS B 202 29.67 -7.59 21.29
CA LYS B 202 29.06 -6.55 22.09
C LYS B 202 27.55 -6.70 22.14
N CYS B 203 26.93 -6.89 20.98
CA CYS B 203 25.48 -6.95 20.92
C CYS B 203 24.94 -8.12 21.73
N VAL B 204 25.59 -9.28 21.66
CA VAL B 204 25.13 -10.45 22.39
C VAL B 204 25.39 -10.30 23.88
N ASP B 205 26.63 -9.95 24.24
CA ASP B 205 26.98 -9.85 25.64
C ASP B 205 26.22 -8.73 26.35
N ALA B 206 25.68 -7.78 25.60
CA ALA B 206 24.96 -6.65 26.17
C ALA B 206 23.46 -6.84 26.16
N LEU B 207 22.89 -7.12 24.99
CA LEU B 207 21.45 -7.07 24.77
C LEU B 207 20.80 -8.44 24.69
N VAL B 208 21.57 -9.48 24.37
CA VAL B 208 21.07 -10.85 24.29
C VAL B 208 22.03 -11.75 25.04
N PRO B 209 22.17 -11.58 26.34
CA PRO B 209 23.22 -12.30 27.08
C PRO B 209 22.97 -13.80 27.11
N VAL B 210 24.07 -14.54 27.20
CA VAL B 210 24.05 -16.00 27.23
C VAL B 210 24.73 -16.44 28.52
N GLY B 211 24.00 -17.21 29.34
CA GLY B 211 24.53 -17.69 30.60
C GLY B 211 25.00 -19.12 30.49
N ARG B 212 25.67 -19.57 31.56
CA ARG B 212 26.18 -20.93 31.64
C ARG B 212 25.07 -21.86 32.10
N GLY B 213 24.66 -22.76 31.21
CA GLY B 213 23.48 -23.57 31.40
C GLY B 213 22.31 -23.15 30.54
N GLN B 214 22.50 -22.18 29.67
CA GLN B 214 21.45 -21.66 28.82
C GLN B 214 21.43 -22.39 27.49
N ARG B 215 20.38 -22.14 26.70
CA ARG B 215 20.22 -22.70 25.36
C ARG B 215 19.78 -21.56 24.46
N GLU B 216 20.73 -20.85 23.89
CA GLU B 216 20.46 -19.67 23.09
C GLU B 216 20.55 -20.05 21.62
N LEU B 217 19.39 -20.17 20.98
CA LEU B 217 19.34 -20.53 19.57
C LEU B 217 19.91 -19.43 18.70
N ILE B 218 20.70 -19.83 17.70
CA ILE B 218 21.15 -18.94 16.65
C ILE B 218 20.39 -19.28 15.38
N ILE B 219 19.28 -18.58 15.16
CA ILE B 219 18.41 -18.82 14.02
C ILE B 219 18.57 -17.71 13.01
N GLY B 220 18.62 -18.10 11.74
CA GLY B 220 18.77 -17.11 10.70
C GLY B 220 18.67 -17.73 9.33
N ASP B 221 18.94 -16.91 8.32
CA ASP B 221 18.93 -17.33 6.93
C ASP B 221 20.34 -17.65 6.47
N ARG B 222 20.42 -18.20 5.26
CA ARG B 222 21.71 -18.60 4.73
C ARG B 222 22.61 -17.38 4.53
N GLN B 223 23.87 -17.55 4.90
CA GLN B 223 24.91 -16.54 4.75
C GLN B 223 24.55 -15.25 5.47
N THR B 224 24.49 -15.37 6.80
CA THR B 224 24.25 -14.24 7.69
C THR B 224 25.30 -14.06 8.77
N GLY B 225 26.03 -15.10 9.15
CA GLY B 225 27.06 -14.98 10.16
C GLY B 225 26.83 -15.77 11.42
N LYS B 226 26.23 -16.94 11.28
CA LYS B 226 25.95 -17.80 12.42
C LYS B 226 27.20 -18.57 12.87
N THR B 227 27.81 -19.29 11.93
CA THR B 227 29.07 -19.95 12.22
C THR B 227 30.12 -18.97 12.72
N ALA B 228 30.07 -17.73 12.24
CA ALA B 228 31.00 -16.72 12.72
C ALA B 228 30.75 -16.39 14.19
N VAL B 229 29.49 -16.27 14.58
CA VAL B 229 29.17 -16.03 15.99
C VAL B 229 29.70 -17.17 16.84
N ALA B 230 29.47 -18.41 16.40
CA ALA B 230 29.94 -19.56 17.15
C ALA B 230 31.45 -19.56 17.28
N VAL B 231 32.16 -19.30 16.18
CA VAL B 231 33.62 -19.35 16.22
C VAL B 231 34.19 -18.21 17.04
N ASP B 232 33.51 -17.06 17.07
CA ASP B 232 33.93 -15.98 17.94
C ASP B 232 33.75 -16.36 19.41
N ALA B 233 32.63 -17.01 19.73
CA ALA B 233 32.44 -17.51 21.08
C ALA B 233 33.54 -18.50 21.46
N ILE B 234 34.00 -19.29 20.51
CA ILE B 234 35.09 -20.23 20.81
C ILE B 234 36.39 -19.49 21.02
N ILE B 235 36.66 -18.47 20.21
CA ILE B 235 37.97 -17.84 20.24
C ILE B 235 38.11 -16.92 21.44
N ASN B 236 37.02 -16.32 21.92
CA ASN B 236 37.13 -15.37 23.02
C ASN B 236 37.59 -16.02 24.31
N GLN B 237 37.47 -17.35 24.43
CA GLN B 237 37.86 -18.04 25.65
C GLN B 237 39.36 -18.25 25.77
N LYS B 238 40.14 -17.84 24.77
CA LYS B 238 41.58 -18.09 24.80
C LYS B 238 42.26 -17.34 25.93
N GLU B 239 42.00 -16.03 26.02
CA GLU B 239 42.65 -15.23 27.05
C GLU B 239 42.22 -15.65 28.46
N ILE B 240 41.01 -16.18 28.58
CA ILE B 240 40.51 -16.59 29.88
C ILE B 240 41.06 -17.95 30.28
N ASN B 241 41.29 -18.84 29.31
CA ASN B 241 41.78 -20.17 29.63
C ASN B 241 43.29 -20.17 29.80
N ASP B 242 44.01 -19.38 29.01
CA ASP B 242 45.46 -19.31 29.14
C ASP B 242 45.89 -18.55 30.39
N SER B 243 45.01 -17.70 30.93
CA SER B 243 45.32 -16.92 32.12
C SER B 243 44.86 -17.57 33.41
N THR B 244 44.84 -18.90 33.46
CA THR B 244 44.33 -19.61 34.62
C THR B 244 44.89 -21.03 34.65
N ASP B 245 45.23 -21.49 35.84
CA ASP B 245 45.70 -22.85 36.05
C ASP B 245 44.61 -23.82 36.47
N ASP B 246 43.51 -23.31 37.02
CA ASP B 246 42.42 -24.17 37.47
C ASP B 246 41.51 -24.54 36.30
N GLU B 247 40.94 -25.74 36.37
CA GLU B 247 40.01 -26.23 35.36
C GLU B 247 38.56 -26.09 35.83
N SER B 248 38.28 -25.02 36.55
CA SER B 248 36.92 -24.69 36.95
C SER B 248 36.49 -23.30 36.50
N LYS B 249 37.43 -22.40 36.25
CA LYS B 249 37.13 -21.09 35.68
C LYS B 249 37.24 -21.09 34.17
N LYS B 250 37.81 -22.13 33.58
CA LYS B 250 37.89 -22.24 32.14
C LYS B 250 36.53 -22.57 31.54
N LEU B 251 36.49 -22.57 30.21
CA LEU B 251 35.31 -22.95 29.46
C LEU B 251 35.78 -23.72 28.23
N TYR B 252 35.52 -25.01 28.21
CA TYR B 252 35.84 -25.83 27.06
C TYR B 252 34.76 -25.67 26.00
N CYS B 253 35.08 -26.10 24.78
CA CYS B 253 34.18 -25.91 23.66
C CYS B 253 34.13 -27.16 22.79
N ILE B 254 32.93 -27.44 22.27
CA ILE B 254 32.71 -28.54 21.35
C ILE B 254 31.90 -27.99 20.17
N TYR B 255 32.34 -28.31 18.96
CA TYR B 255 31.73 -27.80 17.74
C TYR B 255 31.27 -28.99 16.92
N VAL B 256 29.99 -29.31 16.99
CA VAL B 256 29.40 -30.38 16.20
C VAL B 256 28.97 -29.82 14.85
N ALA B 257 29.39 -30.50 13.80
CA ALA B 257 28.99 -30.20 12.43
C ALA B 257 28.12 -31.31 11.90
N VAL B 258 27.02 -30.94 11.24
CA VAL B 258 26.12 -31.87 10.58
C VAL B 258 25.83 -31.36 9.19
N GLY B 259 25.84 -32.25 8.21
CA GLY B 259 25.49 -31.90 6.86
C GLY B 259 26.47 -30.99 6.16
N GLN B 260 27.58 -30.65 6.79
CA GLN B 260 28.57 -29.79 6.18
C GLN B 260 29.47 -30.60 5.27
N LYS B 261 30.23 -29.90 4.44
CA LYS B 261 31.25 -30.51 3.61
C LYS B 261 32.62 -30.32 4.24
N ARG B 262 33.53 -31.25 3.93
CA ARG B 262 34.81 -31.26 4.60
C ARG B 262 35.64 -30.02 4.30
N SER B 263 35.41 -29.41 3.14
CA SER B 263 36.21 -28.28 2.71
C SER B 263 35.90 -27.01 3.47
N THR B 264 34.99 -27.04 4.43
CA THR B 264 34.80 -25.94 5.36
C THR B 264 35.03 -26.32 6.82
N VAL B 265 34.78 -27.58 7.18
CA VAL B 265 35.24 -28.06 8.48
C VAL B 265 36.75 -27.90 8.59
N ALA B 266 37.46 -28.20 7.49
CA ALA B 266 38.90 -28.02 7.49
C ALA B 266 39.28 -26.56 7.64
N GLN B 267 38.51 -25.66 7.03
CA GLN B 267 38.80 -24.24 7.17
C GLN B 267 38.57 -23.77 8.60
N ILE B 268 37.52 -24.29 9.23
CA ILE B 268 37.25 -23.97 10.63
C ILE B 268 38.41 -24.42 11.51
N VAL B 269 38.85 -25.67 11.30
CA VAL B 269 39.98 -26.19 12.07
C VAL B 269 41.23 -25.35 11.83
N LYS B 270 41.43 -24.92 10.59
CA LYS B 270 42.57 -24.07 10.26
C LYS B 270 42.50 -22.75 11.00
N ALA B 271 41.33 -22.12 10.98
CA ALA B 271 41.16 -20.84 11.66
C ALA B 271 41.38 -20.97 13.15
N LEU B 272 40.95 -22.08 13.74
CA LEU B 272 41.14 -22.27 15.17
C LEU B 272 42.58 -22.67 15.50
N GLU B 273 43.29 -23.27 14.57
CA GLU B 273 44.69 -23.61 14.81
C GLU B 273 45.60 -22.39 14.63
N GLN B 274 45.20 -21.46 13.77
CA GLN B 274 45.94 -20.21 13.66
C GLN B 274 45.98 -19.49 14.99
N ARG B 275 44.88 -19.49 15.71
CA ARG B 275 44.71 -18.73 16.94
C ARG B 275 44.92 -19.57 18.18
N ASP B 276 45.43 -20.80 18.03
CA ASP B 276 45.74 -21.68 19.16
C ASP B 276 44.51 -21.97 19.99
N ALA B 277 43.36 -22.13 19.32
CA ALA B 277 42.11 -22.41 20.02
C ALA B 277 41.83 -23.89 20.18
N MET B 278 42.37 -24.74 19.31
CA MET B 278 42.04 -26.15 19.34
C MET B 278 42.55 -26.86 20.57
N LYS B 279 43.48 -26.25 21.30
CA LYS B 279 44.03 -26.90 22.48
C LYS B 279 42.97 -27.12 23.56
N TYR B 280 41.85 -26.39 23.50
CA TYR B 280 40.80 -26.53 24.50
C TYR B 280 39.45 -26.82 23.86
N THR B 281 39.44 -27.45 22.69
CA THR B 281 38.18 -27.84 22.07
C THR B 281 38.42 -29.03 21.15
N THR B 282 37.30 -29.56 20.64
CA THR B 282 37.30 -30.72 19.79
C THR B 282 36.11 -30.60 18.85
N VAL B 283 36.25 -31.18 17.66
CA VAL B 283 35.26 -31.09 16.61
C VAL B 283 34.68 -32.47 16.36
N VAL B 284 33.38 -32.50 16.08
CA VAL B 284 32.67 -33.73 15.72
C VAL B 284 32.08 -33.51 14.35
N ALA B 285 32.53 -34.29 13.38
CA ALA B 285 32.24 -34.08 11.98
C ALA B 285 31.38 -35.22 11.44
N ALA B 286 30.16 -34.89 11.03
CA ALA B 286 29.26 -35.81 10.35
C ALA B 286 28.82 -35.10 9.08
N THR B 287 29.60 -35.29 8.02
CA THR B 287 29.47 -34.51 6.81
C THR B 287 28.39 -35.10 5.90
N ALA B 288 28.28 -34.57 4.70
CA ALA B 288 27.18 -34.95 3.81
C ALA B 288 27.42 -36.29 3.15
N SER B 289 28.68 -36.63 2.86
CA SER B 289 29.00 -37.96 2.36
C SER B 289 28.70 -39.03 3.40
N GLU B 290 28.91 -38.71 4.68
CA GLU B 290 28.57 -39.63 5.75
C GLU B 290 27.09 -39.89 5.79
N ALA B 291 26.72 -41.14 6.07
CA ALA B 291 25.35 -41.58 5.97
C ALA B 291 24.45 -40.85 6.97
N ALA B 292 23.15 -41.03 6.76
CA ALA B 292 22.16 -40.36 7.61
C ALA B 292 22.26 -40.71 9.09
N PRO B 293 22.53 -41.95 9.48
CA PRO B 293 22.62 -42.24 10.92
C PRO B 293 23.70 -41.48 11.63
N LEU B 294 24.81 -41.21 10.95
CA LEU B 294 25.90 -40.49 11.59
C LEU B 294 25.58 -39.01 11.76
N GLN B 295 24.96 -38.41 10.75
CA GLN B 295 24.45 -37.05 10.90
C GLN B 295 23.40 -36.98 11.99
N PHE B 296 22.63 -38.05 12.16
CA PHE B 296 21.60 -38.09 13.19
C PHE B 296 22.21 -38.25 14.58
N LEU B 297 23.32 -38.94 14.70
CA LEU B 297 23.90 -39.27 15.99
C LEU B 297 24.94 -38.28 16.48
N ALA B 298 25.54 -37.50 15.58
CA ALA B 298 26.64 -36.63 15.98
C ALA B 298 26.29 -35.68 17.12
N PRO B 299 25.13 -35.02 17.12
CA PRO B 299 24.83 -34.15 18.26
C PRO B 299 24.76 -34.87 19.58
N TYR B 300 24.21 -36.08 19.60
CA TYR B 300 24.15 -36.84 20.84
C TYR B 300 25.54 -37.25 21.30
N SER B 301 26.43 -37.56 20.36
CA SER B 301 27.82 -37.83 20.71
C SER B 301 28.49 -36.60 21.32
N GLY B 302 28.21 -35.43 20.76
CA GLY B 302 28.76 -34.21 21.34
C GLY B 302 28.24 -33.94 22.75
N CYS B 303 26.94 -34.15 22.95
CA CYS B 303 26.38 -33.98 24.29
C CYS B 303 26.99 -34.98 25.26
N ALA B 304 27.25 -36.19 24.80
CA ALA B 304 27.92 -37.17 25.65
C ALA B 304 29.32 -36.74 26.00
N MET B 305 30.04 -36.15 25.04
CA MET B 305 31.37 -35.66 25.32
C MET B 305 31.35 -34.49 26.29
N GLY B 306 30.30 -33.68 26.28
CA GLY B 306 30.19 -32.56 27.19
C GLY B 306 29.65 -32.91 28.57
N GLU B 307 28.94 -34.03 28.68
CA GLU B 307 28.44 -34.45 29.97
C GLU B 307 29.59 -34.77 30.92
N TRP B 308 30.74 -35.17 30.40
CA TRP B 308 31.90 -35.38 31.26
C TRP B 308 32.31 -34.08 31.95
N PHE B 309 32.32 -32.98 31.22
CA PHE B 309 32.67 -31.70 31.83
C PHE B 309 31.56 -31.26 32.77
N ARG B 310 30.31 -31.54 32.42
CA ARG B 310 29.21 -31.11 33.27
C ARG B 310 29.27 -31.82 34.62
N ASP B 311 29.32 -33.16 34.60
CA ASP B 311 29.35 -33.91 35.84
C ASP B 311 30.62 -33.64 36.65
N SER B 312 31.77 -33.52 35.97
CA SER B 312 33.02 -33.26 36.68
C SER B 312 33.00 -31.93 37.40
N GLY B 313 32.23 -30.97 36.91
CA GLY B 313 32.20 -29.61 37.41
C GLY B 313 32.85 -28.62 36.49
N ARG B 314 33.50 -29.09 35.44
CA ARG B 314 34.05 -28.21 34.42
C ARG B 314 32.93 -27.65 33.56
N HIS B 315 33.14 -26.45 33.04
CA HIS B 315 32.17 -25.75 32.22
C HIS B 315 32.52 -25.90 30.75
N CYS B 316 31.54 -26.32 29.95
CA CYS B 316 31.73 -26.48 28.52
C CYS B 316 30.53 -25.95 27.76
N VAL B 317 30.78 -25.50 26.55
CA VAL B 317 29.76 -24.99 25.64
C VAL B 317 29.79 -25.83 24.38
N ILE B 318 28.63 -26.27 23.93
CA ILE B 318 28.49 -27.11 22.75
C ILE B 318 27.70 -26.34 21.70
N ILE B 319 28.19 -26.36 20.47
CA ILE B 319 27.56 -25.67 19.34
C ILE B 319 27.13 -26.72 18.33
N TYR B 320 25.90 -26.59 17.86
CA TYR B 320 25.33 -27.49 16.88
C TYR B 320 25.16 -26.75 15.55
N ASP B 321 25.70 -27.34 14.49
CA ASP B 321 25.63 -26.78 13.14
C ASP B 321 24.94 -27.79 12.24
N ASP B 322 24.02 -27.32 11.42
CA ASP B 322 22.67 -26.97 11.84
C ASP B 322 21.85 -28.19 12.27
N LEU B 323 20.97 -27.96 13.24
CA LEU B 323 20.08 -28.99 13.75
C LEU B 323 19.12 -29.46 12.67
N SER B 324 18.70 -28.55 11.80
CA SER B 324 17.73 -28.89 10.77
C SER B 324 18.28 -30.02 9.92
N LYS B 325 19.60 -30.02 9.68
CA LYS B 325 20.20 -31.09 8.90
C LYS B 325 19.93 -32.42 9.60
N GLN B 326 20.03 -32.42 10.93
CA GLN B 326 19.76 -33.62 11.70
C GLN B 326 18.34 -34.08 11.50
N ALA B 327 17.41 -33.12 11.50
CA ALA B 327 16.01 -33.47 11.29
C ALA B 327 15.82 -34.09 9.93
N THR B 328 16.49 -33.55 8.91
CA THR B 328 16.36 -34.09 7.57
C THR B 328 16.87 -35.53 7.52
N ALA B 329 18.00 -35.80 8.18
CA ALA B 329 18.53 -37.15 8.20
C ALA B 329 17.58 -38.11 8.89
N TYR B 330 16.99 -37.67 10.00
CA TYR B 330 16.05 -38.52 10.72
C TYR B 330 14.85 -38.83 9.84
N ARG B 331 14.39 -37.83 9.08
CA ARG B 331 13.28 -38.05 8.18
C ARG B 331 13.64 -39.07 7.12
N GLN B 332 14.86 -38.97 6.59
CA GLN B 332 15.34 -39.92 5.60
C GLN B 332 15.47 -41.32 6.14
N MET B 333 15.67 -41.47 7.44
CA MET B 333 15.74 -42.79 8.04
C MET B 333 14.38 -43.35 8.40
N SER B 334 13.39 -42.49 8.62
CA SER B 334 12.08 -42.94 9.03
C SER B 334 11.21 -43.30 7.83
N LEU B 335 11.33 -42.56 6.74
CA LEU B 335 10.54 -42.82 5.56
C LEU B 335 11.02 -44.06 4.82
N LEU B 336 12.23 -44.52 5.09
CA LEU B 336 12.75 -45.72 4.45
C LEU B 336 12.47 -46.96 5.28
N LEU B 337 12.29 -46.80 6.60
CA LEU B 337 11.75 -47.86 7.44
C LEU B 337 10.24 -47.94 7.37
N ARG B 338 9.63 -47.17 6.46
CA ARG B 338 8.19 -47.19 6.25
C ARG B 338 7.42 -46.81 7.51
N ARG B 339 7.99 -45.89 8.27
CA ARG B 339 7.29 -45.38 9.43
C ARG B 339 6.27 -44.33 8.98
N PRO B 340 5.25 -44.10 9.78
CA PRO B 340 4.18 -43.18 9.37
C PRO B 340 4.61 -41.73 9.49
N PRO B 341 4.42 -40.92 8.45
CA PRO B 341 4.89 -39.53 8.50
C PRO B 341 3.88 -38.53 9.04
N GLY B 342 4.31 -37.27 9.10
CA GLY B 342 3.48 -36.15 9.50
C GLY B 342 3.56 -35.07 8.44
N ARG B 343 3.59 -33.82 8.90
CA ARG B 343 3.64 -32.68 8.00
C ARG B 343 5.07 -32.36 7.64
N GLU B 344 5.28 -32.00 6.37
CA GLU B 344 6.59 -31.94 5.74
C GLU B 344 7.31 -33.29 5.81
N ALA B 345 6.54 -34.37 5.93
CA ALA B 345 7.04 -35.74 5.98
C ALA B 345 7.90 -36.01 7.20
N TYR B 346 7.95 -35.11 8.14
CA TYR B 346 8.68 -35.36 9.36
C TYR B 346 7.88 -36.28 10.27
N PRO B 347 8.54 -37.20 10.97
CA PRO B 347 7.81 -38.03 11.93
C PRO B 347 7.41 -37.23 13.15
N GLY B 348 6.60 -37.86 14.00
CA GLY B 348 6.20 -37.24 15.24
C GLY B 348 7.27 -37.20 16.32
N ASP B 349 8.37 -37.92 16.12
CA ASP B 349 9.45 -38.01 17.09
C ASP B 349 10.54 -36.95 16.87
N VAL B 350 10.20 -35.82 16.26
CA VAL B 350 11.20 -34.78 16.03
C VAL B 350 11.31 -33.89 17.26
N PHE B 351 10.17 -33.45 17.79
CA PHE B 351 10.19 -32.66 19.02
C PHE B 351 10.86 -33.44 20.14
N TYR B 352 10.53 -34.72 20.28
CA TYR B 352 11.17 -35.56 21.28
C TYR B 352 12.68 -35.62 21.03
N LEU B 353 13.09 -35.59 19.77
CA LEU B 353 14.50 -35.68 19.44
C LEU B 353 15.26 -34.45 19.89
N HIS B 354 14.83 -33.28 19.43
CA HIS B 354 15.50 -32.04 19.83
C HIS B 354 15.38 -31.80 21.33
N SER B 355 14.28 -32.25 21.95
CA SER B 355 14.10 -32.06 23.37
C SER B 355 15.07 -32.93 24.17
N ARG B 356 15.17 -34.21 23.82
CA ARG B 356 16.18 -35.07 24.41
C ARG B 356 17.56 -34.48 24.26
N LEU B 357 17.83 -33.88 23.11
CA LEU B 357 19.16 -33.34 22.87
C LEU B 357 19.44 -32.13 23.74
N LEU B 358 18.50 -31.20 23.82
CA LEU B 358 18.76 -29.91 24.42
C LEU B 358 18.52 -29.88 25.92
N GLU B 359 17.70 -30.77 26.46
CA GLU B 359 17.46 -30.75 27.89
C GLU B 359 18.64 -31.24 28.70
N ARG B 360 19.71 -31.70 28.04
CA ARG B 360 20.93 -32.03 28.75
C ARG B 360 21.74 -30.80 29.12
N ALA B 361 21.61 -29.73 28.35
CA ALA B 361 22.23 -28.47 28.70
C ALA B 361 21.69 -27.98 30.03
N ALA B 362 22.57 -27.79 31.00
CA ALA B 362 22.12 -27.60 32.36
C ALA B 362 23.19 -26.88 33.17
N LYS B 363 22.79 -26.48 34.37
CA LYS B 363 23.67 -25.89 35.38
C LYS B 363 23.44 -26.68 36.67
N MET B 364 24.38 -27.55 37.00
CA MET B 364 24.21 -28.43 38.14
C MET B 364 24.50 -27.70 39.44
N GLY B 365 23.90 -28.22 40.51
CA GLY B 365 24.05 -27.62 41.82
C GLY B 365 25.39 -27.95 42.44
N ASP B 366 25.61 -27.34 43.61
CA ASP B 366 26.88 -27.46 44.30
C ASP B 366 27.10 -28.86 44.88
N LYS B 367 26.05 -29.69 44.95
CA LYS B 367 26.25 -31.05 45.43
C LYS B 367 26.69 -31.98 44.31
N SER B 368 26.38 -31.65 43.06
CA SER B 368 26.83 -32.43 41.92
C SER B 368 28.20 -32.01 41.41
N GLY B 369 28.59 -30.77 41.65
CA GLY B 369 29.91 -30.30 41.26
C GLY B 369 29.91 -28.86 40.79
N GLY B 370 28.75 -28.36 40.42
CA GLY B 370 28.63 -27.00 39.94
C GLY B 370 28.92 -26.80 38.48
N GLY B 371 29.02 -27.88 37.71
CA GLY B 371 29.34 -27.77 36.30
C GLY B 371 28.18 -27.24 35.49
N SER B 372 28.41 -27.18 34.19
CA SER B 372 27.43 -26.63 33.27
C SER B 372 27.69 -27.18 31.88
N LEU B 373 26.68 -27.03 31.02
CA LEU B 373 26.80 -27.41 29.63
C LEU B 373 25.89 -26.47 28.85
N THR B 374 26.47 -25.40 28.34
CA THR B 374 25.74 -24.45 27.51
C THR B 374 25.59 -24.99 26.10
N ALA B 375 24.57 -24.49 25.41
CA ALA B 375 24.25 -24.93 24.05
C ALA B 375 23.93 -23.73 23.19
N LEU B 376 24.42 -23.78 21.95
CA LEU B 376 24.18 -22.75 20.95
C LEU B 376 23.79 -23.42 19.64
N PRO B 377 22.60 -24.01 19.59
CA PRO B 377 22.13 -24.62 18.35
C PRO B 377 21.92 -23.59 17.26
N VAL B 378 22.18 -24.00 16.03
CA VAL B 378 22.08 -23.15 14.86
C VAL B 378 21.00 -23.70 13.94
N ILE B 379 20.19 -22.79 13.39
CA ILE B 379 19.12 -23.17 12.49
C ILE B 379 19.05 -22.18 11.33
N GLU B 380 18.89 -22.72 10.13
CA GLU B 380 18.68 -21.94 8.91
C GLU B 380 17.18 -21.85 8.65
N THR B 381 16.69 -20.62 8.51
CA THR B 381 15.33 -20.36 8.10
C THR B 381 15.35 -19.94 6.63
N GLN B 382 14.40 -20.47 5.85
CA GLN B 382 14.51 -20.34 4.41
C GLN B 382 14.00 -19.01 3.87
N ALA B 383 13.07 -18.37 4.57
CA ALA B 383 12.58 -17.06 4.15
C ALA B 383 12.35 -16.15 5.35
N GLY B 384 12.94 -16.46 6.50
CA GLY B 384 12.63 -15.75 7.71
C GLY B 384 11.39 -16.27 8.41
N ASP B 385 10.62 -17.13 7.76
CA ASP B 385 9.43 -17.72 8.38
C ASP B 385 9.89 -18.66 9.49
N VAL B 386 9.71 -18.23 10.73
CA VAL B 386 9.99 -19.05 11.90
C VAL B 386 8.72 -19.76 12.31
N SER B 387 7.74 -19.79 11.41
CA SER B 387 6.50 -20.51 11.64
C SER B 387 6.54 -21.93 11.11
N ALA B 388 7.65 -22.34 10.53
CA ALA B 388 7.77 -23.70 10.02
C ALA B 388 7.82 -24.68 11.18
N TYR B 389 7.92 -25.96 10.85
CA TYR B 389 7.79 -27.01 11.85
C TYR B 389 8.98 -27.03 12.79
N ILE B 390 10.19 -27.03 12.24
CA ILE B 390 11.40 -27.27 13.01
C ILE B 390 11.79 -26.03 13.80
N PRO B 391 11.79 -24.84 13.19
CA PRO B 391 11.99 -23.62 14.00
C PRO B 391 11.01 -23.49 15.15
N THR B 392 9.71 -23.65 14.89
CA THR B 392 8.74 -23.54 15.96
C THR B 392 8.96 -24.59 17.03
N ASN B 393 9.38 -25.79 16.65
CA ASN B 393 9.68 -26.80 17.65
C ASN B 393 10.89 -26.42 18.49
N VAL B 394 11.86 -25.75 17.89
CA VAL B 394 13.11 -25.49 18.60
C VAL B 394 13.04 -24.24 19.45
N ILE B 395 12.36 -23.18 18.99
CA ILE B 395 12.25 -21.98 19.80
C ILE B 395 11.46 -22.26 21.07
N SER B 396 10.50 -23.19 20.99
CA SER B 396 9.74 -23.58 22.17
C SER B 396 10.61 -24.30 23.19
N ILE B 397 11.67 -24.97 22.73
CA ILE B 397 12.53 -25.74 23.62
C ILE B 397 13.60 -24.86 24.26
N THR B 398 13.99 -23.78 23.60
CA THR B 398 15.16 -23.02 23.99
C THR B 398 14.79 -21.90 24.96
N ASP B 399 15.83 -21.36 25.60
CA ASP B 399 15.69 -20.28 26.57
C ASP B 399 16.02 -18.92 25.96
N GLY B 400 15.92 -18.79 24.65
CA GLY B 400 16.24 -17.54 24.01
C GLY B 400 16.22 -17.66 22.50
N GLN B 401 16.75 -16.63 21.85
CA GLN B 401 16.74 -16.52 20.41
C GLN B 401 17.66 -15.40 19.96
N ILE B 402 18.54 -15.70 19.01
CA ILE B 402 19.38 -14.72 18.36
C ILE B 402 19.00 -14.73 16.89
N PHE B 403 18.23 -13.74 16.46
CA PHE B 403 17.67 -13.69 15.13
C PHE B 403 18.58 -12.82 14.26
N LEU B 404 19.26 -13.45 13.31
CA LEU B 404 20.09 -12.75 12.35
C LEU B 404 19.31 -12.50 11.08
N GLU B 405 19.48 -11.31 10.51
CA GLU B 405 18.73 -10.89 9.34
C GLU B 405 19.69 -10.62 8.18
N THR B 406 19.11 -10.63 6.98
CA THR B 406 19.88 -10.43 5.76
C THR B 406 19.88 -8.98 5.30
N GLU B 407 18.81 -8.23 5.61
CA GLU B 407 18.76 -6.83 5.24
C GLU B 407 19.83 -6.02 5.96
N LEU B 408 20.20 -6.45 7.17
CA LEU B 408 21.20 -5.76 7.95
C LEU B 408 22.62 -6.21 7.65
N PHE B 409 22.79 -7.41 7.12
CA PHE B 409 24.12 -7.88 6.76
C PHE B 409 24.72 -7.04 5.65
N TYR B 410 23.90 -6.39 4.82
CA TYR B 410 24.38 -5.57 3.73
C TYR B 410 24.36 -4.08 4.04
N LYS B 411 23.69 -3.67 5.10
CA LYS B 411 23.76 -2.30 5.58
C LYS B 411 25.00 -2.03 6.42
N GLY B 412 25.97 -2.95 6.42
CA GLY B 412 27.13 -2.80 7.25
C GLY B 412 26.94 -3.29 8.67
N ILE B 413 25.71 -3.63 9.06
CA ILE B 413 25.43 -4.10 10.41
C ILE B 413 25.81 -5.56 10.51
N ARG B 414 27.06 -5.81 10.92
CA ARG B 414 27.62 -7.14 11.02
C ARG B 414 28.29 -7.23 12.39
N PRO B 415 27.87 -8.16 13.25
CA PRO B 415 26.84 -9.20 13.19
C PRO B 415 25.43 -8.68 12.96
N ALA B 416 24.69 -9.37 12.12
CA ALA B 416 23.39 -8.89 11.67
C ALA B 416 22.30 -9.23 12.67
N ILE B 417 22.52 -8.90 13.94
CA ILE B 417 21.60 -9.26 15.00
C ILE B 417 20.45 -8.26 15.04
N ASN B 418 19.23 -8.74 14.83
CA ASN B 418 18.03 -7.94 14.98
C ASN B 418 17.61 -8.01 16.45
N VAL B 419 17.90 -6.94 17.20
CA VAL B 419 17.67 -6.95 18.63
C VAL B 419 16.20 -6.84 19.01
N GLY B 420 15.32 -6.64 18.04
CA GLY B 420 13.91 -6.59 18.32
C GLY B 420 13.32 -7.96 18.58
N LEU B 421 13.63 -8.91 17.70
CA LEU B 421 13.17 -10.28 17.84
C LEU B 421 14.09 -11.13 18.71
N SER B 422 15.35 -10.76 18.83
CA SER B 422 16.27 -11.48 19.70
C SER B 422 15.94 -11.19 21.15
N VAL B 423 15.82 -12.25 21.95
CA VAL B 423 15.48 -12.14 23.36
C VAL B 423 16.36 -13.12 24.14
N SER B 424 16.24 -13.06 25.45
CA SER B 424 16.95 -13.97 26.35
C SER B 424 16.09 -14.10 27.60
N ARG B 425 15.49 -15.28 27.78
CA ARG B 425 14.58 -15.47 28.90
C ARG B 425 15.31 -15.44 30.24
N VAL B 426 16.63 -15.61 30.22
CA VAL B 426 17.41 -15.46 31.44
C VAL B 426 17.60 -13.98 31.77
N GLY B 427 18.25 -13.25 30.87
CA GLY B 427 18.34 -11.81 30.99
C GLY B 427 19.53 -11.31 31.78
N SER B 428 19.32 -10.22 32.52
CA SER B 428 20.41 -9.58 33.23
C SER B 428 21.03 -10.49 34.28
N ALA B 429 20.32 -11.54 34.68
CA ALA B 429 20.91 -12.52 35.59
C ALA B 429 22.18 -13.14 35.03
N ALA B 430 22.33 -13.13 33.71
CA ALA B 430 23.54 -13.61 33.04
C ALA B 430 24.46 -12.46 32.66
N GLN B 431 24.47 -11.40 33.47
CA GLN B 431 25.30 -10.23 33.22
C GLN B 431 25.96 -9.79 34.51
N VAL B 432 27.20 -9.32 34.39
CA VAL B 432 27.83 -8.60 35.47
C VAL B 432 27.18 -7.23 35.62
N LYS B 433 27.30 -6.65 36.81
CA LYS B 433 26.68 -5.35 37.04
C LYS B 433 27.30 -4.28 36.16
N ALA B 434 28.60 -4.39 35.88
CA ALA B 434 29.26 -3.41 35.03
C ALA B 434 28.61 -3.36 33.66
N MET B 435 28.08 -4.48 33.18
CA MET B 435 27.38 -4.50 31.91
C MET B 435 25.90 -4.13 32.06
N LYS B 436 25.29 -4.48 33.18
CA LYS B 436 23.91 -4.09 33.43
C LYS B 436 23.77 -2.58 33.39
N GLN B 437 24.71 -1.88 34.01
CA GLN B 437 24.58 -0.44 34.20
C GLN B 437 24.49 0.31 32.88
N VAL B 438 25.05 -0.24 31.81
CA VAL B 438 25.03 0.42 30.51
C VAL B 438 23.99 -0.22 29.61
N ALA B 439 23.75 -1.52 29.79
CA ALA B 439 22.81 -2.22 28.92
C ALA B 439 21.39 -1.81 29.20
N GLY B 440 21.04 -1.61 30.47
CA GLY B 440 19.69 -1.16 30.78
C GLY B 440 19.35 0.15 30.12
N THR B 441 20.35 0.98 29.85
CA THR B 441 20.15 2.23 29.14
C THR B 441 20.13 2.02 27.64
N MET B 442 21.09 1.26 27.12
CA MET B 442 21.21 1.10 25.68
C MET B 442 20.02 0.37 25.09
N LYS B 443 19.44 -0.59 25.82
CA LYS B 443 18.27 -1.29 25.32
C LYS B 443 17.11 -0.32 25.11
N LEU B 444 16.87 0.56 26.09
CA LEU B 444 15.81 1.54 25.96
C LEU B 444 16.10 2.51 24.82
N GLU B 445 17.36 2.91 24.69
CA GLU B 445 17.71 3.87 23.65
C GLU B 445 17.49 3.27 22.26
N LEU B 446 17.88 2.01 22.08
CA LEU B 446 17.66 1.37 20.78
C LEU B 446 16.19 1.11 20.53
N ALA B 447 15.40 0.82 21.57
CA ALA B 447 13.97 0.68 21.38
C ALA B 447 13.35 1.99 20.92
N GLN B 448 13.81 3.11 21.50
CA GLN B 448 13.31 4.41 21.06
C GLN B 448 13.73 4.67 19.61
N TYR B 449 14.96 4.28 19.25
CA TYR B 449 15.36 4.44 17.86
C TYR B 449 14.47 3.60 16.95
N ARG B 450 14.10 2.41 17.40
CA ARG B 450 13.25 1.54 16.61
C ARG B 450 11.85 2.11 16.44
N GLU B 451 11.44 2.99 17.35
CA GLU B 451 10.12 3.60 17.23
C GLU B 451 10.10 4.77 16.25
N VAL B 452 11.26 5.34 15.92
CA VAL B 452 11.34 6.54 15.10
C VAL B 452 12.27 6.30 13.93
N ALA B 453 12.36 5.05 13.47
CA ALA B 453 13.28 4.72 12.40
C ALA B 453 12.82 5.28 11.06
N ALA B 454 11.55 5.12 10.71
CA ALA B 454 11.06 5.58 9.41
C ALA B 454 11.23 7.08 9.23
N PHE B 455 11.38 7.84 10.32
CA PHE B 455 11.57 9.27 10.23
C PHE B 455 12.98 9.67 9.82
N ALA B 456 13.88 8.70 9.65
CA ALA B 456 15.25 9.04 9.26
C ALA B 456 15.28 9.71 7.89
N GLN B 457 14.35 9.35 7.02
CA GLN B 457 14.22 9.96 5.70
C GLN B 457 13.43 11.26 5.73
N PHE B 458 13.05 11.73 6.93
CA PHE B 458 12.33 13.00 7.05
C PHE B 458 12.86 13.85 8.21
N GLY B 459 13.98 13.48 8.82
CA GLY B 459 14.45 14.19 10.00
C GLY B 459 14.74 15.65 9.76
N SER B 460 14.94 16.04 8.50
CA SER B 460 15.15 17.46 8.20
C SER B 460 13.95 18.31 8.59
N ASP B 461 12.75 17.73 8.56
CA ASP B 461 11.53 18.48 8.82
C ASP B 461 11.07 18.40 10.27
N LEU B 462 11.65 17.52 11.08
CA LEU B 462 11.22 17.34 12.45
C LEU B 462 11.91 18.35 13.36
N ASP B 463 11.79 18.14 14.67
CA ASP B 463 12.36 19.03 15.67
C ASP B 463 13.20 18.20 16.65
N ALA B 464 13.86 18.89 17.57
CA ALA B 464 14.61 18.20 18.60
C ALA B 464 13.67 17.38 19.48
N SER B 465 14.27 16.54 20.31
CA SER B 465 13.61 15.51 21.11
C SER B 465 13.23 14.32 20.25
N THR B 466 13.42 14.38 18.94
CA THR B 466 13.24 13.25 18.05
C THR B 466 14.42 13.02 17.13
N ARG B 467 15.26 14.04 16.90
CA ARG B 467 16.51 13.83 16.19
C ARG B 467 17.60 13.31 17.11
N GLN B 468 17.51 13.60 18.40
CA GLN B 468 18.48 13.08 19.35
C GLN B 468 18.38 11.56 19.44
N LEU B 469 17.15 11.04 19.41
CA LEU B 469 16.97 9.59 19.44
C LEU B 469 17.59 8.95 18.20
N LEU B 470 17.35 9.54 17.03
CA LEU B 470 17.93 9.01 15.81
C LEU B 470 19.45 9.04 15.88
N THR B 471 20.01 10.15 16.37
CA THR B 471 21.47 10.27 16.43
C THR B 471 22.07 9.25 17.38
N ARG B 472 21.49 9.10 18.58
CA ARG B 472 22.02 8.15 19.54
C ARG B 472 21.87 6.72 19.04
N GLY B 473 20.74 6.40 18.42
CA GLY B 473 20.55 5.08 17.87
C GLY B 473 21.54 4.78 16.77
N THR B 474 21.78 5.74 15.88
CA THR B 474 22.75 5.55 14.81
C THR B 474 24.15 5.35 15.37
N ALA B 475 24.53 6.14 16.37
CA ALA B 475 25.85 6.00 16.96
C ALA B 475 26.01 4.63 17.60
N LEU B 476 25.00 4.17 18.35
CA LEU B 476 25.09 2.87 18.97
C LEU B 476 25.14 1.76 17.94
N THR B 477 24.33 1.86 16.89
CA THR B 477 24.33 0.85 15.85
C THR B 477 25.67 0.78 15.15
N GLU B 478 26.33 1.92 14.95
CA GLU B 478 27.67 1.91 14.38
C GLU B 478 28.71 1.45 15.37
N LEU B 479 28.39 1.51 16.67
CA LEU B 479 29.31 1.03 17.69
C LEU B 479 29.27 -0.49 17.82
N LEU B 480 28.08 -1.07 17.75
CA LEU B 480 27.93 -2.51 17.92
C LEU B 480 28.51 -3.31 16.77
N LYS B 481 28.83 -2.67 15.66
CA LYS B 481 29.51 -3.36 14.57
C LYS B 481 30.82 -3.95 15.06
N GLN B 482 31.23 -5.04 14.41
CA GLN B 482 32.39 -5.79 14.85
C GLN B 482 33.03 -6.46 13.65
N ARG B 483 34.27 -6.88 13.84
CA ARG B 483 35.06 -7.49 12.79
C ARG B 483 35.11 -9.00 12.98
N GLN B 484 35.23 -9.72 11.88
CA GLN B 484 35.24 -11.17 11.92
C GLN B 484 36.51 -11.66 12.61
N TYR B 485 36.35 -12.63 13.52
CA TYR B 485 37.47 -13.23 14.23
C TYR B 485 38.25 -12.18 15.02
N SER B 486 37.53 -11.22 15.60
CA SER B 486 38.13 -10.19 16.44
C SER B 486 37.17 -9.85 17.57
N PRO B 487 37.05 -10.74 18.54
CA PRO B 487 36.20 -10.46 19.70
C PRO B 487 36.94 -9.65 20.76
N MET B 488 36.18 -9.21 21.76
CA MET B 488 36.65 -8.34 22.81
C MET B 488 36.29 -8.90 24.18
N LYS B 489 36.87 -8.31 25.21
CA LYS B 489 36.59 -8.69 26.59
C LYS B 489 35.46 -7.83 27.16
N ASN B 490 34.91 -8.27 28.29
CA ASN B 490 33.78 -7.58 28.88
C ASN B 490 34.18 -6.21 29.41
N SER B 491 35.41 -6.07 29.92
CA SER B 491 35.85 -4.79 30.43
C SER B 491 35.91 -3.74 29.32
N VAL B 492 36.54 -4.10 28.20
CA VAL B 492 36.61 -3.20 27.06
C VAL B 492 35.22 -2.87 26.56
N GLN B 493 34.33 -3.87 26.57
CA GLN B 493 32.95 -3.62 26.16
C GLN B 493 32.30 -2.57 27.06
N VAL B 494 32.51 -2.70 28.37
CA VAL B 494 31.91 -1.75 29.30
C VAL B 494 32.46 -0.36 29.05
N CYS B 495 33.78 -0.25 28.87
CA CYS B 495 34.37 1.07 28.62
C CYS B 495 33.81 1.70 27.36
N VAL B 496 33.73 0.93 26.27
CA VAL B 496 33.27 1.47 25.00
C VAL B 496 31.81 1.87 25.10
N LEU B 497 30.99 1.06 25.75
CA LEU B 497 29.58 1.38 25.86
C LEU B 497 29.35 2.55 26.80
N TYR B 498 30.23 2.75 27.78
CA TYR B 498 30.16 3.97 28.58
C TYR B 498 30.49 5.19 27.75
N CYS B 499 31.51 5.09 26.90
CA CYS B 499 31.78 6.18 25.95
C CYS B 499 30.59 6.45 25.05
N GLY B 500 29.85 5.41 24.69
CA GLY B 500 28.75 5.55 23.75
C GLY B 500 27.50 6.14 24.35
N VAL B 501 27.00 5.53 25.43
CA VAL B 501 25.73 5.95 26.00
C VAL B 501 25.83 7.33 26.62
N LYS B 502 27.02 7.73 27.07
CA LYS B 502 27.19 8.99 27.77
C LYS B 502 27.42 10.17 26.81
N GLY B 503 27.07 10.01 25.54
CA GLY B 503 27.01 11.13 24.62
C GLY B 503 28.33 11.58 24.06
N TYR B 504 29.40 10.80 24.20
CA TYR B 504 30.69 11.16 23.65
C TYR B 504 30.85 10.76 22.19
N LEU B 505 29.77 10.39 21.52
CA LEU B 505 29.81 10.02 20.11
C LEU B 505 28.70 10.65 19.28
N ASP B 506 27.73 11.30 19.91
CA ASP B 506 26.70 12.04 19.18
C ASP B 506 27.28 13.05 18.21
N PRO B 507 28.18 13.95 18.60
CA PRO B 507 28.66 14.98 17.68
C PRO B 507 29.67 14.49 16.65
N LEU B 508 29.97 13.20 16.63
CA LEU B 508 30.91 12.67 15.65
C LEU B 508 30.16 12.21 14.39
N ASP B 509 30.89 12.14 13.30
CA ASP B 509 30.34 11.49 12.12
C ASP B 509 30.26 9.99 12.39
N PRO B 510 29.22 9.31 11.92
CA PRO B 510 29.13 7.87 12.19
C PRO B 510 30.29 7.09 11.60
N LYS B 511 30.71 7.43 10.38
CA LYS B 511 31.73 6.65 9.70
C LYS B 511 33.05 6.64 10.45
N GLU B 512 33.28 7.61 11.35
CA GLU B 512 34.52 7.67 12.10
C GLU B 512 34.49 6.87 13.39
N ILE B 513 33.31 6.41 13.81
CA ILE B 513 33.23 5.71 15.09
C ILE B 513 34.09 4.45 15.07
N SER B 514 34.10 3.73 13.94
CA SER B 514 34.93 2.54 13.84
C SER B 514 36.39 2.84 14.10
N ARG B 515 36.83 4.06 13.76
CA ARG B 515 38.17 4.47 14.15
C ARG B 515 38.23 4.73 15.66
N PHE B 516 37.31 5.55 16.15
CA PHE B 516 37.30 5.96 17.55
C PHE B 516 37.55 4.79 18.48
N GLU B 517 36.60 3.85 18.48
CA GLU B 517 36.71 2.65 19.31
C GLU B 517 38.11 2.06 19.25
N SER B 518 38.61 1.80 18.04
CA SER B 518 39.91 1.16 17.93
C SER B 518 40.96 1.95 18.68
N LEU B 519 41.08 3.23 18.36
CA LEU B 519 42.07 4.06 19.06
C LEU B 519 41.85 4.00 20.56
N PHE B 520 40.60 4.16 20.99
CA PHE B 520 40.33 4.17 22.41
C PHE B 520 40.83 2.91 23.06
N ILE B 521 40.60 1.75 22.43
CA ILE B 521 41.06 0.51 23.01
C ILE B 521 42.56 0.57 23.24
N ASP B 522 43.30 0.89 22.18
CA ASP B 522 44.75 0.99 22.34
C ASP B 522 45.09 1.99 23.43
N TYR B 523 44.40 3.13 23.42
CA TYR B 523 44.66 4.14 24.44
C TYR B 523 44.55 3.52 25.82
N ILE B 524 43.42 2.88 26.11
CA ILE B 524 43.26 2.34 27.45
C ILE B 524 44.23 1.18 27.66
N ASN B 525 44.43 0.37 26.63
CA ASN B 525 45.36 -0.75 26.77
C ASN B 525 46.79 -0.26 26.91
N ALA B 526 47.04 1.00 26.56
CA ALA B 526 48.35 1.59 26.77
C ALA B 526 48.47 2.25 28.13
N ASN B 527 47.37 2.73 28.71
CA ASN B 527 47.45 3.71 29.79
C ASN B 527 46.76 3.27 31.07
N HIS B 528 45.57 2.67 30.98
CA HIS B 528 44.74 2.43 32.15
C HIS B 528 44.36 0.96 32.24
N GLN B 529 45.38 0.09 32.14
CA GLN B 529 45.16 -1.32 32.40
C GLN B 529 44.68 -1.58 33.82
N ASP B 530 44.96 -0.66 34.74
CA ASP B 530 44.45 -0.81 36.10
C ASP B 530 42.93 -0.78 36.14
N ILE B 531 42.31 0.08 35.34
CA ILE B 531 40.86 0.14 35.29
C ILE B 531 40.29 -1.19 34.79
N LEU B 532 40.91 -1.75 33.75
CA LEU B 532 40.44 -3.02 33.22
C LEU B 532 40.59 -4.14 34.24
N LYS B 533 41.73 -4.17 34.94
CA LYS B 533 41.92 -5.19 35.97
C LYS B 533 40.90 -5.04 37.08
N THR B 534 40.58 -3.81 37.46
CA THR B 534 39.59 -3.59 38.51
C THR B 534 38.21 -4.03 38.07
N ILE B 535 37.84 -3.72 36.83
CA ILE B 535 36.52 -4.13 36.34
C ILE B 535 36.46 -5.64 36.21
N GLU B 536 37.56 -6.29 35.86
CA GLU B 536 37.56 -7.73 35.72
C GLU B 536 37.55 -8.45 37.06
N THR B 537 38.15 -7.84 38.09
CA THR B 537 38.21 -8.48 39.40
C THR B 537 36.96 -8.21 40.23
N GLU B 538 36.55 -6.95 40.33
CA GLU B 538 35.40 -6.59 41.15
C GLU B 538 34.08 -6.78 40.43
N LYS B 539 34.07 -6.79 39.10
CA LYS B 539 32.84 -6.98 38.33
C LYS B 539 31.83 -5.88 38.62
N GLU B 540 32.33 -4.66 38.80
CA GLU B 540 31.47 -3.53 39.10
C GLU B 540 32.09 -2.26 38.56
N LEU B 541 31.24 -1.27 38.30
CA LEU B 541 31.65 0.04 37.81
C LEU B 541 31.28 1.08 38.87
N SER B 542 32.17 1.28 39.83
CA SER B 542 31.91 2.21 40.93
C SER B 542 32.10 3.65 40.46
N GLU B 543 31.69 4.59 41.31
CA GLU B 543 31.76 6.00 40.95
C GLU B 543 33.19 6.46 40.77
N LYS B 544 34.12 5.91 41.53
CA LYS B 544 35.53 6.29 41.37
C LYS B 544 36.09 5.78 40.05
N THR B 545 35.81 4.51 39.73
CA THR B 545 36.22 3.99 38.43
C THR B 545 35.51 4.70 37.29
N GLU B 546 34.25 5.11 37.51
CA GLU B 546 33.55 5.87 36.49
C GLU B 546 34.19 7.24 36.26
N ALA B 547 34.63 7.88 37.33
CA ALA B 547 35.33 9.15 37.19
C ALA B 547 36.65 8.97 36.46
N LYS B 548 37.40 7.92 36.82
CA LYS B 548 38.62 7.59 36.09
C LYS B 548 38.33 7.38 34.61
N LEU B 549 37.20 6.74 34.31
CA LEU B 549 36.85 6.47 32.92
C LEU B 549 36.53 7.76 32.18
N ARG B 550 35.75 8.65 32.79
CA ARG B 550 35.47 9.93 32.15
C ARG B 550 36.75 10.73 31.94
N ALA B 551 37.67 10.67 32.90
CA ALA B 551 38.96 11.34 32.74
C ALA B 551 39.72 10.80 31.53
N ALA B 552 39.79 9.47 31.42
CA ALA B 552 40.50 8.87 30.30
C ALA B 552 39.83 9.21 28.98
N VAL B 553 38.50 9.25 28.96
CA VAL B 553 37.79 9.59 27.73
C VAL B 553 38.08 11.03 27.32
N ASP B 554 38.08 11.94 28.29
CA ASP B 554 38.36 13.34 27.98
C ASP B 554 39.79 13.49 27.46
N GLU B 555 40.75 12.80 28.08
CA GLU B 555 42.12 12.85 27.60
C GLU B 555 42.23 12.32 26.18
N PHE B 556 41.53 11.22 25.90
CA PHE B 556 41.58 10.64 24.56
C PHE B 556 41.00 11.60 23.54
N VAL B 557 39.85 12.20 23.84
CA VAL B 557 39.23 13.13 22.91
C VAL B 557 40.13 14.34 22.70
N ALA B 558 40.82 14.78 23.74
CA ALA B 558 41.72 15.92 23.60
C ALA B 558 42.92 15.57 22.73
N MET B 559 43.42 14.34 22.83
CA MET B 559 44.59 13.96 22.04
C MET B 559 44.26 13.92 20.55
N ASN B 560 43.09 13.38 20.21
CA ASN B 560 42.74 13.11 18.82
C ASN B 560 41.73 14.12 18.31
N GLU B 561 41.54 14.12 17.00
CA GLU B 561 40.62 15.00 16.32
C GLU B 561 39.79 14.21 15.32
N PHE B 562 38.49 14.46 15.30
CA PHE B 562 37.55 13.74 14.45
C PHE B 562 36.84 14.72 13.53
N LYS B 563 36.05 14.16 12.62
CA LYS B 563 35.51 14.96 11.52
C LYS B 563 34.49 15.97 12.02
N LYS B 564 33.40 15.48 12.60
CA LYS B 564 32.32 16.35 13.03
C LYS B 564 32.42 16.66 14.51
N GLU C 58 -19.78 -86.87 11.29
CA GLU C 58 -18.67 -87.47 10.57
C GLU C 58 -17.40 -87.44 11.42
N MET C 59 -17.06 -86.25 11.92
CA MET C 59 -15.91 -86.11 12.82
C MET C 59 -16.18 -85.13 13.96
N SER C 60 -17.42 -84.69 14.15
CA SER C 60 -17.71 -83.66 15.14
C SER C 60 -17.41 -84.13 16.56
N ARG C 61 -17.42 -85.45 16.79
CA ARG C 61 -17.09 -85.96 18.12
C ARG C 61 -15.67 -85.59 18.52
N LEU C 62 -14.75 -85.54 17.58
CA LEU C 62 -13.36 -85.22 17.91
C LEU C 62 -13.26 -83.79 18.43
N LEU C 63 -13.85 -82.85 17.70
CA LEU C 63 -13.80 -81.45 18.12
C LEU C 63 -14.56 -81.25 19.43
N GLU C 64 -15.72 -81.91 19.56
CA GLU C 64 -16.48 -81.82 20.80
C GLU C 64 -15.68 -82.35 21.99
N GLU C 65 -14.86 -83.37 21.75
CA GLU C 65 -14.06 -83.95 22.83
C GLU C 65 -12.89 -83.06 23.20
N ARG C 66 -12.18 -82.52 22.21
CA ARG C 66 -10.95 -81.79 22.50
C ARG C 66 -11.22 -80.34 22.90
N ILE C 67 -12.02 -79.64 22.10
CA ILE C 67 -12.23 -78.21 22.37
C ILE C 67 -13.10 -78.00 23.60
N ALA C 68 -13.97 -78.97 23.92
CA ALA C 68 -14.81 -78.91 25.10
C ALA C 68 -15.72 -77.68 25.07
N GLY C 69 -16.65 -77.71 24.12
CA GLY C 69 -17.56 -76.59 23.92
C GLY C 69 -17.64 -76.14 22.47
N TRP C 70 -17.25 -77.02 21.56
CA TRP C 70 -17.23 -76.67 20.14
C TRP C 70 -18.64 -76.50 19.59
N LYS C 71 -19.59 -77.29 20.07
CA LYS C 71 -20.93 -77.29 19.49
C LYS C 71 -21.63 -75.95 19.64
N THR C 72 -21.20 -75.10 20.57
CA THR C 72 -21.89 -73.85 20.84
C THR C 72 -21.43 -72.72 19.94
N GLN C 73 -20.18 -72.75 19.47
CA GLN C 73 -19.65 -71.69 18.63
C GLN C 73 -19.95 -71.91 17.15
N THR C 74 -20.86 -72.83 16.82
CA THR C 74 -21.17 -73.09 15.42
C THR C 74 -22.11 -72.04 14.83
N SER C 75 -23.14 -71.65 15.58
CA SER C 75 -24.16 -70.73 15.07
C SER C 75 -23.61 -69.31 15.09
N THR C 76 -22.85 -68.97 14.04
CA THR C 76 -22.32 -67.63 13.86
C THR C 76 -23.28 -66.71 13.11
N GLU C 77 -24.55 -67.11 13.00
CA GLU C 77 -25.52 -66.31 12.27
C GLU C 77 -26.18 -65.25 13.14
N GLU C 78 -26.26 -65.48 14.45
CA GLU C 78 -26.87 -64.56 15.38
C GLU C 78 -25.95 -64.15 16.51
N VAL C 79 -24.79 -64.78 16.65
CA VAL C 79 -23.82 -64.47 17.68
C VAL C 79 -22.45 -64.37 17.04
N GLY C 80 -21.65 -63.42 17.49
CA GLY C 80 -20.35 -63.16 16.92
C GLY C 80 -19.32 -62.89 18.00
N ARG C 81 -18.08 -62.73 17.56
CA ARG C 81 -16.95 -62.58 18.45
C ARG C 81 -16.09 -61.42 17.98
N VAL C 82 -15.73 -60.54 18.91
CA VAL C 82 -14.89 -59.40 18.55
C VAL C 82 -13.48 -59.90 18.25
N VAL C 83 -12.81 -59.20 17.34
CA VAL C 83 -11.48 -59.56 16.88
C VAL C 83 -10.49 -58.43 17.08
N SER C 84 -10.88 -57.21 16.74
CA SER C 84 -10.03 -56.05 16.87
C SER C 84 -10.85 -54.88 17.36
N VAL C 85 -10.19 -53.96 18.05
CA VAL C 85 -10.82 -52.78 18.59
C VAL C 85 -9.83 -51.63 18.45
N GLY C 86 -10.36 -50.44 18.16
CA GLY C 86 -9.53 -49.27 18.08
C GLY C 86 -10.18 -48.15 17.31
N ASP C 87 -10.03 -46.92 17.81
CA ASP C 87 -10.47 -45.74 17.09
C ASP C 87 -11.99 -45.71 16.91
N GLY C 88 -12.72 -46.25 17.88
CA GLY C 88 -14.17 -46.32 17.80
C GLY C 88 -14.70 -47.38 16.87
N ILE C 89 -13.83 -48.06 16.14
CA ILE C 89 -14.23 -49.12 15.21
C ILE C 89 -13.94 -50.46 15.84
N ALA C 90 -14.75 -51.44 15.47
CA ALA C 90 -14.57 -52.82 15.92
C ALA C 90 -14.76 -53.74 14.73
N ARG C 91 -14.10 -54.88 14.80
CA ARG C 91 -14.23 -55.94 13.81
C ARG C 91 -14.81 -57.16 14.48
N LEU C 92 -15.83 -57.76 13.86
CA LEU C 92 -16.47 -58.95 14.39
C LEU C 92 -16.32 -60.08 13.40
N PHE C 93 -16.15 -61.28 13.94
CA PHE C 93 -16.25 -62.52 13.17
C PHE C 93 -17.58 -63.16 13.53
N GLY C 94 -18.41 -63.40 12.52
CA GLY C 94 -19.72 -63.96 12.74
C GLY C 94 -20.80 -63.02 12.28
N LEU C 95 -22.03 -63.26 12.74
CA LEU C 95 -23.17 -62.42 12.41
C LEU C 95 -23.38 -62.39 10.89
N GLU C 96 -23.61 -63.57 10.34
CA GLU C 96 -23.79 -63.67 8.90
C GLU C 96 -25.16 -63.16 8.49
N GLY C 97 -26.14 -63.21 9.39
CA GLY C 97 -27.48 -62.77 9.10
C GLY C 97 -27.76 -61.37 9.57
N VAL C 98 -26.72 -60.57 9.74
CA VAL C 98 -26.87 -59.21 10.24
C VAL C 98 -27.21 -58.28 9.10
N GLN C 99 -28.16 -57.39 9.34
CA GLN C 99 -28.54 -56.38 8.38
C GLN C 99 -27.59 -55.20 8.45
N ALA C 100 -27.45 -54.50 7.32
CA ALA C 100 -26.68 -53.28 7.31
C ALA C 100 -27.43 -52.20 8.07
N GLY C 101 -26.69 -51.40 8.82
CA GLY C 101 -27.30 -50.44 9.71
C GLY C 101 -27.95 -51.02 10.94
N GLU C 102 -27.76 -52.31 11.19
CA GLU C 102 -28.41 -52.98 12.30
C GLU C 102 -27.75 -52.61 13.61
N LEU C 103 -28.57 -52.54 14.65
CA LEU C 103 -28.07 -52.31 15.99
C LEU C 103 -27.50 -53.60 16.57
N VAL C 104 -26.35 -53.47 17.23
CA VAL C 104 -25.62 -54.61 17.76
C VAL C 104 -25.36 -54.36 19.23
N GLU C 105 -25.47 -55.41 20.04
CA GLU C 105 -25.32 -55.34 21.48
C GLU C 105 -24.11 -56.13 21.92
N PHE C 106 -23.19 -55.45 22.61
CA PHE C 106 -21.98 -56.08 23.10
C PHE C 106 -22.25 -56.76 24.43
N GLN C 107 -21.19 -57.23 25.08
CA GLN C 107 -21.32 -58.01 26.31
C GLN C 107 -21.65 -57.14 27.52
N ASN C 108 -21.01 -55.97 27.62
CA ASN C 108 -21.16 -55.11 28.79
C ASN C 108 -22.19 -54.01 28.58
N GLY C 109 -23.23 -54.28 27.81
CA GLY C 109 -24.29 -53.32 27.57
C GLY C 109 -24.01 -52.28 26.52
N MET C 110 -22.76 -52.12 26.09
CA MET C 110 -22.48 -51.16 25.03
C MET C 110 -23.12 -51.62 23.73
N THR C 111 -23.37 -50.66 22.86
CA THR C 111 -24.09 -50.88 21.61
C THR C 111 -23.27 -50.34 20.45
N GLY C 112 -23.72 -50.69 19.24
CA GLY C 112 -23.04 -50.23 18.06
C GLY C 112 -23.91 -50.39 16.82
N MET C 113 -23.38 -49.91 15.71
CA MET C 113 -24.02 -49.97 14.41
C MET C 113 -23.22 -50.86 13.48
N ALA C 114 -23.89 -51.83 12.87
CA ALA C 114 -23.25 -52.65 11.84
C ALA C 114 -23.07 -51.85 10.56
N LEU C 115 -21.92 -51.21 10.43
CA LEU C 115 -21.69 -50.27 9.34
C LEU C 115 -21.30 -51.00 8.06
N ASN C 116 -20.23 -51.78 8.10
CA ASN C 116 -19.71 -52.43 6.92
C ASN C 116 -19.84 -53.94 7.05
N LEU C 117 -20.26 -54.57 5.97
CA LEU C 117 -20.40 -56.03 5.89
C LEU C 117 -19.37 -56.52 4.87
N GLU C 118 -18.20 -56.86 5.37
CA GLU C 118 -17.16 -57.41 4.52
C GLU C 118 -17.53 -58.86 4.18
N THR C 119 -16.63 -59.57 3.52
CA THR C 119 -16.96 -60.92 3.07
C THR C 119 -17.04 -61.87 4.26
N ASP C 120 -16.16 -61.70 5.24
CA ASP C 120 -16.15 -62.50 6.45
C ASP C 120 -16.35 -61.66 7.71
N ASN C 121 -15.60 -60.57 7.84
CA ASN C 121 -15.68 -59.72 9.01
C ASN C 121 -16.83 -58.72 8.91
N VAL C 122 -17.10 -58.06 10.02
CA VAL C 122 -18.13 -57.03 10.12
C VAL C 122 -17.56 -55.83 10.85
N GLY C 123 -17.63 -54.66 10.23
CA GLY C 123 -17.10 -53.45 10.78
C GLY C 123 -18.20 -52.66 11.49
N VAL C 124 -17.98 -52.38 12.76
CA VAL C 124 -18.99 -51.88 13.67
C VAL C 124 -18.51 -50.57 14.27
N VAL C 125 -19.45 -49.64 14.48
CA VAL C 125 -19.22 -48.35 15.11
C VAL C 125 -19.80 -48.41 16.52
N ILE C 126 -19.00 -48.01 17.50
CA ILE C 126 -19.34 -48.16 18.90
C ILE C 126 -19.92 -46.85 19.41
N PHE C 127 -21.15 -46.90 19.92
CA PHE C 127 -21.78 -45.74 20.55
C PHE C 127 -21.26 -45.63 21.99
N GLY C 128 -19.99 -45.30 22.10
CA GLY C 128 -19.39 -45.13 23.40
C GLY C 128 -17.88 -45.04 23.26
N ASP C 129 -17.22 -45.16 24.41
CA ASP C 129 -15.76 -45.17 24.46
C ASP C 129 -15.22 -46.57 24.27
N ASP C 130 -14.03 -46.66 23.70
CA ASP C 130 -13.38 -47.94 23.44
C ASP C 130 -12.65 -48.44 24.68
N ARG C 131 -13.43 -48.66 25.73
CA ARG C 131 -12.94 -49.33 26.93
C ARG C 131 -13.89 -50.37 27.48
N SER C 132 -15.16 -50.36 27.09
CA SER C 132 -16.13 -51.36 27.47
C SER C 132 -16.24 -52.46 26.42
N VAL C 133 -15.25 -52.58 25.55
CA VAL C 133 -15.26 -53.54 24.46
C VAL C 133 -13.87 -54.16 24.38
N LEU C 134 -13.79 -55.48 24.51
CA LEU C 134 -12.53 -56.20 24.47
C LEU C 134 -12.56 -57.22 23.35
N GLU C 135 -11.38 -57.48 22.80
CA GLU C 135 -11.22 -58.62 21.91
C GLU C 135 -11.54 -59.90 22.66
N GLY C 136 -12.43 -60.71 22.08
CA GLY C 136 -12.94 -61.91 22.70
C GLY C 136 -14.35 -61.79 23.21
N ASP C 137 -14.84 -60.56 23.39
CA ASP C 137 -16.20 -60.38 23.87
C ASP C 137 -17.21 -60.96 22.89
N SER C 138 -18.33 -61.44 23.43
CA SER C 138 -19.41 -61.95 22.62
C SER C 138 -20.32 -60.81 22.19
N VAL C 139 -20.97 -61.00 21.04
CA VAL C 139 -21.78 -59.97 20.43
C VAL C 139 -23.07 -60.59 19.93
N LYS C 140 -24.19 -59.92 20.17
CA LYS C 140 -25.51 -60.41 19.83
C LYS C 140 -26.14 -59.52 18.77
N ARG C 141 -27.28 -59.98 18.27
CA ARG C 141 -28.11 -59.23 17.34
C ARG C 141 -29.37 -58.77 18.06
N THR C 142 -29.65 -57.48 17.97
CA THR C 142 -30.94 -56.98 18.45
C THR C 142 -32.07 -57.26 17.46
N GLY C 143 -31.74 -57.47 16.19
CA GLY C 143 -32.72 -57.85 15.21
C GLY C 143 -33.48 -56.69 14.59
N ARG C 144 -33.02 -55.46 14.79
CA ARG C 144 -33.72 -54.30 14.26
C ARG C 144 -32.71 -53.22 13.91
N ILE C 145 -33.09 -52.38 12.94
CA ILE C 145 -32.24 -51.29 12.56
C ILE C 145 -32.14 -50.28 13.70
N VAL C 146 -31.13 -49.42 13.63
CA VAL C 146 -30.96 -48.38 14.64
C VAL C 146 -32.22 -47.55 14.72
N ASP C 147 -32.80 -47.49 15.91
CA ASP C 147 -34.08 -46.83 16.12
C ASP C 147 -34.06 -46.07 17.43
N VAL C 148 -35.03 -45.18 17.58
CA VAL C 148 -35.17 -44.38 18.80
C VAL C 148 -36.64 -44.25 19.14
N PRO C 149 -36.94 -44.10 20.43
CA PRO C 149 -38.33 -43.92 20.84
C PRO C 149 -38.84 -42.54 20.45
N ILE C 150 -40.16 -42.45 20.36
CA ILE C 150 -40.82 -41.22 19.94
C ILE C 150 -42.17 -41.12 20.63
N GLY C 151 -42.82 -39.98 20.45
CA GLY C 151 -44.15 -39.77 20.93
C GLY C 151 -44.18 -38.91 22.16
N PRO C 152 -45.34 -38.84 22.82
CA PRO C 152 -45.42 -38.13 24.10
C PRO C 152 -44.86 -39.01 25.21
N GLY C 153 -43.95 -38.43 25.99
CA GLY C 153 -43.18 -39.20 26.95
C GLY C 153 -41.76 -38.71 26.96
N LEU C 154 -41.32 -38.23 25.81
CA LEU C 154 -40.05 -37.52 25.71
C LEU C 154 -40.18 -36.06 26.10
N LEU C 155 -41.40 -35.53 26.13
CA LEU C 155 -41.59 -34.13 26.46
C LEU C 155 -41.19 -33.83 27.89
N GLY C 156 -40.37 -32.80 28.06
CA GLY C 156 -39.85 -32.45 29.37
C GLY C 156 -38.76 -33.36 29.86
N ARG C 157 -38.11 -34.10 28.96
CA ARG C 157 -37.12 -35.09 29.33
C ARG C 157 -35.87 -34.88 28.49
N VAL C 158 -34.74 -34.79 29.15
CA VAL C 158 -33.45 -34.77 28.48
C VAL C 158 -33.01 -36.20 28.25
N VAL C 159 -32.49 -36.48 27.07
CA VAL C 159 -32.12 -37.83 26.67
C VAL C 159 -30.85 -37.76 25.84
N ASP C 160 -30.17 -38.91 25.75
CA ASP C 160 -28.99 -39.04 24.94
C ASP C 160 -29.41 -39.23 23.48
N ALA C 161 -28.46 -39.60 22.64
CA ALA C 161 -28.75 -39.78 21.22
C ALA C 161 -29.71 -40.94 20.98
N LEU C 162 -29.72 -41.93 21.87
CA LEU C 162 -30.46 -43.17 21.66
C LEU C 162 -31.68 -43.27 22.56
N GLY C 163 -32.22 -42.13 22.99
CA GLY C 163 -33.41 -42.13 23.81
C GLY C 163 -33.22 -42.60 25.23
N ASN C 164 -31.99 -42.70 25.69
CA ASN C 164 -31.72 -43.06 27.07
C ASN C 164 -31.68 -41.81 27.93
N PRO C 165 -32.47 -41.73 28.99
CA PRO C 165 -32.53 -40.49 29.75
C PRO C 165 -31.28 -40.27 30.60
N ILE C 166 -31.03 -38.99 30.90
CA ILE C 166 -29.90 -38.60 31.73
C ILE C 166 -30.28 -37.65 32.84
N ASP C 167 -31.44 -37.00 32.78
CA ASP C 167 -31.85 -36.04 33.80
C ASP C 167 -32.25 -36.69 35.11
N GLY C 168 -32.27 -38.03 35.18
CA GLY C 168 -32.62 -38.71 36.41
C GLY C 168 -34.06 -38.53 36.82
N LYS C 169 -34.99 -39.01 35.98
CA LYS C 169 -36.41 -38.93 36.30
C LYS C 169 -37.17 -40.19 35.95
N GLY C 170 -36.53 -41.20 35.38
CA GLY C 170 -37.17 -42.46 35.09
C GLY C 170 -37.02 -42.86 33.65
N PRO C 171 -37.55 -44.02 33.31
CA PRO C 171 -37.50 -44.50 31.93
C PRO C 171 -38.54 -43.78 31.06
N ILE C 172 -38.53 -44.10 29.78
CA ILE C 172 -39.36 -43.43 28.79
C ILE C 172 -40.28 -44.47 28.12
N PRO C 173 -41.56 -44.14 27.90
CA PRO C 173 -42.43 -45.08 27.16
C PRO C 173 -41.96 -45.28 25.73
N ALA C 174 -42.63 -46.15 24.98
CA ALA C 174 -42.12 -46.57 23.69
C ALA C 174 -43.24 -46.73 22.67
N LYS C 175 -43.06 -46.10 21.52
CA LYS C 175 -43.81 -46.41 20.31
C LYS C 175 -43.12 -47.60 19.64
N GLU C 176 -43.46 -47.86 18.39
CA GLU C 176 -42.71 -48.83 17.61
C GLU C 176 -41.29 -48.37 17.27
N ARG C 177 -40.77 -47.29 17.86
CA ARG C 177 -39.35 -46.95 17.74
C ARG C 177 -38.97 -46.66 16.28
N ARG C 178 -39.48 -45.54 15.80
CA ARG C 178 -39.10 -45.05 14.47
C ARG C 178 -37.60 -45.12 14.26
N ARG C 179 -37.23 -45.42 13.01
CA ARG C 179 -35.84 -45.51 12.62
C ARG C 179 -35.20 -44.13 12.53
N VAL C 180 -33.89 -44.13 12.33
CA VAL C 180 -33.08 -42.92 12.38
C VAL C 180 -32.78 -42.43 10.97
N GLU C 181 -32.10 -43.26 10.18
CA GLU C 181 -31.76 -42.88 8.81
C GLU C 181 -32.85 -43.33 7.83
N LEU C 182 -34.04 -42.77 8.03
CA LEU C 182 -35.12 -42.93 7.07
C LEU C 182 -34.91 -41.98 5.89
N LYS C 183 -35.67 -42.22 4.84
CA LYS C 183 -35.66 -41.34 3.68
C LYS C 183 -36.68 -40.22 3.85
N ALA C 184 -36.40 -39.12 3.19
CA ALA C 184 -37.24 -37.94 3.27
C ALA C 184 -38.49 -38.12 2.42
N PRO C 185 -39.45 -37.22 2.53
CA PRO C 185 -40.61 -37.26 1.63
C PRO C 185 -40.25 -36.80 0.23
N GLY C 186 -41.25 -36.69 -0.64
CA GLY C 186 -41.01 -36.34 -2.02
C GLY C 186 -41.47 -34.95 -2.39
N ILE C 187 -42.17 -34.87 -3.52
CA ILE C 187 -42.55 -33.61 -4.12
C ILE C 187 -44.06 -33.38 -4.06
N ILE C 188 -44.84 -34.45 -4.19
CA ILE C 188 -46.30 -34.34 -4.22
C ILE C 188 -46.85 -34.12 -2.83
N PRO C 189 -46.54 -34.96 -1.83
CA PRO C 189 -47.12 -34.74 -0.50
C PRO C 189 -46.67 -33.46 0.14
N ARG C 190 -45.52 -32.93 -0.29
CA ARG C 190 -45.01 -31.68 0.22
C ARG C 190 -45.93 -30.52 -0.17
N LYS C 191 -45.74 -29.39 0.51
CA LYS C 191 -46.54 -28.20 0.27
C LYS C 191 -45.69 -26.97 0.51
N SER C 192 -46.04 -25.89 -0.18
CA SER C 192 -45.38 -24.62 0.03
C SER C 192 -45.73 -24.06 1.41
N VAL C 193 -44.86 -23.18 1.89
CA VAL C 193 -44.99 -22.60 3.22
C VAL C 193 -45.97 -21.43 3.15
N HIS C 194 -46.96 -21.44 4.05
CA HIS C 194 -47.99 -20.41 4.02
C HIS C 194 -48.43 -19.96 5.40
N GLU C 195 -47.62 -20.18 6.43
CA GLU C 195 -47.97 -19.74 7.78
C GLU C 195 -46.69 -19.58 8.57
N PRO C 196 -46.71 -18.76 9.62
CA PRO C 196 -45.47 -18.35 10.29
C PRO C 196 -45.08 -19.24 11.46
N MET C 197 -43.91 -18.95 12.00
CA MET C 197 -43.40 -19.56 13.22
C MET C 197 -43.00 -18.40 14.13
N MET C 198 -43.84 -18.10 15.12
CA MET C 198 -43.61 -16.94 15.97
C MET C 198 -42.35 -17.15 16.78
N THR C 199 -41.31 -16.42 16.43
CA THR C 199 -40.03 -16.50 17.12
C THR C 199 -39.95 -15.57 18.32
N GLY C 200 -40.62 -14.42 18.27
CA GLY C 200 -40.60 -13.48 19.36
C GLY C 200 -39.56 -12.40 19.23
N LEU C 201 -38.75 -12.42 18.19
CA LEU C 201 -37.78 -11.38 17.93
C LEU C 201 -38.30 -10.42 16.87
N LYS C 202 -38.14 -9.13 17.12
CA LYS C 202 -38.68 -8.13 16.22
C LYS C 202 -38.02 -8.20 14.86
N CYS C 203 -36.68 -8.22 14.83
CA CYS C 203 -35.97 -8.21 13.56
C CYS C 203 -36.24 -9.46 12.75
N VAL C 204 -36.32 -10.62 13.41
CA VAL C 204 -36.57 -11.86 12.68
C VAL C 204 -38.01 -11.92 12.17
N ASP C 205 -38.97 -11.71 13.06
CA ASP C 205 -40.37 -11.78 12.67
C ASP C 205 -40.74 -10.71 11.67
N ALA C 206 -39.97 -9.63 11.58
CA ALA C 206 -40.29 -8.53 10.68
C ALA C 206 -39.56 -8.67 9.35
N LEU C 207 -38.23 -8.72 9.39
CA LEU C 207 -37.40 -8.61 8.20
C LEU C 207 -36.92 -9.96 7.68
N VAL C 208 -36.76 -10.93 8.55
CA VAL C 208 -36.27 -12.26 8.17
C VAL C 208 -37.31 -13.28 8.63
N PRO C 209 -38.52 -13.26 8.08
CA PRO C 209 -39.58 -14.10 8.63
C PRO C 209 -39.30 -15.58 8.41
N VAL C 210 -39.46 -16.35 9.49
CA VAL C 210 -39.26 -17.79 9.46
C VAL C 210 -40.63 -18.45 9.34
N GLY C 211 -40.78 -19.31 8.34
CA GLY C 211 -42.04 -19.97 8.10
C GLY C 211 -42.14 -21.26 8.88
N ARG C 212 -43.24 -21.95 8.65
CA ARG C 212 -43.53 -23.21 9.33
C ARG C 212 -43.47 -24.32 8.28
N GLY C 213 -42.33 -25.00 8.22
CA GLY C 213 -42.01 -25.93 7.16
C GLY C 213 -40.78 -25.47 6.42
N GLN C 214 -39.97 -24.67 7.09
CA GLN C 214 -38.81 -23.99 6.51
C GLN C 214 -37.53 -24.52 7.11
N ARG C 215 -36.42 -24.15 6.50
CA ARG C 215 -35.08 -24.49 6.97
C ARG C 215 -34.24 -23.22 6.87
N GLU C 216 -34.19 -22.46 7.96
CA GLU C 216 -33.43 -21.22 8.00
C GLU C 216 -32.24 -21.39 8.90
N LEU C 217 -31.11 -20.84 8.46
CA LEU C 217 -29.83 -21.07 9.08
C LEU C 217 -29.44 -19.90 9.98
N ILE C 218 -28.95 -20.21 11.16
CA ILE C 218 -28.41 -19.24 12.09
C ILE C 218 -26.88 -19.38 12.02
N ILE C 219 -26.25 -18.48 11.28
CA ILE C 219 -24.82 -18.56 11.01
C ILE C 219 -24.14 -17.33 11.58
N GLY C 220 -23.01 -17.56 12.24
CA GLY C 220 -22.24 -16.49 12.82
C GLY C 220 -21.09 -17.00 13.66
N ASP C 221 -20.12 -16.15 13.96
CA ASP C 221 -18.97 -16.56 14.73
C ASP C 221 -19.39 -16.84 16.18
N ARG C 222 -18.44 -17.30 16.97
CA ARG C 222 -18.72 -17.67 18.34
C ARG C 222 -18.99 -16.44 19.21
N GLN C 223 -19.84 -16.64 20.22
CA GLN C 223 -20.24 -15.58 21.14
C GLN C 223 -20.89 -14.42 20.39
N THR C 224 -22.04 -14.71 19.78
CA THR C 224 -22.81 -13.72 19.05
C THR C 224 -24.31 -13.76 19.30
N GLY C 225 -24.83 -14.76 19.98
CA GLY C 225 -26.24 -14.80 20.31
C GLY C 225 -27.07 -15.72 19.44
N LYS C 226 -26.56 -16.92 19.18
CA LYS C 226 -27.25 -17.95 18.41
C LYS C 226 -28.16 -18.78 19.31
N THR C 227 -27.58 -19.38 20.34
CA THR C 227 -28.36 -20.11 21.33
C THR C 227 -29.43 -19.22 21.96
N ALA C 228 -29.15 -17.92 22.07
CA ALA C 228 -30.15 -16.99 22.58
C ALA C 228 -31.36 -16.93 21.66
N VAL C 229 -31.11 -16.84 20.35
CA VAL C 229 -32.20 -16.82 19.38
C VAL C 229 -33.01 -18.11 19.49
N ALA C 230 -32.32 -19.24 19.59
CA ALA C 230 -33.01 -20.52 19.71
C ALA C 230 -33.90 -20.57 20.95
N VAL C 231 -33.35 -20.19 22.10
CA VAL C 231 -34.11 -20.31 23.34
C VAL C 231 -35.25 -19.31 23.39
N ASP C 232 -35.09 -18.14 22.75
CA ASP C 232 -36.19 -17.21 22.65
C ASP C 232 -37.31 -17.76 21.78
N ALA C 233 -36.95 -18.39 20.67
CA ALA C 233 -37.94 -19.06 19.84
C ALA C 233 -38.68 -20.13 20.61
N ILE C 234 -37.98 -20.83 21.49
CA ILE C 234 -38.63 -21.86 22.31
C ILE C 234 -39.58 -21.22 23.30
N ILE C 235 -39.16 -20.12 23.94
CA ILE C 235 -39.92 -19.55 25.04
C ILE C 235 -41.17 -18.83 24.54
N ASN C 236 -41.12 -18.27 23.33
CA ASN C 236 -42.25 -17.48 22.87
C ASN C 236 -43.50 -18.31 22.64
N GLN C 237 -43.38 -19.64 22.57
CA GLN C 237 -44.51 -20.49 22.24
C GLN C 237 -45.40 -20.81 23.44
N LYS C 238 -45.04 -20.34 24.64
CA LYS C 238 -45.78 -20.72 25.83
C LYS C 238 -47.21 -20.18 25.79
N GLU C 239 -47.36 -18.88 25.54
CA GLU C 239 -48.69 -18.29 25.53
C GLU C 239 -49.55 -18.85 24.41
N ILE C 240 -48.93 -19.15 23.27
CA ILE C 240 -49.67 -19.68 22.14
C ILE C 240 -50.13 -21.11 22.41
N ASN C 241 -49.31 -21.89 23.12
CA ASN C 241 -49.65 -23.28 23.37
C ASN C 241 -50.68 -23.43 24.47
N ASP C 242 -50.50 -22.69 25.57
CA ASP C 242 -51.42 -22.83 26.71
C ASP C 242 -52.81 -22.32 26.37
N SER C 243 -52.93 -21.40 25.41
CA SER C 243 -54.18 -20.75 25.11
C SER C 243 -55.04 -21.50 24.10
N THR C 244 -54.56 -22.62 23.55
CA THR C 244 -55.23 -23.29 22.44
C THR C 244 -55.87 -24.61 22.84
N ASP C 245 -55.09 -25.52 23.42
CA ASP C 245 -55.55 -26.87 23.74
C ASP C 245 -55.92 -27.67 22.49
N ASP C 246 -55.39 -27.29 21.33
CA ASP C 246 -55.60 -28.01 20.08
C ASP C 246 -54.25 -28.18 19.41
N GLU C 247 -53.85 -29.44 19.21
CA GLU C 247 -52.51 -29.75 18.75
C GLU C 247 -52.24 -29.34 17.31
N SER C 248 -53.27 -28.93 16.56
CA SER C 248 -53.04 -28.48 15.20
C SER C 248 -52.35 -27.13 15.16
N LYS C 249 -52.60 -26.28 16.16
CA LYS C 249 -52.03 -24.94 16.22
C LYS C 249 -50.84 -24.85 17.16
N LYS C 250 -50.77 -25.73 18.16
CA LYS C 250 -49.64 -25.73 19.07
C LYS C 250 -48.36 -26.08 18.33
N LEU C 251 -47.26 -25.54 18.82
CA LEU C 251 -45.93 -25.79 18.28
C LEU C 251 -45.05 -26.33 19.40
N TYR C 252 -44.65 -27.59 19.29
CA TYR C 252 -43.70 -28.18 20.20
C TYR C 252 -42.30 -27.75 19.78
N CYS C 253 -41.27 -28.38 20.34
CA CYS C 253 -39.93 -28.06 19.92
C CYS C 253 -38.95 -29.13 20.39
N ILE C 254 -37.79 -29.14 19.74
CA ILE C 254 -36.69 -30.02 20.08
C ILE C 254 -35.40 -29.21 19.99
N TYR C 255 -34.52 -29.42 20.96
CA TYR C 255 -33.23 -28.74 21.02
C TYR C 255 -32.14 -29.78 21.07
N VAL C 256 -31.35 -29.86 20.01
CA VAL C 256 -30.30 -30.85 19.88
C VAL C 256 -28.96 -30.14 20.10
N ALA C 257 -28.25 -30.57 21.12
CA ALA C 257 -26.92 -30.08 21.43
C ALA C 257 -25.90 -31.11 20.95
N VAL C 258 -24.92 -30.67 20.16
CA VAL C 258 -23.92 -31.53 19.58
C VAL C 258 -22.56 -30.90 19.86
N GLY C 259 -21.75 -31.59 20.65
CA GLY C 259 -20.44 -31.07 20.98
C GLY C 259 -20.46 -29.84 21.84
N GLN C 260 -21.59 -29.56 22.47
CA GLN C 260 -21.71 -28.38 23.31
C GLN C 260 -21.35 -28.72 24.74
N LYS C 261 -20.90 -27.69 25.46
CA LYS C 261 -20.49 -27.85 26.84
C LYS C 261 -21.69 -28.20 27.71
N ARG C 262 -21.50 -29.18 28.60
CA ARG C 262 -22.60 -29.69 29.41
C ARG C 262 -23.18 -28.62 30.32
N SER C 263 -22.35 -27.72 30.81
CA SER C 263 -22.83 -26.65 31.68
C SER C 263 -23.85 -25.78 30.97
N THR C 264 -23.60 -25.47 29.70
CA THR C 264 -24.54 -24.66 28.94
C THR C 264 -25.88 -25.36 28.79
N VAL C 265 -25.86 -26.67 28.56
CA VAL C 265 -27.11 -27.41 28.42
C VAL C 265 -27.87 -27.41 29.73
N ALA C 266 -27.17 -27.58 30.85
CA ALA C 266 -27.82 -27.53 32.15
C ALA C 266 -28.43 -26.16 32.40
N GLN C 267 -27.70 -25.09 32.07
CA GLN C 267 -28.24 -23.75 32.25
C GLN C 267 -29.47 -23.52 31.39
N ILE C 268 -29.45 -24.01 30.14
CA ILE C 268 -30.59 -23.86 29.26
C ILE C 268 -31.80 -24.58 29.84
N VAL C 269 -31.59 -25.80 30.32
CA VAL C 269 -32.70 -26.57 30.88
C VAL C 269 -33.25 -25.86 32.12
N LYS C 270 -32.37 -25.29 32.93
CA LYS C 270 -32.82 -24.57 34.11
C LYS C 270 -33.63 -23.33 33.74
N ALA C 271 -33.18 -22.61 32.72
CA ALA C 271 -33.90 -21.42 32.28
C ALA C 271 -35.23 -21.76 31.65
N LEU C 272 -35.33 -22.92 31.01
CA LEU C 272 -36.61 -23.33 30.44
C LEU C 272 -37.57 -23.79 31.53
N GLU C 273 -37.06 -24.55 32.52
CA GLU C 273 -37.90 -24.97 33.62
C GLU C 273 -38.38 -23.78 34.45
N GLN C 274 -37.56 -22.73 34.56
CA GLN C 274 -38.00 -21.52 35.23
C GLN C 274 -39.25 -20.95 34.56
N ARG C 275 -39.22 -20.83 33.24
CA ARG C 275 -40.30 -20.23 32.47
C ARG C 275 -41.32 -21.26 31.98
N ASP C 276 -41.30 -22.47 32.52
CA ASP C 276 -42.34 -23.46 32.23
C ASP C 276 -42.35 -23.86 30.77
N ALA C 277 -41.19 -23.84 30.13
CA ALA C 277 -41.05 -24.15 28.70
C ALA C 277 -40.46 -25.52 28.46
N MET C 278 -40.83 -26.50 29.28
CA MET C 278 -40.43 -27.88 29.07
C MET C 278 -41.62 -28.83 29.02
N LYS C 279 -42.85 -28.32 29.18
CA LYS C 279 -44.02 -29.15 28.95
C LYS C 279 -44.09 -29.61 27.50
N TYR C 280 -43.44 -28.88 26.60
CA TYR C 280 -43.57 -29.12 25.16
C TYR C 280 -42.22 -29.18 24.47
N THR C 281 -41.14 -29.43 25.20
CA THR C 281 -39.81 -29.54 24.63
C THR C 281 -39.13 -30.79 25.14
N THR C 282 -38.28 -31.36 24.30
CA THR C 282 -37.36 -32.41 24.68
C THR C 282 -35.99 -32.06 24.14
N VAL C 283 -34.96 -32.43 24.89
CA VAL C 283 -33.59 -32.05 24.59
C VAL C 283 -32.80 -33.31 24.29
N VAL C 284 -31.89 -33.23 23.32
CA VAL C 284 -31.07 -34.34 22.91
C VAL C 284 -29.62 -33.88 23.02
N ALA C 285 -28.91 -34.45 23.97
CA ALA C 285 -27.57 -34.00 24.34
C ALA C 285 -26.53 -34.99 23.83
N ALA C 286 -25.56 -34.47 23.07
CA ALA C 286 -24.38 -35.23 22.66
C ALA C 286 -23.22 -34.25 22.80
N THR C 287 -22.61 -34.25 23.99
CA THR C 287 -21.69 -33.20 24.37
C THR C 287 -20.26 -33.59 23.96
N ALA C 288 -19.31 -32.72 24.33
CA ALA C 288 -17.94 -32.87 23.88
C ALA C 288 -17.27 -34.09 24.49
N SER C 289 -17.63 -34.44 25.73
CA SER C 289 -17.06 -35.64 26.34
C SER C 289 -17.57 -36.90 25.67
N GLU C 290 -18.77 -36.87 25.10
CA GLU C 290 -19.32 -38.03 24.44
C GLU C 290 -18.55 -38.37 23.18
N ALA C 291 -18.67 -39.63 22.77
CA ALA C 291 -17.96 -40.10 21.58
C ALA C 291 -18.49 -39.41 20.34
N ALA C 292 -17.80 -39.63 19.24
CA ALA C 292 -18.11 -38.99 17.97
C ALA C 292 -19.33 -39.60 17.28
N PRO C 293 -19.51 -40.92 17.33
CA PRO C 293 -20.74 -41.48 16.75
C PRO C 293 -22.01 -40.90 17.33
N LEU C 294 -22.02 -40.57 18.61
CA LEU C 294 -23.22 -40.02 19.21
C LEU C 294 -23.49 -38.60 18.73
N GLN C 295 -22.43 -37.81 18.54
CA GLN C 295 -22.60 -36.51 17.93
C GLN C 295 -23.06 -36.62 16.49
N PHE C 296 -22.55 -37.60 15.76
CA PHE C 296 -23.00 -37.83 14.39
C PHE C 296 -24.47 -38.23 14.36
N LEU C 297 -24.95 -38.96 15.37
CA LEU C 297 -26.33 -39.42 15.37
C LEU C 297 -27.30 -38.33 15.80
N ALA C 298 -27.09 -37.76 16.97
CA ALA C 298 -28.06 -36.97 17.71
C ALA C 298 -28.97 -36.09 16.84
N PRO C 299 -28.43 -35.42 15.82
CA PRO C 299 -29.33 -34.72 14.89
C PRO C 299 -30.35 -35.63 14.23
N TYR C 300 -29.93 -36.81 13.78
CA TYR C 300 -30.88 -37.73 13.15
C TYR C 300 -31.91 -38.23 14.15
N SER C 301 -31.52 -38.43 15.41
CA SER C 301 -32.48 -38.83 16.43
C SER C 301 -33.50 -37.74 16.70
N GLY C 302 -33.06 -36.48 16.77
CA GLY C 302 -34.00 -35.40 16.93
C GLY C 302 -34.96 -35.27 15.77
N CYS C 303 -34.45 -35.45 14.55
CA CYS C 303 -35.33 -35.38 13.39
C CYS C 303 -36.32 -36.53 13.39
N ALA C 304 -35.89 -37.71 13.85
CA ALA C 304 -36.82 -38.82 13.97
C ALA C 304 -37.89 -38.54 15.02
N MET C 305 -37.52 -37.85 16.10
CA MET C 305 -38.52 -37.48 17.10
C MET C 305 -39.51 -36.46 16.54
N GLY C 306 -39.05 -35.57 15.65
CA GLY C 306 -39.94 -34.60 15.03
C GLY C 306 -40.79 -35.15 13.90
N GLU C 307 -40.34 -36.22 13.27
CA GLU C 307 -41.14 -36.83 12.21
C GLU C 307 -42.47 -37.35 12.72
N TRP C 308 -42.54 -37.70 14.01
CA TRP C 308 -43.82 -38.12 14.59
C TRP C 308 -44.82 -36.98 14.56
N PHE C 309 -44.40 -35.76 14.90
CA PHE C 309 -45.30 -34.62 14.85
C PHE C 309 -45.62 -34.28 13.41
N ARG C 310 -44.64 -34.38 12.51
CA ARG C 310 -44.88 -34.04 11.12
C ARG C 310 -45.93 -34.96 10.51
N ASP C 311 -45.77 -36.26 10.67
CA ASP C 311 -46.72 -37.22 10.12
C ASP C 311 -48.07 -37.13 10.82
N SER C 312 -48.08 -36.96 12.14
CA SER C 312 -49.34 -36.89 12.89
C SER C 312 -50.17 -35.68 12.49
N GLY C 313 -49.52 -34.62 12.01
CA GLY C 313 -50.16 -33.35 11.72
C GLY C 313 -49.81 -32.29 12.73
N ARG C 314 -49.11 -32.65 13.79
CA ARG C 314 -48.60 -31.71 14.77
C ARG C 314 -47.41 -30.96 14.19
N HIS C 315 -47.24 -29.71 14.63
CA HIS C 315 -46.16 -28.85 14.17
C HIS C 315 -45.02 -28.82 15.19
N CYS C 316 -43.80 -29.08 14.73
CA CYS C 316 -42.63 -29.09 15.59
C CYS C 316 -41.47 -28.37 14.92
N VAL C 317 -40.61 -27.79 15.75
CA VAL C 317 -39.41 -27.08 15.31
C VAL C 317 -38.21 -27.73 15.97
N ILE C 318 -37.16 -27.98 15.19
CA ILE C 318 -35.93 -28.61 15.67
C ILE C 318 -34.79 -27.62 15.51
N ILE C 319 -34.00 -27.47 16.57
CA ILE C 319 -32.85 -26.59 16.57
C ILE C 319 -31.61 -27.45 16.73
N TYR C 320 -30.62 -27.22 15.87
CA TYR C 320 -29.37 -27.94 15.89
C TYR C 320 -28.25 -27.01 16.36
N ASP C 321 -27.51 -27.43 17.37
CA ASP C 321 -26.41 -26.66 17.92
C ASP C 321 -25.14 -27.49 17.80
N ASP C 322 -24.06 -26.87 17.35
CA ASP C 322 -23.90 -26.55 15.94
C ASP C 322 -23.70 -27.80 15.09
N LEU C 323 -24.18 -27.69 13.85
CA LEU C 323 -24.03 -28.76 12.87
C LEU C 323 -22.56 -28.99 12.53
N SER C 324 -21.76 -27.93 12.54
CA SER C 324 -20.35 -28.07 12.19
C SER C 324 -19.68 -29.07 13.12
N LYS C 325 -20.08 -29.09 14.38
CA LYS C 325 -19.50 -30.06 15.31
C LYS C 325 -19.77 -31.47 14.82
N GLN C 326 -20.98 -31.71 14.31
CA GLN C 326 -21.34 -33.00 13.75
C GLN C 326 -20.48 -33.32 12.55
N ALA C 327 -20.20 -32.32 11.71
CA ALA C 327 -19.35 -32.54 10.57
C ALA C 327 -17.95 -32.94 11.00
N THR C 328 -17.45 -32.29 12.06
CA THR C 328 -16.14 -32.63 12.60
C THR C 328 -16.11 -34.07 13.12
N ALA C 329 -17.18 -34.48 13.78
CA ALA C 329 -17.26 -35.86 14.28
C ALA C 329 -17.26 -36.85 13.12
N TYR C 330 -18.00 -36.53 12.05
CA TYR C 330 -18.01 -37.41 10.88
C TYR C 330 -16.63 -37.49 10.25
N ARG C 331 -15.92 -36.35 10.21
CA ARG C 331 -14.58 -36.34 9.66
C ARG C 331 -13.67 -37.24 10.48
N GLN C 332 -13.83 -37.20 11.80
CA GLN C 332 -13.07 -38.07 12.68
C GLN C 332 -13.33 -39.53 12.35
N MET C 333 -14.60 -39.93 12.36
CA MET C 333 -14.94 -41.32 12.09
C MET C 333 -14.45 -41.76 10.72
N SER C 334 -14.47 -40.86 9.74
CA SER C 334 -14.02 -41.22 8.40
C SER C 334 -12.50 -41.40 8.35
N LEU C 335 -11.75 -40.49 8.95
CA LEU C 335 -10.31 -40.62 8.92
C LEU C 335 -9.84 -41.84 9.70
N LEU C 336 -10.58 -42.21 10.74
CA LEU C 336 -10.24 -43.40 11.50
C LEU C 336 -10.58 -44.69 10.76
N LEU C 337 -11.45 -44.62 9.75
CA LEU C 337 -11.72 -45.75 8.87
C LEU C 337 -10.81 -45.76 7.65
N ARG C 338 -9.74 -44.97 7.68
CA ARG C 338 -8.74 -44.93 6.63
C ARG C 338 -9.30 -44.41 5.31
N ARG C 339 -10.39 -43.67 5.36
CA ARG C 339 -10.97 -43.15 4.12
C ARG C 339 -10.17 -41.95 3.63
N PRO C 340 -10.28 -41.65 2.33
CA PRO C 340 -9.45 -40.60 1.75
C PRO C 340 -10.04 -39.22 2.01
N PRO C 341 -9.26 -38.33 2.59
CA PRO C 341 -9.76 -36.98 2.84
C PRO C 341 -9.91 -36.14 1.58
N GLY C 342 -10.45 -34.94 1.77
CA GLY C 342 -10.66 -34.00 0.70
C GLY C 342 -10.35 -32.57 1.08
N ARG C 343 -11.32 -31.69 0.89
CA ARG C 343 -11.16 -30.28 1.18
C ARG C 343 -11.23 -30.05 2.68
N GLU C 344 -10.18 -29.45 3.24
CA GLU C 344 -10.06 -29.25 4.68
C GLU C 344 -10.12 -30.57 5.43
N ALA C 345 -9.69 -31.65 4.78
CA ALA C 345 -9.68 -33.00 5.28
C ALA C 345 -11.07 -33.60 5.40
N TYR C 346 -12.11 -32.85 5.09
CA TYR C 346 -13.45 -33.38 5.15
C TYR C 346 -13.67 -34.33 3.98
N PRO C 347 -14.39 -35.43 4.17
CA PRO C 347 -14.70 -36.31 3.04
C PRO C 347 -15.78 -35.69 2.15
N GLY C 348 -16.13 -36.42 1.10
CA GLY C 348 -17.19 -35.97 0.21
C GLY C 348 -18.59 -36.27 0.68
N ASP C 349 -18.74 -37.14 1.68
CA ASP C 349 -20.04 -37.52 2.19
C ASP C 349 -20.56 -36.60 3.28
N VAL C 350 -20.04 -35.38 3.35
CA VAL C 350 -20.54 -34.42 4.34
C VAL C 350 -21.78 -33.72 3.83
N PHE C 351 -21.79 -33.37 2.55
CA PHE C 351 -22.99 -32.80 1.95
C PHE C 351 -24.16 -33.76 2.06
N TYR C 352 -23.92 -35.04 1.78
CA TYR C 352 -24.97 -36.03 1.89
C TYR C 352 -25.46 -36.14 3.33
N LEU C 353 -24.55 -36.01 4.29
CA LEU C 353 -24.92 -36.03 5.69
C LEU C 353 -25.91 -34.92 6.00
N HIS C 354 -25.49 -33.68 5.79
CA HIS C 354 -26.34 -32.54 6.13
C HIS C 354 -27.64 -32.54 5.32
N SER C 355 -27.60 -33.05 4.09
CA SER C 355 -28.77 -32.99 3.24
C SER C 355 -29.77 -34.09 3.59
N ARG C 356 -29.29 -35.30 3.87
CA ARG C 356 -30.12 -36.29 4.53
C ARG C 356 -30.84 -35.68 5.72
N LEU C 357 -30.10 -34.96 6.54
CA LEU C 357 -30.66 -34.41 7.77
C LEU C 357 -31.72 -33.36 7.50
N LEU C 358 -31.46 -32.45 6.58
CA LEU C 358 -32.28 -31.26 6.47
C LEU C 358 -33.46 -31.42 5.53
N GLU C 359 -33.39 -32.32 4.56
CA GLU C 359 -34.49 -32.46 3.62
C GLU C 359 -35.72 -33.07 4.26
N ARG C 360 -35.61 -33.55 5.51
CA ARG C 360 -36.77 -34.08 6.19
C ARG C 360 -37.69 -32.97 6.69
N ALA C 361 -37.13 -31.81 6.99
CA ALA C 361 -37.91 -30.63 7.32
C ALA C 361 -38.84 -30.26 6.17
N ALA C 362 -40.15 -30.36 6.39
CA ALA C 362 -41.09 -30.24 5.30
C ALA C 362 -42.43 -29.79 5.83
N LYS C 363 -43.24 -29.23 4.94
CA LYS C 363 -44.63 -28.90 5.21
C LYS C 363 -45.49 -29.90 4.45
N MET C 364 -45.96 -30.92 5.16
CA MET C 364 -46.80 -31.92 4.53
C MET C 364 -48.09 -31.30 4.01
N GLY C 365 -48.74 -32.01 3.09
CA GLY C 365 -49.89 -31.49 2.39
C GLY C 365 -51.18 -31.76 3.13
N ASP C 366 -52.29 -31.42 2.46
CA ASP C 366 -53.60 -31.60 3.05
C ASP C 366 -53.94 -33.08 3.20
N LYS C 367 -53.39 -33.93 2.34
CA LYS C 367 -53.69 -35.36 2.36
C LYS C 367 -52.76 -36.15 3.26
N SER C 368 -51.57 -35.63 3.54
CA SER C 368 -50.62 -36.29 4.42
C SER C 368 -50.71 -35.79 5.86
N GLY C 369 -51.89 -35.33 6.26
CA GLY C 369 -52.11 -34.89 7.62
C GLY C 369 -52.07 -33.38 7.78
N GLY C 370 -51.14 -32.74 7.10
CA GLY C 370 -50.97 -31.30 7.20
C GLY C 370 -49.91 -30.84 8.17
N GLY C 371 -49.07 -31.75 8.68
CA GLY C 371 -48.08 -31.36 9.65
C GLY C 371 -46.98 -30.52 9.04
N SER C 372 -45.96 -30.28 9.86
CA SER C 372 -44.84 -29.46 9.44
C SER C 372 -43.65 -29.78 10.32
N LEU C 373 -42.48 -29.33 9.87
CA LEU C 373 -41.25 -29.51 10.63
C LEU C 373 -40.27 -28.44 10.17
N THR C 374 -40.11 -27.40 10.97
CA THR C 374 -39.08 -26.42 10.73
C THR C 374 -37.73 -26.98 11.13
N ALA C 375 -36.69 -26.19 10.89
CA ALA C 375 -35.34 -26.57 11.27
C ALA C 375 -34.49 -25.32 11.30
N LEU C 376 -33.89 -25.04 12.45
CA LEU C 376 -33.06 -23.86 12.66
C LEU C 376 -31.65 -24.32 12.93
N PRO C 377 -30.97 -24.84 11.92
CA PRO C 377 -29.59 -25.29 12.12
C PRO C 377 -28.68 -24.12 12.44
N VAL C 378 -27.62 -24.41 13.16
CA VAL C 378 -26.69 -23.40 13.64
C VAL C 378 -25.30 -23.77 13.17
N ILE C 379 -24.52 -22.77 12.80
CA ILE C 379 -23.17 -22.98 12.30
C ILE C 379 -22.28 -21.90 12.89
N GLU C 380 -21.10 -22.31 13.34
CA GLU C 380 -20.08 -21.40 13.82
C GLU C 380 -19.02 -21.20 12.75
N THR C 381 -18.80 -19.95 12.35
CA THR C 381 -17.77 -19.62 11.38
C THR C 381 -16.49 -19.25 12.12
N GLN C 382 -15.48 -18.86 11.35
CA GLN C 382 -14.18 -18.44 11.86
C GLN C 382 -13.81 -17.14 11.15
N ALA C 383 -13.90 -16.04 11.89
CA ALA C 383 -13.62 -14.71 11.36
C ALA C 383 -14.64 -14.33 10.29
N GLY C 384 -15.89 -14.76 10.49
CA GLY C 384 -16.97 -14.41 9.59
C GLY C 384 -16.86 -14.95 8.19
N ASP C 385 -15.95 -15.87 7.94
CA ASP C 385 -15.79 -16.43 6.59
C ASP C 385 -16.93 -17.40 6.33
N VAL C 386 -17.82 -17.03 5.41
CA VAL C 386 -18.87 -17.92 4.94
C VAL C 386 -18.59 -18.48 3.56
N SER C 387 -17.46 -18.12 2.98
CA SER C 387 -16.99 -18.73 1.74
C SER C 387 -16.23 -20.02 1.99
N ALA C 388 -16.33 -20.57 3.19
CA ALA C 388 -15.67 -21.83 3.51
C ALA C 388 -16.48 -22.98 2.92
N TYR C 389 -16.13 -24.20 3.31
CA TYR C 389 -16.72 -25.38 2.68
C TYR C 389 -18.02 -25.81 3.35
N ILE C 390 -18.07 -25.80 4.68
CA ILE C 390 -19.23 -26.32 5.40
C ILE C 390 -20.34 -25.29 5.38
N PRO C 391 -20.06 -24.02 5.66
CA PRO C 391 -21.08 -22.98 5.49
C PRO C 391 -21.70 -22.94 4.11
N THR C 392 -20.89 -23.05 3.06
CA THR C 392 -21.43 -23.05 1.71
C THR C 392 -22.19 -24.33 1.40
N ASN C 393 -21.75 -25.44 1.98
CA ASN C 393 -22.49 -26.69 1.82
C ASN C 393 -23.87 -26.59 2.42
N VAL C 394 -23.99 -25.86 3.53
CA VAL C 394 -25.28 -25.76 4.21
C VAL C 394 -26.13 -24.65 3.62
N ILE C 395 -25.51 -23.60 3.09
CA ILE C 395 -26.28 -22.54 2.45
C ILE C 395 -26.94 -23.06 1.19
N SER C 396 -26.34 -24.05 0.55
CA SER C 396 -26.91 -24.68 -0.62
C SER C 396 -28.03 -25.64 -0.29
N ILE C 397 -28.31 -25.86 1.00
CA ILE C 397 -29.32 -26.79 1.44
C ILE C 397 -30.52 -26.08 2.05
N THR C 398 -30.32 -24.93 2.65
CA THR C 398 -31.34 -24.24 3.43
C THR C 398 -32.20 -23.34 2.53
N ASP C 399 -33.26 -22.83 3.13
CA ASP C 399 -34.21 -21.95 2.46
C ASP C 399 -34.12 -20.53 2.99
N GLY C 400 -32.94 -20.16 3.49
CA GLY C 400 -32.78 -18.87 4.12
C GLY C 400 -31.44 -18.77 4.80
N GLN C 401 -31.29 -17.68 5.55
CA GLN C 401 -30.02 -17.38 6.21
C GLN C 401 -30.20 -16.25 7.22
N ILE C 402 -29.75 -16.47 8.44
CA ILE C 402 -29.74 -15.46 9.49
C ILE C 402 -28.31 -15.24 9.91
N PHE C 403 -27.77 -14.07 9.60
CA PHE C 403 -26.39 -13.74 9.83
C PHE C 403 -26.24 -13.00 11.15
N LEU C 404 -25.08 -13.16 11.78
CA LEU C 404 -24.77 -12.50 13.04
C LEU C 404 -23.33 -12.05 13.00
N GLU C 405 -23.09 -10.83 13.47
CA GLU C 405 -21.79 -10.19 13.37
C GLU C 405 -21.20 -9.94 14.75
N THR C 406 -19.87 -9.89 14.80
CA THR C 406 -19.16 -9.57 16.03
C THR C 406 -19.03 -8.09 16.25
N GLU C 407 -19.02 -7.30 15.18
CA GLU C 407 -18.95 -5.85 15.32
C GLU C 407 -20.20 -5.34 16.04
N LEU C 408 -21.37 -5.73 15.55
CA LEU C 408 -22.61 -5.29 16.16
C LEU C 408 -22.77 -5.84 17.58
N PHE C 409 -22.16 -7.00 17.85
CA PHE C 409 -22.27 -7.59 19.17
C PHE C 409 -21.31 -6.96 20.17
N TYR C 410 -20.20 -6.43 19.68
CA TYR C 410 -19.25 -5.74 20.55
C TYR C 410 -19.65 -4.30 20.78
N LYS C 411 -20.26 -3.67 19.78
CA LYS C 411 -20.76 -2.31 19.95
C LYS C 411 -21.83 -2.27 21.03
N GLY C 412 -22.76 -3.21 21.00
CA GLY C 412 -23.86 -3.25 21.95
C GLY C 412 -25.16 -3.68 21.31
N ILE C 413 -25.20 -3.68 19.98
CA ILE C 413 -26.39 -4.10 19.25
C ILE C 413 -26.58 -5.60 19.49
N ARG C 414 -27.62 -5.95 20.23
CA ARG C 414 -27.93 -7.34 20.55
C ARG C 414 -29.43 -7.53 20.51
N PRO C 415 -29.96 -8.47 19.70
CA PRO C 415 -29.33 -9.44 18.80
C PRO C 415 -28.59 -8.81 17.63
N ALA C 416 -27.41 -9.36 17.33
CA ALA C 416 -26.53 -8.78 16.32
C ALA C 416 -26.87 -9.26 14.93
N ILE C 417 -28.15 -9.16 14.58
CA ILE C 417 -28.66 -9.69 13.32
C ILE C 417 -28.48 -8.64 12.24
N ASN C 418 -27.51 -8.85 11.37
CA ASN C 418 -27.43 -8.08 10.15
C ASN C 418 -28.68 -8.30 9.30
N VAL C 419 -28.92 -7.38 8.37
CA VAL C 419 -30.14 -7.40 7.57
C VAL C 419 -29.86 -7.36 6.08
N GLY C 420 -28.69 -6.88 5.64
CA GLY C 420 -28.36 -6.93 4.24
C GLY C 420 -27.91 -8.29 3.78
N LEU C 421 -27.28 -9.05 4.67
CA LEU C 421 -26.84 -10.40 4.37
C LEU C 421 -27.89 -11.44 4.71
N SER C 422 -28.67 -11.18 5.76
CA SER C 422 -29.76 -12.07 6.12
C SER C 422 -30.86 -11.98 5.07
N VAL C 423 -31.37 -13.13 4.65
CA VAL C 423 -32.40 -13.22 3.63
C VAL C 423 -33.39 -14.30 4.03
N SER C 424 -34.41 -14.48 3.19
CA SER C 424 -35.41 -15.52 3.40
C SER C 424 -36.17 -15.71 2.10
N ARG C 425 -36.16 -16.93 1.57
CA ARG C 425 -36.84 -17.18 0.30
C ARG C 425 -38.34 -17.11 0.45
N VAL C 426 -38.87 -17.57 1.58
CA VAL C 426 -40.32 -17.56 1.78
C VAL C 426 -40.82 -16.13 1.88
N GLY C 427 -40.36 -15.41 2.90
CA GLY C 427 -40.65 -13.99 2.98
C GLY C 427 -42.05 -13.72 3.47
N SER C 428 -42.76 -12.88 2.73
CA SER C 428 -44.05 -12.39 3.19
C SER C 428 -45.06 -13.51 3.41
N ALA C 429 -44.92 -14.61 2.66
CA ALA C 429 -45.84 -15.72 2.84
C ALA C 429 -45.77 -16.31 4.24
N ALA C 430 -44.67 -16.09 4.95
CA ALA C 430 -44.52 -16.49 6.34
C ALA C 430 -44.81 -15.34 7.31
N GLN C 431 -45.71 -14.45 6.93
CA GLN C 431 -46.08 -13.31 7.74
C GLN C 431 -47.58 -13.13 7.71
N VAL C 432 -48.09 -12.46 8.73
CA VAL C 432 -49.48 -12.04 8.73
C VAL C 432 -49.57 -10.66 8.09
N LYS C 433 -50.78 -10.30 7.66
CA LYS C 433 -50.95 -9.04 6.93
C LYS C 433 -50.62 -7.85 7.81
N ALA C 434 -51.00 -7.91 9.09
CA ALA C 434 -50.71 -6.82 10.00
C ALA C 434 -49.22 -6.53 10.08
N MET C 435 -48.41 -7.58 10.06
CA MET C 435 -46.96 -7.39 10.13
C MET C 435 -46.37 -7.12 8.76
N LYS C 436 -46.99 -7.63 7.69
CA LYS C 436 -46.57 -7.26 6.34
C LYS C 436 -46.63 -5.76 6.15
N GLN C 437 -47.78 -5.16 6.49
CA GLN C 437 -48.03 -3.75 6.19
C GLN C 437 -47.00 -2.84 6.83
N VAL C 438 -46.38 -3.29 7.92
CA VAL C 438 -45.40 -2.49 8.66
C VAL C 438 -43.98 -2.88 8.27
N ALA C 439 -43.70 -4.18 8.19
CA ALA C 439 -42.34 -4.63 7.91
C ALA C 439 -41.91 -4.27 6.51
N GLY C 440 -42.84 -4.12 5.57
CA GLY C 440 -42.45 -3.63 4.25
C GLY C 440 -41.80 -2.25 4.33
N THR C 441 -42.49 -1.32 4.98
CA THR C 441 -41.94 0.03 5.14
C THR C 441 -40.66 0.01 5.96
N MET C 442 -40.61 -0.83 6.99
CA MET C 442 -39.40 -0.89 7.81
C MET C 442 -38.20 -1.38 7.00
N LYS C 443 -38.40 -2.43 6.20
CA LYS C 443 -37.32 -2.96 5.37
C LYS C 443 -36.87 -1.92 4.36
N LEU C 444 -37.82 -1.21 3.74
CA LEU C 444 -37.45 -0.19 2.76
C LEU C 444 -36.64 0.92 3.41
N GLU C 445 -37.10 1.39 4.58
CA GLU C 445 -36.39 2.48 5.25
C GLU C 445 -35.01 2.05 5.71
N LEU C 446 -34.87 0.81 6.17
CA LEU C 446 -33.55 0.33 6.56
C LEU C 446 -32.63 0.18 5.36
N ALA C 447 -33.18 -0.19 4.20
CA ALA C 447 -32.37 -0.22 3.00
C ALA C 447 -31.86 1.17 2.65
N GLN C 448 -32.74 2.17 2.73
CA GLN C 448 -32.33 3.54 2.47
C GLN C 448 -31.26 3.98 3.45
N TYR C 449 -31.42 3.65 4.73
CA TYR C 449 -30.43 4.03 5.73
C TYR C 449 -29.09 3.36 5.48
N ARG C 450 -29.11 2.07 5.13
CA ARG C 450 -27.87 1.38 4.81
C ARG C 450 -27.18 2.02 3.61
N GLU C 451 -27.97 2.45 2.63
CA GLU C 451 -27.39 3.11 1.47
C GLU C 451 -26.73 4.42 1.84
N VAL C 452 -27.44 5.28 2.57
CA VAL C 452 -26.99 6.65 2.80
C VAL C 452 -26.22 6.80 4.11
N ALA C 453 -25.87 5.71 4.78
CA ALA C 453 -25.07 5.82 5.99
C ALA C 453 -23.59 6.07 5.71
N ALA C 454 -23.15 5.98 4.45
CA ALA C 454 -21.75 6.20 4.15
C ALA C 454 -21.35 7.64 4.42
N PHE C 455 -22.29 8.58 4.30
CA PHE C 455 -22.04 10.00 4.45
C PHE C 455 -22.82 10.56 5.63
N ALA C 456 -22.83 9.84 6.75
CA ALA C 456 -23.60 10.28 7.91
C ALA C 456 -22.90 11.42 8.65
N GLN C 457 -21.56 11.44 8.64
CA GLN C 457 -20.84 12.50 9.34
C GLN C 457 -21.13 13.88 8.73
N PHE C 458 -21.50 13.91 7.45
CA PHE C 458 -21.82 15.16 6.75
C PHE C 458 -23.31 15.48 6.80
N GLY C 459 -24.02 15.06 7.85
CA GLY C 459 -25.45 15.30 7.90
C GLY C 459 -25.81 16.76 7.90
N SER C 460 -24.97 17.62 8.48
CA SER C 460 -25.22 19.05 8.42
C SER C 460 -25.11 19.57 7.00
N ASP C 461 -24.10 19.11 6.25
CA ASP C 461 -23.94 19.52 4.86
C ASP C 461 -25.00 18.92 3.96
N LEU C 462 -25.62 17.82 4.36
CA LEU C 462 -26.58 17.12 3.53
C LEU C 462 -27.98 17.70 3.67
N ASP C 463 -28.84 17.32 2.73
CA ASP C 463 -30.20 17.83 2.70
C ASP C 463 -31.01 17.29 3.88
N ALA C 464 -32.21 17.84 4.04
CA ALA C 464 -33.10 17.38 5.10
C ALA C 464 -33.59 15.96 4.86
N SER C 465 -33.68 15.56 3.59
CA SER C 465 -34.13 14.20 3.29
C SER C 465 -33.14 13.17 3.82
N THR C 466 -31.85 13.39 3.58
CA THR C 466 -30.84 12.46 4.07
C THR C 466 -30.83 12.41 5.59
N ARG C 467 -30.95 13.56 6.24
CA ARG C 467 -30.97 13.58 7.70
C ARG C 467 -32.20 12.88 8.25
N GLN C 468 -33.35 13.03 7.58
CA GLN C 468 -34.55 12.33 8.00
C GLN C 468 -34.38 10.82 7.85
N LEU C 469 -33.76 10.40 6.76
CA LEU C 469 -33.49 8.98 6.57
C LEU C 469 -32.58 8.45 7.65
N LEU C 470 -31.52 9.19 7.97
CA LEU C 470 -30.61 8.75 9.03
C LEU C 470 -31.32 8.67 10.37
N THR C 471 -32.18 9.65 10.67
CA THR C 471 -32.89 9.64 11.94
C THR C 471 -33.83 8.45 12.03
N ARG C 472 -34.61 8.22 10.97
CA ARG C 472 -35.54 7.10 10.97
C ARG C 472 -34.80 5.78 11.06
N GLY C 473 -33.69 5.64 10.33
CA GLY C 473 -32.93 4.41 10.39
C GLY C 473 -32.33 4.17 11.75
N THR C 474 -31.79 5.21 12.38
CA THR C 474 -31.22 5.05 13.71
C THR C 474 -32.30 4.68 14.73
N ALA C 475 -33.48 5.29 14.61
CA ALA C 475 -34.57 4.96 15.52
C ALA C 475 -34.99 3.51 15.36
N LEU C 476 -35.17 3.07 14.11
CA LEU C 476 -35.53 1.69 13.87
C LEU C 476 -34.47 0.72 14.39
N THR C 477 -33.20 1.04 14.12
CA THR C 477 -32.11 0.18 14.58
C THR C 477 -32.09 0.08 16.10
N GLU C 478 -32.35 1.18 16.80
CA GLU C 478 -32.46 1.11 18.26
C GLU C 478 -33.74 0.45 18.71
N LEU C 479 -34.72 0.30 17.81
CA LEU C 479 -35.96 -0.36 18.13
C LEU C 479 -35.91 -1.87 17.95
N LEU C 480 -35.02 -2.36 17.09
CA LEU C 480 -34.89 -3.79 16.87
C LEU C 480 -34.17 -4.50 18.01
N LYS C 481 -33.63 -3.76 18.97
CA LYS C 481 -32.90 -4.37 20.06
C LYS C 481 -33.84 -5.02 21.06
N GLN C 482 -33.34 -6.05 21.74
CA GLN C 482 -34.14 -6.77 22.70
C GLN C 482 -33.23 -7.34 23.78
N ARG C 483 -33.83 -7.65 24.92
CA ARG C 483 -33.13 -8.24 26.03
C ARG C 483 -33.12 -9.76 25.89
N GLN C 484 -32.31 -10.41 26.71
CA GLN C 484 -32.24 -11.86 26.72
C GLN C 484 -33.39 -12.45 27.51
N TYR C 485 -34.00 -13.51 26.96
CA TYR C 485 -35.13 -14.18 27.59
C TYR C 485 -36.31 -13.24 27.75
N SER C 486 -36.54 -12.39 26.75
CA SER C 486 -37.65 -11.44 26.75
C SER C 486 -38.22 -11.35 25.35
N PRO C 487 -39.02 -12.33 24.94
CA PRO C 487 -39.68 -12.25 23.64
C PRO C 487 -40.84 -11.27 23.63
N MET C 488 -41.51 -11.15 22.49
CA MET C 488 -42.64 -10.27 22.32
C MET C 488 -43.71 -10.94 21.48
N LYS C 489 -44.96 -10.70 21.82
CA LYS C 489 -46.06 -11.22 21.01
C LYS C 489 -46.07 -10.53 19.65
N ASN C 490 -46.89 -11.07 18.74
CA ASN C 490 -46.97 -10.51 17.40
C ASN C 490 -47.70 -9.18 17.38
N SER C 491 -48.82 -9.09 18.12
CA SER C 491 -49.57 -7.85 18.16
C SER C 491 -48.75 -6.72 18.76
N VAL C 492 -48.01 -7.02 19.83
CA VAL C 492 -47.16 -6.00 20.45
C VAL C 492 -46.09 -5.54 19.47
N GLN C 493 -45.49 -6.48 18.72
CA GLN C 493 -44.53 -6.10 17.71
C GLN C 493 -45.16 -5.18 16.68
N VAL C 494 -46.38 -5.50 16.24
CA VAL C 494 -47.05 -4.68 15.25
C VAL C 494 -47.27 -3.27 15.78
N CYS C 495 -47.73 -3.17 17.03
CA CYS C 495 -47.97 -1.86 17.62
C CYS C 495 -46.68 -1.06 17.72
N VAL C 496 -45.61 -1.70 18.17
CA VAL C 496 -44.34 -0.99 18.36
C VAL C 496 -43.81 -0.49 17.02
N LEU C 497 -43.85 -1.35 16.00
CA LEU C 497 -43.32 -0.93 14.71
C LEU C 497 -44.24 0.10 14.05
N TYR C 498 -45.53 0.07 14.35
CA TYR C 498 -46.41 1.13 13.89
C TYR C 498 -46.03 2.46 14.51
N CYS C 499 -45.73 2.46 15.81
CA CYS C 499 -45.21 3.67 16.44
C CYS C 499 -43.92 4.12 15.77
N GLY C 500 -43.05 3.18 15.42
CA GLY C 500 -41.75 3.54 14.90
C GLY C 500 -41.79 4.12 13.50
N VAL C 501 -42.59 3.52 12.62
CA VAL C 501 -42.59 3.88 11.21
C VAL C 501 -43.53 5.04 10.94
N LYS C 502 -44.03 5.69 12.00
CA LYS C 502 -44.89 6.86 11.86
C LYS C 502 -44.26 8.10 12.48
N GLY C 503 -42.92 8.13 12.53
CA GLY C 503 -42.21 9.31 12.98
C GLY C 503 -42.36 9.66 14.44
N TYR C 504 -43.05 8.83 15.23
CA TYR C 504 -43.21 9.14 16.65
C TYR C 504 -41.91 8.98 17.43
N LEU C 505 -40.92 8.30 16.86
CA LEU C 505 -39.61 8.12 17.49
C LEU C 505 -38.51 8.97 16.87
N ASP C 506 -38.76 9.60 15.72
CA ASP C 506 -37.73 10.41 15.09
C ASP C 506 -37.28 11.56 15.98
N PRO C 507 -38.16 12.43 16.49
CA PRO C 507 -37.68 13.48 17.39
C PRO C 507 -37.20 12.94 18.71
N LEU C 508 -37.73 11.81 19.16
CA LEU C 508 -37.33 11.23 20.43
C LEU C 508 -35.86 10.83 20.40
N ASP C 509 -35.20 10.96 21.53
CA ASP C 509 -33.78 10.63 21.60
C ASP C 509 -33.59 9.12 21.41
N PRO C 510 -32.44 8.71 20.86
CA PRO C 510 -32.23 7.27 20.66
C PRO C 510 -32.23 6.46 21.94
N LYS C 511 -31.52 6.91 22.98
CA LYS C 511 -31.39 6.10 24.17
C LYS C 511 -32.72 5.91 24.89
N GLU C 512 -33.63 6.87 24.75
CA GLU C 512 -34.91 6.77 25.43
C GLU C 512 -35.78 5.67 24.83
N ILE C 513 -35.57 5.37 23.55
CA ILE C 513 -36.46 4.48 22.81
C ILE C 513 -36.61 3.14 23.52
N SER C 514 -35.61 2.73 24.28
CA SER C 514 -35.75 1.52 25.07
C SER C 514 -36.93 1.65 26.02
N ARG C 515 -36.82 2.56 27.00
CA ARG C 515 -37.82 2.57 28.06
C ARG C 515 -39.18 2.97 27.52
N PHE C 516 -39.20 3.91 26.56
CA PHE C 516 -40.40 4.20 25.81
C PHE C 516 -41.14 2.92 25.45
N GLU C 517 -40.45 2.05 24.72
CA GLU C 517 -41.06 0.80 24.29
C GLU C 517 -41.68 0.07 25.47
N SER C 518 -40.90 -0.13 26.53
CA SER C 518 -41.41 -0.85 27.68
C SER C 518 -42.67 -0.19 28.19
N LEU C 519 -42.61 1.12 28.43
CA LEU C 519 -43.79 1.82 28.93
C LEU C 519 -44.96 1.63 27.97
N PHE C 520 -44.70 1.82 26.68
CA PHE C 520 -45.79 1.69 25.71
C PHE C 520 -46.43 0.32 25.84
N ILE C 521 -45.62 -0.73 25.98
CA ILE C 521 -46.17 -2.07 26.07
C ILE C 521 -47.11 -2.15 27.25
N ASP C 522 -46.65 -1.69 28.42
CA ASP C 522 -47.49 -1.77 29.61
C ASP C 522 -48.79 -1.02 29.38
N TYR C 523 -48.74 0.11 28.68
CA TYR C 523 -49.96 0.85 28.41
C TYR C 523 -50.94 0.01 27.63
N ILE C 524 -50.49 -0.61 26.53
CA ILE C 524 -51.38 -1.40 25.71
C ILE C 524 -51.75 -2.75 26.30
N ASN C 525 -51.10 -3.15 27.39
CA ASN C 525 -51.51 -4.35 28.13
C ASN C 525 -52.48 -4.04 29.26
N ALA C 526 -52.81 -2.76 29.47
CA ALA C 526 -53.69 -2.34 30.54
C ALA C 526 -55.07 -1.95 30.02
N ASN C 527 -55.13 -1.06 29.03
CA ASN C 527 -56.40 -0.53 28.53
C ASN C 527 -56.79 -1.12 27.19
N HIS C 528 -55.84 -1.27 26.27
CA HIS C 528 -56.13 -1.60 24.87
C HIS C 528 -55.96 -3.08 24.58
N GLN C 529 -56.34 -3.94 25.53
CA GLN C 529 -56.32 -5.38 25.26
C GLN C 529 -57.23 -5.74 24.10
N ASP C 530 -58.31 -4.98 23.91
CA ASP C 530 -59.23 -5.28 22.81
C ASP C 530 -58.54 -5.13 21.46
N ILE C 531 -57.66 -4.14 21.34
CA ILE C 531 -56.90 -3.99 20.09
C ILE C 531 -56.04 -5.22 19.85
N LEU C 532 -55.38 -5.72 20.89
CA LEU C 532 -54.51 -6.87 20.75
C LEU C 532 -55.30 -8.10 20.34
N LYS C 533 -56.45 -8.33 20.98
CA LYS C 533 -57.26 -9.49 20.61
C LYS C 533 -57.81 -9.35 19.20
N THR C 534 -58.16 -8.12 18.80
CA THR C 534 -58.67 -7.91 17.45
C THR C 534 -57.58 -8.19 16.41
N ILE C 535 -56.35 -7.81 16.71
CA ILE C 535 -55.25 -8.08 15.78
C ILE C 535 -54.95 -9.58 15.74
N GLU C 536 -54.94 -10.23 16.90
CA GLU C 536 -54.65 -11.66 16.94
C GLU C 536 -55.74 -12.48 16.27
N THR C 537 -56.98 -11.97 16.25
CA THR C 537 -58.08 -12.70 15.61
C THR C 537 -58.13 -12.40 14.12
N GLU C 538 -58.29 -11.11 13.77
CA GLU C 538 -58.40 -10.74 12.37
C GLU C 538 -57.09 -10.93 11.61
N LYS C 539 -55.97 -10.84 12.31
CA LYS C 539 -54.65 -10.92 11.67
C LYS C 539 -54.50 -9.80 10.63
N GLU C 540 -55.06 -8.63 10.93
CA GLU C 540 -55.08 -7.54 9.99
C GLU C 540 -55.27 -6.23 10.72
N LEU C 541 -54.68 -5.16 10.16
CA LEU C 541 -54.82 -3.81 10.69
C LEU C 541 -55.80 -3.04 9.81
N SER C 542 -57.08 -3.14 10.15
CA SER C 542 -58.08 -2.34 9.45
C SER C 542 -57.95 -0.88 9.84
N GLU C 543 -58.71 -0.03 9.16
CA GLU C 543 -58.64 1.40 9.43
C GLU C 543 -59.13 1.75 10.83
N LYS C 544 -60.09 0.98 11.35
CA LYS C 544 -60.62 1.26 12.68
C LYS C 544 -59.59 0.96 13.75
N THR C 545 -58.99 -0.23 13.70
CA THR C 545 -57.93 -0.56 14.64
C THR C 545 -56.74 0.36 14.47
N GLU C 546 -56.45 0.77 13.24
CA GLU C 546 -55.34 1.70 13.00
C GLU C 546 -55.61 3.04 13.67
N ALA C 547 -56.83 3.55 13.56
CA ALA C 547 -57.17 4.82 14.19
C ALA C 547 -57.15 4.69 15.71
N LYS C 548 -57.65 3.58 16.23
CA LYS C 548 -57.56 3.33 17.67
C LYS C 548 -56.11 3.33 18.13
N LEU C 549 -55.24 2.70 17.36
CA LEU C 549 -53.83 2.64 17.74
C LEU C 549 -53.18 4.01 17.69
N ARG C 550 -53.53 4.81 16.68
CA ARG C 550 -52.99 6.17 16.63
C ARG C 550 -53.48 7.00 17.81
N ALA C 551 -54.74 6.85 18.19
CA ALA C 551 -55.24 7.57 19.35
C ALA C 551 -54.52 7.15 20.63
N ALA C 552 -54.27 5.85 20.77
CA ALA C 552 -53.56 5.36 21.95
C ALA C 552 -52.12 5.89 21.97
N VAL C 553 -51.48 5.93 20.81
CA VAL C 553 -50.12 6.44 20.73
C VAL C 553 -50.09 7.93 21.08
N ASP C 554 -51.08 8.67 20.62
CA ASP C 554 -51.15 10.10 20.94
C ASP C 554 -51.33 10.29 22.44
N GLU C 555 -52.24 9.54 23.05
CA GLU C 555 -52.44 9.63 24.49
C GLU C 555 -51.18 9.24 25.25
N PHE C 556 -50.41 8.30 24.72
CA PHE C 556 -49.18 7.87 25.39
C PHE C 556 -48.12 8.96 25.31
N VAL C 557 -47.94 9.54 24.13
CA VAL C 557 -46.92 10.58 24.00
C VAL C 557 -47.34 11.80 24.80
N ALA C 558 -48.64 12.02 24.96
CA ALA C 558 -49.12 13.14 25.76
C ALA C 558 -48.83 12.91 27.24
N MET C 559 -49.22 11.75 27.77
CA MET C 559 -49.15 11.52 29.21
C MET C 559 -47.73 11.32 29.72
N ASN C 560 -46.74 11.16 28.85
CA ASN C 560 -45.39 10.80 29.26
C ASN C 560 -44.38 11.76 28.66
N GLU C 561 -43.31 12.00 29.40
CA GLU C 561 -42.27 12.95 29.06
C GLU C 561 -40.99 12.21 28.70
N PHE C 562 -40.30 12.72 27.67
CA PHE C 562 -39.04 12.16 27.22
C PHE C 562 -38.08 13.30 26.94
N LYS C 563 -36.86 12.94 26.54
CA LYS C 563 -35.84 13.96 26.30
C LYS C 563 -36.21 14.88 25.14
N LYS C 564 -36.97 14.37 24.18
CA LYS C 564 -37.41 15.18 23.05
C LYS C 564 -38.80 14.77 22.60
N GLU D 78 0.93 -66.33 -28.28
CA GLU D 78 0.20 -66.98 -27.21
C GLU D 78 -1.11 -66.28 -26.94
N VAL D 79 -1.90 -66.83 -26.00
CA VAL D 79 -3.18 -66.27 -25.63
C VAL D 79 -3.27 -66.21 -24.11
N GLY D 80 -4.20 -65.38 -23.64
CA GLY D 80 -4.43 -65.20 -22.23
C GLY D 80 -5.91 -64.97 -21.98
N ARG D 81 -6.24 -64.81 -20.70
CA ARG D 81 -7.63 -64.64 -20.29
C ARG D 81 -7.70 -63.48 -19.32
N VAL D 82 -8.80 -62.74 -19.39
CA VAL D 82 -8.98 -61.58 -18.53
C VAL D 82 -9.34 -62.05 -17.13
N VAL D 83 -8.72 -61.42 -16.14
CA VAL D 83 -8.92 -61.74 -14.75
C VAL D 83 -9.71 -60.66 -14.04
N SER D 84 -9.44 -59.39 -14.35
CA SER D 84 -10.18 -58.30 -13.76
C SER D 84 -10.38 -57.20 -14.79
N VAL D 85 -11.48 -56.48 -14.64
CA VAL D 85 -11.87 -55.43 -15.56
C VAL D 85 -12.45 -54.28 -14.75
N GLY D 86 -12.08 -53.06 -15.12
CA GLY D 86 -12.67 -51.91 -14.49
C GLY D 86 -12.12 -50.58 -14.95
N ASP D 87 -13.01 -49.65 -15.26
CA ASP D 87 -12.62 -48.28 -15.58
C ASP D 87 -11.63 -48.27 -16.73
N GLY D 88 -12.02 -48.90 -17.84
CA GLY D 88 -11.19 -48.89 -19.02
C GLY D 88 -9.83 -49.51 -18.82
N ILE D 89 -9.68 -50.39 -17.84
CA ILE D 89 -8.40 -51.07 -17.61
C ILE D 89 -8.66 -52.53 -17.28
N ALA D 90 -7.79 -53.38 -17.79
CA ALA D 90 -7.88 -54.81 -17.62
C ALA D 90 -6.63 -55.36 -16.98
N ARG D 91 -6.81 -56.42 -16.21
CA ARG D 91 -5.72 -57.17 -15.59
C ARG D 91 -5.84 -58.59 -16.09
N LEU D 92 -4.85 -59.00 -16.87
CA LEU D 92 -4.82 -60.30 -17.54
C LEU D 92 -3.97 -61.28 -16.76
N PHE D 93 -4.19 -62.56 -17.07
CA PHE D 93 -3.34 -63.66 -16.63
C PHE D 93 -2.90 -64.42 -17.86
N GLY D 94 -1.61 -64.33 -18.18
CA GLY D 94 -1.05 -65.03 -19.31
C GLY D 94 -0.24 -64.10 -20.16
N LEU D 95 0.06 -64.56 -21.36
CA LEU D 95 0.86 -63.81 -22.32
C LEU D 95 2.23 -63.48 -21.73
N GLU D 96 2.99 -64.54 -21.44
CA GLU D 96 4.30 -64.36 -20.87
C GLU D 96 5.31 -63.80 -21.87
N GLY D 97 4.96 -63.78 -23.16
CA GLY D 97 5.86 -63.28 -24.17
C GLY D 97 5.41 -61.96 -24.75
N VAL D 98 4.92 -61.07 -23.90
CA VAL D 98 4.42 -59.78 -24.35
C VAL D 98 5.54 -58.75 -24.26
N GLN D 99 5.64 -57.94 -25.30
CA GLN D 99 6.52 -56.78 -25.26
C GLN D 99 5.81 -55.64 -24.54
N ALA D 100 6.51 -54.99 -23.62
CA ALA D 100 5.95 -53.84 -22.95
C ALA D 100 5.68 -52.73 -23.95
N GLY D 101 4.39 -52.47 -24.18
CA GLY D 101 3.97 -51.43 -25.09
C GLY D 101 3.36 -51.91 -26.37
N GLU D 102 3.02 -53.18 -26.48
CA GLU D 102 2.50 -53.73 -27.72
C GLU D 102 0.98 -53.75 -27.71
N LEU D 103 0.41 -53.87 -28.90
CA LEU D 103 -1.02 -53.94 -29.06
C LEU D 103 -1.54 -55.32 -28.69
N VAL D 104 -2.77 -55.34 -28.17
CA VAL D 104 -3.41 -56.55 -27.69
C VAL D 104 -4.85 -56.53 -28.17
N GLU D 105 -5.38 -57.68 -28.54
CA GLU D 105 -6.70 -57.79 -29.14
C GLU D 105 -7.57 -58.73 -28.33
N PHE D 106 -8.77 -58.28 -28.01
CA PHE D 106 -9.75 -59.09 -27.32
C PHE D 106 -10.62 -59.82 -28.34
N GLN D 107 -11.56 -60.63 -27.84
CA GLN D 107 -12.43 -61.42 -28.70
C GLN D 107 -13.69 -60.68 -29.10
N ASN D 108 -13.65 -59.35 -29.09
CA ASN D 108 -14.81 -58.55 -29.50
C ASN D 108 -14.39 -57.36 -30.35
N GLY D 109 -13.15 -57.34 -30.86
CA GLY D 109 -12.68 -56.27 -31.70
C GLY D 109 -11.94 -55.17 -30.97
N MET D 110 -12.17 -55.02 -29.67
CA MET D 110 -11.49 -53.98 -28.92
C MET D 110 -9.99 -54.25 -28.84
N THR D 111 -9.23 -53.17 -28.73
CA THR D 111 -7.78 -53.22 -28.63
C THR D 111 -7.32 -52.65 -27.30
N GLY D 112 -6.06 -52.94 -26.99
CA GLY D 112 -5.47 -52.49 -25.75
C GLY D 112 -3.96 -52.39 -25.89
N MET D 113 -3.36 -51.81 -24.85
CA MET D 113 -1.94 -51.54 -24.80
C MET D 113 -1.43 -52.01 -23.44
N ALA D 114 -0.43 -52.88 -23.45
CA ALA D 114 0.13 -53.44 -22.24
C ALA D 114 1.21 -52.53 -21.70
N LEU D 115 1.05 -52.12 -20.44
CA LEU D 115 2.00 -51.20 -19.80
C LEU D 115 2.67 -51.80 -18.58
N ASN D 116 1.89 -52.39 -17.69
CA ASN D 116 2.39 -52.91 -16.43
C ASN D 116 2.58 -54.41 -16.58
N LEU D 117 3.81 -54.83 -16.89
CA LEU D 117 4.15 -56.25 -16.96
C LEU D 117 4.55 -56.72 -15.58
N GLU D 118 3.55 -56.90 -14.73
CA GLU D 118 3.77 -57.44 -13.41
C GLU D 118 4.13 -58.92 -13.52
N THR D 119 4.38 -59.54 -12.36
CA THR D 119 4.80 -60.93 -12.36
C THR D 119 3.62 -61.85 -12.64
N ASP D 120 2.55 -61.73 -11.85
CA ASP D 120 1.41 -62.63 -12.00
C ASP D 120 0.52 -62.21 -13.15
N ASN D 121 0.16 -60.93 -13.23
CA ASN D 121 -0.81 -60.41 -14.17
C ASN D 121 -0.16 -59.39 -15.09
N VAL D 122 -0.97 -58.86 -16.01
CA VAL D 122 -0.53 -57.86 -16.98
C VAL D 122 -1.56 -56.75 -17.03
N GLY D 123 -1.09 -55.51 -16.97
CA GLY D 123 -1.98 -54.36 -16.94
C GLY D 123 -2.15 -53.72 -18.30
N VAL D 124 -3.36 -53.84 -18.84
CA VAL D 124 -3.71 -53.34 -20.15
C VAL D 124 -4.64 -52.16 -20.02
N VAL D 125 -4.42 -51.16 -20.87
CA VAL D 125 -5.31 -50.02 -21.01
C VAL D 125 -6.06 -50.17 -22.32
N ILE D 126 -7.36 -49.92 -22.29
CA ILE D 126 -8.24 -50.27 -23.39
C ILE D 126 -8.49 -49.03 -24.26
N PHE D 127 -8.56 -49.25 -25.57
CA PHE D 127 -8.88 -48.19 -26.52
C PHE D 127 -10.38 -48.19 -26.82
N GLY D 128 -11.17 -47.91 -25.79
CA GLY D 128 -12.59 -47.82 -25.92
C GLY D 128 -13.27 -48.10 -24.60
N ASP D 129 -14.55 -48.47 -24.69
CA ASP D 129 -15.34 -48.76 -23.51
C ASP D 129 -15.07 -50.16 -22.99
N ASP D 130 -15.25 -50.34 -21.68
CA ASP D 130 -15.00 -51.61 -21.03
C ASP D 130 -16.24 -52.48 -20.91
N ARG D 131 -17.37 -52.06 -21.49
CA ARG D 131 -18.57 -52.89 -21.48
C ARG D 131 -18.38 -54.18 -22.27
N SER D 132 -17.44 -54.19 -23.21
CA SER D 132 -17.24 -55.35 -24.07
C SER D 132 -16.48 -56.47 -23.37
N VAL D 133 -15.61 -56.13 -22.42
CA VAL D 133 -14.74 -57.10 -21.76
C VAL D 133 -15.50 -57.71 -20.58
N LEU D 134 -15.27 -59.01 -20.33
CA LEU D 134 -16.19 -59.78 -19.49
C LEU D 134 -15.52 -60.70 -18.47
N GLU D 135 -14.24 -60.50 -18.14
CA GLU D 135 -13.59 -61.27 -17.08
C GLU D 135 -13.62 -62.77 -17.40
N GLY D 136 -12.87 -63.12 -18.42
CA GLY D 136 -12.83 -64.49 -18.93
C GLY D 136 -12.65 -64.51 -20.43
N ASP D 137 -12.80 -63.35 -21.05
CA ASP D 137 -12.61 -63.25 -22.49
C ASP D 137 -11.18 -63.63 -22.87
N SER D 138 -11.06 -64.29 -24.02
CA SER D 138 -9.76 -64.60 -24.57
C SER D 138 -9.09 -63.34 -25.10
N VAL D 139 -7.77 -63.32 -25.04
CA VAL D 139 -6.97 -62.17 -25.42
C VAL D 139 -5.75 -62.68 -26.16
N LYS D 140 -5.32 -61.95 -27.17
CA LYS D 140 -4.22 -62.38 -28.02
C LYS D 140 -3.32 -61.21 -28.33
N ARG D 141 -2.02 -61.48 -28.39
CA ARG D 141 -1.03 -60.48 -28.73
C ARG D 141 -0.72 -60.53 -30.21
N THR D 142 -0.67 -59.35 -30.83
CA THR D 142 -0.37 -59.25 -32.24
C THR D 142 1.12 -59.15 -32.53
N GLY D 143 1.92 -58.80 -31.53
CA GLY D 143 3.34 -58.63 -31.69
C GLY D 143 3.77 -57.26 -32.16
N ARG D 144 2.82 -56.46 -32.64
CA ARG D 144 3.13 -55.12 -33.11
C ARG D 144 3.24 -54.16 -31.93
N ILE D 145 4.30 -53.38 -31.90
CA ILE D 145 4.32 -52.23 -31.01
C ILE D 145 3.36 -51.19 -31.58
N VAL D 146 2.75 -50.41 -30.69
CA VAL D 146 1.71 -49.49 -31.11
C VAL D 146 2.27 -48.51 -32.12
N ASP D 147 1.68 -48.47 -33.30
CA ASP D 147 2.19 -47.70 -34.43
C ASP D 147 1.04 -47.07 -35.17
N VAL D 148 1.38 -46.13 -36.05
CA VAL D 148 0.40 -45.35 -36.80
C VAL D 148 0.86 -45.20 -38.24
N PRO D 149 -0.06 -44.99 -39.16
CA PRO D 149 0.33 -44.74 -40.55
C PRO D 149 0.88 -43.34 -40.73
N ILE D 150 1.65 -43.18 -41.81
CA ILE D 150 2.25 -41.91 -42.15
C ILE D 150 2.24 -41.76 -43.66
N GLY D 151 2.21 -40.51 -44.12
CA GLY D 151 2.30 -40.23 -45.54
C GLY D 151 1.49 -39.03 -45.95
N PRO D 152 1.41 -38.79 -47.25
CA PRO D 152 0.53 -37.74 -47.77
C PRO D 152 -0.94 -38.16 -47.83
N GLY D 153 -1.25 -39.42 -47.56
CA GLY D 153 -2.63 -39.85 -47.49
C GLY D 153 -3.40 -39.24 -46.33
N LEU D 154 -2.69 -38.76 -45.31
CA LEU D 154 -3.30 -38.12 -44.17
C LEU D 154 -3.72 -36.69 -44.45
N LEU D 155 -3.13 -36.05 -45.45
CA LEU D 155 -3.39 -34.65 -45.73
C LEU D 155 -4.83 -34.45 -46.20
N GLY D 156 -5.53 -33.52 -45.55
CA GLY D 156 -6.92 -33.28 -45.82
C GLY D 156 -7.87 -34.17 -45.05
N ARG D 157 -7.37 -35.01 -44.16
CA ARG D 157 -8.17 -36.00 -43.47
C ARG D 157 -8.13 -35.73 -41.97
N VAL D 158 -9.19 -36.19 -41.29
CA VAL D 158 -9.29 -36.13 -39.84
C VAL D 158 -9.30 -37.55 -39.33
N VAL D 159 -8.40 -37.85 -38.39
CA VAL D 159 -8.18 -39.20 -37.92
C VAL D 159 -8.11 -39.17 -36.40
N ASP D 160 -8.30 -40.35 -35.81
CA ASP D 160 -8.17 -40.49 -34.37
C ASP D 160 -6.70 -40.69 -34.01
N ALA D 161 -6.46 -41.05 -32.75
CA ALA D 161 -5.09 -41.19 -32.28
C ALA D 161 -4.36 -42.32 -32.98
N LEU D 162 -5.08 -43.30 -33.50
CA LEU D 162 -4.49 -44.50 -34.07
C LEU D 162 -4.53 -44.50 -35.60
N GLY D 163 -4.83 -43.36 -36.21
CA GLY D 163 -4.87 -43.26 -37.65
C GLY D 163 -6.17 -43.71 -38.29
N ASN D 164 -7.12 -44.16 -37.51
CA ASN D 164 -8.42 -44.53 -38.05
C ASN D 164 -9.21 -43.27 -38.38
N PRO D 165 -9.73 -43.13 -39.60
CA PRO D 165 -10.39 -41.89 -39.97
C PRO D 165 -11.76 -41.74 -39.33
N ILE D 166 -12.16 -40.49 -39.14
CA ILE D 166 -13.48 -40.14 -38.62
C ILE D 166 -14.17 -39.10 -39.47
N ASP D 167 -13.55 -38.63 -40.55
CA ASP D 167 -14.21 -37.75 -41.48
C ASP D 167 -15.46 -38.40 -42.07
N GLY D 168 -15.46 -39.72 -42.18
CA GLY D 168 -16.54 -40.43 -42.78
C GLY D 168 -16.48 -40.57 -44.28
N LYS D 169 -15.32 -40.29 -44.90
CA LYS D 169 -15.16 -40.37 -46.36
C LYS D 169 -13.89 -41.17 -46.68
N GLY D 170 -14.03 -42.49 -46.73
CA GLY D 170 -13.00 -43.34 -47.26
C GLY D 170 -11.97 -43.73 -46.23
N PRO D 171 -11.16 -44.75 -46.56
CA PRO D 171 -10.07 -45.14 -45.66
C PRO D 171 -8.82 -44.31 -45.85
N ILE D 172 -7.75 -44.69 -45.14
CA ILE D 172 -6.48 -43.97 -45.18
C ILE D 172 -5.57 -44.69 -46.17
N PRO D 173 -5.30 -44.13 -47.35
CA PRO D 173 -4.36 -44.76 -48.30
C PRO D 173 -2.90 -44.48 -47.95
N ALA D 174 -2.36 -45.29 -47.03
CA ALA D 174 -0.97 -45.16 -46.63
C ALA D 174 -0.41 -46.55 -46.34
N LYS D 175 0.77 -46.82 -46.87
CA LYS D 175 1.39 -48.15 -46.79
C LYS D 175 2.43 -48.25 -45.70
N GLU D 176 3.21 -47.19 -45.47
CA GLU D 176 4.29 -47.22 -44.50
C GLU D 176 3.79 -46.73 -43.14
N ARG D 177 4.18 -47.45 -42.09
CA ARG D 177 3.81 -47.13 -40.73
C ARG D 177 5.03 -46.67 -39.96
N ARG D 178 4.78 -46.22 -38.72
CA ARG D 178 5.83 -45.68 -37.88
C ARG D 178 5.44 -45.91 -36.43
N ARG D 179 6.44 -46.25 -35.63
CA ARG D 179 6.22 -46.48 -34.21
C ARG D 179 5.92 -45.17 -33.50
N VAL D 180 5.05 -45.26 -32.49
CA VAL D 180 4.61 -44.07 -31.77
C VAL D 180 5.72 -43.55 -30.87
N GLU D 181 6.14 -44.35 -29.90
CA GLU D 181 7.21 -43.96 -29.00
C GLU D 181 8.55 -44.31 -29.65
N LEU D 182 9.38 -43.31 -29.85
CA LEU D 182 10.65 -43.48 -30.55
C LEU D 182 11.72 -42.61 -29.90
N LYS D 183 12.96 -42.90 -30.25
CA LYS D 183 14.10 -42.13 -29.77
C LYS D 183 14.27 -40.89 -30.63
N ALA D 184 14.37 -39.74 -29.97
CA ALA D 184 14.58 -38.50 -30.67
C ALA D 184 15.94 -38.49 -31.37
N PRO D 185 16.13 -37.61 -32.34
CA PRO D 185 17.42 -37.54 -33.02
C PRO D 185 18.47 -36.89 -32.15
N GLY D 186 19.71 -37.32 -32.35
CA GLY D 186 20.81 -36.92 -31.50
C GLY D 186 21.36 -35.54 -31.81
N ILE D 187 22.55 -35.29 -31.26
CA ILE D 187 23.17 -33.98 -31.33
C ILE D 187 23.79 -33.70 -32.69
N ILE D 188 24.31 -34.73 -33.36
CA ILE D 188 25.08 -34.55 -34.58
C ILE D 188 24.17 -34.27 -35.77
N PRO D 189 23.12 -35.06 -36.01
CA PRO D 189 22.24 -34.78 -37.14
C PRO D 189 21.26 -33.64 -36.86
N ARG D 190 21.81 -32.46 -36.60
CA ARG D 190 21.01 -31.29 -36.34
C ARG D 190 21.79 -30.07 -36.80
N LYS D 191 21.12 -28.92 -36.81
CA LYS D 191 21.78 -27.68 -37.12
C LYS D 191 21.01 -26.55 -36.49
N SER D 192 21.59 -25.36 -36.54
CA SER D 192 20.96 -24.19 -35.95
C SER D 192 19.71 -23.80 -36.72
N VAL D 193 18.85 -23.06 -36.05
CA VAL D 193 17.60 -22.59 -36.61
C VAL D 193 17.86 -21.26 -37.32
N HIS D 194 17.56 -21.22 -38.61
CA HIS D 194 17.80 -20.02 -39.42
C HIS D 194 16.60 -19.60 -40.24
N GLU D 195 15.68 -20.50 -40.55
CA GLU D 195 14.53 -20.14 -41.37
C GLU D 195 13.37 -19.75 -40.46
N PRO D 196 12.58 -18.76 -40.84
CA PRO D 196 11.41 -18.39 -40.03
C PRO D 196 10.16 -19.18 -40.41
N MET D 197 9.24 -19.20 -39.47
CA MET D 197 7.94 -19.83 -39.64
C MET D 197 6.93 -18.70 -39.57
N MET D 198 6.42 -18.29 -40.72
CA MET D 198 5.56 -17.12 -40.80
C MET D 198 4.23 -17.42 -40.13
N THR D 199 4.01 -16.77 -38.99
CA THR D 199 2.81 -16.99 -38.20
C THR D 199 1.62 -16.18 -38.71
N GLY D 200 1.87 -15.14 -39.51
CA GLY D 200 0.82 -14.30 -40.00
C GLY D 200 0.51 -13.12 -39.13
N LEU D 201 0.76 -13.24 -37.83
CA LEU D 201 0.55 -12.12 -36.93
C LEU D 201 1.72 -11.15 -37.03
N LYS D 202 1.54 -9.99 -36.40
CA LYS D 202 2.53 -8.93 -36.41
C LYS D 202 3.41 -8.94 -35.17
N CYS D 203 2.79 -9.07 -34.00
CA CYS D 203 3.57 -9.08 -32.76
C CYS D 203 4.44 -10.32 -32.67
N VAL D 204 3.94 -11.47 -33.12
CA VAL D 204 4.75 -12.68 -33.09
C VAL D 204 5.90 -12.59 -34.08
N ASP D 205 5.58 -12.33 -35.35
CA ASP D 205 6.59 -12.32 -36.39
C ASP D 205 7.63 -11.23 -36.21
N ALA D 206 7.34 -10.24 -35.38
CA ALA D 206 8.23 -9.10 -35.16
C ALA D 206 8.98 -9.20 -33.84
N LEU D 207 8.26 -9.37 -32.73
CA LEU D 207 8.83 -9.27 -31.41
C LEU D 207 9.09 -10.63 -30.76
N VAL D 208 8.39 -11.67 -31.21
CA VAL D 208 8.54 -13.00 -30.66
C VAL D 208 8.69 -13.97 -31.83
N PRO D 209 9.76 -13.88 -32.60
CA PRO D 209 9.85 -14.67 -33.83
C PRO D 209 9.96 -16.16 -33.57
N VAL D 210 9.57 -16.93 -34.59
CA VAL D 210 9.53 -18.38 -34.51
C VAL D 210 10.29 -18.93 -35.70
N GLY D 211 11.07 -19.98 -35.46
CA GLY D 211 11.87 -20.61 -36.48
C GLY D 211 11.36 -22.00 -36.83
N ARG D 212 12.08 -22.62 -37.77
CA ARG D 212 11.77 -23.96 -38.25
C ARG D 212 12.73 -24.95 -37.61
N GLY D 213 12.22 -25.71 -36.65
CA GLY D 213 13.03 -26.53 -35.79
C GLY D 213 12.93 -26.10 -34.34
N GLN D 214 12.06 -25.14 -34.09
CA GLN D 214 11.88 -24.54 -32.79
C GLN D 214 10.72 -25.21 -32.06
N ARG D 215 10.66 -24.98 -30.74
CA ARG D 215 9.60 -25.50 -29.88
C ARG D 215 9.15 -24.36 -29.00
N GLU D 216 8.10 -23.67 -29.42
CA GLU D 216 7.64 -22.47 -28.73
C GLU D 216 6.28 -22.72 -28.13
N LEU D 217 6.15 -22.42 -26.85
CA LEU D 217 4.94 -22.66 -26.10
C LEU D 217 3.97 -21.49 -26.26
N ILE D 218 2.69 -21.82 -26.25
CA ILE D 218 1.62 -20.83 -26.24
C ILE D 218 0.85 -21.08 -24.95
N ILE D 219 1.18 -20.30 -23.93
CA ILE D 219 0.68 -20.51 -22.58
C ILE D 219 -0.21 -19.34 -22.20
N GLY D 220 -1.35 -19.64 -21.60
CA GLY D 220 -2.23 -18.59 -21.15
C GLY D 220 -3.35 -19.14 -20.31
N ASP D 221 -4.35 -18.29 -20.11
CA ASP D 221 -5.55 -18.66 -19.40
C ASP D 221 -6.63 -19.09 -20.40
N ARG D 222 -7.80 -19.40 -19.90
CA ARG D 222 -8.91 -19.79 -20.74
C ARG D 222 -9.51 -18.59 -21.46
N GLN D 223 -9.84 -18.79 -22.74
CA GLN D 223 -10.47 -17.79 -23.59
C GLN D 223 -9.61 -16.53 -23.70
N THR D 224 -8.43 -16.72 -24.30
CA THR D 224 -7.49 -15.63 -24.51
C THR D 224 -6.92 -15.53 -25.92
N GLY D 225 -7.14 -16.51 -26.77
CA GLY D 225 -6.69 -16.43 -28.15
C GLY D 225 -5.50 -17.29 -28.50
N LYS D 226 -5.46 -18.52 -27.99
CA LYS D 226 -4.38 -19.46 -28.27
C LYS D 226 -4.67 -20.28 -29.54
N THR D 227 -5.80 -20.98 -29.53
CA THR D 227 -6.22 -21.70 -30.72
C THR D 227 -6.33 -20.79 -31.91
N ALA D 228 -6.72 -19.54 -31.69
CA ALA D 228 -6.79 -18.57 -32.78
C ALA D 228 -5.40 -18.27 -33.34
N VAL D 229 -4.42 -18.12 -32.47
CA VAL D 229 -3.04 -17.90 -32.93
C VAL D 229 -2.60 -19.07 -33.79
N ALA D 230 -2.84 -20.29 -33.32
CA ALA D 230 -2.41 -21.47 -34.06
C ALA D 230 -3.13 -21.58 -35.40
N VAL D 231 -4.42 -21.29 -35.42
CA VAL D 231 -5.18 -21.41 -36.66
C VAL D 231 -4.79 -20.33 -37.66
N ASP D 232 -4.42 -19.15 -37.18
CA ASP D 232 -3.91 -18.13 -38.08
C ASP D 232 -2.56 -18.54 -38.64
N ALA D 233 -1.72 -19.17 -37.83
CA ALA D 233 -0.47 -19.71 -38.32
C ALA D 233 -0.71 -20.72 -39.43
N ILE D 234 -1.76 -21.54 -39.28
CA ILE D 234 -2.08 -22.52 -40.31
C ILE D 234 -2.58 -21.82 -41.57
N ILE D 235 -3.40 -20.79 -41.41
CA ILE D 235 -4.05 -20.19 -42.57
C ILE D 235 -3.08 -19.36 -43.38
N ASN D 236 -2.05 -18.79 -42.74
CA ASN D 236 -1.14 -17.92 -43.46
C ASN D 236 -0.32 -18.66 -44.52
N GLN D 237 -0.31 -19.99 -44.49
CA GLN D 237 0.58 -20.76 -45.34
C GLN D 237 0.01 -21.09 -46.72
N LYS D 238 -1.27 -20.82 -46.97
CA LYS D 238 -1.85 -21.24 -48.24
C LYS D 238 -1.28 -20.43 -49.40
N GLU D 239 -1.01 -19.14 -49.18
CA GLU D 239 -0.39 -18.34 -50.23
C GLU D 239 1.03 -18.79 -50.49
N ILE D 240 1.79 -19.07 -49.43
CA ILE D 240 3.18 -19.48 -49.57
C ILE D 240 3.25 -20.83 -50.27
N ASN D 241 2.27 -21.70 -50.05
CA ASN D 241 2.31 -23.03 -50.63
C ASN D 241 1.77 -23.03 -52.05
N ASP D 242 0.75 -22.23 -52.31
CA ASP D 242 0.16 -22.19 -53.65
C ASP D 242 1.16 -21.63 -54.67
N SER D 243 1.97 -20.67 -54.25
CA SER D 243 2.91 -20.01 -55.15
C SER D 243 4.25 -20.73 -55.20
N THR D 244 4.20 -22.05 -55.38
CA THR D 244 5.40 -22.87 -55.54
C THR D 244 4.96 -24.30 -55.76
N ASP D 245 5.89 -25.12 -56.26
CA ASP D 245 5.72 -26.56 -56.27
C ASP D 245 6.93 -27.27 -55.70
N ASP D 246 7.77 -26.55 -54.95
CA ASP D 246 8.94 -27.13 -54.30
C ASP D 246 8.56 -27.52 -52.89
N GLU D 247 8.56 -28.84 -52.61
CA GLU D 247 8.17 -29.31 -51.30
C GLU D 247 9.14 -28.87 -50.21
N SER D 248 10.36 -28.48 -50.58
CA SER D 248 11.32 -28.01 -49.59
C SER D 248 10.93 -26.68 -48.99
N LYS D 249 10.09 -25.90 -49.67
CA LYS D 249 9.67 -24.60 -49.20
C LYS D 249 8.28 -24.61 -48.60
N LYS D 250 7.42 -25.52 -49.03
CA LYS D 250 6.10 -25.65 -48.43
C LYS D 250 6.20 -26.05 -46.97
N LEU D 251 5.20 -25.64 -46.21
CA LEU D 251 5.09 -25.95 -44.79
C LEU D 251 3.77 -26.67 -44.57
N TYR D 252 3.85 -27.95 -44.25
CA TYR D 252 2.67 -28.71 -43.89
C TYR D 252 2.37 -28.56 -42.39
N CYS D 253 1.15 -28.89 -42.01
CA CYS D 253 0.67 -28.59 -40.68
C CYS D 253 -0.13 -29.75 -40.12
N ILE D 254 -0.06 -29.90 -38.79
CA ILE D 254 -0.75 -30.96 -38.06
C ILE D 254 -1.36 -30.35 -36.81
N TYR D 255 -2.66 -30.53 -36.63
CA TYR D 255 -3.39 -30.00 -35.47
C TYR D 255 -3.86 -31.16 -34.61
N VAL D 256 -3.28 -31.29 -33.42
CA VAL D 256 -3.62 -32.33 -32.47
C VAL D 256 -4.55 -31.73 -31.43
N ALA D 257 -5.77 -32.27 -31.36
CA ALA D 257 -6.82 -31.82 -30.46
C ALA D 257 -7.03 -32.85 -29.35
N VAL D 258 -6.48 -32.59 -28.17
CA VAL D 258 -6.62 -33.45 -27.00
C VAL D 258 -7.62 -32.81 -26.04
N GLY D 259 -8.63 -33.59 -25.64
CA GLY D 259 -9.60 -33.15 -24.67
C GLY D 259 -10.70 -32.28 -25.21
N GLN D 260 -10.55 -31.75 -26.42
CA GLN D 260 -11.58 -30.90 -26.98
C GLN D 260 -12.84 -31.69 -27.25
N LYS D 261 -13.93 -30.96 -27.46
CA LYS D 261 -15.19 -31.56 -27.88
C LYS D 261 -15.33 -31.48 -29.38
N ARG D 262 -16.06 -32.43 -29.94
CA ARG D 262 -16.11 -32.61 -31.39
C ARG D 262 -16.71 -31.41 -32.08
N SER D 263 -17.56 -30.65 -31.40
CA SER D 263 -18.10 -29.43 -31.98
C SER D 263 -16.99 -28.44 -32.28
N THR D 264 -16.03 -28.28 -31.37
CA THR D 264 -14.93 -27.35 -31.59
C THR D 264 -14.04 -27.79 -32.72
N VAL D 265 -13.74 -29.09 -32.80
CA VAL D 265 -12.90 -29.61 -33.87
C VAL D 265 -13.60 -29.44 -35.20
N ALA D 266 -14.91 -29.64 -35.23
CA ALA D 266 -15.65 -29.44 -36.46
C ALA D 266 -15.65 -27.98 -36.87
N GLN D 267 -15.76 -27.07 -35.89
CA GLN D 267 -15.69 -25.66 -36.22
C GLN D 267 -14.33 -25.29 -36.80
N ILE D 268 -13.26 -25.87 -36.25
CA ILE D 268 -11.92 -25.58 -36.76
C ILE D 268 -11.76 -26.13 -38.17
N VAL D 269 -12.26 -27.34 -38.41
CA VAL D 269 -12.19 -27.93 -39.73
C VAL D 269 -12.99 -27.08 -40.72
N LYS D 270 -14.13 -26.55 -40.29
CA LYS D 270 -14.93 -25.70 -41.15
C LYS D 270 -14.20 -24.39 -41.46
N ALA D 271 -13.58 -23.80 -40.45
CA ALA D 271 -12.83 -22.57 -40.67
C ALA D 271 -11.66 -22.78 -41.62
N LEU D 272 -11.06 -23.97 -41.59
CA LEU D 272 -9.96 -24.24 -42.49
C LEU D 272 -10.44 -24.55 -43.91
N GLU D 273 -11.52 -25.32 -44.04
CA GLU D 273 -12.07 -25.61 -45.35
C GLU D 273 -12.62 -24.37 -46.04
N GLN D 274 -13.17 -23.43 -45.26
CA GLN D 274 -13.70 -22.20 -45.82
C GLN D 274 -12.60 -21.37 -46.47
N ARG D 275 -11.34 -21.63 -46.12
CA ARG D 275 -10.20 -20.89 -46.65
C ARG D 275 -9.24 -21.78 -47.43
N ASP D 276 -9.66 -23.00 -47.78
CA ASP D 276 -8.85 -23.92 -48.56
C ASP D 276 -7.55 -24.30 -47.84
N ALA D 277 -7.58 -24.34 -46.52
CA ALA D 277 -6.41 -24.62 -45.70
C ALA D 277 -6.43 -26.03 -45.13
N MET D 278 -6.89 -27.00 -45.91
CA MET D 278 -6.89 -28.40 -45.49
C MET D 278 -6.14 -29.32 -46.43
N LYS D 279 -5.85 -28.88 -47.65
CA LYS D 279 -5.09 -29.70 -48.58
C LYS D 279 -3.65 -29.86 -48.15
N TYR D 280 -3.22 -29.13 -47.11
CA TYR D 280 -1.88 -29.27 -46.56
C TYR D 280 -1.89 -29.53 -45.06
N THR D 281 -3.05 -29.82 -44.47
CA THR D 281 -3.13 -30.09 -43.05
C THR D 281 -3.78 -31.45 -42.82
N THR D 282 -3.56 -31.97 -41.63
CA THR D 282 -4.31 -33.10 -41.11
C THR D 282 -4.61 -32.83 -39.65
N VAL D 283 -5.58 -33.56 -39.12
CA VAL D 283 -6.07 -33.35 -37.78
C VAL D 283 -6.08 -34.69 -37.07
N VAL D 284 -5.84 -34.65 -35.77
CA VAL D 284 -5.76 -35.84 -34.94
C VAL D 284 -6.62 -35.53 -33.72
N ALA D 285 -7.82 -36.07 -33.71
CA ALA D 285 -8.83 -35.73 -32.73
C ALA D 285 -8.94 -36.83 -31.69
N ALA D 286 -8.48 -36.52 -30.48
CA ALA D 286 -8.65 -37.37 -29.31
C ALA D 286 -9.49 -36.57 -28.34
N THR D 287 -10.81 -36.66 -28.48
CA THR D 287 -11.73 -35.78 -27.79
C THR D 287 -11.97 -36.29 -26.37
N ALA D 288 -12.98 -35.70 -25.71
CA ALA D 288 -13.21 -35.97 -24.30
C ALA D 288 -13.91 -37.30 -24.07
N SER D 289 -14.88 -37.64 -24.93
CA SER D 289 -15.53 -38.94 -24.82
C SER D 289 -14.54 -40.07 -25.06
N GLU D 290 -13.55 -39.85 -25.91
CA GLU D 290 -12.51 -40.84 -26.13
C GLU D 290 -11.74 -41.12 -24.86
N ALA D 291 -11.38 -42.39 -24.67
CA ALA D 291 -10.78 -42.82 -23.42
C ALA D 291 -9.43 -42.14 -23.20
N ALA D 292 -8.94 -42.27 -21.97
CA ALA D 292 -7.68 -41.65 -21.59
C ALA D 292 -6.48 -42.08 -22.43
N PRO D 293 -6.34 -43.35 -22.80
CA PRO D 293 -5.14 -43.74 -23.58
C PRO D 293 -5.04 -43.06 -24.92
N LEU D 294 -6.17 -42.75 -25.56
CA LEU D 294 -6.12 -42.05 -26.83
C LEU D 294 -5.67 -40.60 -26.65
N GLN D 295 -6.15 -39.93 -25.61
CA GLN D 295 -5.66 -38.60 -25.30
C GLN D 295 -4.18 -38.61 -24.93
N PHE D 296 -3.72 -39.71 -24.34
CA PHE D 296 -2.31 -39.82 -23.98
C PHE D 296 -1.44 -40.10 -25.20
N LEU D 297 -1.96 -40.81 -26.20
CA LEU D 297 -1.19 -41.21 -27.36
C LEU D 297 -1.30 -40.27 -28.55
N ALA D 298 -2.30 -39.40 -28.60
CA ALA D 298 -2.53 -38.60 -29.79
C ALA D 298 -1.36 -37.68 -30.14
N PRO D 299 -0.77 -36.95 -29.21
CA PRO D 299 0.39 -36.12 -29.57
C PRO D 299 1.56 -36.92 -30.10
N TYR D 300 1.82 -38.11 -29.56
CA TYR D 300 2.89 -38.93 -30.09
C TYR D 300 2.57 -39.42 -31.49
N SER D 301 1.29 -39.71 -31.75
CA SER D 301 0.88 -40.06 -33.11
C SER D 301 1.11 -38.90 -34.08
N GLY D 302 0.81 -37.68 -33.65
CA GLY D 302 1.07 -36.53 -34.49
C GLY D 302 2.54 -36.31 -34.75
N CYS D 303 3.37 -36.48 -33.73
CA CYS D 303 4.81 -36.36 -33.93
C CYS D 303 5.32 -37.43 -34.89
N ALA D 304 4.74 -38.64 -34.81
CA ALA D 304 5.11 -39.68 -35.76
C ALA D 304 4.72 -39.31 -37.18
N MET D 305 3.53 -38.73 -37.35
CA MET D 305 3.12 -38.30 -38.68
C MET D 305 4.00 -37.17 -39.21
N GLY D 306 4.52 -36.33 -38.32
CA GLY D 306 5.38 -35.24 -38.73
C GLY D 306 6.82 -35.62 -38.97
N GLU D 307 7.26 -36.71 -38.34
CA GLU D 307 8.61 -37.19 -38.56
C GLU D 307 8.83 -37.65 -40.00
N TRP D 308 7.76 -38.04 -40.69
CA TRP D 308 7.87 -38.33 -42.11
C TRP D 308 8.32 -37.11 -42.89
N PHE D 309 7.71 -35.96 -42.63
CA PHE D 309 8.15 -34.73 -43.28
C PHE D 309 9.55 -34.36 -42.82
N ARG D 310 9.82 -34.50 -41.53
CA ARG D 310 11.12 -34.12 -41.01
C ARG D 310 12.26 -34.90 -41.65
N ASP D 311 12.10 -36.20 -41.83
CA ASP D 311 13.16 -37.01 -42.40
C ASP D 311 13.16 -37.04 -43.92
N SER D 312 12.08 -36.61 -44.56
CA SER D 312 11.99 -36.59 -46.03
C SER D 312 12.44 -35.28 -46.64
N GLY D 313 12.83 -34.30 -45.82
CA GLY D 313 13.22 -33.00 -46.31
C GLY D 313 12.10 -32.01 -46.47
N ARG D 314 10.90 -32.29 -45.95
CA ARG D 314 9.76 -31.39 -46.05
C ARG D 314 9.44 -30.84 -44.67
N HIS D 315 9.35 -29.51 -44.59
CA HIS D 315 9.04 -28.86 -43.32
C HIS D 315 7.58 -29.02 -42.90
N CYS D 316 7.39 -29.20 -41.59
CA CYS D 316 6.08 -29.34 -41.00
C CYS D 316 6.05 -28.65 -39.64
N VAL D 317 4.86 -28.21 -39.27
CA VAL D 317 4.59 -27.58 -37.97
C VAL D 317 3.47 -28.37 -37.32
N ILE D 318 3.66 -28.73 -36.05
CA ILE D 318 2.68 -29.49 -35.30
C ILE D 318 2.25 -28.67 -34.10
N ILE D 319 0.93 -28.62 -33.89
CA ILE D 319 0.34 -27.87 -32.80
C ILE D 319 -0.38 -28.84 -31.88
N TYR D 320 -0.14 -28.71 -30.58
CA TYR D 320 -0.77 -29.53 -29.56
C TYR D 320 -1.73 -28.64 -28.78
N ASP D 321 -2.99 -29.02 -28.72
CA ASP D 321 -4.02 -28.26 -28.02
C ASP D 321 -4.64 -29.19 -27.00
N ASP D 322 -4.87 -28.69 -25.79
CA ASP D 322 -3.81 -28.45 -24.84
C ASP D 322 -3.11 -29.73 -24.36
N LEU D 323 -1.82 -29.56 -24.11
CA LEU D 323 -0.93 -30.60 -23.60
C LEU D 323 -1.33 -31.01 -22.18
N SER D 324 -1.80 -30.04 -21.40
CA SER D 324 -2.21 -30.29 -20.02
C SER D 324 -3.28 -31.37 -19.95
N LYS D 325 -4.17 -31.38 -20.94
CA LYS D 325 -5.20 -32.39 -20.99
C LYS D 325 -4.55 -33.77 -21.10
N GLN D 326 -3.47 -33.87 -21.87
CA GLN D 326 -2.72 -35.11 -21.98
C GLN D 326 -2.15 -35.51 -20.64
N ALA D 327 -1.63 -34.53 -19.89
CA ALA D 327 -1.09 -34.86 -18.58
C ALA D 327 -2.18 -35.41 -17.67
N THR D 328 -3.36 -34.82 -17.74
CA THR D 328 -4.48 -35.28 -16.94
C THR D 328 -4.86 -36.72 -17.30
N ALA D 329 -4.87 -37.02 -18.59
CA ALA D 329 -5.17 -38.38 -19.03
C ALA D 329 -4.13 -39.37 -18.51
N TYR D 330 -2.86 -38.98 -18.55
CA TYR D 330 -1.81 -39.85 -18.06
C TYR D 330 -1.99 -40.08 -16.57
N ARG D 331 -2.35 -39.04 -15.83
CA ARG D 331 -2.58 -39.20 -14.40
C ARG D 331 -3.70 -40.18 -14.14
N GLN D 332 -4.76 -40.10 -14.93
CA GLN D 332 -5.89 -41.01 -14.78
C GLN D 332 -5.45 -42.45 -15.00
N MET D 333 -4.74 -42.70 -16.10
CA MET D 333 -4.30 -44.06 -16.40
C MET D 333 -3.38 -44.58 -15.30
N SER D 334 -2.41 -43.78 -14.88
CA SER D 334 -1.45 -44.23 -13.88
C SER D 334 -2.13 -44.50 -12.54
N LEU D 335 -3.13 -43.69 -12.19
CA LEU D 335 -3.81 -43.91 -10.92
C LEU D 335 -4.71 -45.13 -10.97
N LEU D 336 -5.25 -45.46 -12.14
CA LEU D 336 -6.08 -46.65 -12.25
C LEU D 336 -5.25 -47.92 -12.41
N LEU D 337 -3.99 -47.80 -12.79
CA LEU D 337 -3.06 -48.92 -12.75
C LEU D 337 -2.42 -49.08 -11.39
N ARG D 338 -2.94 -48.41 -10.36
CA ARG D 338 -2.47 -48.53 -9.00
C ARG D 338 -1.03 -48.06 -8.84
N ARG D 339 -0.53 -47.29 -9.78
CA ARG D 339 0.76 -46.67 -9.56
C ARG D 339 0.62 -45.52 -8.58
N PRO D 340 1.65 -45.25 -7.79
CA PRO D 340 1.54 -44.25 -6.75
C PRO D 340 1.67 -42.85 -7.33
N PRO D 341 0.98 -41.87 -6.77
CA PRO D 341 1.05 -40.51 -7.31
C PRO D 341 2.21 -39.69 -6.78
N GLY D 342 2.27 -38.44 -7.21
CA GLY D 342 3.24 -37.49 -6.73
C GLY D 342 2.63 -36.14 -6.41
N ARG D 343 3.17 -35.09 -7.02
CA ARG D 343 2.70 -33.74 -6.76
C ARG D 343 1.43 -33.48 -7.57
N GLU D 344 0.42 -32.94 -6.91
CA GLU D 344 -0.90 -32.69 -7.50
C GLU D 344 -1.49 -33.97 -8.08
N ALA D 345 -1.18 -35.11 -7.45
CA ALA D 345 -1.63 -36.43 -7.82
C ALA D 345 -1.06 -36.89 -9.15
N TYR D 346 -0.15 -36.13 -9.75
CA TYR D 346 0.48 -36.56 -10.97
C TYR D 346 1.60 -37.54 -10.65
N PRO D 347 2.07 -38.28 -11.64
CA PRO D 347 3.29 -39.07 -11.45
C PRO D 347 4.53 -38.19 -11.53
N GLY D 348 5.68 -38.83 -11.46
CA GLY D 348 6.94 -38.15 -11.66
C GLY D 348 7.36 -38.14 -13.10
N ASP D 349 6.74 -39.02 -13.90
CA ASP D 349 7.08 -39.17 -15.30
C ASP D 349 6.40 -38.17 -16.21
N VAL D 350 5.88 -37.06 -15.71
CA VAL D 350 5.24 -36.09 -16.60
C VAL D 350 6.30 -35.33 -17.38
N PHE D 351 7.42 -35.02 -16.73
CA PHE D 351 8.52 -34.36 -17.40
C PHE D 351 9.04 -35.23 -18.52
N TYR D 352 9.26 -36.51 -18.24
CA TYR D 352 9.70 -37.42 -19.29
C TYR D 352 8.69 -37.46 -20.42
N LEU D 353 7.41 -37.40 -20.08
CA LEU D 353 6.36 -37.46 -21.09
C LEU D 353 6.47 -36.29 -22.08
N HIS D 354 6.63 -35.08 -21.55
CA HIS D 354 6.66 -33.92 -22.41
C HIS D 354 8.02 -33.74 -23.07
N SER D 355 9.09 -34.17 -22.42
CA SER D 355 10.41 -34.14 -23.03
C SER D 355 10.51 -35.13 -24.19
N ARG D 356 10.07 -36.37 -23.96
CA ARG D 356 9.93 -37.32 -25.05
C ARG D 356 9.20 -36.71 -26.22
N LEU D 357 8.15 -35.95 -25.95
CA LEU D 357 7.32 -35.48 -27.03
C LEU D 357 7.93 -34.30 -27.78
N LEU D 358 8.49 -33.33 -27.06
CA LEU D 358 8.93 -32.08 -27.68
C LEU D 358 10.34 -32.13 -28.21
N GLU D 359 11.19 -33.03 -27.70
CA GLU D 359 12.53 -33.16 -28.26
C GLU D 359 12.54 -33.79 -29.63
N ARG D 360 11.42 -34.34 -30.10
CA ARG D 360 11.35 -34.86 -31.46
C ARG D 360 11.28 -33.76 -32.50
N ALA D 361 10.87 -32.56 -32.10
CA ALA D 361 10.99 -31.39 -32.95
C ALA D 361 12.44 -31.03 -33.15
N ALA D 362 12.84 -30.80 -34.40
CA ALA D 362 14.25 -30.61 -34.70
C ALA D 362 14.41 -30.05 -36.10
N LYS D 363 15.59 -29.50 -36.34
CA LYS D 363 16.03 -29.05 -37.66
C LYS D 363 17.23 -29.91 -38.06
N MET D 364 17.03 -30.76 -39.05
CA MET D 364 18.04 -31.72 -39.43
C MET D 364 19.04 -31.09 -40.40
N GLY D 365 20.16 -31.79 -40.58
CA GLY D 365 21.25 -31.29 -41.38
C GLY D 365 21.03 -31.53 -42.85
N ASP D 366 22.02 -31.11 -43.65
CA ASP D 366 21.95 -31.29 -45.08
C ASP D 366 22.20 -32.73 -45.49
N LYS D 367 22.77 -33.54 -44.60
CA LYS D 367 22.95 -34.96 -44.89
C LYS D 367 21.69 -35.76 -44.60
N SER D 368 20.91 -35.35 -43.61
CA SER D 368 19.65 -35.99 -43.27
C SER D 368 18.47 -35.36 -43.99
N GLY D 369 18.71 -34.68 -45.11
CA GLY D 369 17.65 -34.14 -45.92
C GLY D 369 17.48 -32.65 -45.77
N GLY D 370 17.60 -32.17 -44.55
CA GLY D 370 17.39 -30.76 -44.26
C GLY D 370 15.99 -30.41 -43.80
N GLY D 371 15.22 -31.38 -43.33
CA GLY D 371 13.87 -31.15 -42.93
C GLY D 371 13.75 -30.40 -41.62
N SER D 372 12.52 -30.36 -41.11
CA SER D 372 12.23 -29.67 -39.87
C SER D 372 10.90 -30.15 -39.34
N LEU D 373 10.71 -29.96 -38.04
CA LEU D 373 9.42 -30.18 -37.40
C LEU D 373 9.30 -29.14 -36.29
N THR D 374 8.60 -28.06 -36.58
CA THR D 374 8.32 -27.05 -35.59
C THR D 374 7.17 -27.49 -34.69
N ALA D 375 7.22 -27.06 -33.44
CA ALA D 375 6.22 -27.40 -32.46
C ALA D 375 5.66 -26.13 -31.84
N LEU D 376 4.36 -26.14 -31.59
CA LEU D 376 3.66 -25.01 -31.00
C LEU D 376 2.68 -25.54 -29.98
N PRO D 377 3.17 -26.07 -28.88
CA PRO D 377 2.28 -26.58 -27.85
C PRO D 377 1.46 -25.47 -27.24
N VAL D 378 0.38 -25.87 -26.58
CA VAL D 378 -0.56 -24.94 -25.98
C VAL D 378 -0.82 -25.40 -24.56
N ILE D 379 -0.88 -24.44 -23.64
CA ILE D 379 -1.12 -24.74 -22.23
C ILE D 379 -2.07 -23.72 -21.64
N GLU D 380 -3.03 -24.22 -20.86
CA GLU D 380 -4.02 -23.42 -20.17
C GLU D 380 -3.66 -23.37 -18.69
N THR D 381 -3.26 -22.20 -18.22
CA THR D 381 -3.02 -21.97 -16.81
C THR D 381 -4.29 -21.52 -16.12
N GLN D 382 -4.28 -21.61 -14.80
CA GLN D 382 -5.41 -21.24 -13.95
C GLN D 382 -5.00 -20.04 -13.11
N ALA D 383 -5.71 -18.93 -13.29
CA ALA D 383 -5.42 -17.69 -12.57
C ALA D 383 -4.03 -17.16 -12.90
N GLY D 384 -3.54 -17.45 -14.10
CA GLY D 384 -2.22 -17.00 -14.50
C GLY D 384 -1.09 -17.58 -13.68
N ASP D 385 -1.33 -18.68 -12.99
CA ASP D 385 -0.33 -19.28 -12.12
C ASP D 385 0.58 -20.15 -12.97
N VAL D 386 1.73 -19.60 -13.36
CA VAL D 386 2.74 -20.36 -14.09
C VAL D 386 3.76 -20.92 -13.10
N SER D 387 3.49 -20.74 -11.82
CA SER D 387 4.27 -21.42 -10.79
C SER D 387 3.78 -22.83 -10.53
N ALA D 388 2.86 -23.33 -11.35
CA ALA D 388 2.29 -24.65 -11.15
C ALA D 388 3.28 -25.71 -11.60
N TYR D 389 2.84 -26.96 -11.65
CA TYR D 389 3.75 -28.08 -11.89
C TYR D 389 3.94 -28.38 -13.37
N ILE D 390 2.90 -28.30 -14.16
CA ILE D 390 2.99 -28.63 -15.59
C ILE D 390 3.54 -27.43 -16.36
N PRO D 391 3.02 -26.23 -16.16
CA PRO D 391 3.61 -25.06 -16.80
C PRO D 391 5.09 -24.90 -16.56
N THR D 392 5.55 -25.14 -15.34
CA THR D 392 6.96 -24.98 -15.02
C THR D 392 7.82 -25.92 -15.85
N ASN D 393 7.40 -27.19 -15.94
CA ASN D 393 8.13 -28.16 -16.75
C ASN D 393 8.16 -27.73 -18.20
N VAL D 394 6.99 -27.45 -18.78
CA VAL D 394 6.96 -27.16 -20.21
C VAL D 394 7.60 -25.82 -20.54
N ILE D 395 7.73 -24.92 -19.57
CA ILE D 395 8.51 -23.71 -19.78
C ILE D 395 9.98 -24.03 -19.79
N SER D 396 10.41 -24.95 -18.93
CA SER D 396 11.82 -25.28 -18.83
C SER D 396 12.31 -26.18 -19.96
N ILE D 397 11.41 -26.72 -20.78
CA ILE D 397 11.82 -27.57 -21.90
C ILE D 397 11.36 -27.05 -23.25
N THR D 398 11.27 -25.72 -23.40
CA THR D 398 10.89 -25.12 -24.66
C THR D 398 11.83 -23.98 -24.97
N ASP D 399 11.85 -23.60 -26.24
CA ASP D 399 12.74 -22.57 -26.76
C ASP D 399 12.06 -21.22 -26.87
N GLY D 400 11.05 -20.97 -26.05
CA GLY D 400 10.33 -19.73 -26.12
C GLY D 400 9.03 -19.79 -25.37
N GLN D 401 8.32 -18.65 -25.42
CA GLN D 401 7.07 -18.46 -24.72
C GLN D 401 6.27 -17.37 -25.41
N ILE D 402 4.97 -17.58 -25.50
CA ILE D 402 4.04 -16.56 -25.98
C ILE D 402 2.94 -16.49 -24.91
N PHE D 403 3.12 -15.60 -23.94
CA PHE D 403 2.15 -15.43 -22.88
C PHE D 403 0.94 -14.65 -23.37
N LEU D 404 -0.21 -14.99 -22.81
CA LEU D 404 -1.47 -14.37 -23.18
C LEU D 404 -2.24 -14.06 -21.91
N GLU D 405 -2.76 -12.84 -21.81
CA GLU D 405 -3.38 -12.34 -20.59
C GLU D 405 -4.80 -11.88 -20.87
N THR D 406 -5.65 -11.97 -19.84
CA THR D 406 -7.03 -11.52 -19.99
C THR D 406 -7.17 -10.01 -19.83
N GLU D 407 -6.34 -9.40 -18.99
CA GLU D 407 -6.37 -7.96 -18.81
C GLU D 407 -6.11 -7.26 -20.14
N LEU D 408 -5.07 -7.68 -20.83
CA LEU D 408 -4.76 -7.14 -22.14
C LEU D 408 -5.82 -7.53 -23.16
N PHE D 409 -6.49 -8.66 -22.96
CA PHE D 409 -7.51 -9.09 -23.91
C PHE D 409 -8.73 -8.19 -23.85
N TYR D 410 -9.09 -7.74 -22.66
CA TYR D 410 -10.24 -6.86 -22.49
C TYR D 410 -9.90 -5.39 -22.60
N LYS D 411 -8.64 -5.01 -22.37
CA LYS D 411 -8.25 -3.62 -22.59
C LYS D 411 -8.36 -3.24 -24.06
N GLY D 412 -8.28 -4.20 -24.96
CA GLY D 412 -8.37 -3.92 -26.38
C GLY D 412 -7.27 -4.57 -27.18
N ILE D 413 -6.28 -5.13 -26.50
CA ILE D 413 -5.13 -5.73 -27.16
C ILE D 413 -5.49 -7.17 -27.51
N ARG D 414 -5.67 -7.43 -28.79
CA ARG D 414 -6.04 -8.73 -29.30
C ARG D 414 -5.26 -8.98 -30.59
N PRO D 415 -4.33 -9.95 -30.63
CA PRO D 415 -3.92 -10.93 -29.63
C PRO D 415 -3.33 -10.33 -28.37
N ALA D 416 -3.58 -10.99 -27.24
CA ALA D 416 -3.24 -10.44 -25.93
C ALA D 416 -1.84 -10.86 -25.50
N ILE D 417 -0.87 -10.64 -26.37
CA ILE D 417 0.50 -11.08 -26.14
C ILE D 417 1.23 -10.07 -25.27
N ASN D 418 1.70 -10.51 -24.11
CA ASN D 418 2.53 -9.70 -23.24
C ASN D 418 3.96 -9.77 -23.73
N VAL D 419 4.42 -8.70 -24.39
CA VAL D 419 5.73 -8.73 -25.04
C VAL D 419 6.87 -8.63 -24.05
N GLY D 420 6.59 -8.49 -22.77
CA GLY D 420 7.63 -8.50 -21.76
C GLY D 420 8.05 -9.90 -21.39
N LEU D 421 7.08 -10.68 -20.92
CA LEU D 421 7.35 -12.07 -20.55
C LEU D 421 7.61 -12.95 -21.77
N SER D 422 6.97 -12.68 -22.89
CA SER D 422 7.17 -13.48 -24.09
C SER D 422 8.57 -13.25 -24.65
N VAL D 423 9.25 -14.34 -24.97
CA VAL D 423 10.61 -14.29 -25.48
C VAL D 423 10.78 -15.34 -26.56
N SER D 424 11.96 -15.37 -27.16
CA SER D 424 12.32 -16.37 -28.15
C SER D 424 13.84 -16.47 -28.17
N ARG D 425 14.37 -17.58 -27.67
CA ARG D 425 15.82 -17.71 -27.55
C ARG D 425 16.49 -17.65 -28.92
N VAL D 426 15.84 -18.19 -29.94
CA VAL D 426 16.39 -18.09 -31.29
C VAL D 426 16.46 -16.63 -31.72
N GLY D 427 15.33 -15.96 -31.75
CA GLY D 427 15.35 -14.52 -31.94
C GLY D 427 15.58 -14.14 -33.38
N SER D 428 16.51 -13.21 -33.58
CA SER D 428 16.68 -12.59 -34.90
C SER D 428 17.11 -13.60 -35.95
N ALA D 429 17.79 -14.68 -35.52
CA ALA D 429 18.19 -15.71 -36.48
C ALA D 429 16.98 -16.33 -37.17
N ALA D 430 15.82 -16.31 -36.52
CA ALA D 430 14.57 -16.76 -37.12
C ALA D 430 13.75 -15.59 -37.63
N GLN D 431 14.42 -14.56 -38.14
CA GLN D 431 13.77 -13.34 -38.57
C GLN D 431 14.45 -12.87 -39.84
N VAL D 432 13.67 -12.25 -40.70
CA VAL D 432 14.20 -11.69 -41.94
C VAL D 432 14.88 -10.37 -41.64
N LYS D 433 15.88 -10.04 -42.45
CA LYS D 433 16.60 -8.77 -42.26
C LYS D 433 15.65 -7.59 -42.35
N ALA D 434 14.76 -7.63 -43.34
CA ALA D 434 13.78 -6.56 -43.50
C ALA D 434 12.93 -6.38 -42.25
N MET D 435 12.66 -7.48 -41.54
CA MET D 435 11.91 -7.38 -40.30
C MET D 435 12.81 -7.04 -39.11
N LYS D 436 14.07 -7.44 -39.16
CA LYS D 436 15.03 -7.05 -38.13
C LYS D 436 15.13 -5.54 -38.04
N GLN D 437 15.30 -4.89 -39.19
CA GLN D 437 15.55 -3.45 -39.24
C GLN D 437 14.47 -2.67 -38.51
N VAL D 438 13.22 -3.12 -38.63
CA VAL D 438 12.10 -2.42 -38.01
C VAL D 438 11.84 -2.92 -36.60
N ALA D 439 11.96 -4.23 -36.38
CA ALA D 439 11.56 -4.82 -35.11
C ALA D 439 12.51 -4.47 -33.99
N GLY D 440 13.79 -4.23 -34.28
CA GLY D 440 14.68 -3.78 -33.23
C GLY D 440 14.22 -2.47 -32.62
N THR D 441 14.00 -1.47 -33.47
CA THR D 441 13.50 -0.19 -33.01
C THR D 441 12.15 -0.33 -32.33
N MET D 442 11.29 -1.20 -32.86
CA MET D 442 9.97 -1.37 -32.27
C MET D 442 10.06 -1.94 -30.85
N LYS D 443 10.90 -2.96 -30.67
CA LYS D 443 11.07 -3.53 -29.35
C LYS D 443 11.62 -2.51 -28.36
N LEU D 444 12.59 -1.72 -28.80
CA LEU D 444 13.14 -0.69 -27.91
C LEU D 444 12.07 0.32 -27.49
N GLU D 445 11.33 0.82 -28.48
CA GLU D 445 10.28 1.80 -28.21
C GLU D 445 9.21 1.24 -27.29
N LEU D 446 8.82 -0.02 -27.50
CA LEU D 446 7.80 -0.61 -26.65
C LEU D 446 8.29 -0.83 -25.23
N ALA D 447 9.58 -1.14 -25.07
CA ALA D 447 10.13 -1.23 -23.73
C ALA D 447 10.01 0.10 -22.99
N GLN D 448 10.42 1.17 -23.66
CA GLN D 448 10.32 2.50 -23.05
C GLN D 448 8.88 2.86 -22.72
N TYR D 449 7.96 2.58 -23.64
CA TYR D 449 6.56 2.89 -23.42
C TYR D 449 6.01 2.11 -22.23
N ARG D 450 6.35 0.84 -22.12
CA ARG D 450 5.89 0.06 -20.98
C ARG D 450 6.45 0.64 -19.70
N GLU D 451 7.69 1.11 -19.74
CA GLU D 451 8.33 1.67 -18.55
C GLU D 451 7.63 2.92 -18.04
N VAL D 452 7.24 3.84 -18.94
CA VAL D 452 6.64 5.10 -18.50
C VAL D 452 5.12 5.14 -18.64
N ALA D 453 4.49 4.04 -19.03
CA ALA D 453 3.04 4.05 -19.21
C ALA D 453 2.33 4.31 -17.89
N ALA D 454 2.77 3.68 -16.80
CA ALA D 454 2.09 3.87 -15.53
C ALA D 454 2.21 5.30 -15.04
N PHE D 455 3.39 5.89 -15.17
CA PHE D 455 3.59 7.25 -14.71
C PHE D 455 2.74 8.21 -15.53
N ALA D 456 2.64 7.97 -16.83
CA ALA D 456 1.89 8.84 -17.73
C ALA D 456 0.41 8.90 -17.37
N GLN D 457 -0.15 7.77 -16.95
CA GLN D 457 -1.59 7.72 -16.65
C GLN D 457 -1.97 8.71 -15.55
N PHE D 458 -1.12 8.84 -14.55
CA PHE D 458 -1.44 9.74 -13.44
C PHE D 458 -1.61 11.18 -13.92
N GLY D 459 -0.75 11.63 -14.82
CA GLY D 459 -0.86 12.98 -15.32
C GLY D 459 0.02 13.97 -14.59
N SER D 460 1.14 14.28 -15.25
CA SER D 460 2.12 15.23 -14.76
C SER D 460 2.82 15.81 -15.97
N ASP D 461 3.44 16.98 -15.78
CA ASP D 461 4.13 17.59 -16.90
C ASP D 461 5.28 16.70 -17.35
N LEU D 462 5.44 16.58 -18.66
CA LEU D 462 6.47 15.75 -19.25
C LEU D 462 7.19 16.51 -20.34
N ASP D 463 8.43 16.10 -20.58
CA ASP D 463 9.24 16.68 -21.63
C ASP D 463 8.76 16.18 -22.99
N ALA D 464 9.13 16.94 -24.02
CA ALA D 464 8.70 16.60 -25.37
C ALA D 464 9.15 15.20 -25.75
N SER D 465 10.38 14.83 -25.36
CA SER D 465 10.90 13.50 -25.67
C SER D 465 10.04 12.42 -25.02
N THR D 466 9.67 12.61 -23.75
CA THR D 466 8.85 11.60 -23.09
C THR D 466 7.48 11.50 -23.75
N ARG D 467 6.90 12.64 -24.11
CA ARG D 467 5.59 12.62 -24.76
C ARG D 467 5.69 11.90 -26.08
N GLN D 468 6.79 12.13 -26.81
CA GLN D 468 6.99 11.47 -28.09
C GLN D 468 7.05 9.97 -27.90
N LEU D 469 7.73 9.55 -26.83
CA LEU D 469 7.85 8.13 -26.55
C LEU D 469 6.48 7.53 -26.30
N LEU D 470 5.65 8.25 -25.54
CA LEU D 470 4.32 7.75 -25.25
C LEU D 470 3.49 7.66 -26.52
N THR D 471 3.60 8.68 -27.38
CA THR D 471 2.84 8.71 -28.62
C THR D 471 3.23 7.56 -29.54
N ARG D 472 4.54 7.29 -29.64
CA ARG D 472 4.99 6.22 -30.53
C ARG D 472 4.63 4.86 -29.95
N GLY D 473 4.71 4.71 -28.64
CA GLY D 473 4.34 3.44 -28.04
C GLY D 473 2.86 3.16 -28.21
N THR D 474 2.02 4.17 -28.02
CA THR D 474 0.59 4.00 -28.23
C THR D 474 0.29 3.67 -29.69
N ALA D 475 0.99 4.33 -30.62
CA ALA D 475 0.80 4.04 -32.03
C ALA D 475 1.15 2.59 -32.35
N LEU D 476 2.30 2.13 -31.87
CA LEU D 476 2.72 0.77 -32.15
C LEU D 476 1.77 -0.24 -31.50
N THR D 477 1.31 0.04 -30.28
CA THR D 477 0.36 -0.85 -29.64
C THR D 477 -0.93 -0.95 -30.45
N GLU D 478 -1.39 0.18 -30.99
CA GLU D 478 -2.57 0.13 -31.85
C GLU D 478 -2.29 -0.49 -33.20
N LEU D 479 -1.02 -0.61 -33.59
CA LEU D 479 -0.69 -1.24 -34.86
C LEU D 479 -0.73 -2.76 -34.76
N LEU D 480 -0.26 -3.31 -33.65
CA LEU D 480 -0.11 -4.75 -33.50
C LEU D 480 -1.43 -5.47 -33.29
N LYS D 481 -2.54 -4.75 -33.28
CA LYS D 481 -3.84 -5.39 -33.16
C LYS D 481 -4.27 -5.97 -34.51
N GLN D 482 -5.04 -7.06 -34.44
CA GLN D 482 -5.41 -7.79 -35.64
C GLN D 482 -6.76 -8.45 -35.42
N ARG D 483 -7.49 -8.62 -36.52
CA ARG D 483 -8.72 -9.37 -36.51
C ARG D 483 -8.43 -10.87 -36.53
N GLN D 484 -9.42 -11.65 -36.11
CA GLN D 484 -9.27 -13.09 -36.08
C GLN D 484 -9.42 -13.66 -37.49
N TYR D 485 -8.55 -14.63 -37.81
CA TYR D 485 -8.53 -15.24 -39.13
C TYR D 485 -8.25 -14.22 -40.21
N SER D 486 -7.46 -13.19 -39.89
CA SER D 486 -7.05 -12.17 -40.84
C SER D 486 -5.54 -11.97 -40.75
N PRO D 487 -4.77 -12.98 -41.14
CA PRO D 487 -3.31 -12.86 -41.15
C PRO D 487 -2.83 -12.04 -42.34
N MET D 488 -1.53 -11.80 -42.37
CA MET D 488 -0.92 -10.94 -43.38
C MET D 488 0.43 -11.52 -43.81
N LYS D 489 0.84 -11.14 -45.01
CA LYS D 489 2.14 -11.55 -45.51
C LYS D 489 3.25 -10.79 -44.78
N ASN D 490 4.48 -11.25 -45.00
CA ASN D 490 5.63 -10.65 -44.34
C ASN D 490 5.93 -9.26 -44.89
N SER D 491 5.87 -9.10 -46.21
CA SER D 491 6.18 -7.82 -46.82
C SER D 491 5.22 -6.73 -46.36
N VAL D 492 3.94 -7.08 -46.23
CA VAL D 492 2.95 -6.11 -45.78
C VAL D 492 3.21 -5.72 -44.32
N GLN D 493 3.59 -6.70 -43.49
CA GLN D 493 3.99 -6.37 -42.13
C GLN D 493 5.17 -5.41 -42.12
N VAL D 494 6.14 -5.66 -43.00
CA VAL D 494 7.31 -4.78 -43.09
C VAL D 494 6.88 -3.37 -43.43
N CYS D 495 6.01 -3.23 -44.44
CA CYS D 495 5.57 -1.91 -44.86
C CYS D 495 4.81 -1.19 -43.75
N VAL D 496 3.90 -1.90 -43.09
CA VAL D 496 3.08 -1.28 -42.06
C VAL D 496 3.95 -0.85 -40.88
N LEU D 497 4.87 -1.71 -40.46
CA LEU D 497 5.72 -1.36 -39.34
C LEU D 497 6.71 -0.27 -39.71
N TYR D 498 7.07 -0.17 -40.99
CA TYR D 498 7.85 0.97 -41.45
C TYR D 498 7.06 2.26 -41.30
N CYS D 499 5.80 2.27 -41.75
CA CYS D 499 4.96 3.43 -41.55
C CYS D 499 4.84 3.78 -40.07
N GLY D 500 4.83 2.77 -39.20
CA GLY D 500 4.66 3.03 -37.79
C GLY D 500 5.92 3.51 -37.10
N VAL D 501 7.08 3.10 -37.59
CA VAL D 501 8.34 3.38 -36.90
C VAL D 501 8.93 4.71 -37.33
N LYS D 502 8.79 5.07 -38.61
CA LYS D 502 9.39 6.30 -39.10
C LYS D 502 8.58 7.55 -38.76
N GLY D 503 7.48 7.41 -38.02
CA GLY D 503 6.77 8.56 -37.50
C GLY D 503 5.59 9.03 -38.31
N TYR D 504 5.01 8.19 -39.17
CA TYR D 504 3.82 8.54 -39.93
C TYR D 504 2.55 8.20 -39.20
N LEU D 505 2.61 7.94 -37.89
CA LEU D 505 1.43 7.69 -37.08
C LEU D 505 1.41 8.48 -35.79
N ASP D 506 2.47 9.21 -35.45
CA ASP D 506 2.50 9.96 -34.21
C ASP D 506 1.40 11.00 -34.15
N PRO D 507 1.27 11.92 -35.11
CA PRO D 507 0.21 12.92 -35.01
C PRO D 507 -1.17 12.34 -35.18
N LEU D 508 -1.27 11.23 -35.90
CA LEU D 508 -2.57 10.63 -36.20
C LEU D 508 -3.26 10.17 -34.92
N ASP D 509 -4.59 10.18 -34.95
CA ASP D 509 -5.38 9.69 -33.83
C ASP D 509 -5.14 8.18 -33.66
N PRO D 510 -4.95 7.71 -32.44
CA PRO D 510 -4.84 6.25 -32.24
C PRO D 510 -6.01 5.45 -32.80
N LYS D 511 -7.24 5.83 -32.45
CA LYS D 511 -8.40 5.06 -32.89
C LYS D 511 -8.56 5.07 -34.41
N GLU D 512 -7.93 6.01 -35.10
CA GLU D 512 -7.98 6.04 -36.56
C GLU D 512 -7.06 5.02 -37.21
N ILE D 513 -6.00 4.60 -36.51
CA ILE D 513 -4.99 3.75 -37.12
C ILE D 513 -5.59 2.47 -37.69
N SER D 514 -6.65 1.96 -37.07
CA SER D 514 -7.26 0.72 -37.52
C SER D 514 -7.73 0.77 -38.97
N ARG D 515 -7.91 1.96 -39.54
CA ARG D 515 -8.17 2.09 -40.96
C ARG D 515 -6.96 2.55 -41.75
N PHE D 516 -6.09 3.36 -41.14
CA PHE D 516 -4.84 3.70 -41.80
C PHE D 516 -4.13 2.44 -42.26
N GLU D 517 -4.13 1.41 -41.42
CA GLU D 517 -3.59 0.11 -41.80
C GLU D 517 -4.31 -0.40 -43.03
N SER D 518 -5.63 -0.57 -42.93
CA SER D 518 -6.36 -1.32 -43.93
C SER D 518 -6.20 -0.66 -45.30
N LEU D 519 -6.58 0.61 -45.36
CA LEU D 519 -6.41 1.39 -46.59
C LEU D 519 -4.98 1.30 -47.10
N PHE D 520 -3.97 1.49 -46.23
CA PHE D 520 -2.60 1.46 -46.73
C PHE D 520 -2.30 0.13 -47.38
N ILE D 521 -2.77 -0.96 -46.77
CA ILE D 521 -2.57 -2.29 -47.33
C ILE D 521 -3.17 -2.38 -48.72
N ASP D 522 -4.43 -1.99 -48.86
CA ASP D 522 -5.06 -2.02 -50.17
C ASP D 522 -4.28 -1.19 -51.18
N TYR D 523 -3.80 -0.02 -50.75
CA TYR D 523 -3.03 0.85 -51.65
C TYR D 523 -1.77 0.15 -52.16
N ILE D 524 -0.98 -0.42 -51.24
CA ILE D 524 0.24 -1.10 -51.66
C ILE D 524 0.00 -2.46 -52.30
N ASN D 525 -1.23 -2.97 -52.26
CA ASN D 525 -1.59 -4.13 -53.05
C ASN D 525 -2.19 -3.77 -54.39
N ALA D 526 -2.51 -2.50 -54.59
CA ALA D 526 -3.11 -2.01 -55.82
C ALA D 526 -2.04 -1.48 -56.78
N ASN D 527 -1.17 -0.60 -56.29
CA ASN D 527 -0.29 0.17 -57.15
C ASN D 527 1.19 -0.09 -56.90
N HIS D 528 1.55 -0.84 -55.86
CA HIS D 528 2.94 -1.02 -55.46
C HIS D 528 3.22 -2.50 -55.21
N GLN D 529 2.79 -3.35 -56.14
CA GLN D 529 3.11 -4.77 -56.03
C GLN D 529 4.59 -5.03 -56.21
N ASP D 530 5.29 -4.16 -56.93
CA ASP D 530 6.70 -4.40 -57.20
C ASP D 530 7.54 -4.31 -55.94
N ILE D 531 7.18 -3.39 -55.03
CA ILE D 531 7.89 -3.30 -53.76
C ILE D 531 7.74 -4.59 -52.98
N LEU D 532 6.53 -5.15 -52.96
CA LEU D 532 6.29 -6.38 -52.23
C LEU D 532 7.05 -7.54 -52.85
N LYS D 533 7.05 -7.62 -54.18
CA LYS D 533 7.80 -8.69 -54.83
C LYS D 533 9.29 -8.56 -54.55
N THR D 534 9.81 -7.34 -54.53
CA THR D 534 11.22 -7.14 -54.25
C THR D 534 11.57 -7.53 -52.82
N ILE D 535 10.72 -7.17 -51.86
CA ILE D 535 10.98 -7.56 -50.49
C ILE D 535 10.87 -9.08 -50.32
N GLU D 536 9.94 -9.70 -51.03
CA GLU D 536 9.78 -11.14 -50.94
C GLU D 536 10.98 -11.87 -51.51
N THR D 537 11.57 -11.33 -52.59
CA THR D 537 12.70 -12.00 -53.21
C THR D 537 14.00 -11.68 -52.47
N GLU D 538 14.39 -10.42 -52.43
CA GLU D 538 15.67 -10.07 -51.82
C GLU D 538 15.65 -10.25 -50.31
N LYS D 539 14.48 -10.12 -49.70
CA LYS D 539 14.34 -10.31 -48.25
C LYS D 539 15.17 -9.28 -47.49
N GLU D 540 15.18 -8.05 -47.99
CA GLU D 540 15.87 -6.95 -47.32
C GLU D 540 15.32 -5.64 -47.85
N LEU D 541 15.76 -4.55 -47.23
CA LEU D 541 15.33 -3.21 -47.60
C LEU D 541 16.55 -2.40 -48.01
N SER D 542 16.83 -2.34 -49.30
CA SER D 542 17.86 -1.47 -49.81
C SER D 542 17.37 -0.02 -49.76
N GLU D 543 18.29 0.90 -50.06
CA GLU D 543 17.93 2.31 -50.05
C GLU D 543 16.89 2.63 -51.12
N LYS D 544 16.91 1.90 -52.23
CA LYS D 544 15.92 2.13 -53.28
C LYS D 544 14.52 1.79 -52.80
N THR D 545 14.37 0.61 -52.20
CA THR D 545 13.06 0.22 -51.67
C THR D 545 12.65 1.12 -50.53
N GLU D 546 13.62 1.56 -49.72
CA GLU D 546 13.35 2.53 -48.67
C GLU D 546 12.72 3.80 -49.23
N ALA D 547 13.36 4.37 -50.25
CA ALA D 547 12.86 5.62 -50.84
C ALA D 547 11.51 5.40 -51.51
N LYS D 548 11.34 4.27 -52.19
CA LYS D 548 10.07 4.00 -52.85
C LYS D 548 8.95 3.89 -51.84
N LEU D 549 9.21 3.19 -50.74
CA LEU D 549 8.20 3.05 -49.69
C LEU D 549 7.88 4.39 -49.05
N ARG D 550 8.89 5.22 -48.82
CA ARG D 550 8.64 6.55 -48.27
C ARG D 550 7.77 7.37 -49.21
N ALA D 551 8.06 7.32 -50.51
CA ALA D 551 7.26 8.05 -51.47
C ALA D 551 5.82 7.54 -51.50
N ALA D 552 5.66 6.22 -51.40
CA ALA D 552 4.31 5.64 -51.38
C ALA D 552 3.54 6.12 -50.17
N VAL D 553 4.20 6.15 -49.01
CA VAL D 553 3.52 6.60 -47.79
C VAL D 553 3.14 8.07 -47.92
N ASP D 554 4.01 8.88 -48.51
CA ASP D 554 3.70 10.29 -48.70
C ASP D 554 2.48 10.46 -49.61
N GLU D 555 2.46 9.72 -50.72
CA GLU D 555 1.31 9.77 -51.62
C GLU D 555 0.04 9.34 -50.89
N PHE D 556 0.13 8.30 -50.07
CA PHE D 556 -1.04 7.81 -49.37
C PHE D 556 -1.56 8.84 -48.39
N VAL D 557 -0.67 9.47 -47.62
CA VAL D 557 -1.13 10.48 -46.66
C VAL D 557 -1.70 11.68 -47.39
N ALA D 558 -1.17 12.01 -48.57
CA ALA D 558 -1.71 13.11 -49.34
C ALA D 558 -3.12 12.80 -49.84
N MET D 559 -3.29 11.61 -50.42
CA MET D 559 -4.59 11.25 -51.00
C MET D 559 -5.69 11.13 -49.96
N ASN D 560 -5.34 10.89 -48.70
CA ASN D 560 -6.31 10.60 -47.66
C ASN D 560 -6.20 11.64 -46.55
N GLU D 561 -7.20 11.62 -45.66
CA GLU D 561 -7.30 12.56 -44.57
C GLU D 561 -7.83 11.86 -43.35
N PHE D 562 -7.25 12.18 -42.18
CA PHE D 562 -7.65 11.60 -40.92
C PHE D 562 -7.84 12.71 -39.90
N LYS D 563 -8.14 12.33 -38.66
CA LYS D 563 -8.51 13.30 -37.65
C LYS D 563 -7.34 14.16 -37.19
N LYS D 564 -6.12 13.80 -37.56
CA LYS D 564 -4.95 14.63 -37.25
C LYS D 564 -3.90 14.52 -38.35
N THR E 79 30.27 -65.24 -15.93
CA THR E 79 29.14 -64.34 -15.83
C THR E 79 27.89 -65.08 -15.36
N ASN E 80 27.14 -64.44 -14.47
CA ASN E 80 25.88 -65.01 -14.01
C ASN E 80 24.83 -64.85 -15.11
N HIS E 81 23.63 -65.34 -14.83
CA HIS E 81 22.53 -65.21 -15.77
C HIS E 81 21.23 -65.05 -14.99
N GLY E 82 20.41 -64.09 -15.41
CA GLY E 82 19.17 -63.79 -14.73
C GLY E 82 18.03 -63.68 -15.72
N ARG E 83 16.83 -63.54 -15.17
CA ARG E 83 15.61 -63.49 -15.96
C ARG E 83 14.78 -62.31 -15.48
N ILE E 84 14.38 -61.46 -16.42
CA ILE E 84 13.51 -60.35 -16.09
C ILE E 84 12.18 -60.90 -15.61
N THR E 85 11.70 -60.35 -14.49
CA THR E 85 10.50 -60.81 -13.83
C THR E 85 9.32 -59.88 -14.04
N GLN E 86 9.53 -58.56 -13.91
CA GLN E 86 8.48 -57.61 -14.21
C GLN E 86 9.10 -56.29 -14.65
N VAL E 87 8.26 -55.45 -15.25
CA VAL E 87 8.67 -54.20 -15.87
C VAL E 87 7.63 -53.15 -15.53
N ILE E 88 8.06 -52.07 -14.88
CA ILE E 88 7.18 -50.96 -14.52
C ILE E 88 7.92 -49.69 -14.89
N GLY E 89 7.64 -49.16 -16.06
CA GLY E 89 8.30 -47.94 -16.50
C GLY E 89 9.79 -48.12 -16.63
N ALA E 90 10.55 -47.34 -15.86
CA ALA E 90 12.00 -47.41 -15.85
C ALA E 90 12.55 -48.28 -14.74
N VAL E 91 11.72 -49.15 -14.17
CA VAL E 91 12.10 -50.01 -13.06
C VAL E 91 11.91 -51.45 -13.49
N VAL E 92 12.93 -52.27 -13.26
CA VAL E 92 12.95 -53.64 -13.77
C VAL E 92 13.39 -54.57 -12.65
N ASP E 93 12.55 -55.55 -12.32
CA ASP E 93 12.93 -56.57 -11.36
C ASP E 93 13.53 -57.76 -12.10
N VAL E 94 14.55 -58.34 -11.49
CA VAL E 94 15.34 -59.39 -12.12
C VAL E 94 15.54 -60.50 -11.10
N HIS E 95 15.45 -61.75 -11.56
CA HIS E 95 15.60 -62.91 -10.71
C HIS E 95 16.86 -63.67 -11.11
N PHE E 96 17.70 -63.96 -10.13
CA PHE E 96 18.88 -64.77 -10.29
C PHE E 96 18.71 -66.09 -9.56
N ASP E 97 19.26 -67.16 -10.15
CA ASP E 97 19.23 -68.46 -9.49
C ASP E 97 20.29 -68.57 -8.41
N GLU E 98 21.40 -67.83 -8.55
CA GLU E 98 22.46 -67.87 -7.56
C GLU E 98 23.43 -66.72 -7.84
N GLN E 99 24.22 -66.38 -6.82
CA GLN E 99 25.25 -65.34 -6.92
C GLN E 99 24.63 -64.01 -7.35
N LEU E 100 23.80 -63.48 -6.46
CA LEU E 100 23.23 -62.16 -6.65
C LEU E 100 24.35 -61.16 -6.86
N PRO E 101 24.13 -60.11 -7.66
CA PRO E 101 25.15 -59.10 -7.83
C PRO E 101 25.03 -58.04 -6.75
N PRO E 102 26.13 -57.42 -6.35
CA PRO E 102 26.04 -56.30 -5.41
C PRO E 102 25.28 -55.13 -6.00
N ILE E 103 24.96 -54.20 -5.12
CA ILE E 103 24.26 -52.99 -5.54
C ILE E 103 25.22 -52.10 -6.33
N LEU E 104 24.65 -51.36 -7.27
CA LEU E 104 25.34 -50.47 -8.20
C LEU E 104 25.96 -51.24 -9.35
N ASN E 105 25.89 -52.57 -9.37
CA ASN E 105 26.45 -53.32 -10.46
C ASN E 105 25.64 -53.11 -11.74
N SER E 106 26.27 -53.38 -12.86
CA SER E 106 25.68 -53.20 -14.17
C SER E 106 25.27 -54.53 -14.76
N LEU E 107 24.09 -54.55 -15.37
CA LEU E 107 23.54 -55.75 -15.99
C LEU E 107 23.20 -55.43 -17.43
N GLU E 108 23.43 -56.39 -18.31
CA GLU E 108 23.18 -56.23 -19.74
C GLU E 108 22.05 -57.16 -20.14
N VAL E 109 21.04 -56.59 -20.79
CA VAL E 109 19.93 -57.39 -21.31
C VAL E 109 20.35 -57.99 -22.63
N GLN E 110 20.02 -59.27 -22.84
CA GLN E 110 20.38 -60.00 -24.04
C GLN E 110 19.14 -60.29 -24.87
N GLY E 111 19.23 -60.02 -26.16
CA GLY E 111 18.11 -60.22 -27.06
C GLY E 111 17.32 -58.97 -27.38
N HIS E 112 17.89 -57.80 -27.14
CA HIS E 112 17.21 -56.54 -27.37
C HIS E 112 17.70 -55.91 -28.66
N THR E 113 16.95 -54.91 -29.14
CA THR E 113 17.31 -54.21 -30.35
C THR E 113 18.65 -53.51 -30.19
N ASN E 114 18.72 -52.55 -29.28
CA ASN E 114 19.93 -51.82 -28.96
C ASN E 114 20.46 -52.26 -27.60
N ARG E 115 21.61 -51.72 -27.22
CA ARG E 115 22.18 -52.03 -25.92
C ARG E 115 21.32 -51.42 -24.82
N LEU E 116 21.06 -52.21 -23.79
CA LEU E 116 20.23 -51.77 -22.68
C LEU E 116 20.92 -52.19 -21.40
N VAL E 117 21.32 -51.22 -20.59
CA VAL E 117 22.05 -51.45 -19.36
C VAL E 117 21.14 -51.11 -18.19
N LEU E 118 21.23 -51.92 -17.14
CA LEU E 118 20.46 -51.73 -15.92
C LEU E 118 21.43 -51.62 -14.76
N GLU E 119 21.11 -50.75 -13.81
CA GLU E 119 21.94 -50.52 -12.64
C GLU E 119 21.17 -51.00 -11.43
N VAL E 120 21.77 -51.93 -10.68
CA VAL E 120 21.11 -52.47 -9.51
C VAL E 120 20.92 -51.38 -8.48
N ALA E 121 19.77 -51.38 -7.85
CA ALA E 121 19.34 -50.37 -6.89
C ALA E 121 18.87 -50.97 -5.58
N GLN E 122 18.22 -52.13 -5.62
CA GLN E 122 17.70 -52.72 -4.40
C GLN E 122 17.78 -54.24 -4.46
N HIS E 123 17.87 -54.83 -3.28
CA HIS E 123 17.68 -56.26 -3.09
C HIS E 123 16.37 -56.46 -2.36
N LEU E 124 15.48 -57.27 -2.93
CA LEU E 124 14.13 -57.41 -2.41
C LEU E 124 13.91 -58.70 -1.64
N GLY E 125 14.58 -59.77 -2.03
CA GLY E 125 14.34 -61.07 -1.43
C GLY E 125 14.12 -62.14 -2.47
N GLU E 126 14.39 -63.39 -2.12
CA GLU E 126 14.18 -64.52 -3.01
C GLU E 126 15.08 -64.42 -4.25
N ASN E 127 16.32 -63.97 -4.02
CA ASN E 127 17.29 -63.81 -5.10
C ASN E 127 16.75 -62.90 -6.19
N THR E 128 16.02 -61.87 -5.78
CA THR E 128 15.45 -60.89 -6.68
C THR E 128 16.08 -59.53 -6.41
N VAL E 129 16.30 -58.76 -7.47
CA VAL E 129 16.83 -57.41 -7.38
C VAL E 129 15.94 -56.48 -8.18
N ARG E 130 16.09 -55.19 -7.89
CA ARG E 130 15.33 -54.14 -8.55
C ARG E 130 16.30 -53.12 -9.10
N THR E 131 16.16 -52.83 -10.38
CA THR E 131 17.15 -52.11 -11.17
C THR E 131 16.48 -50.96 -11.91
N ILE E 132 17.32 -50.05 -12.39
CA ILE E 132 16.89 -48.85 -13.09
C ILE E 132 17.48 -48.89 -14.49
N ALA E 133 16.62 -48.75 -15.49
CA ALA E 133 17.05 -48.83 -16.88
C ALA E 133 17.62 -47.52 -17.38
N MET E 134 18.68 -47.61 -18.17
CA MET E 134 19.31 -46.44 -18.76
C MET E 134 18.56 -45.97 -20.00
N ASP E 135 18.01 -46.88 -20.78
CA ASP E 135 17.25 -46.59 -21.98
C ASP E 135 15.82 -47.06 -21.79
N ALA E 136 15.01 -46.81 -22.81
CA ALA E 136 13.59 -47.10 -22.71
C ALA E 136 13.33 -48.60 -22.60
N THR E 137 12.36 -48.95 -21.76
CA THR E 137 11.98 -50.33 -21.55
C THR E 137 11.00 -50.86 -22.60
N GLU E 138 10.65 -50.04 -23.58
CA GLU E 138 9.76 -50.50 -24.64
C GLU E 138 10.40 -51.65 -25.40
N GLY E 139 9.67 -52.75 -25.52
CA GLY E 139 10.16 -53.94 -26.18
C GLY E 139 10.67 -55.02 -25.25
N LEU E 140 10.62 -54.81 -23.95
CA LEU E 140 11.13 -55.79 -23.00
C LEU E 140 10.08 -56.85 -22.71
N VAL E 141 10.56 -58.06 -22.42
CA VAL E 141 9.71 -59.22 -22.25
C VAL E 141 10.07 -59.90 -20.93
N ARG E 142 9.05 -60.41 -20.24
CA ARG E 142 9.30 -61.17 -19.04
C ARG E 142 9.99 -62.48 -19.38
N GLY E 143 10.89 -62.91 -18.50
CA GLY E 143 11.72 -64.06 -18.76
C GLY E 143 12.90 -63.78 -19.66
N GLN E 144 13.00 -62.58 -20.20
CA GLN E 144 14.15 -62.21 -21.04
C GLN E 144 15.42 -62.25 -20.21
N LYS E 145 16.53 -62.56 -20.87
CA LYS E 145 17.75 -62.92 -20.18
C LYS E 145 18.63 -61.71 -19.90
N VAL E 146 19.34 -61.79 -18.78
CA VAL E 146 20.14 -60.69 -18.26
C VAL E 146 21.47 -61.27 -17.79
N VAL E 147 22.54 -60.51 -17.99
CA VAL E 147 23.89 -60.95 -17.69
C VAL E 147 24.56 -59.92 -16.79
N ASP E 148 25.09 -60.38 -15.67
CA ASP E 148 25.83 -59.51 -14.76
C ASP E 148 27.26 -59.34 -15.25
N THR E 149 27.77 -58.13 -15.14
CA THR E 149 29.10 -57.79 -15.61
C THR E 149 30.15 -57.89 -14.52
N GLY E 150 29.74 -58.04 -13.26
CA GLY E 150 30.67 -58.15 -12.16
C GLY E 150 31.28 -56.84 -11.73
N ALA E 151 30.74 -55.72 -12.17
CA ALA E 151 31.28 -54.41 -11.82
C ALA E 151 30.29 -53.35 -12.26
N PRO E 152 30.32 -52.17 -11.66
CA PRO E 152 29.39 -51.12 -12.06
C PRO E 152 29.72 -50.52 -13.41
N ILE E 153 29.00 -49.48 -13.80
CA ILE E 153 29.14 -48.90 -15.13
C ILE E 153 30.54 -48.32 -15.25
N GLN E 154 31.38 -48.97 -16.07
CA GLN E 154 32.75 -48.54 -16.25
C GLN E 154 32.82 -47.65 -17.48
N VAL E 155 33.27 -46.42 -17.28
CA VAL E 155 33.42 -45.43 -18.34
C VAL E 155 34.87 -45.39 -18.77
N PRO E 156 35.18 -45.26 -20.05
CA PRO E 156 36.57 -45.09 -20.46
C PRO E 156 37.10 -43.72 -20.07
N VAL E 157 38.42 -43.67 -19.89
CA VAL E 157 39.09 -42.46 -19.45
C VAL E 157 40.44 -42.36 -20.13
N GLY E 158 41.01 -41.17 -20.07
CA GLY E 158 42.29 -40.86 -20.64
C GLY E 158 42.20 -39.65 -21.53
N VAL E 159 43.26 -39.43 -22.30
CA VAL E 159 43.25 -38.38 -23.32
C VAL E 159 42.51 -38.81 -24.57
N GLU E 160 41.99 -40.04 -24.61
CA GLU E 160 41.24 -40.50 -25.76
C GLU E 160 39.79 -40.01 -25.72
N THR E 161 39.27 -39.74 -24.53
CA THR E 161 37.95 -39.12 -24.40
C THR E 161 37.96 -37.65 -24.79
N LEU E 162 39.12 -37.05 -24.97
CA LEU E 162 39.20 -35.63 -25.26
C LEU E 162 38.77 -35.36 -26.68
N GLY E 163 38.09 -34.23 -26.88
CA GLY E 163 37.58 -33.89 -28.18
C GLY E 163 36.45 -34.75 -28.65
N ARG E 164 35.80 -35.46 -27.73
CA ARG E 164 34.85 -36.50 -28.08
C ARG E 164 33.65 -36.44 -27.15
N ILE E 165 32.50 -36.82 -27.69
CA ILE E 165 31.26 -36.86 -26.93
C ILE E 165 31.01 -38.30 -26.49
N MET E 166 30.41 -38.44 -25.32
CA MET E 166 30.16 -39.74 -24.73
C MET E 166 28.81 -39.75 -24.05
N ASN E 167 28.26 -40.95 -23.91
CA ASN E 167 26.98 -41.15 -23.29
C ASN E 167 27.18 -41.45 -21.81
N VAL E 168 26.09 -41.80 -21.13
CA VAL E 168 26.18 -42.19 -19.73
C VAL E 168 26.96 -43.49 -19.55
N ILE E 169 26.83 -44.42 -20.49
CA ILE E 169 27.49 -45.71 -20.39
C ILE E 169 28.82 -45.73 -21.13
N GLY E 170 29.37 -44.56 -21.46
CA GLY E 170 30.63 -44.48 -22.14
C GLY E 170 30.58 -44.63 -23.64
N GLU E 171 29.46 -45.06 -24.19
CA GLU E 171 29.36 -45.21 -25.62
C GLU E 171 29.44 -43.84 -26.29
N PRO E 172 30.12 -43.72 -27.43
CA PRO E 172 30.17 -42.44 -28.13
C PRO E 172 28.94 -42.19 -28.98
N VAL E 173 28.57 -40.91 -29.05
CA VAL E 173 27.44 -40.46 -29.85
C VAL E 173 27.85 -39.30 -30.74
N ASP E 174 29.13 -39.22 -31.06
CA ASP E 174 29.65 -38.20 -31.95
C ASP E 174 29.77 -38.66 -33.40
N GLU E 175 29.54 -39.95 -33.67
CA GLU E 175 29.63 -40.48 -35.03
C GLU E 175 31.01 -40.20 -35.62
N CYS E 176 32.04 -40.61 -34.88
CA CYS E 176 33.42 -40.45 -35.32
C CYS E 176 34.26 -41.69 -35.07
N GLY E 177 33.70 -42.73 -34.46
CA GLY E 177 34.43 -43.94 -34.19
C GLY E 177 34.37 -44.28 -32.72
N PRO E 178 34.89 -45.45 -32.35
CA PRO E 178 34.88 -45.84 -30.95
C PRO E 178 36.03 -45.22 -30.18
N VAL E 179 35.91 -45.27 -28.86
CA VAL E 179 36.89 -44.67 -27.96
C VAL E 179 37.99 -45.70 -27.71
N PRO E 180 39.22 -45.46 -28.19
CA PRO E 180 40.31 -46.44 -28.01
C PRO E 180 41.03 -46.26 -26.68
N ALA E 181 40.28 -46.28 -25.59
CA ALA E 181 40.85 -46.05 -24.28
C ALA E 181 41.47 -47.32 -23.73
N LYS E 182 42.61 -47.17 -23.08
CA LYS E 182 43.34 -48.28 -22.49
C LYS E 182 42.98 -48.50 -21.03
N LYS E 183 41.91 -47.87 -20.55
CA LYS E 183 41.55 -47.94 -19.15
C LYS E 183 40.08 -47.61 -19.00
N THR E 184 39.51 -48.07 -17.89
CA THR E 184 38.14 -47.76 -17.53
C THR E 184 38.04 -47.55 -16.03
N TYR E 185 37.21 -46.60 -15.63
CA TYR E 185 36.97 -46.30 -14.22
C TYR E 185 35.49 -46.49 -13.92
N SER E 186 35.21 -46.97 -12.71
CA SER E 186 33.84 -47.07 -12.25
C SER E 186 33.35 -45.69 -11.84
N ILE E 187 32.14 -45.34 -12.30
CA ILE E 187 31.59 -44.04 -11.99
C ILE E 187 31.27 -43.91 -10.51
N HIS E 188 31.11 -45.03 -9.82
CA HIS E 188 30.78 -45.04 -8.40
C HIS E 188 32.06 -45.22 -7.62
N ARG E 189 32.46 -44.19 -6.88
CA ARG E 189 33.66 -44.21 -6.08
C ARG E 189 33.37 -43.53 -4.75
N ALA E 190 34.33 -43.60 -3.85
CA ALA E 190 34.22 -42.99 -2.53
C ALA E 190 34.96 -41.65 -2.53
N ALA E 191 34.37 -40.68 -1.83
CA ALA E 191 34.91 -39.34 -1.84
C ALA E 191 36.27 -39.31 -1.14
N PRO E 192 37.08 -38.28 -1.40
CA PRO E 192 38.32 -38.13 -0.65
C PRO E 192 38.07 -37.76 0.80
N LEU E 193 38.88 -38.32 1.68
CA LEU E 193 38.66 -38.19 3.10
C LEU E 193 39.01 -36.79 3.59
N PHE E 194 38.75 -36.56 4.88
CA PHE E 194 39.06 -35.27 5.48
C PHE E 194 40.55 -34.99 5.50
N ALA E 195 41.37 -36.03 5.63
CA ALA E 195 42.81 -35.84 5.70
C ALA E 195 43.38 -35.27 4.42
N ASP E 196 42.71 -35.46 3.29
CA ASP E 196 43.14 -34.89 2.02
C ASP E 196 42.59 -33.47 1.93
N GLN E 197 43.36 -32.53 2.46
CA GLN E 197 42.89 -31.16 2.57
C GLN E 197 42.88 -30.47 1.22
N SER E 198 42.26 -29.30 1.19
CA SER E 198 42.19 -28.47 0.01
C SER E 198 43.49 -27.67 -0.13
N THR E 199 43.47 -26.68 -1.02
CA THR E 199 44.59 -25.77 -1.23
C THR E 199 44.15 -24.36 -0.87
N GLU E 200 45.01 -23.40 -1.16
CA GLU E 200 44.69 -22.01 -0.88
C GLU E 200 43.51 -21.57 -1.74
N PRO E 201 42.75 -20.58 -1.28
CA PRO E 201 41.65 -20.08 -2.11
C PRO E 201 42.17 -19.24 -3.26
N GLY E 202 42.60 -19.90 -4.34
CA GLY E 202 43.12 -19.18 -5.48
C GLY E 202 42.02 -18.42 -6.19
N LEU E 203 42.34 -17.19 -6.58
CA LEU E 203 41.38 -16.34 -7.27
C LEU E 203 41.31 -16.71 -8.75
N LEU E 204 40.10 -16.71 -9.28
CA LEU E 204 39.84 -17.04 -10.67
C LEU E 204 39.33 -15.79 -11.39
N GLN E 205 40.00 -15.42 -12.47
CA GLN E 205 39.64 -14.24 -13.24
C GLN E 205 38.82 -14.68 -14.44
N THR E 206 37.54 -14.30 -14.45
CA THR E 206 36.62 -14.67 -15.51
C THR E 206 36.47 -13.60 -16.57
N GLY E 207 36.86 -12.36 -16.28
CA GLY E 207 36.61 -11.25 -17.16
C GLY E 207 35.26 -10.62 -17.00
N ILE E 208 34.48 -11.06 -16.03
CA ILE E 208 33.17 -10.49 -15.73
C ILE E 208 33.31 -9.60 -14.52
N LYS E 209 32.58 -8.49 -14.52
CA LYS E 209 32.81 -7.44 -13.53
C LYS E 209 32.18 -7.75 -12.19
N VAL E 210 30.86 -7.94 -12.18
CA VAL E 210 30.15 -8.17 -10.92
C VAL E 210 30.67 -9.44 -10.25
N VAL E 211 31.02 -10.44 -11.05
CA VAL E 211 31.54 -11.68 -10.50
C VAL E 211 32.90 -11.45 -9.84
N ASP E 212 33.84 -10.85 -10.57
CA ASP E 212 35.17 -10.61 -10.02
C ASP E 212 35.14 -9.66 -8.84
N LEU E 213 34.11 -8.83 -8.73
CA LEU E 213 34.06 -7.81 -7.69
C LEU E 213 33.36 -8.32 -6.43
N LEU E 214 32.11 -8.74 -6.57
CA LEU E 214 31.26 -9.02 -5.42
C LEU E 214 31.18 -10.49 -5.05
N ALA E 215 31.47 -11.39 -5.99
CA ALA E 215 31.41 -12.83 -5.75
C ALA E 215 32.59 -13.50 -6.42
N PRO E 216 33.79 -13.28 -5.90
CA PRO E 216 34.98 -13.83 -6.55
C PRO E 216 34.98 -15.35 -6.54
N TYR E 217 35.31 -15.92 -7.69
CA TYR E 217 35.31 -17.36 -7.87
C TYR E 217 36.66 -17.95 -7.49
N ALA E 218 36.61 -19.09 -6.81
CA ALA E 218 37.81 -19.71 -6.28
C ALA E 218 38.36 -20.71 -7.28
N LYS E 219 39.69 -20.82 -7.28
CA LYS E 219 40.39 -21.77 -8.15
C LYS E 219 40.62 -23.06 -7.37
N GLY E 220 39.59 -23.90 -7.33
CA GLY E 220 39.64 -25.12 -6.58
C GLY E 220 38.40 -25.37 -5.75
N GLY E 221 37.34 -24.60 -6.00
CA GLY E 221 36.13 -24.70 -5.23
C GLY E 221 34.91 -24.70 -6.12
N LYS E 222 33.77 -25.02 -5.51
CA LYS E 222 32.53 -25.14 -6.25
C LYS E 222 31.86 -23.78 -6.41
N ILE E 223 31.21 -23.62 -7.56
CA ILE E 223 30.52 -22.39 -7.92
C ILE E 223 29.11 -22.73 -8.34
N GLY E 224 28.17 -21.88 -7.95
CA GLY E 224 26.76 -22.11 -8.24
C GLY E 224 26.17 -20.93 -8.97
N LEU E 225 25.33 -21.23 -9.97
CA LEU E 225 24.63 -20.25 -10.78
C LEU E 225 23.15 -20.55 -10.62
N PHE E 226 22.52 -19.86 -9.69
CA PHE E 226 21.12 -20.09 -9.37
C PHE E 226 20.25 -19.14 -10.15
N GLY E 227 19.17 -19.67 -10.71
CA GLY E 227 18.24 -18.88 -11.46
C GLY E 227 17.16 -19.73 -12.09
N GLY E 228 16.03 -19.10 -12.37
CA GLY E 228 14.94 -19.80 -13.01
C GLY E 228 15.16 -19.98 -14.49
N ALA E 229 14.11 -19.81 -15.27
CA ALA E 229 14.15 -19.98 -16.71
C ALA E 229 14.15 -18.62 -17.37
N GLY E 230 15.14 -18.38 -18.22
CA GLY E 230 15.22 -17.15 -18.96
C GLY E 230 15.93 -16.03 -18.23
N VAL E 231 17.09 -16.35 -17.65
CA VAL E 231 17.84 -15.36 -16.88
C VAL E 231 19.31 -15.30 -17.25
N GLY E 232 19.84 -16.29 -17.97
CA GLY E 232 21.18 -16.22 -18.52
C GLY E 232 22.20 -17.13 -17.88
N LYS E 233 21.79 -18.35 -17.54
CA LYS E 233 22.71 -19.33 -16.99
C LYS E 233 23.57 -19.93 -18.08
N THR E 234 22.94 -20.41 -19.15
CA THR E 234 23.67 -21.06 -20.23
C THR E 234 24.61 -20.08 -20.91
N VAL E 235 24.16 -18.84 -21.12
CA VAL E 235 25.02 -17.82 -21.73
C VAL E 235 26.21 -17.54 -20.83
N LEU E 236 26.00 -17.50 -19.53
CA LEU E 236 27.10 -17.21 -18.61
C LEU E 236 28.09 -18.35 -18.57
N ILE E 237 27.62 -19.60 -18.63
CA ILE E 237 28.55 -20.73 -18.70
C ILE E 237 29.33 -20.70 -20.00
N MET E 238 28.68 -20.33 -21.10
CA MET E 238 29.39 -20.26 -22.37
C MET E 238 30.45 -19.15 -22.36
N GLU E 239 30.14 -18.03 -21.74
CA GLU E 239 31.12 -16.96 -21.59
C GLU E 239 32.29 -17.42 -20.73
N LEU E 240 32.00 -18.12 -19.64
CA LEU E 240 33.06 -18.64 -18.80
C LEU E 240 33.93 -19.62 -19.56
N ILE E 241 33.33 -20.42 -20.44
CA ILE E 241 34.11 -21.33 -21.26
C ILE E 241 35.02 -20.55 -22.20
N ASN E 242 34.50 -19.50 -22.83
CA ASN E 242 35.32 -18.71 -23.74
C ASN E 242 36.45 -18.02 -23.01
N ASN E 243 36.22 -17.60 -21.77
CA ASN E 243 37.17 -16.77 -21.04
C ASN E 243 38.09 -17.53 -20.11
N VAL E 244 37.84 -18.83 -19.90
CA VAL E 244 38.60 -19.62 -18.95
C VAL E 244 39.18 -20.85 -19.63
N ALA E 245 38.31 -21.64 -20.28
CA ALA E 245 38.72 -22.94 -20.79
C ALA E 245 39.79 -22.81 -21.87
N ASN E 246 39.69 -21.78 -22.71
CA ASN E 246 40.69 -21.58 -23.74
C ASN E 246 42.03 -21.21 -23.14
N LYS E 247 42.03 -20.34 -22.14
CA LYS E 247 43.26 -19.94 -21.47
C LYS E 247 43.76 -21.00 -20.50
N HIS E 248 42.90 -21.91 -20.06
CA HIS E 248 43.29 -22.93 -19.10
C HIS E 248 44.31 -23.87 -19.72
N GLY E 249 45.39 -24.15 -18.98
CA GLY E 249 46.38 -25.08 -19.45
C GLY E 249 46.03 -26.52 -19.20
N GLY E 250 45.23 -26.79 -18.17
CA GLY E 250 44.75 -28.11 -17.91
C GLY E 250 43.63 -28.49 -18.87
N PHE E 251 42.93 -29.56 -18.52
CA PHE E 251 41.83 -30.05 -19.33
C PHE E 251 40.52 -29.47 -18.83
N SER E 252 39.41 -29.95 -19.39
CA SER E 252 38.09 -29.46 -19.04
C SER E 252 37.06 -30.51 -19.41
N VAL E 253 35.93 -30.45 -18.72
CA VAL E 253 34.85 -31.41 -18.91
C VAL E 253 33.53 -30.65 -18.88
N PHE E 254 32.58 -31.12 -19.69
CA PHE E 254 31.22 -30.63 -19.69
C PHE E 254 30.26 -31.78 -19.55
N ALA E 255 29.23 -31.59 -18.76
CA ALA E 255 28.20 -32.59 -18.50
C ALA E 255 26.85 -31.95 -18.68
N GLY E 256 26.11 -32.40 -19.70
CA GLY E 256 24.78 -31.91 -19.95
C GLY E 256 23.75 -32.79 -19.30
N VAL E 257 23.23 -32.34 -18.16
CA VAL E 257 22.32 -33.14 -17.35
C VAL E 257 20.91 -32.59 -17.51
N GLY E 258 20.17 -33.13 -18.46
CA GLY E 258 18.80 -32.76 -18.68
C GLY E 258 18.61 -31.33 -19.16
N GLU E 259 19.41 -30.95 -20.15
CA GLU E 259 19.24 -29.70 -20.86
C GLU E 259 18.77 -29.98 -22.27
N ARG E 260 18.58 -28.93 -23.05
CA ARG E 260 18.10 -29.08 -24.40
C ARG E 260 19.23 -29.57 -25.30
N THR E 261 18.86 -30.35 -26.31
CA THR E 261 19.83 -30.96 -27.20
C THR E 261 20.39 -29.96 -28.21
N ARG E 262 19.55 -29.04 -28.64
CA ARG E 262 20.00 -27.91 -29.45
C ARG E 262 21.17 -27.19 -28.81
N GLU E 263 21.12 -26.99 -27.49
CA GLU E 263 22.23 -26.36 -26.79
C GLU E 263 23.50 -27.18 -26.90
N GLY E 264 23.37 -28.51 -26.85
CA GLY E 264 24.54 -29.35 -27.01
C GLY E 264 25.15 -29.25 -28.38
N ASN E 265 24.31 -29.24 -29.42
CA ASN E 265 24.83 -29.06 -30.78
C ASN E 265 25.54 -27.73 -30.92
N ASP E 266 24.95 -26.67 -30.39
CA ASP E 266 25.57 -25.36 -30.49
C ASP E 266 26.90 -25.31 -29.76
N LEU E 267 26.95 -25.89 -28.57
CA LEU E 267 28.20 -25.93 -27.80
C LEU E 267 29.28 -26.72 -28.53
N TYR E 268 28.90 -27.86 -29.12
CA TYR E 268 29.89 -28.67 -29.82
C TYR E 268 30.46 -27.91 -31.02
N HIS E 269 29.59 -27.23 -31.76
CA HIS E 269 30.07 -26.47 -32.91
C HIS E 269 30.96 -25.32 -32.47
N GLU E 270 30.57 -24.61 -31.41
CA GLU E 270 31.40 -23.50 -30.93
C GLU E 270 32.73 -24.00 -30.40
N MET E 271 32.77 -25.19 -29.82
CA MET E 271 34.02 -25.74 -29.33
C MET E 271 34.92 -26.18 -30.47
N MET E 272 34.34 -26.74 -31.54
CA MET E 272 35.15 -27.02 -32.72
C MET E 272 35.68 -25.75 -33.36
N THR E 273 34.93 -24.66 -33.25
CA THR E 273 35.35 -23.41 -33.86
C THR E 273 36.54 -22.80 -33.14
N THR E 274 36.45 -22.66 -31.82
CA THR E 274 37.43 -21.93 -31.04
C THR E 274 38.60 -22.79 -30.59
N GLY E 275 38.88 -23.90 -31.28
CA GLY E 275 40.05 -24.68 -31.01
C GLY E 275 40.02 -25.52 -29.76
N VAL E 276 38.96 -25.42 -28.95
CA VAL E 276 38.86 -26.27 -27.77
C VAL E 276 38.68 -27.72 -28.17
N ILE E 277 38.18 -27.96 -29.38
CA ILE E 277 38.13 -29.29 -29.98
C ILE E 277 38.78 -29.20 -31.34
N LYS E 278 39.57 -30.22 -31.69
CA LYS E 278 40.35 -30.23 -32.93
C LYS E 278 40.13 -31.56 -33.62
N ARG E 279 39.10 -31.62 -34.44
CA ARG E 279 38.78 -32.82 -35.21
C ARG E 279 39.46 -32.72 -36.57
N LYS E 280 40.17 -33.78 -36.94
CA LYS E 280 40.90 -33.85 -38.20
C LYS E 280 40.56 -35.17 -38.86
N LYS E 281 39.79 -35.11 -39.93
CA LYS E 281 39.41 -36.32 -40.66
C LYS E 281 40.58 -36.82 -41.50
N LEU E 282 40.60 -38.14 -41.71
CA LEU E 282 41.66 -38.80 -42.43
C LEU E 282 41.08 -39.50 -43.66
N GLU E 283 41.97 -39.78 -44.63
CA GLU E 283 41.55 -40.39 -45.87
C GLU E 283 41.00 -41.80 -45.65
N ASP E 284 41.46 -42.48 -44.60
CA ASP E 284 41.06 -43.86 -44.32
C ASP E 284 39.78 -43.94 -43.49
N GLY E 285 39.06 -42.83 -43.34
CA GLY E 285 37.79 -42.82 -42.66
C GLY E 285 37.86 -42.63 -41.16
N LYS E 286 39.06 -42.68 -40.58
CA LYS E 286 39.21 -42.51 -39.14
C LYS E 286 39.20 -41.02 -38.80
N PHE E 287 39.56 -40.69 -37.56
CA PHE E 287 39.60 -39.32 -37.10
C PHE E 287 40.82 -39.14 -36.20
N ASP E 288 41.12 -37.88 -35.89
CA ASP E 288 42.25 -37.55 -35.03
C ASP E 288 41.86 -36.35 -34.19
N PHE E 289 41.69 -36.56 -32.89
CA PHE E 289 41.32 -35.52 -31.95
C PHE E 289 42.52 -35.04 -31.15
N THR E 290 43.69 -35.00 -31.77
CA THR E 290 44.88 -34.55 -31.07
C THR E 290 44.72 -33.11 -30.60
N GLY E 291 45.20 -32.83 -29.40
CA GLY E 291 44.86 -31.59 -28.73
C GLY E 291 43.50 -31.71 -28.11
N SER E 292 42.63 -30.76 -28.38
CA SER E 292 41.22 -30.86 -28.05
C SER E 292 41.02 -31.06 -26.55
N LYS E 293 41.44 -30.06 -25.78
CA LYS E 293 41.41 -30.12 -24.33
C LYS E 293 39.98 -29.89 -23.83
N ALA E 294 39.13 -30.89 -24.07
CA ALA E 294 37.77 -30.87 -23.58
C ALA E 294 37.14 -32.25 -23.79
N ALA E 295 36.25 -32.61 -22.87
CA ALA E 295 35.49 -33.84 -22.95
C ALA E 295 34.04 -33.55 -22.63
N LEU E 296 33.14 -34.16 -23.39
CA LEU E 296 31.71 -33.87 -23.30
C LEU E 296 30.94 -35.13 -22.98
N VAL E 297 29.95 -34.97 -22.11
CA VAL E 297 29.05 -36.05 -21.69
C VAL E 297 27.64 -35.48 -21.68
N TYR E 298 26.67 -36.27 -22.13
CA TYR E 298 25.33 -35.76 -22.36
C TYR E 298 24.27 -36.75 -21.93
N GLY E 299 23.31 -36.25 -21.15
CA GLY E 299 22.22 -37.02 -20.60
C GLY E 299 20.88 -36.34 -20.78
N GLN E 300 20.66 -35.78 -21.97
CA GLN E 300 19.66 -34.74 -22.18
C GLN E 300 18.22 -35.19 -21.92
N MET E 301 17.28 -34.25 -22.07
CA MET E 301 15.90 -34.47 -21.66
C MET E 301 15.27 -35.67 -22.34
N ASN E 302 15.65 -35.95 -23.58
CA ASN E 302 15.08 -37.08 -24.29
C ASN E 302 15.39 -38.40 -23.59
N GLU E 303 16.47 -38.45 -22.84
CA GLU E 303 16.82 -39.69 -22.17
C GLU E 303 15.97 -39.88 -20.92
N PRO E 304 15.78 -41.13 -20.50
CA PRO E 304 14.95 -41.39 -19.34
C PRO E 304 15.72 -41.23 -18.05
N PRO E 305 15.04 -41.36 -16.91
CA PRO E 305 15.75 -41.42 -15.64
C PRO E 305 16.62 -42.66 -15.54
N GLY E 306 17.69 -42.54 -14.78
CA GLY E 306 18.72 -43.55 -14.74
C GLY E 306 19.91 -43.14 -15.55
N ALA E 307 19.64 -42.48 -16.67
CA ALA E 307 20.67 -41.88 -17.50
C ALA E 307 21.00 -40.46 -17.04
N ARG E 308 19.97 -39.65 -16.84
CA ARG E 308 20.16 -38.28 -16.36
C ARG E 308 20.84 -38.26 -15.01
N ALA E 309 20.54 -39.26 -14.18
CA ALA E 309 21.15 -39.33 -12.86
C ALA E 309 22.63 -39.69 -12.94
N ARG E 310 22.97 -40.71 -13.71
CA ARG E 310 24.32 -41.26 -13.69
C ARG E 310 25.28 -40.58 -14.65
N VAL E 311 24.78 -39.72 -15.54
CA VAL E 311 25.69 -39.05 -16.46
C VAL E 311 26.60 -38.08 -15.73
N ALA E 312 26.11 -37.49 -14.64
CA ALA E 312 26.93 -36.60 -13.85
C ALA E 312 28.07 -37.37 -13.19
N LEU E 313 27.78 -38.55 -12.66
CA LEU E 313 28.84 -39.38 -12.10
C LEU E 313 29.83 -39.81 -13.17
N THR E 314 29.34 -40.06 -14.38
CA THR E 314 30.22 -40.39 -15.49
C THR E 314 31.23 -39.28 -15.74
N ALA E 315 30.73 -38.06 -15.94
CA ALA E 315 31.63 -36.94 -16.18
C ALA E 315 32.55 -36.69 -15.00
N LEU E 316 32.05 -36.89 -13.79
CA LEU E 316 32.87 -36.64 -12.61
C LEU E 316 33.99 -37.66 -12.49
N SER E 317 33.74 -38.91 -12.91
CA SER E 317 34.82 -39.88 -12.95
C SER E 317 35.83 -39.55 -14.03
N VAL E 318 35.34 -39.09 -15.19
CA VAL E 318 36.24 -38.67 -16.25
C VAL E 318 37.17 -37.56 -15.78
N ALA E 319 36.67 -36.68 -14.91
CA ALA E 319 37.50 -35.61 -14.37
C ALA E 319 38.39 -36.10 -13.23
N GLU E 320 37.88 -37.02 -12.42
CA GLU E 320 38.66 -37.56 -11.32
C GLU E 320 39.89 -38.30 -11.83
N TYR E 321 39.80 -38.91 -13.01
CA TYR E 321 40.98 -39.53 -13.59
C TYR E 321 42.08 -38.51 -13.80
N PHE E 322 41.78 -37.38 -14.45
CA PHE E 322 42.79 -36.36 -14.69
C PHE E 322 43.29 -35.77 -13.38
N ARG E 323 42.42 -35.65 -12.39
CA ARG E 323 42.86 -35.12 -11.09
C ARG E 323 43.85 -36.06 -10.42
N ASP E 324 43.45 -37.32 -10.21
CA ASP E 324 44.25 -38.22 -9.39
C ASP E 324 45.55 -38.60 -10.08
N GLU E 325 45.46 -39.22 -11.25
CA GLU E 325 46.64 -39.78 -11.91
C GLU E 325 47.47 -38.68 -12.56
N GLN E 326 46.91 -38.01 -13.56
CA GLN E 326 47.64 -36.96 -14.25
C GLN E 326 48.03 -35.83 -13.32
N GLY E 327 47.13 -35.45 -12.42
CA GLY E 327 47.40 -34.36 -11.50
C GLY E 327 47.18 -32.99 -12.07
N GLN E 328 46.59 -32.89 -13.26
CA GLN E 328 46.34 -31.61 -13.89
C GLN E 328 45.09 -30.94 -13.31
N ASP E 329 45.10 -29.62 -13.30
CA ASP E 329 43.93 -28.87 -12.88
C ASP E 329 42.81 -29.13 -13.88
N VAL E 330 41.58 -29.29 -13.38
CA VAL E 330 40.46 -29.61 -14.23
C VAL E 330 39.31 -28.65 -14.01
N LEU E 331 38.56 -28.41 -15.07
CA LEU E 331 37.39 -27.55 -15.08
C LEU E 331 36.18 -28.41 -15.40
N LEU E 332 35.17 -28.36 -14.55
CA LEU E 332 33.95 -29.12 -14.75
C LEU E 332 32.78 -28.16 -14.83
N PHE E 333 31.97 -28.31 -15.87
CA PHE E 333 30.77 -27.52 -16.07
C PHE E 333 29.59 -28.45 -16.09
N ILE E 334 28.58 -28.15 -15.27
CA ILE E 334 27.38 -28.95 -15.17
C ILE E 334 26.17 -28.10 -15.49
N ASP E 335 25.33 -28.58 -16.38
CA ASP E 335 24.08 -27.95 -16.80
C ASP E 335 22.97 -28.96 -16.61
N ASN E 336 21.84 -28.50 -16.08
CA ASN E 336 21.70 -28.18 -14.67
C ASN E 336 21.76 -29.40 -13.76
N ILE E 337 22.30 -29.17 -12.57
CA ILE E 337 22.40 -30.20 -11.54
C ILE E 337 21.01 -30.58 -11.03
N TYR E 338 20.07 -29.64 -11.02
CA TYR E 338 18.73 -29.92 -10.51
C TYR E 338 18.07 -31.08 -11.23
N ARG E 339 18.34 -31.21 -12.52
CA ARG E 339 17.77 -32.29 -13.30
C ARG E 339 18.17 -33.64 -12.72
N PHE E 340 19.41 -33.73 -12.23
CA PHE E 340 19.88 -34.96 -11.63
C PHE E 340 19.02 -35.34 -10.43
N THR E 341 18.70 -34.36 -9.59
CA THR E 341 17.82 -34.63 -8.45
C THR E 341 16.42 -35.00 -8.92
N GLN E 342 15.91 -34.32 -9.95
CA GLN E 342 14.57 -34.60 -10.43
C GLN E 342 14.44 -36.04 -10.91
N ALA E 343 15.51 -36.54 -11.53
CA ALA E 343 15.48 -37.89 -12.07
C ALA E 343 15.21 -38.90 -10.96
N GLY E 344 15.81 -38.68 -9.79
CA GLY E 344 15.60 -39.61 -8.70
C GLY E 344 14.14 -39.65 -8.27
N SER E 345 13.51 -38.48 -8.23
CA SER E 345 12.11 -38.42 -7.84
C SER E 345 11.25 -39.19 -8.83
N GLU E 346 11.62 -39.11 -10.11
CA GLU E 346 10.81 -39.76 -11.13
C GLU E 346 10.69 -41.27 -10.92
N VAL E 347 11.63 -41.88 -10.20
CA VAL E 347 11.65 -43.33 -9.98
C VAL E 347 11.47 -43.73 -8.53
N SER E 348 11.60 -42.80 -7.59
CA SER E 348 11.59 -43.17 -6.18
C SER E 348 10.31 -43.91 -5.81
N ALA E 349 9.17 -43.35 -6.20
CA ALA E 349 7.90 -43.99 -5.87
C ALA E 349 7.75 -45.35 -6.54
N LEU E 350 8.46 -45.59 -7.64
CA LEU E 350 8.41 -46.91 -8.25
C LEU E 350 9.29 -47.89 -7.49
N LEU E 351 10.33 -47.39 -6.83
CA LEU E 351 11.18 -48.25 -6.02
C LEU E 351 10.62 -48.49 -4.62
N GLY E 352 9.38 -48.08 -4.37
CA GLY E 352 8.74 -48.37 -3.11
C GLY E 352 9.03 -47.41 -1.98
N ARG E 353 9.55 -46.23 -2.28
CA ARG E 353 9.84 -45.23 -1.27
C ARG E 353 8.65 -44.30 -1.06
N ILE E 354 8.50 -43.82 0.18
CA ILE E 354 7.47 -42.85 0.50
C ILE E 354 7.99 -41.48 0.09
N PRO E 355 7.16 -40.62 -0.50
CA PRO E 355 7.65 -39.30 -0.90
C PRO E 355 7.93 -38.40 0.29
N SER E 356 8.80 -37.44 0.03
CA SER E 356 9.20 -36.41 0.98
C SER E 356 8.28 -35.19 0.81
N ALA E 357 8.72 -34.05 1.31
CA ALA E 357 7.85 -32.88 1.50
C ALA E 357 7.05 -32.53 0.25
N VAL E 358 7.73 -32.18 -0.84
CA VAL E 358 7.04 -31.61 -2.00
C VAL E 358 7.20 -32.55 -3.18
N GLY E 359 7.24 -33.85 -2.92
CA GLY E 359 7.33 -34.85 -3.94
C GLY E 359 8.73 -35.38 -4.15
N TYR E 360 9.73 -34.69 -3.64
CA TYR E 360 11.10 -35.15 -3.79
C TYR E 360 11.30 -36.43 -3.00
N GLN E 361 12.43 -37.06 -3.25
CA GLN E 361 12.77 -38.30 -2.61
C GLN E 361 13.33 -38.07 -1.21
N PRO E 362 13.33 -39.08 -0.36
CA PRO E 362 14.05 -38.95 0.91
C PRO E 362 15.54 -38.82 0.71
N THR E 363 16.11 -39.63 -0.18
CA THR E 363 17.55 -39.61 -0.43
C THR E 363 17.91 -38.49 -1.41
N LEU E 364 17.64 -37.26 -0.98
CA LEU E 364 17.98 -36.07 -1.76
C LEU E 364 19.33 -35.53 -1.32
N ALA E 365 19.44 -35.18 -0.05
CA ALA E 365 20.66 -34.55 0.46
C ALA E 365 21.84 -35.50 0.35
N THR E 366 21.62 -36.77 0.67
CA THR E 366 22.70 -37.75 0.60
C THR E 366 23.12 -38.03 -0.84
N ASP E 367 22.15 -38.20 -1.73
CA ASP E 367 22.48 -38.47 -3.13
C ASP E 367 23.19 -37.30 -3.78
N LEU E 368 22.93 -36.08 -3.31
CA LEU E 368 23.60 -34.90 -3.84
C LEU E 368 24.97 -34.71 -3.20
N GLY E 369 25.09 -35.04 -1.92
CA GLY E 369 26.36 -34.88 -1.24
C GLY E 369 27.38 -35.90 -1.66
N GLN E 370 26.94 -37.13 -1.93
CA GLN E 370 27.84 -38.15 -2.45
C GLN E 370 28.45 -37.71 -3.78
N LEU E 371 27.71 -36.93 -4.55
CA LEU E 371 28.26 -36.33 -5.76
C LEU E 371 29.21 -35.19 -5.43
N GLN E 372 28.73 -34.23 -4.65
CA GLN E 372 29.47 -32.98 -4.47
C GLN E 372 30.80 -33.21 -3.77
N GLU E 373 30.84 -34.12 -2.81
CA GLU E 373 32.08 -34.36 -2.09
C GLU E 373 33.17 -34.96 -2.97
N ARG E 374 32.79 -35.62 -4.07
CA ARG E 374 33.77 -36.07 -5.03
C ARG E 374 34.38 -34.91 -5.81
N ILE E 375 33.70 -33.78 -5.86
CA ILE E 375 34.22 -32.58 -6.52
C ILE E 375 34.94 -31.78 -5.45
N THR E 376 36.25 -31.93 -5.38
CA THR E 376 37.01 -31.16 -4.41
C THR E 376 38.49 -31.23 -4.74
N THR E 377 39.20 -30.20 -4.31
CA THR E 377 40.64 -30.15 -4.46
C THR E 377 41.31 -31.09 -3.46
N THR E 378 42.42 -31.69 -3.90
CA THR E 378 43.21 -32.55 -3.04
C THR E 378 44.69 -32.20 -3.18
N LYS E 379 45.56 -33.01 -2.59
CA LYS E 379 46.99 -32.83 -2.69
C LYS E 379 47.59 -33.47 -3.92
N LYS E 380 46.76 -33.91 -4.86
CA LYS E 380 47.19 -34.42 -6.15
C LYS E 380 46.70 -33.58 -7.32
N GLY E 381 45.55 -32.94 -7.18
CA GLY E 381 45.02 -32.11 -8.23
C GLY E 381 43.98 -31.17 -7.70
N SER E 382 43.16 -30.67 -8.63
CA SER E 382 42.11 -29.73 -8.28
C SER E 382 41.04 -29.76 -9.35
N ILE E 383 39.78 -29.66 -8.93
CA ILE E 383 38.64 -29.59 -9.84
C ILE E 383 37.88 -28.34 -9.49
N THR E 384 37.83 -27.41 -10.44
CA THR E 384 37.00 -26.21 -10.33
C THR E 384 35.70 -26.48 -11.08
N SER E 385 34.60 -26.53 -10.34
CA SER E 385 33.30 -26.84 -10.91
C SER E 385 32.44 -25.59 -10.99
N VAL E 386 31.55 -25.58 -11.98
CA VAL E 386 30.62 -24.49 -12.20
C VAL E 386 29.28 -25.14 -12.51
N GLN E 387 28.35 -25.05 -11.56
CA GLN E 387 27.07 -25.72 -11.64
C GLN E 387 25.97 -24.70 -11.84
N ALA E 388 25.14 -24.92 -12.84
CA ALA E 388 23.93 -24.13 -13.05
C ALA E 388 22.77 -24.87 -12.39
N VAL E 389 22.08 -24.19 -11.49
CA VAL E 389 21.03 -24.79 -10.67
C VAL E 389 19.71 -24.16 -11.05
N TYR E 390 18.85 -24.93 -11.72
CA TYR E 390 17.51 -24.46 -11.98
C TYR E 390 16.76 -24.26 -10.67
N VAL E 391 16.11 -23.11 -10.57
CA VAL E 391 15.31 -22.75 -9.40
C VAL E 391 13.87 -22.57 -9.86
N PRO E 392 13.03 -23.58 -9.68
CA PRO E 392 11.69 -23.53 -10.27
C PRO E 392 10.82 -22.46 -9.62
N ALA E 393 10.13 -21.71 -10.48
CA ALA E 393 9.22 -20.65 -10.06
C ALA E 393 9.95 -19.56 -9.28
N ASP E 394 11.27 -19.44 -9.49
CA ASP E 394 12.08 -18.44 -8.82
C ASP E 394 11.98 -18.56 -7.30
N ASP E 395 11.78 -19.77 -6.80
CA ASP E 395 11.65 -20.04 -5.38
C ASP E 395 12.94 -20.67 -4.87
N LEU E 396 13.72 -19.88 -4.15
CA LEU E 396 14.96 -20.36 -3.55
C LEU E 396 14.74 -21.21 -2.31
N THR E 397 13.50 -21.30 -1.83
CA THR E 397 13.17 -22.12 -0.67
C THR E 397 12.92 -23.57 -1.05
N ASP E 398 13.02 -23.91 -2.33
CA ASP E 398 12.81 -25.28 -2.75
C ASP E 398 13.92 -26.16 -2.17
N PRO E 399 13.61 -27.42 -1.86
CA PRO E 399 14.61 -28.26 -1.20
C PRO E 399 15.87 -28.47 -2.01
N ALA E 400 15.77 -28.55 -3.34
CA ALA E 400 16.97 -28.86 -4.13
C ALA E 400 17.97 -27.73 -4.08
N PRO E 401 17.65 -26.50 -4.48
CA PRO E 401 18.60 -25.40 -4.30
C PRO E 401 18.92 -25.10 -2.86
N ALA E 402 17.96 -25.27 -1.96
CA ALA E 402 18.22 -25.06 -0.54
C ALA E 402 19.33 -25.98 -0.04
N THR E 403 19.33 -27.24 -0.48
CA THR E 403 20.38 -28.16 -0.12
C THR E 403 21.67 -27.87 -0.87
N THR E 404 21.56 -27.40 -2.11
CA THR E 404 22.76 -27.16 -2.91
C THR E 404 23.53 -25.94 -2.43
N PHE E 405 22.85 -24.99 -1.77
CA PHE E 405 23.53 -23.79 -1.31
C PHE E 405 24.66 -24.13 -0.35
N ALA E 406 24.45 -25.15 0.49
CA ALA E 406 25.42 -25.50 1.50
C ALA E 406 26.64 -26.22 0.94
N HIS E 407 26.61 -26.62 -0.32
CA HIS E 407 27.68 -27.39 -0.92
C HIS E 407 28.62 -26.54 -1.76
N LEU E 408 28.47 -25.23 -1.74
CA LEU E 408 29.16 -24.36 -2.68
C LEU E 408 30.07 -23.39 -1.94
N ASP E 409 31.20 -23.08 -2.59
CA ASP E 409 32.11 -22.05 -2.11
C ASP E 409 31.69 -20.67 -2.60
N ALA E 410 31.32 -20.56 -3.87
CA ALA E 410 30.88 -19.30 -4.45
C ALA E 410 29.48 -19.45 -5.01
N THR E 411 28.72 -18.39 -4.90
CA THR E 411 27.31 -18.38 -5.26
C THR E 411 27.03 -17.17 -6.14
N THR E 412 26.12 -17.35 -7.09
CA THR E 412 25.76 -16.27 -8.01
C THR E 412 24.30 -16.48 -8.38
N VAL E 413 23.43 -15.60 -7.88
CA VAL E 413 22.00 -15.74 -8.05
C VAL E 413 21.56 -14.73 -9.09
N LEU E 414 20.90 -15.22 -10.13
CA LEU E 414 20.41 -14.39 -11.21
C LEU E 414 18.93 -14.11 -11.00
N SER E 415 18.51 -12.93 -11.41
CA SER E 415 17.17 -12.44 -11.13
C SER E 415 16.48 -12.04 -12.42
N ARG E 416 15.15 -12.10 -12.37
CA ARG E 416 14.30 -11.68 -13.48
C ARG E 416 14.00 -10.19 -13.39
N GLN E 417 13.85 -9.67 -12.17
CA GLN E 417 13.58 -8.26 -11.99
C GLN E 417 14.71 -7.41 -12.55
N ILE E 418 15.93 -7.94 -12.53
CA ILE E 418 17.07 -7.22 -13.08
C ILE E 418 17.14 -7.39 -14.60
N ALA E 419 16.85 -8.59 -15.09
CA ALA E 419 16.90 -8.83 -16.52
C ALA E 419 15.81 -8.04 -17.25
N GLU E 420 14.73 -7.71 -16.55
CA GLU E 420 13.70 -6.87 -17.13
C GLU E 420 14.23 -5.48 -17.45
N LEU E 421 15.24 -5.02 -16.72
CA LEU E 421 15.86 -3.73 -16.97
C LEU E 421 16.93 -3.80 -18.03
N GLY E 422 17.05 -4.92 -18.74
CA GLY E 422 18.10 -5.07 -19.73
C GLY E 422 19.49 -5.14 -19.16
N ILE E 423 19.62 -5.33 -17.85
CA ILE E 423 20.92 -5.45 -17.20
C ILE E 423 21.34 -6.91 -17.27
N TYR E 424 22.14 -7.24 -18.26
CA TYR E 424 22.66 -8.57 -18.48
C TYR E 424 24.17 -8.54 -18.31
N PRO E 425 24.76 -9.44 -17.51
CA PRO E 425 24.22 -10.53 -16.72
C PRO E 425 23.31 -10.08 -15.59
N ALA E 426 22.23 -10.82 -15.37
CA ALA E 426 21.19 -10.41 -14.43
C ALA E 426 21.49 -10.89 -13.03
N VAL E 427 22.72 -10.62 -12.58
CA VAL E 427 23.18 -11.07 -11.28
C VAL E 427 22.63 -10.15 -10.20
N ASP E 428 22.05 -10.73 -9.16
CA ASP E 428 21.62 -9.98 -7.99
C ASP E 428 22.82 -9.86 -7.06
N PRO E 429 23.42 -8.68 -6.91
CA PRO E 429 24.62 -8.58 -6.06
C PRO E 429 24.32 -8.62 -4.57
N LEU E 430 23.06 -8.70 -4.17
CA LEU E 430 22.68 -8.80 -2.77
C LEU E 430 22.34 -10.22 -2.35
N ASP E 431 22.18 -11.14 -3.30
CA ASP E 431 22.06 -12.55 -3.01
C ASP E 431 23.32 -13.34 -3.34
N SER E 432 24.17 -12.83 -4.23
CA SER E 432 25.42 -13.48 -4.53
C SER E 432 26.39 -13.29 -3.38
N THR E 433 27.09 -14.36 -3.02
CA THR E 433 28.09 -14.33 -1.96
C THR E 433 29.31 -15.09 -2.41
N SER E 434 30.34 -15.09 -1.57
CA SER E 434 31.53 -15.87 -1.83
C SER E 434 32.34 -15.98 -0.55
N ARG E 435 32.87 -17.17 -0.31
CA ARG E 435 33.76 -17.38 0.82
C ARG E 435 35.05 -16.58 0.67
N MET E 436 35.45 -16.29 -0.56
CA MET E 436 36.73 -15.65 -0.81
C MET E 436 36.72 -14.17 -0.45
N LEU E 437 35.55 -13.54 -0.42
CA LEU E 437 35.49 -12.10 -0.18
C LEU E 437 35.77 -11.83 1.30
N ALA E 438 37.05 -11.82 1.62
CA ALA E 438 37.54 -11.53 2.95
C ALA E 438 38.81 -10.70 2.81
N PRO E 439 39.10 -9.81 3.76
CA PRO E 439 40.23 -8.90 3.59
C PRO E 439 41.57 -9.60 3.55
N GLU E 440 41.68 -10.82 4.08
CA GLU E 440 42.96 -11.49 4.10
C GLU E 440 43.28 -12.16 2.77
N ILE E 441 42.25 -12.53 2.01
CA ILE E 441 42.43 -13.21 0.73
C ILE E 441 42.52 -12.15 -0.36
N VAL E 442 41.44 -11.40 -0.53
CA VAL E 442 41.44 -10.19 -1.33
C VAL E 442 41.64 -9.01 -0.38
N GLY E 443 42.47 -8.07 -0.78
CA GLY E 443 42.82 -6.98 0.11
C GLY E 443 41.65 -6.11 0.51
N GLN E 444 41.91 -5.13 1.38
CA GLN E 444 40.83 -4.26 1.85
C GLN E 444 40.36 -3.30 0.77
N GLU E 445 41.22 -2.99 -0.19
CA GLU E 445 40.79 -2.15 -1.31
C GLU E 445 39.67 -2.81 -2.09
N HIS E 446 39.67 -4.14 -2.14
CA HIS E 446 38.63 -4.92 -2.79
C HIS E 446 37.44 -5.12 -1.86
N TYR E 447 37.72 -5.52 -0.62
CA TYR E 447 36.66 -5.85 0.33
C TYR E 447 35.80 -4.64 0.63
N ASP E 448 36.44 -3.52 0.99
CA ASP E 448 35.69 -2.31 1.33
C ASP E 448 34.93 -1.79 0.13
N THR E 449 35.51 -1.90 -1.07
CA THR E 449 34.82 -1.46 -2.27
C THR E 449 33.55 -2.26 -2.49
N ALA E 450 33.67 -3.59 -2.38
CA ALA E 450 32.49 -4.45 -2.57
C ALA E 450 31.43 -4.17 -1.53
N ARG E 451 31.83 -4.04 -0.26
CA ARG E 451 30.86 -3.80 0.79
C ARG E 451 30.21 -2.43 0.66
N ALA E 452 30.95 -1.43 0.19
CA ALA E 452 30.34 -0.13 -0.05
C ALA E 452 29.34 -0.18 -1.18
N THR E 453 29.67 -0.91 -2.25
CA THR E 453 28.71 -1.11 -3.33
C THR E 453 27.43 -1.77 -2.82
N GLN E 454 27.58 -2.81 -2.00
CA GLN E 454 26.41 -3.51 -1.48
C GLN E 454 25.59 -2.62 -0.56
N LYS E 455 26.26 -1.82 0.27
CA LYS E 455 25.56 -0.90 1.15
C LYS E 455 24.77 0.12 0.34
N LEU E 456 25.39 0.67 -0.69
CA LEU E 456 24.71 1.63 -1.56
C LEU E 456 23.47 1.01 -2.20
N LEU E 457 23.60 -0.21 -2.72
CA LEU E 457 22.47 -0.83 -3.38
C LEU E 457 21.35 -1.15 -2.40
N GLN E 458 21.68 -1.55 -1.17
CA GLN E 458 20.65 -1.80 -0.18
C GLN E 458 19.95 -0.51 0.22
N ASP E 459 20.71 0.58 0.30
CA ASP E 459 20.11 1.88 0.59
C ASP E 459 19.15 2.28 -0.50
N TYR E 460 19.55 2.11 -1.76
CA TYR E 460 18.64 2.40 -2.87
C TYR E 460 17.40 1.50 -2.82
N LYS E 461 17.56 0.27 -2.36
CA LYS E 461 16.40 -0.63 -2.26
C LYS E 461 15.45 -0.23 -1.15
N SER E 462 15.95 0.35 -0.07
CA SER E 462 15.09 0.81 1.01
C SER E 462 14.33 2.09 0.66
N LEU E 463 14.85 2.89 -0.26
CA LEU E 463 14.16 4.10 -0.70
C LEU E 463 13.12 3.86 -1.78
N GLN E 464 12.92 2.61 -2.21
CA GLN E 464 12.01 2.35 -3.32
C GLN E 464 10.57 2.72 -2.98
N ASP E 465 10.11 2.35 -1.78
CA ASP E 465 8.72 2.60 -1.42
C ASP E 465 8.44 4.09 -1.24
N ILE E 466 9.36 4.81 -0.61
CA ILE E 466 9.19 6.25 -0.46
C ILE E 466 9.09 6.92 -1.83
N ILE E 467 9.88 6.44 -2.79
CA ILE E 467 9.80 7.01 -4.13
C ILE E 467 8.48 6.64 -4.79
N ALA E 468 7.97 5.44 -4.52
CA ALA E 468 6.78 4.99 -5.22
C ALA E 468 5.54 5.69 -4.69
N ILE E 469 5.52 6.03 -3.40
CA ILE E 469 4.35 6.65 -2.81
C ILE E 469 4.42 8.16 -3.00
N LEU E 470 5.44 8.79 -2.41
CA LEU E 470 5.55 10.24 -2.44
C LEU E 470 6.14 10.74 -3.75
N GLY E 471 7.39 10.37 -4.02
CA GLY E 471 8.09 10.80 -5.22
C GLY E 471 9.50 11.27 -4.89
N MET E 472 10.24 11.54 -5.97
CA MET E 472 11.61 12.03 -5.82
C MET E 472 11.68 13.41 -5.19
N ASP E 473 10.59 14.17 -5.25
CA ASP E 473 10.58 15.52 -4.70
C ASP E 473 10.86 15.52 -3.20
N GLU E 474 10.40 14.48 -2.49
CA GLU E 474 10.56 14.42 -1.05
C GLU E 474 11.97 14.04 -0.61
N LEU E 475 12.74 13.40 -1.48
CA LEU E 475 14.06 12.95 -1.08
C LEU E 475 15.02 14.11 -0.95
N SER E 476 15.87 14.06 0.07
CA SER E 476 16.92 15.04 0.25
C SER E 476 17.97 14.89 -0.83
N GLU E 477 18.94 15.81 -0.83
CA GLU E 477 20.00 15.76 -1.85
C GLU E 477 20.97 14.61 -1.57
N GLU E 478 21.16 14.24 -0.30
CA GLU E 478 21.94 13.06 0.01
C GLU E 478 21.30 11.81 -0.58
N ASP E 479 19.98 11.67 -0.40
CA ASP E 479 19.28 10.51 -0.94
C ASP E 479 19.27 10.53 -2.46
N LYS E 480 19.18 11.72 -3.06
CA LYS E 480 19.23 11.80 -4.52
C LYS E 480 20.60 11.40 -5.05
N LEU E 481 21.66 11.84 -4.38
CA LEU E 481 23.00 11.40 -4.73
C LEU E 481 23.13 9.89 -4.60
N VAL E 482 22.55 9.34 -3.53
CA VAL E 482 22.59 7.89 -3.32
C VAL E 482 21.90 7.18 -4.47
N VAL E 483 20.71 7.65 -4.84
CA VAL E 483 19.95 7.01 -5.92
C VAL E 483 20.70 7.07 -7.22
N SER E 484 21.30 8.23 -7.52
CA SER E 484 22.06 8.39 -8.75
C SER E 484 23.24 7.43 -8.80
N ARG E 485 24.01 7.36 -7.72
CA ARG E 485 25.16 6.49 -7.69
C ARG E 485 24.75 5.02 -7.78
N ALA E 486 23.64 4.67 -7.13
CA ALA E 486 23.19 3.28 -7.17
C ALA E 486 22.73 2.90 -8.57
N ARG E 487 22.00 3.78 -9.24
CA ARG E 487 21.60 3.50 -10.62
C ARG E 487 22.82 3.38 -11.52
N LYS E 488 23.80 4.25 -11.33
CA LYS E 488 25.02 4.16 -12.13
C LYS E 488 25.74 2.85 -11.89
N ILE E 489 25.81 2.41 -10.64
CA ILE E 489 26.46 1.13 -10.34
C ILE E 489 25.71 -0.03 -10.98
N GLN E 490 24.38 -0.02 -10.86
CA GLN E 490 23.58 -1.05 -11.50
C GLN E 490 23.85 -1.14 -12.98
N ARG E 491 23.83 0.00 -13.66
CA ARG E 491 24.06 0.00 -15.09
C ARG E 491 25.51 -0.36 -15.42
N PHE E 492 26.44 -0.10 -14.50
CA PHE E 492 27.86 -0.32 -14.76
C PHE E 492 28.26 -1.77 -14.60
N LEU E 493 27.62 -2.49 -13.68
CA LEU E 493 27.92 -3.91 -13.51
C LEU E 493 27.56 -4.72 -14.75
N SER E 494 26.65 -4.23 -15.57
CA SER E 494 26.36 -4.87 -16.84
C SER E 494 27.58 -4.84 -17.75
N GLN E 495 27.64 -5.80 -18.66
CA GLN E 495 28.64 -5.80 -19.70
C GLN E 495 28.19 -6.76 -20.79
N PRO E 496 28.66 -6.57 -22.03
CA PRO E 496 28.28 -7.48 -23.11
C PRO E 496 29.27 -8.62 -23.27
N PHE E 497 28.74 -9.80 -23.50
CA PHE E 497 29.56 -10.98 -23.71
C PHE E 497 29.82 -11.17 -25.20
N THR E 498 30.81 -12.01 -25.49
CA THR E 498 31.14 -12.31 -26.87
C THR E 498 30.11 -13.23 -27.50
N VAL E 499 29.52 -14.13 -26.71
CA VAL E 499 28.53 -15.06 -27.24
C VAL E 499 27.15 -14.44 -27.38
N ALA E 500 26.89 -13.29 -26.74
CA ALA E 500 25.61 -12.61 -26.86
C ALA E 500 25.58 -11.64 -28.04
N GLU E 501 26.54 -11.75 -28.96
CA GLU E 501 26.51 -10.90 -30.15
C GLU E 501 25.27 -11.19 -30.97
N VAL E 502 24.82 -12.45 -30.95
CA VAL E 502 23.68 -12.86 -31.75
C VAL E 502 22.36 -12.43 -31.13
N PHE E 503 22.38 -11.75 -29.99
CA PHE E 503 21.18 -11.14 -29.43
C PHE E 503 21.23 -9.62 -29.49
N THR E 504 22.37 -9.03 -29.12
CA THR E 504 22.53 -7.59 -29.07
C THR E 504 23.24 -7.01 -30.28
N GLY E 505 24.12 -7.79 -30.91
CA GLY E 505 24.94 -7.30 -31.99
C GLY E 505 26.18 -6.57 -31.56
N LYS E 506 26.27 -6.16 -30.30
CA LYS E 506 27.43 -5.42 -29.83
C LYS E 506 28.59 -6.37 -29.61
N PRO E 507 29.82 -5.88 -29.68
CA PRO E 507 30.98 -6.74 -29.46
C PRO E 507 31.21 -7.02 -27.98
N GLY E 508 32.02 -8.04 -27.74
CA GLY E 508 32.29 -8.48 -26.39
C GLY E 508 33.48 -7.80 -25.76
N ARG E 509 33.53 -7.90 -24.44
CA ARG E 509 34.55 -7.24 -23.64
C ARG E 509 35.12 -8.21 -22.62
N PHE E 510 36.38 -7.98 -22.24
CA PHE E 510 37.06 -8.72 -21.19
C PHE E 510 37.64 -7.69 -20.24
N VAL E 511 37.03 -7.57 -19.07
CA VAL E 511 37.39 -6.55 -18.09
C VAL E 511 38.22 -7.21 -17.00
N GLU E 512 39.47 -6.76 -16.86
CA GLU E 512 40.28 -7.23 -15.76
C GLU E 512 39.81 -6.60 -14.45
N LEU E 513 40.31 -7.14 -13.36
CA LEU E 513 39.78 -6.85 -12.03
C LEU E 513 40.26 -5.50 -11.49
N PRO E 514 41.54 -5.16 -11.63
CA PRO E 514 41.97 -3.82 -11.18
C PRO E 514 41.21 -2.68 -11.83
N GLU E 515 40.89 -2.81 -13.12
CA GLU E 515 40.08 -1.80 -13.78
C GLU E 515 38.70 -1.69 -13.14
N THR E 516 38.12 -2.83 -12.79
CA THR E 516 36.81 -2.83 -12.14
C THR E 516 36.88 -2.14 -10.79
N ILE E 517 37.93 -2.42 -10.02
CA ILE E 517 38.04 -1.83 -8.69
C ILE E 517 38.26 -0.33 -8.79
N LYS E 518 39.14 0.10 -9.72
CA LYS E 518 39.33 1.52 -9.94
C LYS E 518 38.03 2.20 -10.31
N SER E 519 37.27 1.62 -11.23
CA SER E 519 36.03 2.24 -11.68
C SER E 519 35.01 2.31 -10.55
N ALA E 520 34.89 1.26 -9.76
CA ALA E 520 33.93 1.26 -8.66
C ALA E 520 34.31 2.29 -7.60
N GLN E 521 35.60 2.34 -7.24
CA GLN E 521 36.05 3.36 -6.31
C GLN E 521 35.76 4.75 -6.83
N THR E 522 36.01 4.97 -8.12
CA THR E 522 35.76 6.27 -8.72
C THR E 522 34.29 6.65 -8.67
N ILE E 523 33.41 5.69 -8.96
CA ILE E 523 31.98 5.99 -8.97
C ILE E 523 31.47 6.25 -7.57
N LEU E 524 31.99 5.51 -6.58
CA LEU E 524 31.50 5.66 -5.22
C LEU E 524 32.05 6.93 -4.57
N ARG E 525 33.25 7.35 -4.97
CA ARG E 525 33.85 8.55 -4.41
C ARG E 525 33.12 9.83 -4.83
N GLY E 526 32.38 9.78 -5.93
CA GLY E 526 31.66 10.93 -6.42
C GLY E 526 32.33 11.68 -7.55
N GLU E 527 33.39 11.11 -8.14
CA GLU E 527 34.07 11.76 -9.25
C GLU E 527 33.21 11.82 -10.51
N CYS E 528 32.38 10.80 -10.74
CA CYS E 528 31.61 10.68 -11.97
C CYS E 528 30.14 11.10 -11.81
N ASP E 529 29.82 11.89 -10.79
CA ASP E 529 28.43 12.31 -10.65
C ASP E 529 27.98 13.10 -11.87
N ASP E 530 28.89 13.89 -12.44
CA ASP E 530 28.54 14.69 -13.61
C ASP E 530 28.17 13.81 -14.80
N LEU E 531 28.85 12.68 -14.95
CA LEU E 531 28.60 11.81 -16.08
C LEU E 531 27.15 11.31 -16.09
N PRO E 532 26.52 11.18 -17.25
CA PRO E 532 25.14 10.72 -17.30
C PRO E 532 24.98 9.24 -17.01
N GLU E 533 23.79 8.90 -16.51
CA GLU E 533 23.47 7.52 -16.13
C GLU E 533 23.51 6.58 -17.33
N MET E 534 23.04 7.05 -18.48
CA MET E 534 22.98 6.21 -19.68
C MET E 534 24.36 5.75 -20.11
N ALA E 535 25.37 6.58 -19.86
CA ALA E 535 26.72 6.26 -20.32
C ALA E 535 27.21 4.93 -19.77
N PHE E 536 26.85 4.62 -18.52
CA PHE E 536 27.32 3.38 -17.90
C PHE E 536 26.44 2.21 -18.33
N TYR E 537 26.53 1.86 -19.60
CA TYR E 537 25.77 0.74 -20.14
C TYR E 537 26.67 -0.08 -21.07
N MET E 538 26.83 -1.36 -20.74
CA MET E 538 27.62 -2.28 -21.56
C MET E 538 28.98 -1.70 -21.89
N CYS E 539 29.63 -1.15 -20.87
CA CYS E 539 30.96 -0.57 -21.02
C CYS E 539 31.94 -1.39 -20.20
N GLY E 540 33.03 -1.81 -20.83
CA GLY E 540 34.02 -2.59 -20.13
C GLY E 540 34.71 -1.81 -19.03
N GLY E 541 35.01 -0.54 -19.31
CA GLY E 541 35.74 0.29 -18.37
C GLY E 541 35.18 1.69 -18.34
N LEU E 542 35.59 2.42 -17.31
CA LEU E 542 35.14 3.80 -17.12
C LEU E 542 35.52 4.67 -18.31
N GLU E 543 36.69 4.43 -18.90
CA GLU E 543 37.11 5.23 -20.05
C GLU E 543 36.09 5.08 -21.18
N GLU E 544 35.59 3.87 -21.37
CA GLU E 544 34.58 3.67 -22.41
C GLU E 544 33.35 4.49 -22.07
N VAL E 545 33.02 4.58 -20.78
CA VAL E 545 31.85 5.34 -20.37
C VAL E 545 32.06 6.80 -20.75
N ARG E 546 33.28 7.31 -20.56
CA ARG E 546 33.56 8.69 -20.91
C ARG E 546 33.38 8.90 -22.40
N SER E 547 33.85 7.93 -23.19
CA SER E 547 33.73 8.04 -24.64
C SER E 547 32.27 8.07 -25.05
N LYS E 548 31.44 7.23 -24.42
CA LYS E 548 30.03 7.21 -24.75
C LYS E 548 29.35 8.50 -24.34
N ALA E 549 29.74 9.07 -23.21
CA ALA E 549 29.17 10.34 -22.78
C ALA E 549 29.55 11.45 -23.74
N VAL E 550 30.80 11.47 -24.18
CA VAL E 550 31.24 12.45 -25.16
C VAL E 550 30.41 12.33 -26.43
N LYS E 551 30.21 11.11 -26.91
CA LYS E 551 29.42 10.92 -28.13
C LYS E 551 27.98 11.39 -27.93
N MET E 552 27.38 11.05 -26.80
CA MET E 552 25.99 11.45 -26.55
C MET E 552 25.87 12.95 -26.42
N ALA E 553 26.88 13.62 -25.86
CA ALA E 553 26.82 15.07 -25.74
C ALA E 553 27.02 15.73 -27.10
N GLN E 554 27.88 15.17 -27.94
CA GLN E 554 28.07 15.73 -29.27
C GLN E 554 26.81 15.55 -30.12
N GLU E 555 26.17 14.39 -30.03
CA GLU E 555 24.93 14.16 -30.76
C GLU E 555 23.80 15.04 -30.25
N ALA E 556 23.92 15.55 -29.03
CA ALA E 556 22.90 16.47 -28.50
C ALA E 556 22.96 17.83 -29.16
N ALA E 557 24.07 18.16 -29.82
CA ALA E 557 24.20 19.43 -30.51
C ALA E 557 25.30 19.36 -31.56
N ASN F 80 -1.93 -60.86 34.76
CA ASN F 80 -1.52 -61.46 33.51
C ASN F 80 -0.02 -61.28 33.26
N HIS F 81 0.51 -62.07 32.34
CA HIS F 81 1.89 -61.98 31.91
C HIS F 81 1.94 -62.13 30.41
N GLY F 82 2.61 -61.19 29.76
CA GLY F 82 2.74 -61.17 28.31
C GLY F 82 4.16 -60.93 27.88
N ARG F 83 4.35 -60.88 26.57
CA ARG F 83 5.65 -60.72 25.96
C ARG F 83 5.60 -59.63 24.90
N ILE F 84 6.69 -58.86 24.82
CA ILE F 84 6.80 -57.86 23.78
C ILE F 84 7.04 -58.56 22.45
N THR F 85 6.24 -58.19 21.45
CA THR F 85 6.40 -58.71 20.10
C THR F 85 7.13 -57.74 19.18
N GLN F 86 6.94 -56.44 19.35
CA GLN F 86 7.75 -55.53 18.55
C GLN F 86 7.83 -54.16 19.19
N VAL F 87 8.82 -53.41 18.76
CA VAL F 87 9.14 -52.08 19.27
C VAL F 87 9.41 -51.19 18.07
N ILE F 88 8.56 -50.19 17.88
CA ILE F 88 8.72 -49.20 16.82
C ILE F 88 8.79 -47.86 17.53
N GLY F 89 10.00 -47.43 17.87
CA GLY F 89 10.19 -46.21 18.61
C GLY F 89 9.49 -46.23 19.95
N ALA F 90 8.47 -45.39 20.11
CA ALA F 90 7.67 -45.32 21.33
C ALA F 90 6.35 -46.08 21.21
N VAL F 91 6.30 -47.08 20.33
CA VAL F 91 5.09 -47.84 20.06
C VAL F 91 5.44 -49.30 20.24
N VAL F 92 4.92 -49.90 21.30
CA VAL F 92 5.29 -51.25 21.70
C VAL F 92 4.08 -52.15 21.52
N ASP F 93 4.24 -53.20 20.72
CA ASP F 93 3.20 -54.19 20.51
C ASP F 93 3.51 -55.44 21.31
N VAL F 94 2.53 -55.87 22.10
CA VAL F 94 2.67 -56.85 23.16
C VAL F 94 1.68 -57.98 22.93
N HIS F 95 2.06 -59.18 23.34
CA HIS F 95 1.26 -60.38 23.15
C HIS F 95 0.92 -61.00 24.48
N PHE F 96 -0.35 -61.35 24.66
CA PHE F 96 -0.84 -62.08 25.82
C PHE F 96 -1.42 -63.41 25.40
N ASP F 97 -1.45 -64.34 26.34
CA ASP F 97 -1.96 -65.68 26.09
C ASP F 97 -3.44 -65.80 26.37
N GLU F 98 -3.97 -64.97 27.27
CA GLU F 98 -5.37 -65.06 27.67
C GLU F 98 -5.74 -63.85 28.49
N GLN F 99 -7.01 -63.46 28.40
CA GLN F 99 -7.58 -62.35 29.17
C GLN F 99 -6.80 -61.05 28.94
N LEU F 100 -6.92 -60.57 27.71
CA LEU F 100 -6.30 -59.32 27.32
C LEU F 100 -6.71 -58.20 28.28
N PRO F 101 -5.88 -57.18 28.46
CA PRO F 101 -6.27 -56.06 29.27
C PRO F 101 -7.12 -55.08 28.45
N PRO F 102 -8.06 -54.40 29.08
CA PRO F 102 -8.81 -53.36 28.36
C PRO F 102 -7.91 -52.22 27.94
N ILE F 103 -8.50 -51.31 27.20
CA ILE F 103 -7.78 -50.13 26.73
C ILE F 103 -7.64 -49.14 27.87
N LEU F 104 -6.57 -48.36 27.83
CA LEU F 104 -6.17 -47.39 28.85
C LEU F 104 -5.54 -48.06 30.06
N ASN F 105 -5.48 -49.38 30.12
CA ASN F 105 -4.83 -50.04 31.24
C ASN F 105 -3.33 -49.82 31.20
N SER F 106 -2.70 -50.06 32.33
CA SER F 106 -1.26 -49.88 32.50
C SER F 106 -0.57 -51.23 32.47
N LEU F 107 0.62 -51.26 31.89
CA LEU F 107 1.44 -52.46 31.85
C LEU F 107 2.84 -52.10 32.32
N GLU F 108 3.39 -52.92 33.19
CA GLU F 108 4.71 -52.69 33.76
C GLU F 108 5.69 -53.68 33.14
N VAL F 109 6.76 -53.16 32.60
CA VAL F 109 7.80 -54.01 32.03
C VAL F 109 8.73 -54.48 33.14
N GLN F 110 9.23 -55.71 32.98
CA GLN F 110 10.07 -56.35 33.98
C GLN F 110 11.34 -56.81 33.30
N GLY F 111 12.48 -56.35 33.79
CA GLY F 111 13.76 -56.79 33.26
C GLY F 111 14.68 -55.65 32.85
N HIS F 112 14.40 -54.45 33.34
CA HIS F 112 15.31 -53.33 33.11
C HIS F 112 14.98 -52.22 34.07
N THR F 113 15.98 -51.37 34.32
CA THR F 113 15.80 -50.23 35.21
C THR F 113 14.96 -49.16 34.52
N ASN F 114 14.80 -48.02 35.19
CA ASN F 114 14.01 -46.93 34.65
C ASN F 114 12.57 -47.40 34.38
N ARG F 115 11.86 -47.65 35.48
CA ARG F 115 10.56 -48.31 35.47
C ARG F 115 9.71 -47.82 34.31
N LEU F 116 9.35 -48.75 33.43
CA LEU F 116 8.69 -48.43 32.17
C LEU F 116 7.23 -48.83 32.25
N VAL F 117 6.36 -47.88 31.95
CA VAL F 117 4.92 -48.07 31.97
C VAL F 117 4.39 -47.88 30.57
N LEU F 118 3.48 -48.77 30.17
CA LEU F 118 2.91 -48.81 28.83
C LEU F 118 1.41 -48.68 28.93
N GLU F 119 0.84 -47.76 28.16
CA GLU F 119 -0.59 -47.52 28.16
C GLU F 119 -1.18 -48.15 26.91
N VAL F 120 -2.14 -49.04 27.10
CA VAL F 120 -2.79 -49.69 25.97
C VAL F 120 -3.58 -48.67 25.17
N ALA F 121 -3.61 -48.85 23.86
CA ALA F 121 -4.32 -47.93 22.99
C ALA F 121 -5.13 -48.59 21.90
N GLN F 122 -4.92 -49.87 21.61
CA GLN F 122 -5.54 -50.46 20.44
C GLN F 122 -5.36 -51.97 20.51
N HIS F 123 -6.42 -52.69 20.18
CA HIS F 123 -6.36 -54.13 19.97
C HIS F 123 -6.21 -54.44 18.49
N LEU F 124 -5.49 -55.53 18.20
CA LEU F 124 -5.11 -55.84 16.84
C LEU F 124 -5.45 -57.26 16.41
N GLY F 125 -5.81 -58.14 17.33
CA GLY F 125 -6.01 -59.54 17.03
C GLY F 125 -4.79 -60.38 17.39
N GLU F 126 -4.99 -61.69 17.36
CA GLU F 126 -3.96 -62.64 17.75
C GLU F 126 -3.56 -62.43 19.20
N ASN F 127 -4.49 -61.97 20.03
CA ASN F 127 -4.23 -61.65 21.43
C ASN F 127 -3.08 -60.65 21.56
N THR F 128 -2.98 -59.74 20.61
CA THR F 128 -1.95 -58.71 20.59
C THR F 128 -2.58 -57.34 20.80
N VAL F 129 -1.82 -56.47 21.46
CA VAL F 129 -2.25 -55.11 21.74
C VAL F 129 -1.10 -54.16 21.40
N ARG F 130 -1.47 -52.90 21.19
CA ARG F 130 -0.53 -51.83 20.92
C ARG F 130 -0.53 -50.84 22.08
N THR F 131 0.63 -50.33 22.41
CA THR F 131 0.82 -49.52 23.59
C THR F 131 1.73 -48.35 23.29
N ILE F 132 1.46 -47.25 23.98
CA ILE F 132 2.32 -46.08 23.98
C ILE F 132 3.12 -46.07 25.26
N ALA F 133 4.42 -45.83 25.14
CA ALA F 133 5.31 -45.85 26.29
C ALA F 133 5.39 -44.47 26.93
N MET F 134 5.46 -44.46 28.25
CA MET F 134 5.62 -43.23 29.01
C MET F 134 7.07 -42.81 29.15
N ASP F 135 8.02 -43.70 28.84
CA ASP F 135 9.43 -43.40 28.91
C ASP F 135 10.11 -44.01 27.68
N ALA F 136 11.44 -43.99 27.68
CA ALA F 136 12.19 -44.42 26.53
C ALA F 136 12.16 -45.94 26.38
N THR F 137 12.27 -46.38 25.12
CA THR F 137 12.21 -47.80 24.78
C THR F 137 13.58 -48.39 24.49
N GLU F 138 14.64 -47.63 24.69
CA GLU F 138 15.97 -48.12 24.42
C GLU F 138 16.34 -49.20 25.44
N GLY F 139 16.91 -50.29 24.93
CA GLY F 139 17.28 -51.41 25.76
C GLY F 139 16.20 -52.46 25.91
N LEU F 140 15.14 -52.38 25.13
CA LEU F 140 14.07 -53.37 25.19
C LEU F 140 14.37 -54.52 24.24
N VAL F 141 13.81 -55.68 24.56
CA VAL F 141 14.08 -56.92 23.86
C VAL F 141 12.75 -57.58 23.54
N ARG F 142 12.67 -58.23 22.39
CA ARG F 142 11.49 -59.00 22.07
C ARG F 142 11.46 -60.26 22.93
N GLY F 143 10.26 -60.58 23.43
CA GLY F 143 10.11 -61.63 24.41
C GLY F 143 10.22 -61.17 25.84
N GLN F 144 10.52 -59.90 26.07
CA GLN F 144 10.62 -59.38 27.43
C GLN F 144 9.27 -59.47 28.12
N LYS F 145 9.29 -59.88 29.38
CA LYS F 145 8.06 -60.12 30.11
C LYS F 145 7.41 -58.81 30.54
N VAL F 146 6.08 -58.82 30.56
CA VAL F 146 5.28 -57.65 30.87
C VAL F 146 4.13 -58.08 31.77
N VAL F 147 3.82 -57.24 32.76
CA VAL F 147 2.74 -57.52 33.69
C VAL F 147 1.62 -56.52 33.47
N ASP F 148 0.39 -56.98 33.68
CA ASP F 148 -0.79 -56.13 33.59
C ASP F 148 -1.25 -55.80 35.00
N THR F 149 -1.26 -54.51 35.33
CA THR F 149 -1.65 -54.06 36.65
C THR F 149 -3.13 -54.27 36.92
N GLY F 150 -3.95 -54.37 35.88
CA GLY F 150 -5.37 -54.57 36.02
C GLY F 150 -6.18 -53.30 36.17
N ALA F 151 -5.59 -52.13 35.96
CA ALA F 151 -6.29 -50.87 36.03
C ALA F 151 -5.42 -49.81 35.39
N PRO F 152 -6.00 -48.66 35.01
CA PRO F 152 -5.20 -47.64 34.34
C PRO F 152 -4.18 -46.99 35.25
N ILE F 153 -3.49 -45.98 34.73
CA ILE F 153 -2.48 -45.28 35.52
C ILE F 153 -3.15 -44.67 36.74
N GLN F 154 -2.72 -45.11 37.92
CA GLN F 154 -3.33 -44.73 39.18
C GLN F 154 -2.41 -43.77 39.92
N VAL F 155 -2.85 -42.52 40.01
CA VAL F 155 -2.10 -41.46 40.69
C VAL F 155 -2.52 -41.43 42.15
N PRO F 156 -1.60 -41.18 43.08
CA PRO F 156 -2.01 -40.98 44.48
C PRO F 156 -2.67 -39.63 44.69
N VAL F 157 -3.55 -39.59 45.68
CA VAL F 157 -4.29 -38.38 46.01
C VAL F 157 -4.36 -38.23 47.51
N GLY F 158 -4.53 -37.00 47.96
CA GLY F 158 -4.58 -36.69 49.37
C GLY F 158 -3.96 -35.33 49.63
N VAL F 159 -4.00 -34.94 50.90
CA VAL F 159 -3.27 -33.74 51.31
C VAL F 159 -1.77 -33.98 51.40
N GLU F 160 -1.34 -35.24 51.26
CA GLU F 160 0.07 -35.56 51.26
C GLU F 160 0.75 -35.20 49.94
N THR F 161 -0.01 -35.08 48.86
CA THR F 161 0.54 -34.64 47.58
C THR F 161 0.77 -33.15 47.52
N LEU F 162 0.47 -32.42 48.59
CA LEU F 162 0.72 -31.00 48.64
C LEU F 162 2.18 -30.71 48.88
N GLY F 163 2.74 -29.78 48.12
CA GLY F 163 4.14 -29.43 48.21
C GLY F 163 5.06 -30.36 47.46
N ARG F 164 4.57 -31.50 46.99
CA ARG F 164 5.39 -32.46 46.27
C ARG F 164 5.36 -32.18 44.78
N ILE F 165 6.22 -32.89 44.07
CA ILE F 165 6.20 -32.95 42.62
C ILE F 165 5.95 -34.40 42.24
N MET F 166 5.26 -34.60 41.14
CA MET F 166 4.89 -35.93 40.69
C MET F 166 4.88 -35.96 39.18
N ASN F 167 5.22 -37.12 38.63
CA ASN F 167 5.15 -37.34 37.21
C ASN F 167 3.82 -37.98 36.84
N VAL F 168 3.65 -38.27 35.55
CA VAL F 168 2.37 -38.79 35.06
C VAL F 168 2.01 -40.11 35.73
N ILE F 169 3.01 -40.91 36.11
CA ILE F 169 2.76 -42.20 36.70
C ILE F 169 2.75 -42.12 38.22
N GLY F 170 2.61 -40.91 38.75
CA GLY F 170 2.46 -40.71 40.17
C GLY F 170 3.75 -40.70 40.97
N GLU F 171 4.86 -41.10 40.38
CA GLU F 171 6.10 -41.15 41.12
C GLU F 171 6.60 -39.75 41.42
N PRO F 172 7.28 -39.55 42.54
CA PRO F 172 7.86 -38.24 42.84
C PRO F 172 9.24 -38.04 42.25
N VAL F 173 9.51 -36.80 41.88
CA VAL F 173 10.78 -36.42 41.27
C VAL F 173 11.39 -35.24 42.02
N ASP F 174 11.06 -35.10 43.30
CA ASP F 174 11.58 -34.02 44.12
C ASP F 174 12.66 -34.47 45.09
N GLU F 175 13.00 -35.76 45.11
CA GLU F 175 14.07 -36.27 45.95
C GLU F 175 13.79 -35.95 47.42
N CYS F 176 12.60 -36.34 47.87
CA CYS F 176 12.20 -36.09 49.25
C CYS F 176 11.45 -37.27 49.86
N GLY F 177 11.33 -38.38 49.15
CA GLY F 177 10.69 -39.57 49.67
C GLY F 177 9.47 -39.93 48.87
N PRO F 178 8.82 -41.04 49.21
CA PRO F 178 7.60 -41.44 48.53
C PRO F 178 6.37 -40.77 49.12
N VAL F 179 5.29 -40.81 48.34
CA VAL F 179 4.02 -40.19 48.72
C VAL F 179 3.25 -41.22 49.55
N PRO F 180 3.09 -41.02 50.86
CA PRO F 180 2.42 -42.02 51.70
C PRO F 180 0.91 -41.82 51.75
N ALA F 181 0.27 -41.86 50.59
CA ALA F 181 -1.16 -41.62 50.47
C ALA F 181 -1.94 -42.92 50.62
N LYS F 182 -3.13 -42.79 51.21
CA LYS F 182 -4.00 -43.93 51.47
C LYS F 182 -5.03 -44.16 50.38
N LYS F 183 -4.76 -43.69 49.16
CA LYS F 183 -5.73 -43.77 48.09
C LYS F 183 -5.03 -43.60 46.75
N THR F 184 -5.75 -44.00 45.70
CA THR F 184 -5.27 -43.90 44.33
C THR F 184 -6.46 -43.75 43.41
N TYR F 185 -6.35 -42.84 42.46
CA TYR F 185 -7.41 -42.55 41.51
C TYR F 185 -6.88 -42.75 40.10
N SER F 186 -7.72 -43.29 39.24
CA SER F 186 -7.37 -43.39 37.83
C SER F 186 -7.36 -42.00 37.21
N ILE F 187 -6.48 -41.83 36.22
CA ILE F 187 -6.41 -40.56 35.51
C ILE F 187 -7.47 -40.47 34.43
N HIS F 188 -8.03 -41.59 34.01
CA HIS F 188 -9.12 -41.63 33.03
C HIS F 188 -10.40 -41.87 33.82
N ARG F 189 -11.13 -40.79 34.09
CA ARG F 189 -12.37 -40.85 34.84
C ARG F 189 -13.46 -40.20 34.02
N ALA F 190 -14.66 -40.79 34.06
CA ALA F 190 -15.78 -40.20 33.38
C ALA F 190 -16.11 -38.84 33.96
N ALA F 191 -16.55 -37.93 33.10
CA ALA F 191 -16.89 -36.58 33.51
C ALA F 191 -18.14 -36.60 34.37
N PRO F 192 -18.44 -35.49 35.04
CA PRO F 192 -19.69 -35.42 35.81
C PRO F 192 -20.90 -35.53 34.90
N LEU F 193 -21.94 -36.19 35.42
CA LEU F 193 -23.13 -36.41 34.64
C LEU F 193 -23.93 -35.11 34.49
N PHE F 194 -25.08 -35.22 33.84
CA PHE F 194 -25.95 -34.08 33.65
C PHE F 194 -26.70 -33.72 34.92
N ALA F 195 -26.97 -34.70 35.77
CA ALA F 195 -27.69 -34.45 37.01
C ALA F 195 -26.78 -33.86 38.07
N ASP F 196 -25.59 -34.43 38.25
CA ASP F 196 -24.64 -33.95 39.25
C ASP F 196 -23.85 -32.77 38.70
N GLN F 197 -24.57 -31.68 38.43
CA GLN F 197 -23.94 -30.50 37.89
C GLN F 197 -24.77 -29.29 38.28
N SER F 198 -24.09 -28.21 38.63
CA SER F 198 -24.73 -27.03 39.18
C SER F 198 -25.15 -26.08 38.07
N THR F 199 -26.41 -25.63 38.13
CA THR F 199 -26.95 -24.72 37.15
C THR F 199 -26.75 -23.25 37.52
N GLU F 200 -26.38 -22.97 38.77
CA GLU F 200 -26.20 -21.60 39.22
C GLU F 200 -24.74 -21.21 39.04
N PRO F 201 -24.40 -20.34 38.10
CA PRO F 201 -23.03 -19.85 38.01
C PRO F 201 -22.74 -18.80 39.07
N GLY F 202 -21.46 -18.67 39.40
CA GLY F 202 -21.03 -17.71 40.39
C GLY F 202 -19.60 -17.32 40.18
N LEU F 203 -19.30 -16.06 40.46
CA LEU F 203 -17.94 -15.56 40.30
C LEU F 203 -17.00 -16.20 41.31
N LEU F 204 -15.73 -15.89 41.16
CA LEU F 204 -14.66 -16.34 42.04
C LEU F 204 -13.99 -15.11 42.63
N GLN F 205 -14.18 -14.90 43.93
CA GLN F 205 -13.59 -13.75 44.60
C GLN F 205 -12.10 -13.93 44.75
N THR F 206 -11.32 -13.39 43.80
CA THR F 206 -9.88 -13.51 43.84
C THR F 206 -9.27 -12.57 44.87
N GLY F 207 -9.51 -11.27 44.70
CA GLY F 207 -8.86 -10.26 45.51
C GLY F 207 -8.04 -9.32 44.66
N ILE F 208 -8.17 -9.44 43.35
CA ILE F 208 -7.48 -8.58 42.40
C ILE F 208 -8.50 -7.65 41.77
N LYS F 209 -8.12 -6.38 41.62
CA LYS F 209 -9.10 -5.36 41.23
C LYS F 209 -9.45 -5.43 39.75
N VAL F 210 -8.43 -5.41 38.89
CA VAL F 210 -8.67 -5.42 37.45
C VAL F 210 -9.38 -6.69 37.03
N VAL F 211 -9.01 -7.82 37.64
CA VAL F 211 -9.63 -9.09 37.30
C VAL F 211 -11.10 -9.08 37.70
N ASP F 212 -11.38 -8.81 38.97
CA ASP F 212 -12.75 -8.83 39.45
C ASP F 212 -13.58 -7.72 38.85
N LEU F 213 -12.98 -6.72 38.22
CA LEU F 213 -13.73 -5.61 37.65
C LEU F 213 -14.05 -5.87 36.17
N LEU F 214 -13.01 -6.06 35.36
CA LEU F 214 -13.17 -6.04 33.91
C LEU F 214 -13.14 -7.43 33.27
N ALA F 215 -12.66 -8.44 33.97
CA ALA F 215 -12.63 -9.81 33.46
C ALA F 215 -12.96 -10.77 34.61
N PRO F 216 -14.19 -10.72 35.11
CA PRO F 216 -14.53 -11.55 36.27
C PRO F 216 -14.45 -13.03 35.94
N TYR F 217 -13.81 -13.77 36.82
CA TYR F 217 -13.69 -15.21 36.67
C TYR F 217 -14.98 -15.87 37.14
N ALA F 218 -15.01 -17.20 37.09
CA ALA F 218 -16.19 -17.94 37.51
C ALA F 218 -15.79 -19.31 38.02
N LYS F 219 -16.63 -19.87 38.88
CA LYS F 219 -16.44 -21.23 39.34
C LYS F 219 -16.81 -22.22 38.25
N GLY F 220 -16.07 -23.31 38.18
CA GLY F 220 -16.24 -24.26 37.10
C GLY F 220 -15.87 -23.71 35.75
N GLY F 221 -15.13 -22.60 35.72
CA GLY F 221 -14.76 -21.96 34.48
C GLY F 221 -13.38 -22.36 34.01
N LYS F 222 -13.05 -21.85 32.82
CA LYS F 222 -11.76 -22.11 32.19
C LYS F 222 -11.27 -20.78 31.64
N ILE F 223 -10.17 -20.28 32.19
CA ILE F 223 -9.71 -18.93 31.95
C ILE F 223 -8.45 -18.97 31.13
N GLY F 224 -8.48 -18.28 29.98
CA GLY F 224 -7.29 -18.14 29.17
C GLY F 224 -6.39 -17.07 29.76
N LEU F 225 -5.09 -17.30 29.64
CA LEU F 225 -4.07 -16.40 30.18
C LEU F 225 -3.03 -16.19 29.07
N PHE F 226 -3.26 -15.16 28.27
CA PHE F 226 -2.39 -14.83 27.15
C PHE F 226 -1.27 -13.93 27.62
N GLY F 227 -0.11 -14.52 27.87
CA GLY F 227 1.07 -13.77 28.26
C GLY F 227 2.25 -14.67 28.52
N GLY F 228 3.40 -14.28 28.01
CA GLY F 228 4.62 -15.05 28.22
C GLY F 228 5.38 -14.59 29.45
N ALA F 229 6.68 -14.45 29.32
CA ALA F 229 7.53 -14.00 30.41
C ALA F 229 7.80 -12.51 30.29
N GLY F 230 8.40 -11.95 31.33
CA GLY F 230 8.64 -10.53 31.36
C GLY F 230 7.39 -9.71 31.65
N VAL F 231 6.37 -10.35 32.21
CA VAL F 231 5.09 -9.68 32.47
C VAL F 231 4.60 -9.88 33.90
N GLY F 232 5.13 -10.83 34.65
CA GLY F 232 4.70 -11.06 36.01
C GLY F 232 3.61 -12.11 36.11
N LYS F 233 3.78 -13.20 35.36
CA LYS F 233 2.78 -14.26 35.36
C LYS F 233 2.91 -15.15 36.58
N THR F 234 4.15 -15.49 36.96
CA THR F 234 4.35 -16.41 38.07
C THR F 234 3.85 -15.83 39.38
N VAL F 235 4.04 -14.52 39.56
CA VAL F 235 3.58 -13.88 40.78
C VAL F 235 2.06 -13.83 40.82
N LEU F 236 1.44 -13.60 39.67
CA LEU F 236 -0.02 -13.69 39.59
C LEU F 236 -0.49 -15.08 39.97
N ILE F 237 0.22 -16.10 39.51
CA ILE F 237 -0.14 -17.48 39.83
C ILE F 237 -0.08 -17.70 41.33
N MET F 238 1.03 -17.32 41.96
CA MET F 238 1.18 -17.54 43.39
C MET F 238 0.14 -16.74 44.17
N GLU F 239 -0.19 -15.54 43.70
CA GLU F 239 -1.20 -14.74 44.38
C GLU F 239 -2.57 -15.39 44.29
N LEU F 240 -2.93 -15.90 43.11
CA LEU F 240 -4.20 -16.60 42.98
C LEU F 240 -4.26 -17.77 43.94
N ILE F 241 -3.18 -18.55 44.01
CA ILE F 241 -3.16 -19.70 44.90
C ILE F 241 -3.35 -19.26 46.35
N ASN F 242 -2.56 -18.29 46.79
CA ASN F 242 -2.59 -17.88 48.19
C ASN F 242 -3.96 -17.29 48.54
N ASN F 243 -4.51 -16.45 47.68
CA ASN F 243 -5.78 -15.80 48.00
C ASN F 243 -6.94 -16.79 47.98
N VAL F 244 -6.92 -17.76 47.06
CA VAL F 244 -7.97 -18.76 47.05
C VAL F 244 -7.83 -19.72 48.22
N ALA F 245 -6.61 -19.93 48.71
CA ALA F 245 -6.45 -20.81 49.87
C ALA F 245 -6.88 -20.12 51.15
N ASN F 246 -6.57 -18.83 51.28
CA ASN F 246 -6.91 -18.11 52.50
C ASN F 246 -8.43 -17.92 52.60
N LYS F 247 -9.03 -17.30 51.58
CA LYS F 247 -10.45 -16.96 51.66
C LYS F 247 -11.33 -18.18 51.44
N HIS F 248 -11.25 -18.80 50.26
CA HIS F 248 -12.11 -19.92 49.93
C HIS F 248 -11.68 -21.22 50.60
N GLY F 249 -10.53 -21.23 51.27
CA GLY F 249 -10.07 -22.44 51.92
C GLY F 249 -9.70 -23.57 50.99
N GLY F 250 -9.65 -23.33 49.69
CA GLY F 250 -9.41 -24.37 48.71
C GLY F 250 -7.96 -24.43 48.25
N PHE F 251 -7.49 -25.65 48.02
CA PHE F 251 -6.13 -25.87 47.58
C PHE F 251 -6.00 -25.58 46.08
N SER F 252 -4.86 -25.94 45.52
CA SER F 252 -4.57 -25.65 44.12
C SER F 252 -3.66 -26.72 43.55
N VAL F 253 -3.55 -26.72 42.23
CA VAL F 253 -2.73 -27.68 41.51
C VAL F 253 -2.08 -26.99 40.33
N PHE F 254 -0.85 -27.40 40.02
CA PHE F 254 -0.12 -26.89 38.87
C PHE F 254 0.36 -28.07 38.05
N ALA F 255 0.07 -28.04 36.76
CA ALA F 255 0.48 -29.06 35.81
C ALA F 255 1.40 -28.43 34.79
N GLY F 256 2.57 -29.02 34.61
CA GLY F 256 3.51 -28.58 33.61
C GLY F 256 3.51 -29.53 32.45
N VAL F 257 2.88 -29.12 31.35
CA VAL F 257 2.71 -29.97 30.17
C VAL F 257 3.86 -29.61 29.25
N GLY F 258 4.92 -30.37 29.34
CA GLY F 258 6.09 -30.16 28.51
C GLY F 258 6.71 -28.79 28.72
N GLU F 259 7.12 -28.51 29.94
CA GLU F 259 7.72 -27.23 30.28
C GLU F 259 9.23 -27.38 30.33
N ARG F 260 9.91 -26.25 30.22
CA ARG F 260 11.36 -26.26 30.36
C ARG F 260 11.73 -26.64 31.79
N THR F 261 12.79 -27.41 31.94
CA THR F 261 13.12 -27.96 33.25
C THR F 261 13.63 -26.88 34.19
N ARG F 262 14.47 -25.97 33.69
CA ARG F 262 14.95 -24.89 34.54
C ARG F 262 13.81 -24.00 34.98
N GLU F 263 12.78 -23.83 34.14
CA GLU F 263 11.61 -23.08 34.55
C GLU F 263 10.89 -23.78 35.70
N GLY F 264 10.84 -25.11 35.67
CA GLY F 264 10.25 -25.84 36.77
C GLY F 264 11.04 -25.68 38.05
N ASN F 265 12.37 -25.73 37.96
CA ASN F 265 13.19 -25.51 39.14
C ASN F 265 12.99 -24.11 39.68
N ASP F 266 12.94 -23.11 38.81
CA ASP F 266 12.71 -21.73 39.23
C ASP F 266 11.36 -21.60 39.93
N LEU F 267 10.33 -22.23 39.37
CA LEU F 267 9.00 -22.15 39.97
C LEU F 267 8.98 -22.83 41.34
N TYR F 268 9.66 -23.97 41.46
CA TYR F 268 9.71 -24.67 42.74
C TYR F 268 10.39 -23.81 43.79
N HIS F 269 11.50 -23.18 43.43
CA HIS F 269 12.20 -22.34 44.39
C HIS F 269 11.40 -21.09 44.74
N GLU F 270 10.70 -20.52 43.76
CA GLU F 270 9.86 -19.36 44.05
C GLU F 270 8.71 -19.74 44.97
N MET F 271 8.15 -20.93 44.79
CA MET F 271 7.10 -21.39 45.68
C MET F 271 7.61 -21.63 47.09
N MET F 272 8.79 -22.25 47.21
CA MET F 272 9.36 -22.47 48.53
C MET F 272 9.72 -21.16 49.20
N THR F 273 10.02 -20.13 48.41
CA THR F 273 10.36 -18.82 48.96
C THR F 273 9.12 -18.07 49.43
N THR F 274 8.09 -18.01 48.58
CA THR F 274 6.90 -17.22 48.87
C THR F 274 6.01 -17.84 49.93
N GLY F 275 6.34 -19.02 50.44
CA GLY F 275 5.53 -19.67 51.44
C GLY F 275 4.40 -20.52 50.91
N VAL F 276 4.26 -20.61 49.59
CA VAL F 276 3.25 -21.50 49.01
C VAL F 276 3.58 -22.94 49.34
N ILE F 277 4.86 -23.26 49.48
CA ILE F 277 5.32 -24.59 49.86
C ILE F 277 6.16 -24.45 51.13
N LYS F 278 6.00 -25.42 52.03
CA LYS F 278 6.66 -25.41 53.33
C LYS F 278 7.43 -26.72 53.49
N ARG F 279 8.67 -26.72 53.00
CA ARG F 279 9.53 -27.91 53.05
C ARG F 279 10.47 -27.76 54.23
N LYS F 280 10.06 -28.31 55.37
CA LYS F 280 10.84 -28.23 56.60
C LYS F 280 11.57 -29.54 56.82
N LYS F 281 12.88 -29.47 57.03
CA LYS F 281 13.65 -30.67 57.32
C LYS F 281 13.24 -31.27 58.65
N LEU F 282 13.42 -32.57 58.78
CA LEU F 282 13.17 -33.31 60.00
C LEU F 282 14.48 -33.81 60.59
N GLU F 283 14.39 -34.37 61.79
CA GLU F 283 15.59 -34.77 62.52
C GLU F 283 16.28 -35.94 61.84
N ASP F 284 15.51 -37.00 61.54
CA ASP F 284 16.10 -38.18 60.93
C ASP F 284 16.72 -37.86 59.57
N GLY F 285 16.16 -36.88 58.86
CA GLY F 285 16.62 -36.56 57.52
C GLY F 285 15.50 -36.51 56.50
N LYS F 286 14.29 -36.82 56.93
CA LYS F 286 13.14 -36.70 56.05
C LYS F 286 12.66 -35.25 56.00
N PHE F 287 11.58 -35.04 55.27
CA PHE F 287 10.94 -33.74 55.15
C PHE F 287 9.52 -33.79 55.70
N ASP F 288 9.01 -32.64 56.11
CA ASP F 288 7.67 -32.50 56.68
C ASP F 288 6.97 -31.40 55.88
N PHE F 289 6.31 -31.80 54.80
CA PHE F 289 5.52 -30.86 54.02
C PHE F 289 4.25 -30.53 54.78
N THR F 290 4.32 -29.50 55.63
CA THR F 290 3.19 -29.08 56.43
C THR F 290 2.22 -28.31 55.54
N GLY F 291 1.29 -27.58 56.16
CA GLY F 291 0.22 -26.99 55.40
C GLY F 291 0.71 -26.12 54.26
N SER F 292 0.59 -26.64 53.06
CA SER F 292 0.93 -25.95 51.83
C SER F 292 -0.36 -25.61 51.09
N LYS F 293 -0.21 -25.08 49.88
CA LYS F 293 -1.35 -24.58 49.13
C LYS F 293 -1.35 -25.05 47.68
N ALA F 294 -0.48 -25.99 47.31
CA ALA F 294 -0.41 -26.40 45.92
C ALA F 294 0.39 -27.68 45.72
N ALA F 295 -0.15 -28.60 44.95
CA ALA F 295 0.58 -29.72 44.40
C ALA F 295 1.08 -29.40 43.01
N LEU F 296 2.14 -30.11 42.61
CA LEU F 296 2.77 -29.92 41.32
C LEU F 296 2.82 -31.24 40.57
N VAL F 297 2.57 -31.19 39.28
CA VAL F 297 2.65 -32.34 38.40
C VAL F 297 3.37 -31.92 37.12
N TYR F 298 4.63 -32.30 37.01
CA TYR F 298 5.49 -31.85 35.93
C TYR F 298 5.64 -32.93 34.87
N GLY F 299 5.28 -32.58 33.64
CA GLY F 299 5.58 -33.40 32.49
C GLY F 299 6.69 -32.75 31.70
N GLN F 300 7.91 -33.27 31.83
CA GLN F 300 9.05 -32.57 31.30
C GLN F 300 9.08 -32.67 29.78
N MET F 301 9.73 -31.69 29.16
CA MET F 301 9.86 -31.68 27.71
C MET F 301 10.64 -32.88 27.21
N ASN F 302 11.61 -33.35 28.00
CA ASN F 302 12.39 -34.52 27.63
C ASN F 302 11.59 -35.81 27.69
N GLU F 303 10.37 -35.77 28.20
CA GLU F 303 9.55 -36.97 28.26
C GLU F 303 8.91 -37.23 26.90
N PRO F 304 8.64 -38.50 26.57
CA PRO F 304 8.13 -38.81 25.25
C PRO F 304 6.68 -38.43 25.11
N PRO F 305 6.15 -38.44 23.89
CA PRO F 305 4.71 -38.27 23.72
C PRO F 305 3.97 -39.50 24.22
N GLY F 306 2.95 -39.26 25.03
CA GLY F 306 2.29 -40.31 25.77
C GLY F 306 2.34 -39.96 27.24
N ALA F 307 3.49 -39.42 27.66
CA ALA F 307 3.58 -38.83 28.98
C ALA F 307 3.08 -37.39 28.96
N ARG F 308 3.57 -36.60 28.02
CA ARG F 308 3.15 -35.21 27.93
C ARG F 308 1.68 -35.08 27.60
N ALA F 309 1.08 -36.13 27.04
CA ALA F 309 -0.34 -36.13 26.73
C ALA F 309 -1.20 -36.58 27.90
N ARG F 310 -0.63 -37.27 28.88
CA ARG F 310 -1.38 -37.81 30.01
C ARG F 310 -0.98 -37.17 31.33
N VAL F 311 -0.46 -35.94 31.28
CA VAL F 311 -0.09 -35.23 32.50
C VAL F 311 -1.24 -34.40 33.02
N ALA F 312 -1.95 -33.71 32.14
CA ALA F 312 -3.07 -32.89 32.58
C ALA F 312 -4.13 -33.73 33.26
N LEU F 313 -4.31 -34.97 32.82
CA LEU F 313 -5.31 -35.84 33.44
C LEU F 313 -4.90 -36.22 34.86
N THR F 314 -3.59 -36.35 35.10
CA THR F 314 -3.08 -36.65 36.43
C THR F 314 -3.41 -35.54 37.41
N ALA F 315 -3.01 -34.31 37.09
CA ALA F 315 -3.33 -33.18 37.93
C ALA F 315 -4.83 -32.98 38.06
N LEU F 316 -5.57 -33.30 36.99
CA LEU F 316 -7.01 -33.12 37.03
C LEU F 316 -7.65 -34.10 37.99
N SER F 317 -7.15 -35.33 38.04
CA SER F 317 -7.63 -36.28 39.03
C SER F 317 -7.24 -35.86 40.44
N VAL F 318 -6.03 -35.34 40.60
CA VAL F 318 -5.59 -34.86 41.91
C VAL F 318 -6.52 -33.76 42.40
N ALA F 319 -7.02 -32.93 41.48
CA ALA F 319 -7.95 -31.87 41.84
C ALA F 319 -9.36 -32.40 42.05
N GLU F 320 -9.76 -33.39 41.26
CA GLU F 320 -11.07 -34.00 41.42
C GLU F 320 -11.21 -34.66 42.78
N TYR F 321 -10.10 -35.12 43.34
CA TYR F 321 -10.12 -35.63 44.71
C TYR F 321 -10.60 -34.56 45.69
N PHE F 322 -10.00 -33.37 45.61
CA PHE F 322 -10.39 -32.28 46.50
C PHE F 322 -11.82 -31.83 46.22
N ARG F 323 -12.21 -31.81 44.95
CA ARG F 323 -13.58 -31.41 44.62
C ARG F 323 -14.58 -32.36 45.26
N ASP F 324 -14.41 -33.66 45.04
CA ASP F 324 -15.44 -34.61 45.43
C ASP F 324 -15.54 -34.82 46.94
N GLU F 325 -14.55 -35.50 47.55
CA GLU F 325 -14.64 -35.79 48.98
C GLU F 325 -14.43 -34.55 49.84
N GLN F 326 -13.39 -33.76 49.56
CA GLN F 326 -13.16 -32.57 50.37
C GLN F 326 -14.28 -31.56 50.18
N GLY F 327 -14.85 -31.48 48.98
CA GLY F 327 -15.92 -30.54 48.74
C GLY F 327 -15.56 -29.07 48.81
N GLN F 328 -14.40 -28.71 48.29
CA GLN F 328 -13.97 -27.31 48.30
C GLN F 328 -13.48 -26.90 46.91
N ASP F 329 -13.61 -25.62 46.63
CA ASP F 329 -13.19 -25.10 45.33
C ASP F 329 -11.70 -25.23 45.19
N VAL F 330 -11.25 -25.53 43.97
CA VAL F 330 -9.83 -25.69 43.68
C VAL F 330 -9.49 -24.98 42.38
N LEU F 331 -8.22 -24.62 42.25
CA LEU F 331 -7.68 -23.96 41.09
C LEU F 331 -6.69 -24.89 40.42
N LEU F 332 -6.82 -25.03 39.12
CA LEU F 332 -5.96 -25.88 38.30
C LEU F 332 -5.25 -24.99 37.30
N PHE F 333 -3.94 -25.12 37.20
CA PHE F 333 -3.17 -24.33 36.26
C PHE F 333 -2.52 -25.30 35.30
N ILE F 334 -2.65 -25.05 34.00
CA ILE F 334 -2.02 -25.87 32.98
C ILE F 334 -1.12 -24.95 32.18
N ASP F 335 0.15 -25.33 32.04
CA ASP F 335 1.09 -24.52 31.28
C ASP F 335 1.94 -25.39 30.35
N ASN F 336 1.34 -25.93 29.28
CA ASN F 336 0.65 -25.16 28.25
C ASN F 336 -0.41 -26.08 27.68
N ILE F 337 -1.56 -25.52 27.30
CA ILE F 337 -2.62 -26.33 26.72
C ILE F 337 -2.21 -26.80 25.32
N TYR F 338 -1.57 -25.92 24.56
CA TYR F 338 -1.18 -26.25 23.20
C TYR F 338 -0.22 -27.42 23.19
N ARG F 339 0.69 -27.47 24.17
CA ARG F 339 1.64 -28.56 24.22
C ARG F 339 0.91 -29.89 24.37
N PHE F 340 -0.18 -29.89 25.14
CA PHE F 340 -1.01 -31.08 25.29
C PHE F 340 -1.57 -31.48 23.94
N THR F 341 -2.00 -30.49 23.17
CA THR F 341 -2.50 -30.78 21.82
C THR F 341 -1.40 -31.36 20.93
N GLN F 342 -0.19 -30.82 21.05
CA GLN F 342 0.94 -31.33 20.26
C GLN F 342 1.23 -32.77 20.59
N ALA F 343 1.19 -33.11 21.88
CA ALA F 343 1.44 -34.48 22.29
C ALA F 343 0.40 -35.41 21.72
N GLY F 344 -0.86 -34.99 21.72
CA GLY F 344 -1.90 -35.83 21.15
C GLY F 344 -1.68 -36.03 19.67
N SER F 345 -1.28 -34.97 18.96
CA SER F 345 -1.04 -35.10 17.51
C SER F 345 0.10 -36.06 17.24
N GLU F 346 1.17 -35.96 18.02
CA GLU F 346 2.31 -36.87 17.83
C GLU F 346 1.89 -38.31 18.08
N VAL F 347 1.22 -38.56 19.20
CA VAL F 347 0.78 -39.90 19.54
C VAL F 347 -0.10 -40.48 18.44
N SER F 348 -1.00 -39.66 17.89
CA SER F 348 -1.83 -40.13 16.79
C SER F 348 -1.02 -40.41 15.54
N ALA F 349 0.06 -39.67 15.33
CA ALA F 349 0.88 -39.91 14.14
C ALA F 349 1.66 -41.21 14.27
N LEU F 350 2.14 -41.51 15.47
CA LEU F 350 2.91 -42.74 15.67
C LEU F 350 2.05 -43.97 15.39
N LEU F 351 0.83 -43.99 15.91
CA LEU F 351 -0.03 -45.15 15.73
C LEU F 351 -0.53 -45.30 14.30
N GLY F 352 -0.24 -44.34 13.43
CA GLY F 352 -0.57 -44.47 12.03
C GLY F 352 -1.91 -43.90 11.63
N ARG F 353 -2.51 -43.06 12.45
CA ARG F 353 -3.79 -42.47 12.12
C ARG F 353 -3.60 -41.33 11.14
N ILE F 354 -4.52 -41.23 10.19
CA ILE F 354 -4.40 -40.22 9.13
C ILE F 354 -4.66 -38.85 9.74
N PRO F 355 -3.77 -37.89 9.56
CA PRO F 355 -3.98 -36.58 10.20
C PRO F 355 -5.13 -35.80 9.60
N SER F 356 -5.56 -34.82 10.36
CA SER F 356 -6.67 -33.96 10.02
C SER F 356 -6.16 -32.71 9.29
N ALA F 357 -7.00 -31.68 9.25
CA ALA F 357 -6.79 -30.50 8.42
C ALA F 357 -5.37 -29.97 8.40
N VAL F 358 -4.84 -29.57 9.56
CA VAL F 358 -3.58 -28.82 9.60
C VAL F 358 -2.52 -29.68 10.26
N GLY F 359 -2.60 -30.99 10.04
CA GLY F 359 -1.69 -31.93 10.62
C GLY F 359 -2.10 -32.44 11.98
N TYR F 360 -3.05 -31.77 12.62
CA TYR F 360 -3.52 -32.18 13.92
C TYR F 360 -4.26 -33.51 13.81
N GLN F 361 -4.47 -34.13 14.96
CA GLN F 361 -5.09 -35.42 14.99
C GLN F 361 -6.58 -35.29 14.66
N PRO F 362 -7.24 -36.39 14.30
CA PRO F 362 -8.70 -36.36 14.14
C PRO F 362 -9.47 -36.48 15.44
N THR F 363 -8.80 -36.63 16.57
CA THR F 363 -9.44 -36.73 17.88
C THR F 363 -9.13 -35.52 18.74
N LEU F 364 -9.07 -34.35 18.11
CA LEU F 364 -8.64 -33.15 18.80
C LEU F 364 -9.73 -32.61 19.72
N ALA F 365 -10.87 -32.24 19.14
CA ALA F 365 -11.96 -31.70 19.93
C ALA F 365 -12.47 -32.71 20.94
N THR F 366 -12.47 -33.98 20.57
CA THR F 366 -12.94 -35.02 21.48
C THR F 366 -12.04 -35.13 22.70
N ASP F 367 -10.72 -35.09 22.49
CA ASP F 367 -9.80 -35.19 23.63
C ASP F 367 -9.84 -33.93 24.47
N LEU F 368 -9.87 -32.77 23.83
CA LEU F 368 -9.98 -31.53 24.58
C LEU F 368 -11.26 -31.49 25.40
N GLY F 369 -12.33 -32.12 24.92
CA GLY F 369 -13.55 -32.19 25.67
C GLY F 369 -13.50 -33.20 26.80
N GLN F 370 -12.83 -34.33 26.55
CA GLN F 370 -12.63 -35.30 27.62
C GLN F 370 -11.87 -34.67 28.76
N LEU F 371 -10.93 -33.78 28.44
CA LEU F 371 -10.21 -33.03 29.47
C LEU F 371 -11.10 -31.97 30.12
N GLN F 372 -11.59 -31.03 29.32
CA GLN F 372 -12.16 -29.80 29.83
C GLN F 372 -13.55 -30.00 30.42
N GLU F 373 -14.24 -31.09 30.09
CA GLU F 373 -15.55 -31.35 30.66
C GLU F 373 -15.49 -31.79 32.10
N ARG F 374 -14.33 -32.25 32.57
CA ARG F 374 -14.14 -32.54 33.98
C ARG F 374 -13.89 -31.29 34.80
N ILE F 375 -13.49 -30.19 34.14
CA ILE F 375 -13.28 -28.91 34.81
C ILE F 375 -14.63 -28.20 34.81
N THR F 376 -15.40 -28.43 35.86
CA THR F 376 -16.69 -27.78 35.98
C THR F 376 -17.16 -27.82 37.42
N THR F 377 -18.27 -27.15 37.67
CA THR F 377 -18.89 -27.09 38.98
C THR F 377 -19.82 -28.27 39.18
N THR F 378 -19.96 -28.70 40.43
CA THR F 378 -20.91 -29.73 40.81
C THR F 378 -21.62 -29.28 42.07
N LYS F 379 -22.39 -30.19 42.66
CA LYS F 379 -23.11 -29.89 43.88
C LYS F 379 -22.23 -29.96 45.12
N LYS F 380 -21.08 -30.63 45.04
CA LYS F 380 -20.16 -30.72 46.16
C LYS F 380 -19.18 -29.56 46.18
N GLY F 381 -18.49 -29.34 45.07
CA GLY F 381 -17.50 -28.28 44.98
C GLY F 381 -17.36 -27.79 43.57
N SER F 382 -16.13 -27.48 43.18
CA SER F 382 -15.89 -26.92 41.85
C SER F 382 -14.40 -27.01 41.56
N ILE F 383 -14.08 -26.92 40.27
CA ILE F 383 -12.71 -26.82 39.80
C ILE F 383 -12.66 -25.67 38.81
N THR F 384 -11.97 -24.61 39.18
CA THR F 384 -11.64 -23.55 38.26
C THR F 384 -10.28 -23.82 37.65
N SER F 385 -10.04 -23.28 36.47
CA SER F 385 -8.80 -23.54 35.75
C SER F 385 -8.33 -22.30 35.04
N VAL F 386 -7.01 -22.11 35.05
CA VAL F 386 -6.36 -20.97 34.41
C VAL F 386 -5.38 -21.59 33.42
N GLN F 387 -5.81 -21.69 32.18
CA GLN F 387 -5.02 -22.30 31.13
C GLN F 387 -4.25 -21.23 30.37
N ALA F 388 -2.96 -21.48 30.17
CA ALA F 388 -2.12 -20.63 29.35
C ALA F 388 -2.18 -21.11 27.90
N VAL F 389 -2.36 -20.18 26.98
CA VAL F 389 -2.60 -20.49 25.58
C VAL F 389 -1.50 -19.90 24.72
N TYR F 390 -1.14 -20.62 23.67
CA TYR F 390 -0.15 -20.15 22.69
C TYR F 390 -0.79 -20.24 21.31
N VAL F 391 -1.01 -19.08 20.68
CA VAL F 391 -1.63 -19.02 19.36
C VAL F 391 -0.52 -19.15 18.32
N PRO F 392 -0.42 -20.26 17.59
CA PRO F 392 0.66 -20.39 16.61
C PRO F 392 0.47 -19.45 15.44
N ALA F 393 1.51 -18.64 15.19
CA ALA F 393 1.55 -17.73 14.04
C ALA F 393 0.45 -16.68 14.11
N ASP F 394 0.01 -16.34 15.31
CA ASP F 394 -1.03 -15.34 15.52
C ASP F 394 -2.31 -15.68 14.76
N ASP F 395 -2.53 -16.97 14.52
CA ASP F 395 -3.70 -17.46 13.80
C ASP F 395 -4.70 -17.99 14.82
N LEU F 396 -5.65 -17.15 15.21
CA LEU F 396 -6.72 -17.57 16.10
C LEU F 396 -7.70 -18.53 15.43
N THR F 397 -7.63 -18.67 14.10
CA THR F 397 -8.47 -19.61 13.38
C THR F 397 -7.85 -20.99 13.29
N ASP F 398 -6.64 -21.17 13.80
CA ASP F 398 -6.01 -22.47 13.79
C ASP F 398 -6.86 -23.45 14.59
N PRO F 399 -6.90 -24.72 14.22
CA PRO F 399 -7.84 -25.64 14.88
C PRO F 399 -7.60 -25.79 16.36
N ALA F 400 -6.36 -25.70 16.82
CA ALA F 400 -6.10 -25.92 18.24
C ALA F 400 -6.72 -24.83 19.10
N PRO F 401 -6.38 -23.56 18.93
CA PRO F 401 -7.02 -22.52 19.74
C PRO F 401 -8.48 -22.31 19.39
N ALA F 402 -8.85 -22.49 18.12
CA ALA F 402 -10.25 -22.39 17.75
C ALA F 402 -11.10 -23.42 18.47
N THR F 403 -10.53 -24.59 18.74
CA THR F 403 -11.21 -25.59 19.54
C THR F 403 -11.08 -25.32 21.03
N THR F 404 -10.03 -24.60 21.43
CA THR F 404 -9.85 -24.29 22.85
C THR F 404 -10.67 -23.09 23.28
N PHE F 405 -10.77 -22.06 22.43
CA PHE F 405 -11.53 -20.87 22.80
C PHE F 405 -13.01 -21.17 22.98
N ALA F 406 -13.51 -22.24 22.39
CA ALA F 406 -14.89 -22.62 22.58
C ALA F 406 -15.18 -22.95 24.04
N HIS F 407 -14.17 -23.45 24.75
CA HIS F 407 -14.33 -23.85 26.14
C HIS F 407 -14.03 -22.74 27.13
N LEU F 408 -13.34 -21.68 26.72
CA LEU F 408 -12.95 -20.63 27.64
C LEU F 408 -14.14 -19.76 28.00
N ASP F 409 -14.33 -19.52 29.29
CA ASP F 409 -15.35 -18.64 29.80
C ASP F 409 -14.81 -17.25 30.13
N ALA F 410 -13.56 -16.98 29.81
CA ALA F 410 -12.94 -15.69 30.13
C ALA F 410 -11.64 -15.57 29.36
N THR F 411 -10.88 -14.53 29.67
CA THR F 411 -9.62 -14.23 29.00
C THR F 411 -8.88 -13.18 29.80
N THR F 412 -7.56 -13.30 29.86
CA THR F 412 -6.73 -12.45 30.69
C THR F 412 -5.40 -12.24 29.97
N VAL F 413 -5.31 -11.15 29.24
CA VAL F 413 -4.14 -10.86 28.42
C VAL F 413 -3.14 -10.09 29.27
N LEU F 414 -1.87 -10.40 29.08
CA LEU F 414 -0.77 -9.63 29.66
C LEU F 414 -0.01 -8.92 28.56
N SER F 415 0.74 -7.89 28.94
CA SER F 415 1.48 -7.10 27.97
C SER F 415 2.70 -6.48 28.62
N ARG F 416 3.82 -6.47 27.89
CA ARG F 416 5.00 -5.77 28.35
C ARG F 416 4.87 -4.26 28.19
N GLN F 417 3.87 -3.79 27.47
CA GLN F 417 3.66 -2.37 27.27
C GLN F 417 2.96 -1.71 28.44
N ILE F 418 2.69 -2.46 29.50
CA ILE F 418 2.06 -1.91 30.71
C ILE F 418 2.98 -2.16 31.89
N ALA F 419 3.80 -3.21 31.79
CA ALA F 419 4.82 -3.45 32.80
C ALA F 419 5.93 -2.40 32.72
N GLU F 420 6.17 -1.86 31.53
CA GLU F 420 7.16 -0.80 31.39
C GLU F 420 6.73 0.47 32.11
N LEU F 421 5.43 0.67 32.29
CA LEU F 421 4.92 1.78 33.09
C LEU F 421 5.00 1.50 34.58
N GLY F 422 5.57 0.38 34.99
CA GLY F 422 5.62 0.02 36.38
C GLY F 422 4.36 -0.62 36.92
N ILE F 423 3.30 -0.70 36.12
CA ILE F 423 2.06 -1.28 36.58
C ILE F 423 2.21 -2.79 36.71
N TYR F 424 1.76 -3.33 37.83
CA TYR F 424 1.78 -4.76 38.09
C TYR F 424 0.57 -5.12 38.96
N PRO F 425 -0.27 -6.07 38.53
CA PRO F 425 -0.24 -6.95 37.36
C PRO F 425 -0.46 -6.22 36.04
N ALA F 426 0.20 -6.69 34.99
CA ALA F 426 0.19 -6.04 33.69
C ALA F 426 -0.98 -6.52 32.83
N VAL F 427 -2.18 -6.50 33.39
CA VAL F 427 -3.37 -6.96 32.69
C VAL F 427 -3.85 -5.85 31.77
N ASP F 428 -3.97 -6.14 30.48
CA ASP F 428 -4.49 -5.18 29.53
C ASP F 428 -6.00 -5.13 29.66
N PRO F 429 -6.57 -4.06 30.24
CA PRO F 429 -8.00 -4.08 30.54
C PRO F 429 -8.89 -4.08 29.31
N LEU F 430 -8.36 -3.74 28.14
CA LEU F 430 -9.16 -3.68 26.93
C LEU F 430 -9.20 -5.03 26.21
N ASP F 431 -8.03 -5.64 26.03
CA ASP F 431 -7.97 -6.92 25.34
C ASP F 431 -8.70 -8.02 26.11
N SER F 432 -8.73 -7.90 27.44
CA SER F 432 -9.40 -8.89 28.26
C SER F 432 -10.90 -8.86 28.02
N THR F 433 -11.51 -10.04 28.13
CA THR F 433 -12.94 -10.22 27.91
C THR F 433 -13.47 -11.24 28.89
N SER F 434 -14.79 -11.40 28.89
CA SER F 434 -15.42 -12.39 29.75
C SER F 434 -16.89 -12.52 29.40
N ARG F 435 -17.42 -13.71 29.60
CA ARG F 435 -18.85 -13.97 29.42
C ARG F 435 -19.66 -13.60 30.66
N MET F 436 -19.02 -13.51 31.82
CA MET F 436 -19.73 -13.21 33.05
C MET F 436 -19.95 -11.73 33.27
N LEU F 437 -19.37 -10.87 32.43
CA LEU F 437 -19.52 -9.44 32.60
C LEU F 437 -20.91 -8.94 32.27
N ALA F 438 -21.78 -9.79 31.71
CA ALA F 438 -23.11 -9.35 31.36
C ALA F 438 -23.87 -8.93 32.62
N PRO F 439 -24.84 -8.01 32.49
CA PRO F 439 -25.51 -7.44 33.66
C PRO F 439 -26.65 -8.31 34.20
N GLU F 440 -26.37 -9.58 34.36
CA GLU F 440 -27.28 -10.54 34.98
C GLU F 440 -26.61 -11.31 36.11
N ILE F 441 -25.33 -11.64 35.97
CA ILE F 441 -24.61 -12.34 37.01
C ILE F 441 -23.99 -11.35 38.01
N VAL F 442 -23.66 -10.14 37.55
CA VAL F 442 -22.93 -9.17 38.34
C VAL F 442 -23.78 -7.97 38.72
N GLY F 443 -25.07 -7.96 38.36
CA GLY F 443 -25.89 -6.80 38.60
C GLY F 443 -25.60 -5.67 37.62
N GLN F 444 -26.55 -4.75 37.46
CA GLN F 444 -26.38 -3.65 36.51
C GLN F 444 -25.76 -2.41 37.15
N GLU F 445 -24.70 -2.62 37.88
CA GLU F 445 -23.79 -1.56 38.29
C GLU F 445 -22.35 -1.91 37.98
N HIS F 446 -21.97 -3.17 38.21
CA HIS F 446 -20.68 -3.67 37.77
C HIS F 446 -20.51 -3.51 36.27
N TYR F 447 -21.53 -3.93 35.51
CA TYR F 447 -21.49 -3.82 34.06
C TYR F 447 -21.33 -2.36 33.62
N ASP F 448 -22.10 -1.47 34.23
CA ASP F 448 -22.04 -0.06 33.87
C ASP F 448 -20.68 0.52 34.16
N THR F 449 -20.14 0.24 35.34
CA THR F 449 -18.82 0.76 35.69
C THR F 449 -17.75 0.23 34.75
N ALA F 450 -17.81 -1.07 34.43
CA ALA F 450 -16.80 -1.67 33.57
C ALA F 450 -16.84 -1.06 32.17
N ARG F 451 -18.04 -0.96 31.60
CA ARG F 451 -18.15 -0.37 30.27
C ARG F 451 -17.74 1.10 30.27
N ALA F 452 -18.04 1.82 31.35
CA ALA F 452 -17.61 3.20 31.45
C ALA F 452 -16.08 3.30 31.47
N THR F 453 -15.43 2.44 32.24
CA THR F 453 -13.97 2.45 32.29
C THR F 453 -13.38 2.08 30.94
N GLN F 454 -13.97 1.12 30.24
CA GLN F 454 -13.46 0.74 28.92
C GLN F 454 -13.61 1.90 27.94
N LYS F 455 -14.77 2.58 27.96
CA LYS F 455 -14.95 3.76 27.13
C LYS F 455 -13.89 4.81 27.43
N LEU F 456 -13.67 5.07 28.72
CA LEU F 456 -12.68 6.06 29.12
C LEU F 456 -11.30 5.70 28.60
N LEU F 457 -10.91 4.43 28.71
CA LEU F 457 -9.58 4.03 28.29
C LEU F 457 -9.43 4.06 26.78
N GLN F 458 -10.49 3.74 26.04
CA GLN F 458 -10.44 3.88 24.59
C GLN F 458 -10.28 5.35 24.20
N ASP F 459 -11.03 6.23 24.85
CA ASP F 459 -10.90 7.65 24.58
C ASP F 459 -9.49 8.15 24.89
N TYR F 460 -8.90 7.65 25.99
CA TYR F 460 -7.53 8.04 26.31
C TYR F 460 -6.54 7.48 25.30
N LYS F 461 -6.81 6.30 24.75
CA LYS F 461 -5.96 5.78 23.69
C LYS F 461 -5.98 6.70 22.47
N SER F 462 -7.17 7.13 22.06
CA SER F 462 -7.29 8.06 20.94
C SER F 462 -6.59 9.39 21.26
N LEU F 463 -6.79 9.91 22.47
CA LEU F 463 -6.16 11.15 22.85
C LEU F 463 -4.64 11.03 22.87
N GLN F 464 -4.11 9.88 23.25
CA GLN F 464 -2.66 9.67 23.20
C GLN F 464 -2.18 9.65 21.76
N ASP F 465 -2.94 8.97 20.88
CA ASP F 465 -2.56 8.95 19.48
C ASP F 465 -2.54 10.36 18.89
N ILE F 466 -3.44 11.23 19.37
CA ILE F 466 -3.44 12.62 18.89
C ILE F 466 -2.27 13.40 19.50
N ILE F 467 -2.10 13.30 20.82
CA ILE F 467 -1.06 14.05 21.51
C ILE F 467 0.32 13.69 20.99
N ALA F 468 0.48 12.48 20.44
CA ALA F 468 1.75 12.12 19.82
C ALA F 468 2.11 13.06 18.68
N ILE F 469 1.11 13.76 18.12
CA ILE F 469 1.33 14.60 16.94
C ILE F 469 1.07 16.07 17.28
N LEU F 470 -0.15 16.38 17.72
CA LEU F 470 -0.55 17.77 17.95
C LEU F 470 -0.12 18.30 19.30
N GLY F 471 0.55 17.50 20.13
CA GLY F 471 0.96 17.94 21.44
C GLY F 471 -0.20 18.05 22.40
N MET F 472 0.10 18.16 23.70
CA MET F 472 -0.93 18.23 24.72
C MET F 472 -1.30 19.66 25.08
N ASP F 473 -1.11 20.60 24.15
CA ASP F 473 -1.53 21.98 24.35
C ASP F 473 -2.84 22.32 23.68
N GLU F 474 -3.23 21.55 22.66
CA GLU F 474 -4.44 21.80 21.88
C GLU F 474 -5.65 21.06 22.45
N LEU F 475 -5.64 20.74 23.74
CA LEU F 475 -6.67 19.92 24.36
C LEU F 475 -7.68 20.82 25.07
N SER F 476 -8.96 20.44 24.98
CA SER F 476 -9.98 21.12 25.73
C SER F 476 -9.88 20.74 27.20
N GLU F 477 -10.77 21.32 28.01
CA GLU F 477 -10.78 20.97 29.43
C GLU F 477 -11.32 19.56 29.66
N GLU F 478 -12.36 19.19 28.90
CA GLU F 478 -12.90 17.84 29.05
C GLU F 478 -11.92 16.79 28.58
N ASP F 479 -11.10 17.09 27.57
CA ASP F 479 -10.09 16.14 27.13
C ASP F 479 -9.03 15.93 28.20
N LYS F 480 -8.58 17.01 28.83
CA LYS F 480 -7.60 16.87 29.90
C LYS F 480 -8.20 16.16 31.11
N LEU F 481 -9.49 16.39 31.38
CA LEU F 481 -10.15 15.63 32.43
C LEU F 481 -10.19 14.15 32.12
N VAL F 482 -10.50 13.81 30.87
CA VAL F 482 -10.52 12.41 30.46
C VAL F 482 -9.14 11.79 30.59
N VAL F 483 -8.11 12.54 30.20
CA VAL F 483 -6.74 12.04 30.32
C VAL F 483 -6.38 11.80 31.79
N SER F 484 -6.73 12.75 32.65
CA SER F 484 -6.42 12.60 34.07
C SER F 484 -7.13 11.39 34.65
N ARG F 485 -8.43 11.26 34.39
CA ARG F 485 -9.17 10.11 34.91
C ARG F 485 -8.61 8.80 34.34
N ALA F 486 -8.20 8.81 33.08
CA ALA F 486 -7.68 7.59 32.47
C ALA F 486 -6.38 7.16 33.12
N ARG F 487 -5.46 8.11 33.33
CA ARG F 487 -4.21 7.75 33.99
C ARG F 487 -4.47 7.34 35.44
N LYS F 488 -5.40 8.00 36.11
CA LYS F 488 -5.68 7.67 37.50
C LYS F 488 -6.25 6.26 37.63
N ILE F 489 -7.17 5.89 36.75
CA ILE F 489 -7.76 4.56 36.83
C ILE F 489 -6.81 3.49 36.32
N GLN F 490 -5.96 3.83 35.35
CA GLN F 490 -4.97 2.87 34.88
C GLN F 490 -3.93 2.58 35.95
N ARG F 491 -3.53 3.60 36.70
CA ARG F 491 -2.61 3.39 37.81
C ARG F 491 -3.31 2.67 38.96
N PHE F 492 -4.59 2.98 39.18
CA PHE F 492 -5.30 2.47 40.36
C PHE F 492 -5.44 0.96 40.31
N LEU F 493 -5.66 0.41 39.12
CA LEU F 493 -5.93 -1.03 39.02
C LEU F 493 -4.74 -1.86 39.47
N SER F 494 -3.54 -1.31 39.39
CA SER F 494 -2.37 -2.00 39.92
C SER F 494 -2.48 -2.13 41.43
N GLN F 495 -1.85 -3.16 41.97
CA GLN F 495 -1.87 -3.42 43.40
C GLN F 495 -0.67 -4.30 43.74
N PRO F 496 -0.26 -4.32 45.00
CA PRO F 496 0.82 -5.22 45.41
C PRO F 496 0.30 -6.64 45.59
N PHE F 497 1.20 -7.52 46.00
CA PHE F 497 0.88 -8.92 46.26
C PHE F 497 1.50 -9.35 47.57
N THR F 498 0.77 -10.17 48.32
CA THR F 498 1.28 -10.68 49.58
C THR F 498 2.54 -11.50 49.39
N VAL F 499 2.69 -12.15 48.24
CA VAL F 499 3.83 -13.02 48.03
C VAL F 499 5.08 -12.24 47.63
N ALA F 500 4.92 -11.11 46.95
CA ALA F 500 6.08 -10.32 46.57
C ALA F 500 6.70 -9.59 47.75
N GLU F 501 6.07 -9.65 48.92
CA GLU F 501 6.60 -8.98 50.10
C GLU F 501 8.04 -9.37 50.36
N VAL F 502 8.33 -10.68 50.31
CA VAL F 502 9.67 -11.17 50.59
C VAL F 502 10.71 -10.60 49.63
N PHE F 503 10.28 -10.15 48.45
CA PHE F 503 11.21 -9.52 47.51
C PHE F 503 11.37 -8.03 47.75
N THR F 504 10.38 -7.39 48.38
CA THR F 504 10.35 -5.93 48.45
C THR F 504 10.14 -5.42 49.87
N GLY F 505 9.42 -6.18 50.69
CA GLY F 505 9.07 -5.76 52.02
C GLY F 505 7.71 -5.07 52.07
N LYS F 506 7.30 -4.50 50.95
CA LYS F 506 5.99 -3.90 50.81
C LYS F 506 4.90 -4.95 51.02
N PRO F 507 3.88 -4.66 51.81
CA PRO F 507 2.91 -5.70 52.20
C PRO F 507 1.88 -5.98 51.11
N GLY F 508 1.05 -6.98 51.40
CA GLY F 508 0.00 -7.40 50.49
C GLY F 508 -1.33 -6.74 50.78
N ARG F 509 -2.12 -6.54 49.73
CA ARG F 509 -3.40 -5.84 49.82
C ARG F 509 -4.47 -6.69 49.14
N PHE F 510 -5.31 -7.33 49.94
CA PHE F 510 -6.52 -7.94 49.42
C PHE F 510 -7.59 -6.88 49.23
N VAL F 511 -8.40 -7.04 48.17
CA VAL F 511 -9.37 -6.04 47.79
C VAL F 511 -10.68 -6.74 47.42
N GLU F 512 -11.74 -6.46 48.16
CA GLU F 512 -13.06 -6.93 47.78
C GLU F 512 -13.58 -6.13 46.59
N LEU F 513 -14.64 -6.64 46.00
CA LEU F 513 -15.16 -6.12 44.74
C LEU F 513 -16.02 -4.86 44.93
N PRO F 514 -16.90 -4.81 45.94
CA PRO F 514 -17.66 -3.57 46.15
C PRO F 514 -16.79 -2.34 46.35
N GLU F 515 -15.68 -2.49 47.07
CA GLU F 515 -14.77 -1.36 47.27
C GLU F 515 -14.22 -0.88 45.94
N THR F 516 -13.83 -1.81 45.07
CA THR F 516 -13.34 -1.44 43.75
C THR F 516 -14.41 -0.74 42.94
N ILE F 517 -15.65 -1.24 43.01
CA ILE F 517 -16.74 -0.63 42.25
C ILE F 517 -16.96 0.81 42.71
N LYS F 518 -17.01 1.02 44.03
CA LYS F 518 -17.19 2.36 44.56
C LYS F 518 -16.05 3.27 44.16
N SER F 519 -14.81 2.77 44.22
CA SER F 519 -13.67 3.60 43.87
C SER F 519 -13.71 4.01 42.41
N ALA F 520 -14.07 3.08 41.52
CA ALA F 520 -14.16 3.42 40.11
C ALA F 520 -15.29 4.40 39.85
N GLN F 521 -16.43 4.21 40.52
CA GLN F 521 -17.53 5.16 40.38
C GLN F 521 -17.08 6.56 40.78
N THR F 522 -16.43 6.68 41.93
CA THR F 522 -15.98 7.99 42.39
C THR F 522 -14.97 8.60 41.44
N ILE F 523 -14.03 7.80 40.95
CA ILE F 523 -13.00 8.33 40.06
C ILE F 523 -13.61 8.77 38.74
N LEU F 524 -14.67 8.11 38.28
CA LEU F 524 -15.25 8.46 37.00
C LEU F 524 -16.23 9.63 37.11
N ARG F 525 -16.88 9.78 38.27
CA ARG F 525 -17.75 10.92 38.47
C ARG F 525 -16.99 12.24 38.41
N GLY F 526 -15.68 12.19 38.64
CA GLY F 526 -14.86 13.39 38.72
C GLY F 526 -14.66 13.94 40.11
N GLU F 527 -15.16 13.27 41.14
CA GLU F 527 -14.97 13.75 42.50
C GLU F 527 -13.50 13.68 42.93
N CYS F 528 -12.80 12.65 42.48
CA CYS F 528 -11.44 12.39 42.91
C CYS F 528 -10.38 12.97 41.99
N ASP F 529 -10.76 13.83 41.04
CA ASP F 529 -9.79 14.44 40.14
C ASP F 529 -8.76 15.24 40.92
N ASP F 530 -9.19 15.88 42.00
CA ASP F 530 -8.27 16.71 42.79
C ASP F 530 -7.09 15.89 43.30
N LEU F 531 -7.33 14.64 43.66
CA LEU F 531 -6.25 13.80 44.17
C LEU F 531 -5.17 13.65 43.10
N PRO F 532 -3.89 13.65 43.49
CA PRO F 532 -2.82 13.55 42.51
C PRO F 532 -2.72 12.18 41.87
N GLU F 533 -2.24 12.16 40.63
CA GLU F 533 -2.11 10.92 39.87
C GLU F 533 -1.13 9.97 40.54
N MET F 534 -0.04 10.51 41.10
CA MET F 534 0.97 9.65 41.74
C MET F 534 0.37 8.88 42.91
N ALA F 535 -0.57 9.50 43.63
CA ALA F 535 -1.17 8.84 44.78
C ALA F 535 -1.85 7.53 44.38
N PHE F 536 -2.43 7.49 43.18
CA PHE F 536 -3.16 6.31 42.72
C PHE F 536 -2.15 5.31 42.18
N TYR F 537 -1.32 4.78 43.08
CA TYR F 537 -0.36 3.77 42.66
C TYR F 537 -0.13 2.78 43.79
N MET F 538 -0.24 1.49 43.45
CA MET F 538 0.03 0.41 44.40
C MET F 538 -0.77 0.58 45.68
N CYS F 539 -2.04 0.96 45.54
CA CYS F 539 -2.92 1.16 46.68
C CYS F 539 -4.11 0.22 46.57
N GLY F 540 -4.37 -0.52 47.64
CA GLY F 540 -5.47 -1.46 47.62
C GLY F 540 -6.82 -0.79 47.52
N GLY F 541 -7.01 0.31 48.24
CA GLY F 541 -8.29 1.00 48.27
C GLY F 541 -8.11 2.49 48.13
N LEU F 542 -9.23 3.14 47.82
CA LEU F 542 -9.23 4.60 47.65
C LEU F 542 -8.79 5.30 48.92
N GLU F 543 -9.21 4.78 50.08
CA GLU F 543 -8.82 5.40 51.34
C GLU F 543 -7.31 5.42 51.47
N GLU F 544 -6.65 4.33 51.08
CA GLU F 544 -5.20 4.30 51.13
C GLU F 544 -4.63 5.35 50.21
N VAL F 545 -5.25 5.55 49.05
CA VAL F 545 -4.76 6.55 48.11
C VAL F 545 -4.86 7.92 48.74
N ARG F 546 -5.96 8.20 49.44
CA ARG F 546 -6.12 9.49 50.08
C ARG F 546 -5.06 9.68 51.16
N SER F 547 -4.78 8.62 51.93
CA SER F 547 -3.77 8.72 52.97
C SER F 547 -2.40 9.01 52.37
N LYS F 548 -2.09 8.35 51.26
CA LYS F 548 -0.81 8.60 50.58
C LYS F 548 -0.73 10.02 50.07
N ALA F 549 -1.84 10.55 49.56
CA ALA F 549 -1.84 11.93 49.09
C ALA F 549 -1.66 12.89 50.26
N VAL F 550 -2.28 12.57 51.39
CA VAL F 550 -2.13 13.40 52.59
C VAL F 550 -0.68 13.42 53.05
N LYS F 551 -0.01 12.28 52.96
CA LYS F 551 1.35 12.18 53.48
C LYS F 551 2.40 12.63 52.48
N MET F 552 2.06 12.72 51.20
CA MET F 552 3.01 13.17 50.20
C MET F 552 3.08 14.69 50.11
N ALA F 553 2.06 15.40 50.59
CA ALA F 553 2.13 16.86 50.66
C ALA F 553 3.24 17.33 51.59
N GLN F 554 3.63 16.51 52.56
CA GLN F 554 4.68 16.87 53.50
C GLN F 554 6.06 16.70 52.87
N ASN G 80 -30.02 -64.87 -14.43
CA ASN G 80 -29.02 -65.54 -13.61
C ASN G 80 -29.08 -65.05 -12.18
N HIS G 81 -29.00 -65.98 -11.23
CA HIS G 81 -29.07 -65.64 -9.82
C HIS G 81 -27.66 -65.41 -9.25
N GLY G 82 -27.60 -64.51 -8.28
CA GLY G 82 -26.35 -64.20 -7.61
C GLY G 82 -26.57 -63.90 -6.15
N ARG G 83 -25.47 -63.84 -5.42
CA ARG G 83 -25.47 -63.65 -3.97
C ARG G 83 -24.66 -62.42 -3.60
N ILE G 84 -25.17 -61.67 -2.62
CA ILE G 84 -24.44 -60.56 -2.06
C ILE G 84 -23.39 -61.08 -1.11
N THR G 85 -22.13 -60.74 -1.36
CA THR G 85 -21.01 -61.12 -0.51
C THR G 85 -20.55 -59.98 0.39
N GLN G 86 -20.72 -58.74 -0.06
CA GLN G 86 -20.13 -57.62 0.67
C GLN G 86 -20.95 -56.37 0.43
N VAL G 87 -21.04 -55.53 1.46
CA VAL G 87 -21.81 -54.30 1.40
C VAL G 87 -20.99 -53.21 2.06
N ILE G 88 -20.77 -52.11 1.35
CA ILE G 88 -20.05 -50.96 1.88
C ILE G 88 -20.80 -49.70 1.48
N GLY G 89 -21.66 -49.20 2.36
CA GLY G 89 -22.40 -48.01 2.07
C GLY G 89 -23.24 -48.10 0.82
N ALA G 90 -22.84 -47.37 -0.21
CA ALA G 90 -23.52 -47.36 -1.50
C ALA G 90 -22.85 -48.26 -2.52
N VAL G 91 -22.17 -49.30 -2.08
CA VAL G 91 -21.47 -50.23 -2.96
C VAL G 91 -21.78 -51.64 -2.49
N VAL G 92 -21.98 -52.53 -3.45
CA VAL G 92 -22.37 -53.90 -3.16
C VAL G 92 -21.56 -54.84 -4.04
N ASP G 93 -20.86 -55.78 -3.43
CA ASP G 93 -20.12 -56.80 -4.15
C ASP G 93 -20.89 -58.11 -4.10
N VAL G 94 -21.20 -58.62 -5.29
CA VAL G 94 -22.11 -59.73 -5.54
C VAL G 94 -21.31 -60.86 -6.16
N HIS G 95 -21.79 -62.09 -5.98
CA HIS G 95 -21.11 -63.27 -6.48
C HIS G 95 -22.07 -64.09 -7.32
N PHE G 96 -21.72 -64.29 -8.59
CA PHE G 96 -22.46 -65.15 -9.49
C PHE G 96 -21.72 -66.47 -9.70
N ASP G 97 -22.49 -67.52 -9.94
CA ASP G 97 -21.92 -68.86 -10.08
C ASP G 97 -21.66 -69.22 -11.54
N GLU G 98 -22.70 -69.20 -12.37
CA GLU G 98 -22.57 -69.72 -13.72
C GLU G 98 -21.98 -68.68 -14.66
N GLN G 99 -22.66 -67.55 -14.85
CA GLN G 99 -22.30 -66.60 -15.88
C GLN G 99 -22.43 -65.19 -15.35
N LEU G 100 -21.48 -64.35 -15.71
CA LEU G 100 -21.45 -62.99 -15.21
C LEU G 100 -22.32 -62.08 -16.07
N PRO G 101 -22.74 -60.95 -15.53
CA PRO G 101 -23.36 -59.93 -16.34
C PRO G 101 -22.33 -58.93 -16.81
N PRO G 102 -22.53 -58.31 -17.97
CA PRO G 102 -21.59 -57.27 -18.40
C PRO G 102 -21.67 -56.03 -17.53
N ILE G 103 -20.83 -55.05 -17.83
CA ILE G 103 -20.81 -53.82 -17.06
C ILE G 103 -21.96 -52.93 -17.53
N LEU G 104 -22.45 -52.09 -16.63
CA LEU G 104 -23.58 -51.21 -16.80
C LEU G 104 -24.91 -51.95 -16.73
N ASN G 105 -24.90 -53.26 -16.53
CA ASN G 105 -26.13 -54.02 -16.44
C ASN G 105 -26.81 -53.79 -15.11
N SER G 106 -28.13 -53.90 -15.13
CA SER G 106 -28.95 -53.69 -13.95
C SER G 106 -29.23 -55.00 -13.25
N LEU G 107 -29.25 -54.95 -11.92
CA LEU G 107 -29.52 -56.10 -11.09
C LEU G 107 -30.57 -55.72 -10.06
N GLU G 108 -31.52 -56.63 -9.84
CA GLU G 108 -32.62 -56.40 -8.90
C GLU G 108 -32.45 -57.30 -7.68
N VAL G 109 -32.55 -56.71 -6.50
CA VAL G 109 -32.52 -57.44 -5.26
C VAL G 109 -33.95 -57.84 -4.92
N GLN G 110 -34.14 -59.10 -4.54
CA GLN G 110 -35.49 -59.65 -4.39
C GLN G 110 -36.00 -59.56 -2.95
N GLY G 111 -35.22 -60.03 -1.99
CA GLY G 111 -35.63 -59.97 -0.61
C GLY G 111 -35.47 -58.58 -0.01
N HIS G 112 -36.30 -57.64 -0.47
CA HIS G 112 -36.17 -56.26 -0.03
C HIS G 112 -37.51 -55.56 -0.21
N THR G 113 -37.73 -54.54 0.63
CA THR G 113 -38.99 -53.82 0.61
C THR G 113 -39.21 -53.11 -0.72
N ASN G 114 -38.33 -52.18 -1.06
CA ASN G 114 -38.50 -51.39 -2.27
C ASN G 114 -37.88 -52.12 -3.46
N ARG G 115 -37.77 -51.42 -4.59
CA ARG G 115 -37.15 -51.96 -5.80
C ARG G 115 -35.73 -51.42 -5.84
N LEU G 116 -34.82 -52.11 -5.18
CA LEU G 116 -33.42 -51.73 -5.20
C LEU G 116 -32.77 -52.21 -6.49
N VAL G 117 -32.15 -51.29 -7.21
CA VAL G 117 -31.47 -51.56 -8.47
C VAL G 117 -29.98 -51.30 -8.28
N LEU G 118 -29.16 -52.18 -8.85
CA LEU G 118 -27.72 -52.11 -8.77
C LEU G 118 -27.13 -52.05 -10.16
N GLU G 119 -26.23 -51.10 -10.37
CA GLU G 119 -25.54 -50.91 -11.64
C GLU G 119 -24.13 -51.45 -11.52
N VAL G 120 -23.79 -52.42 -12.36
CA VAL G 120 -22.46 -53.02 -12.33
C VAL G 120 -21.42 -51.99 -12.75
N ALA G 121 -20.26 -52.05 -12.10
CA ALA G 121 -19.20 -51.09 -12.36
C ALA G 121 -17.88 -51.78 -12.66
N GLN G 122 -17.64 -52.92 -12.01
CA GLN G 122 -16.35 -53.60 -12.09
C GLN G 122 -16.54 -55.10 -12.11
N HIS G 123 -15.46 -55.78 -12.48
CA HIS G 123 -15.29 -57.21 -12.30
C HIS G 123 -14.03 -57.43 -11.50
N LEU G 124 -14.04 -58.43 -10.64
CA LEU G 124 -12.98 -58.60 -9.64
C LEU G 124 -12.41 -59.99 -9.59
N GLY G 125 -12.87 -60.92 -10.43
CA GLY G 125 -12.41 -62.28 -10.38
C GLY G 125 -13.18 -63.10 -9.36
N GLU G 126 -12.98 -64.41 -9.43
CA GLU G 126 -13.76 -65.36 -8.63
C GLU G 126 -15.23 -65.26 -8.97
N ASN G 127 -15.54 -64.86 -10.20
CA ASN G 127 -16.92 -64.64 -10.64
C ASN G 127 -17.61 -63.63 -9.74
N THR G 128 -16.86 -62.64 -9.29
CA THR G 128 -17.34 -61.61 -8.40
C THR G 128 -17.50 -60.29 -9.15
N VAL G 129 -18.46 -59.49 -8.71
CA VAL G 129 -18.86 -58.26 -9.38
C VAL G 129 -19.05 -57.18 -8.35
N ARG G 130 -18.72 -55.95 -8.73
CA ARG G 130 -18.92 -54.79 -7.89
C ARG G 130 -19.97 -53.88 -8.51
N THR G 131 -20.84 -53.33 -7.67
CA THR G 131 -22.03 -52.62 -8.13
C THR G 131 -22.26 -51.40 -7.27
N ILE G 132 -22.95 -50.43 -7.85
CA ILE G 132 -23.35 -49.20 -7.17
C ILE G 132 -24.87 -49.22 -7.05
N ALA G 133 -25.36 -48.90 -5.86
CA ALA G 133 -26.78 -49.02 -5.57
C ALA G 133 -27.50 -47.71 -5.85
N MET G 134 -28.66 -47.80 -6.47
CA MET G 134 -29.50 -46.65 -6.79
C MET G 134 -30.41 -46.27 -5.64
N ASP G 135 -30.30 -46.93 -4.49
CA ASP G 135 -31.11 -46.60 -3.33
C ASP G 135 -30.35 -47.06 -2.09
N ALA G 136 -30.97 -46.86 -0.93
CA ALA G 136 -30.30 -47.10 0.32
C ALA G 136 -30.10 -48.60 0.57
N THR G 137 -28.96 -48.94 1.15
CA THR G 137 -28.58 -50.31 1.42
C THR G 137 -28.95 -50.77 2.82
N GLU G 138 -29.67 -49.97 3.58
CA GLU G 138 -30.07 -50.36 4.93
C GLU G 138 -31.10 -51.48 4.85
N GLY G 139 -30.72 -52.65 5.36
CA GLY G 139 -31.56 -53.82 5.34
C GLY G 139 -31.00 -54.98 4.55
N LEU G 140 -29.91 -54.79 3.82
CA LEU G 140 -29.34 -55.84 3.02
C LEU G 140 -28.58 -56.83 3.90
N VAL G 141 -28.44 -58.04 3.38
CA VAL G 141 -27.86 -59.16 4.12
C VAL G 141 -26.87 -59.86 3.21
N ARG G 142 -25.78 -60.34 3.82
CA ARG G 142 -24.80 -61.12 3.08
C ARG G 142 -25.35 -62.51 2.80
N GLY G 143 -25.93 -62.69 1.62
CA GLY G 143 -26.60 -63.93 1.29
C GLY G 143 -27.86 -63.70 0.48
N GLN G 144 -28.31 -62.45 0.43
CA GLN G 144 -29.50 -62.13 -0.35
C GLN G 144 -29.30 -62.49 -1.81
N LYS G 145 -30.42 -62.65 -2.51
CA LYS G 145 -30.44 -63.10 -3.88
C LYS G 145 -30.62 -61.91 -4.81
N VAL G 146 -29.98 -62.00 -5.97
CA VAL G 146 -29.93 -60.91 -6.93
C VAL G 146 -30.19 -61.49 -8.31
N VAL G 147 -30.94 -60.76 -9.12
CA VAL G 147 -31.37 -61.22 -10.43
C VAL G 147 -30.84 -60.25 -11.48
N ASP G 148 -30.21 -60.79 -12.52
CA ASP G 148 -29.68 -59.98 -13.60
C ASP G 148 -30.77 -59.77 -14.64
N THR G 149 -31.01 -58.52 -15.00
CA THR G 149 -32.03 -58.17 -15.97
C THR G 149 -31.57 -58.35 -17.41
N GLY G 150 -30.28 -58.53 -17.64
CA GLY G 150 -29.76 -58.76 -18.96
C GLY G 150 -29.53 -57.53 -19.79
N ALA G 151 -29.92 -56.36 -19.31
CA ALA G 151 -29.72 -55.12 -20.04
C ALA G 151 -29.48 -54.01 -19.04
N PRO G 152 -28.95 -52.88 -19.49
CA PRO G 152 -28.74 -51.75 -18.57
C PRO G 152 -30.06 -51.15 -18.11
N ILE G 153 -29.98 -50.08 -17.34
CA ILE G 153 -31.21 -49.43 -16.88
C ILE G 153 -31.95 -48.90 -18.09
N GLN G 154 -33.27 -49.08 -18.08
CA GLN G 154 -34.13 -48.71 -19.20
C GLN G 154 -35.11 -47.65 -18.74
N VAL G 155 -35.08 -46.51 -19.42
CA VAL G 155 -36.00 -45.41 -19.12
C VAL G 155 -36.99 -45.32 -20.27
N PRO G 156 -38.28 -45.15 -20.02
CA PRO G 156 -39.24 -45.01 -21.11
C PRO G 156 -39.04 -43.71 -21.85
N VAL G 157 -39.50 -43.68 -23.09
CA VAL G 157 -39.40 -42.49 -23.93
C VAL G 157 -40.65 -42.36 -24.78
N GLY G 158 -40.89 -41.14 -25.24
CA GLY G 158 -42.06 -40.83 -26.02
C GLY G 158 -42.68 -39.51 -25.60
N VAL G 159 -43.83 -39.18 -26.19
CA VAL G 159 -44.60 -38.04 -25.72
C VAL G 159 -45.39 -38.35 -24.46
N GLU G 160 -45.28 -39.57 -23.95
CA GLU G 160 -45.97 -39.95 -22.72
C GLU G 160 -45.19 -39.57 -21.47
N THR G 161 -43.87 -39.38 -21.58
CA THR G 161 -43.10 -38.87 -20.46
C THR G 161 -43.35 -37.39 -20.21
N LEU G 162 -43.93 -36.70 -21.19
CA LEU G 162 -44.18 -35.27 -21.03
C LEU G 162 -45.21 -35.02 -19.94
N GLY G 163 -44.99 -33.96 -19.18
CA GLY G 163 -45.89 -33.63 -18.08
C GLY G 163 -45.90 -34.68 -17.00
N ARG G 164 -44.76 -35.28 -16.73
CA ARG G 164 -44.67 -36.37 -15.77
C ARG G 164 -43.27 -36.38 -15.16
N ILE G 165 -43.22 -36.62 -13.87
CA ILE G 165 -41.97 -36.74 -13.15
C ILE G 165 -41.51 -38.18 -13.21
N MET G 166 -40.20 -38.38 -13.23
CA MET G 166 -39.62 -39.71 -13.32
C MET G 166 -38.26 -39.70 -12.65
N ASN G 167 -38.06 -40.65 -11.74
CA ASN G 167 -36.77 -40.79 -11.07
C ASN G 167 -35.77 -41.45 -12.03
N VAL G 168 -34.59 -41.78 -11.50
CA VAL G 168 -33.51 -42.26 -12.35
C VAL G 168 -33.84 -43.61 -12.99
N ILE G 169 -34.63 -44.45 -12.31
CA ILE G 169 -34.95 -45.78 -12.83
C ILE G 169 -36.26 -45.74 -13.60
N GLY G 170 -36.71 -44.54 -13.96
CA GLY G 170 -37.92 -44.39 -14.74
C GLY G 170 -39.21 -44.45 -13.96
N GLU G 171 -39.19 -44.90 -12.72
CA GLU G 171 -40.39 -45.01 -11.94
C GLU G 171 -40.98 -43.63 -11.69
N PRO G 172 -42.23 -43.37 -12.06
CA PRO G 172 -42.81 -42.06 -11.79
C PRO G 172 -43.10 -41.86 -10.31
N VAL G 173 -42.80 -40.65 -9.84
CA VAL G 173 -43.06 -40.25 -8.46
C VAL G 173 -43.97 -39.04 -8.47
N ASP G 174 -44.84 -38.95 -9.47
CA ASP G 174 -45.84 -37.90 -9.56
C ASP G 174 -47.18 -38.29 -8.96
N GLU G 175 -47.35 -39.56 -8.59
CA GLU G 175 -48.62 -40.04 -8.04
C GLU G 175 -49.76 -39.74 -9.00
N CYS G 176 -49.60 -40.19 -10.25
CA CYS G 176 -50.64 -39.99 -11.26
C CYS G 176 -50.82 -41.22 -12.13
N GLY G 177 -50.16 -42.33 -11.81
CA GLY G 177 -50.29 -43.54 -12.58
C GLY G 177 -48.96 -43.96 -13.18
N PRO G 178 -48.95 -45.05 -13.92
CA PRO G 178 -47.72 -45.49 -14.59
C PRO G 178 -47.52 -44.75 -15.90
N VAL G 179 -46.35 -45.00 -16.50
CA VAL G 179 -45.99 -44.39 -17.77
C VAL G 179 -46.32 -45.40 -18.87
N PRO G 180 -47.36 -45.19 -19.68
CA PRO G 180 -47.73 -46.15 -20.72
C PRO G 180 -46.98 -45.91 -22.03
N ALA G 181 -45.66 -45.85 -21.94
CA ALA G 181 -44.82 -45.64 -23.11
C ALA G 181 -44.43 -46.98 -23.71
N LYS G 182 -44.33 -46.99 -25.04
CA LYS G 182 -44.01 -48.21 -25.78
C LYS G 182 -42.53 -48.54 -25.71
N LYS G 183 -41.68 -47.57 -26.01
CA LYS G 183 -40.25 -47.80 -26.16
C LYS G 183 -39.49 -47.33 -24.93
N THR G 184 -38.41 -48.04 -24.63
CA THR G 184 -37.48 -47.67 -23.57
C THR G 184 -36.06 -47.64 -24.13
N TYR G 185 -35.33 -46.60 -23.77
CA TYR G 185 -33.92 -46.48 -24.13
C TYR G 185 -33.03 -46.79 -22.94
N SER G 186 -31.81 -47.20 -23.25
CA SER G 186 -30.82 -47.43 -22.23
C SER G 186 -30.26 -46.12 -21.71
N ILE G 187 -29.93 -46.11 -20.42
CA ILE G 187 -29.33 -44.93 -19.81
C ILE G 187 -28.00 -44.62 -20.45
N HIS G 188 -27.29 -45.65 -20.91
CA HIS G 188 -25.94 -45.51 -21.44
C HIS G 188 -25.97 -45.67 -22.94
N ARG G 189 -25.52 -44.63 -23.65
CA ARG G 189 -25.46 -44.63 -25.10
C ARG G 189 -24.17 -43.94 -25.53
N ALA G 190 -23.61 -44.40 -26.63
CA ALA G 190 -22.44 -43.75 -27.19
C ALA G 190 -22.82 -42.43 -27.82
N ALA G 191 -21.91 -41.46 -27.73
CA ALA G 191 -22.17 -40.13 -28.19
C ALA G 191 -22.23 -40.12 -29.72
N PRO G 192 -22.82 -39.09 -30.31
CA PRO G 192 -22.79 -38.98 -31.77
C PRO G 192 -21.39 -38.75 -32.29
N LEU G 193 -21.16 -39.18 -33.51
CA LEU G 193 -19.83 -39.20 -34.10
C LEU G 193 -19.41 -37.79 -34.54
N PHE G 194 -18.23 -37.74 -35.14
CA PHE G 194 -17.70 -36.47 -35.63
C PHE G 194 -18.46 -35.98 -36.85
N ALA G 195 -18.74 -36.88 -37.79
CA ALA G 195 -19.39 -36.50 -39.03
C ALA G 195 -20.82 -36.04 -38.78
N ASP G 196 -21.46 -36.58 -37.75
CA ASP G 196 -22.85 -36.24 -37.43
C ASP G 196 -22.91 -35.07 -36.46
N GLN G 197 -22.33 -33.95 -36.90
CA GLN G 197 -22.39 -32.71 -36.15
C GLN G 197 -22.67 -31.57 -37.11
N SER G 198 -23.27 -30.52 -36.58
CA SER G 198 -23.65 -29.35 -37.39
C SER G 198 -23.54 -28.14 -36.48
N THR G 199 -22.44 -27.38 -36.64
CA THR G 199 -22.19 -26.22 -35.80
C THR G 199 -22.67 -24.98 -36.54
N GLU G 200 -23.99 -24.80 -36.56
CA GLU G 200 -24.58 -23.61 -37.15
C GLU G 200 -24.80 -22.56 -36.08
N PRO G 201 -24.31 -21.34 -36.25
CA PRO G 201 -24.41 -20.35 -35.17
C PRO G 201 -25.76 -19.63 -35.19
N GLY G 202 -26.43 -19.64 -34.03
CA GLY G 202 -27.67 -18.91 -33.86
C GLY G 202 -27.63 -18.11 -32.57
N LEU G 203 -28.75 -17.50 -32.20
CA LEU G 203 -28.81 -16.74 -30.96
C LEU G 203 -30.14 -16.99 -30.26
N LEU G 204 -30.17 -16.68 -28.97
CA LEU G 204 -31.36 -16.79 -28.14
C LEU G 204 -31.78 -15.43 -27.64
N GLN G 205 -33.08 -15.29 -27.36
CA GLN G 205 -33.67 -14.09 -26.80
C GLN G 205 -34.01 -14.36 -25.34
N THR G 206 -33.03 -14.15 -24.47
CA THR G 206 -33.21 -14.40 -23.04
C THR G 206 -33.95 -13.26 -22.34
N GLY G 207 -33.92 -12.06 -22.91
CA GLY G 207 -34.47 -10.91 -22.24
C GLY G 207 -33.58 -10.32 -21.18
N ILE G 208 -32.41 -10.90 -20.93
CA ILE G 208 -31.48 -10.41 -19.92
C ILE G 208 -30.43 -9.58 -20.62
N LYS G 209 -30.14 -8.41 -20.06
CA LYS G 209 -29.25 -7.45 -20.70
C LYS G 209 -27.82 -7.97 -20.76
N VAL G 210 -27.33 -8.54 -19.67
CA VAL G 210 -25.91 -8.84 -19.57
C VAL G 210 -25.53 -9.95 -20.53
N VAL G 211 -26.34 -11.00 -20.60
CA VAL G 211 -26.03 -12.12 -21.47
C VAL G 211 -26.32 -11.78 -22.93
N ASP G 212 -27.35 -10.96 -23.18
CA ASP G 212 -27.65 -10.57 -24.55
C ASP G 212 -26.59 -9.65 -25.11
N LEU G 213 -25.89 -8.92 -24.23
CA LEU G 213 -24.88 -7.98 -24.67
C LEU G 213 -23.50 -8.63 -24.73
N LEU G 214 -23.02 -9.13 -23.59
CA LEU G 214 -21.62 -9.50 -23.45
C LEU G 214 -21.37 -11.00 -23.53
N ALA G 215 -22.39 -11.83 -23.38
CA ALA G 215 -22.24 -13.28 -23.46
C ALA G 215 -23.47 -13.88 -24.15
N PRO G 216 -23.61 -13.63 -25.45
CA PRO G 216 -24.80 -14.11 -26.15
C PRO G 216 -24.88 -15.62 -26.16
N TYR G 217 -26.06 -16.14 -25.83
CA TYR G 217 -26.27 -17.57 -25.75
C TYR G 217 -26.52 -18.15 -27.13
N ALA G 218 -25.99 -19.36 -27.35
CA ALA G 218 -25.96 -19.99 -28.65
C ALA G 218 -27.10 -20.99 -28.77
N LYS G 219 -27.98 -20.78 -29.75
CA LYS G 219 -29.03 -21.74 -30.03
C LYS G 219 -28.41 -23.04 -30.52
N GLY G 220 -28.61 -24.11 -29.76
CA GLY G 220 -28.03 -25.39 -30.10
C GLY G 220 -26.64 -25.63 -29.54
N GLY G 221 -26.30 -24.97 -28.44
CA GLY G 221 -25.01 -25.17 -27.82
C GLY G 221 -25.15 -25.26 -26.31
N LYS G 222 -24.01 -25.49 -25.65
CA LYS G 222 -23.99 -25.62 -24.21
C LYS G 222 -23.73 -24.30 -23.52
N ILE G 223 -24.40 -24.09 -22.40
CA ILE G 223 -24.36 -22.86 -21.65
C ILE G 223 -24.12 -23.21 -20.19
N GLY G 224 -23.23 -22.46 -19.55
CA GLY G 224 -22.86 -22.71 -18.17
C GLY G 224 -23.10 -21.51 -17.29
N LEU G 225 -23.61 -21.77 -16.09
CA LEU G 225 -23.82 -20.75 -15.06
C LEU G 225 -22.99 -21.17 -13.86
N PHE G 226 -21.85 -20.54 -13.69
CA PHE G 226 -20.92 -20.88 -12.63
C PHE G 226 -21.13 -19.93 -11.47
N GLY G 227 -21.16 -20.47 -10.27
CA GLY G 227 -21.34 -19.66 -9.10
C GLY G 227 -21.24 -20.49 -7.84
N GLY G 228 -21.04 -19.78 -6.74
CA GLY G 228 -21.01 -20.41 -5.44
C GLY G 228 -22.39 -20.67 -4.91
N ALA G 229 -22.60 -20.35 -3.64
CA ALA G 229 -23.87 -20.56 -2.96
C ALA G 229 -24.46 -19.20 -2.60
N GLY G 230 -25.66 -18.94 -3.12
CA GLY G 230 -26.34 -17.70 -2.82
C GLY G 230 -25.96 -16.56 -3.74
N VAL G 231 -25.94 -16.81 -5.04
CA VAL G 231 -25.57 -15.79 -6.01
C VAL G 231 -26.60 -15.69 -7.12
N GLY G 232 -27.49 -16.66 -7.20
CA GLY G 232 -28.63 -16.55 -8.09
C GLY G 232 -28.60 -17.37 -9.35
N LYS G 233 -28.18 -18.64 -9.24
CA LYS G 233 -28.24 -19.55 -10.37
C LYS G 233 -29.64 -20.06 -10.60
N THR G 234 -30.31 -20.50 -9.54
CA THR G 234 -31.63 -21.08 -9.68
C THR G 234 -32.63 -20.04 -10.17
N VAL G 235 -32.55 -18.82 -9.65
CA VAL G 235 -33.42 -17.76 -10.10
C VAL G 235 -33.19 -17.46 -11.57
N LEU G 236 -31.93 -17.49 -12.00
CA LEU G 236 -31.61 -17.22 -13.39
C LEU G 236 -32.14 -18.33 -14.30
N ILE G 237 -32.06 -19.57 -13.86
CA ILE G 237 -32.60 -20.67 -14.65
C ILE G 237 -34.11 -20.56 -14.75
N MET G 238 -34.76 -20.18 -13.65
CA MET G 238 -36.21 -20.01 -13.69
C MET G 238 -36.60 -18.87 -14.62
N GLU G 239 -35.82 -17.80 -14.62
CA GLU G 239 -36.09 -16.70 -15.53
C GLU G 239 -35.93 -17.14 -16.98
N LEU G 240 -34.88 -17.91 -17.26
CA LEU G 240 -34.69 -18.42 -18.62
C LEU G 240 -35.83 -19.34 -19.02
N ILE G 241 -36.35 -20.13 -18.07
CA ILE G 241 -37.51 -20.96 -18.35
C ILE G 241 -38.70 -20.09 -18.73
N ASN G 242 -38.97 -19.05 -17.94
CA ASN G 242 -40.14 -18.22 -18.22
C ASN G 242 -39.99 -17.47 -19.54
N ASN G 243 -38.77 -17.07 -19.90
CA ASN G 243 -38.55 -16.21 -21.05
C ASN G 243 -38.21 -16.99 -22.32
N VAL G 244 -37.98 -18.30 -22.24
CA VAL G 244 -37.57 -19.09 -23.38
C VAL G 244 -38.54 -20.24 -23.61
N ALA G 245 -38.69 -21.09 -22.60
CA ALA G 245 -39.45 -22.33 -22.79
C ALA G 245 -40.90 -22.05 -23.13
N ASN G 246 -41.51 -21.07 -22.49
CA ASN G 246 -42.89 -20.73 -22.80
C ASN G 246 -43.00 -20.18 -24.22
N LYS G 247 -41.97 -19.48 -24.69
CA LYS G 247 -41.95 -18.92 -26.04
C LYS G 247 -41.13 -19.79 -27.00
N HIS G 248 -41.09 -21.09 -26.76
CA HIS G 248 -40.29 -22.01 -27.56
C HIS G 248 -41.10 -22.76 -28.59
N GLY G 249 -42.19 -23.38 -28.18
CA GLY G 249 -43.00 -24.20 -29.07
C GLY G 249 -42.58 -25.65 -29.10
N GLY G 250 -41.28 -25.89 -29.18
CA GLY G 250 -40.76 -27.25 -29.14
C GLY G 250 -40.88 -27.88 -27.77
N PHE G 251 -40.11 -28.93 -27.52
CA PHE G 251 -40.14 -29.63 -26.26
C PHE G 251 -39.08 -29.08 -25.31
N SER G 252 -39.02 -29.66 -24.12
CA SER G 252 -38.08 -29.24 -23.09
C SER G 252 -37.99 -30.30 -22.02
N VAL G 253 -36.88 -30.27 -21.29
CA VAL G 253 -36.61 -31.22 -20.22
C VAL G 253 -35.93 -30.47 -19.09
N PHE G 254 -36.19 -30.91 -17.87
CA PHE G 254 -35.51 -30.38 -16.70
C PHE G 254 -35.01 -31.54 -15.87
N ALA G 255 -33.71 -31.54 -15.57
CA ALA G 255 -33.10 -32.52 -14.71
C ALA G 255 -32.62 -31.85 -13.43
N GLY G 256 -33.05 -32.38 -12.30
CA GLY G 256 -32.61 -31.90 -11.01
C GLY G 256 -31.62 -32.85 -10.37
N VAL G 257 -30.35 -32.47 -10.39
CA VAL G 257 -29.27 -33.32 -9.90
C VAL G 257 -28.75 -32.73 -8.59
N GLY G 258 -29.27 -33.22 -7.48
CA GLY G 258 -28.87 -32.73 -6.18
C GLY G 258 -29.24 -31.29 -5.96
N GLU G 259 -30.54 -31.02 -6.02
CA GLU G 259 -31.09 -29.72 -5.66
C GLU G 259 -32.19 -29.95 -4.63
N ARG G 260 -32.72 -28.84 -4.10
CA ARG G 260 -33.73 -28.94 -3.07
C ARG G 260 -35.05 -29.41 -3.64
N THR G 261 -35.71 -30.33 -2.92
CA THR G 261 -37.00 -30.84 -3.34
C THR G 261 -38.06 -29.75 -3.34
N ARG G 262 -37.90 -28.76 -2.46
CA ARG G 262 -38.82 -27.64 -2.39
C ARG G 262 -38.93 -26.94 -3.75
N GLU G 263 -37.79 -26.56 -4.33
CA GLU G 263 -37.83 -25.88 -5.61
C GLU G 263 -38.34 -26.79 -6.71
N GLY G 264 -38.19 -28.10 -6.55
CA GLY G 264 -38.79 -29.01 -7.50
C GLY G 264 -40.30 -28.95 -7.49
N ASN G 265 -40.90 -28.99 -6.31
CA ASN G 265 -42.35 -28.86 -6.22
C ASN G 265 -42.80 -27.49 -6.71
N ASP G 266 -42.01 -26.46 -6.41
CA ASP G 266 -42.34 -25.12 -6.88
C ASP G 266 -42.36 -25.07 -8.40
N LEU G 267 -41.37 -25.68 -9.04
CA LEU G 267 -41.34 -25.70 -10.50
C LEU G 267 -42.49 -26.49 -11.06
N TYR G 268 -42.82 -27.63 -10.45
CA TYR G 268 -43.95 -28.41 -10.94
C TYR G 268 -45.23 -27.60 -10.91
N HIS G 269 -45.47 -26.87 -9.83
CA HIS G 269 -46.71 -26.11 -9.73
C HIS G 269 -46.69 -24.88 -10.63
N GLU G 270 -45.53 -24.25 -10.80
CA GLU G 270 -45.44 -23.12 -11.72
C GLU G 270 -45.68 -23.58 -13.15
N MET G 271 -45.22 -24.79 -13.49
CA MET G 271 -45.44 -25.33 -14.83
C MET G 271 -46.90 -25.69 -15.03
N MET G 272 -47.54 -26.28 -14.02
CA MET G 272 -48.98 -26.53 -14.11
C MET G 272 -49.75 -25.23 -14.22
N THR G 273 -49.21 -24.15 -13.68
CA THR G 273 -49.86 -22.85 -13.78
C THR G 273 -49.73 -22.25 -15.17
N THR G 274 -48.50 -22.17 -15.69
CA THR G 274 -48.26 -21.49 -16.95
C THR G 274 -48.72 -22.28 -18.16
N GLY G 275 -49.27 -23.47 -17.99
CA GLY G 275 -49.72 -24.27 -19.09
C GLY G 275 -48.66 -25.11 -19.75
N VAL G 276 -47.42 -25.03 -19.28
CA VAL G 276 -46.37 -25.89 -19.81
C VAL G 276 -46.69 -27.35 -19.53
N ILE G 277 -47.34 -27.62 -18.40
CA ILE G 277 -47.85 -28.95 -18.08
C ILE G 277 -49.36 -28.82 -17.96
N LYS G 278 -50.08 -29.62 -18.74
CA LYS G 278 -51.53 -29.55 -18.81
C LYS G 278 -52.09 -30.86 -18.28
N ARG G 279 -52.26 -30.93 -16.98
CA ARG G 279 -52.81 -32.09 -16.31
C ARG G 279 -54.32 -31.99 -16.23
N LYS G 280 -54.99 -33.13 -16.46
CA LYS G 280 -56.44 -33.20 -16.41
C LYS G 280 -56.82 -34.52 -15.78
N LYS G 281 -57.72 -34.47 -14.80
CA LYS G 281 -58.15 -35.66 -14.07
C LYS G 281 -59.45 -36.17 -14.69
N LEU G 282 -59.39 -37.38 -15.25
CA LEU G 282 -60.58 -38.02 -15.78
C LEU G 282 -61.45 -38.53 -14.64
N GLU G 283 -62.67 -38.94 -15.01
CA GLU G 283 -63.65 -39.36 -14.01
C GLU G 283 -63.18 -40.58 -13.23
N ASP G 284 -62.44 -41.48 -13.88
CA ASP G 284 -62.04 -42.75 -13.28
C ASP G 284 -60.64 -42.69 -12.67
N GLY G 285 -60.23 -41.52 -12.19
CA GLY G 285 -58.95 -41.37 -11.52
C GLY G 285 -57.76 -41.25 -12.43
N LYS G 286 -57.87 -41.64 -13.70
CA LYS G 286 -56.76 -41.51 -14.62
C LYS G 286 -56.48 -40.05 -14.93
N PHE G 287 -55.41 -39.82 -15.66
CA PHE G 287 -54.96 -38.48 -16.00
C PHE G 287 -54.66 -38.39 -17.49
N ASP G 288 -54.65 -37.15 -17.99
CA ASP G 288 -54.46 -36.87 -19.41
C ASP G 288 -53.55 -35.66 -19.52
N PHE G 289 -52.26 -35.91 -19.73
CA PHE G 289 -51.26 -34.87 -19.86
C PHE G 289 -51.10 -34.38 -21.29
N THR G 290 -52.10 -34.61 -22.13
CA THR G 290 -52.01 -34.19 -23.53
C THR G 290 -51.95 -32.67 -23.61
N GLY G 291 -50.93 -32.15 -24.29
CA GLY G 291 -50.69 -30.73 -24.38
C GLY G 291 -49.45 -30.29 -23.65
N SER G 292 -48.81 -31.17 -22.89
CA SER G 292 -47.63 -30.81 -22.14
C SER G 292 -46.42 -30.69 -23.06
N LYS G 293 -45.46 -29.87 -22.62
CA LYS G 293 -44.28 -29.57 -23.42
C LYS G 293 -43.02 -29.61 -22.56
N ALA G 294 -43.02 -30.40 -21.48
CA ALA G 294 -41.87 -30.43 -20.60
C ALA G 294 -41.91 -31.70 -19.76
N ALA G 295 -40.81 -32.46 -19.80
CA ALA G 295 -40.61 -33.58 -18.91
C ALA G 295 -39.82 -33.15 -17.69
N LEU G 296 -39.81 -34.00 -16.68
CA LEU G 296 -39.14 -33.69 -15.43
C LEU G 296 -38.47 -34.94 -14.88
N VAL G 297 -37.21 -34.80 -14.49
CA VAL G 297 -36.42 -35.86 -13.88
C VAL G 297 -35.74 -35.29 -12.65
N TYR G 298 -35.94 -35.93 -11.50
CA TYR G 298 -35.52 -35.39 -10.22
C TYR G 298 -34.78 -36.46 -9.42
N GLY G 299 -33.47 -36.27 -9.27
CA GLY G 299 -32.72 -36.97 -8.26
C GLY G 299 -32.05 -35.98 -7.35
N GLN G 300 -32.55 -35.91 -6.12
CA GLN G 300 -32.31 -34.78 -5.23
C GLN G 300 -31.34 -35.14 -4.13
N MET G 301 -31.18 -34.21 -3.19
CA MET G 301 -30.23 -34.39 -2.11
C MET G 301 -30.59 -35.57 -1.22
N ASN G 302 -31.88 -35.85 -1.08
CA ASN G 302 -32.32 -37.00 -0.30
C ASN G 302 -32.20 -38.28 -1.12
N GLU G 303 -31.02 -38.52 -1.67
CA GLU G 303 -30.79 -39.70 -2.50
C GLU G 303 -29.35 -40.13 -2.29
N PRO G 304 -29.05 -41.41 -2.47
CA PRO G 304 -27.67 -41.84 -2.38
C PRO G 304 -26.87 -41.32 -3.56
N PRO G 305 -25.54 -41.49 -3.54
CA PRO G 305 -24.74 -41.03 -4.68
C PRO G 305 -25.03 -41.78 -5.97
N GLY G 306 -25.34 -43.07 -5.89
CA GLY G 306 -25.62 -43.81 -7.11
C GLY G 306 -26.84 -43.32 -7.84
N ALA G 307 -27.82 -42.79 -7.11
CA ALA G 307 -29.03 -42.23 -7.69
C ALA G 307 -28.87 -40.77 -8.09
N ARG G 308 -27.67 -40.21 -7.94
CA ARG G 308 -27.35 -38.86 -8.38
C ARG G 308 -26.39 -38.86 -9.55
N ALA G 309 -25.59 -39.89 -9.69
CA ALA G 309 -24.64 -40.03 -10.77
C ALA G 309 -25.24 -40.73 -11.99
N ARG G 310 -26.56 -40.90 -12.02
CA ARG G 310 -27.20 -41.54 -13.16
C ARG G 310 -28.50 -40.85 -13.55
N VAL G 311 -28.77 -39.65 -13.06
CA VAL G 311 -30.00 -38.94 -13.37
C VAL G 311 -29.84 -38.12 -14.65
N ALA G 312 -28.72 -37.43 -14.76
CA ALA G 312 -28.45 -36.66 -15.96
C ALA G 312 -28.48 -37.56 -17.20
N LEU G 313 -27.99 -38.80 -17.07
CA LEU G 313 -28.05 -39.73 -18.18
C LEU G 313 -29.48 -40.10 -18.54
N THR G 314 -30.35 -40.23 -17.55
CA THR G 314 -31.77 -40.45 -17.80
C THR G 314 -32.36 -39.31 -18.58
N ALA G 315 -32.14 -38.08 -18.11
CA ALA G 315 -32.65 -36.91 -18.82
C ALA G 315 -32.09 -36.84 -20.23
N LEU G 316 -30.83 -37.21 -20.42
CA LEU G 316 -30.23 -37.14 -21.74
C LEU G 316 -30.84 -38.18 -22.68
N SER G 317 -31.17 -39.35 -22.17
CA SER G 317 -31.89 -40.32 -22.99
C SER G 317 -33.25 -39.78 -23.38
N VAL G 318 -33.96 -39.18 -22.43
CA VAL G 318 -35.28 -38.64 -22.72
C VAL G 318 -35.22 -37.56 -23.77
N ALA G 319 -34.15 -36.75 -23.77
CA ALA G 319 -34.02 -35.69 -24.76
C ALA G 319 -33.47 -36.20 -26.10
N GLU G 320 -32.64 -37.23 -26.06
CA GLU G 320 -32.10 -37.81 -27.27
C GLU G 320 -33.20 -38.48 -28.08
N TYR G 321 -34.17 -39.09 -27.40
CA TYR G 321 -35.30 -39.63 -28.14
C TYR G 321 -35.99 -38.55 -28.95
N PHE G 322 -36.19 -37.37 -28.36
CA PHE G 322 -36.86 -36.30 -29.10
C PHE G 322 -36.01 -35.83 -30.25
N ARG G 323 -34.76 -35.50 -30.02
CA ARG G 323 -33.99 -34.91 -31.10
C ARG G 323 -33.42 -35.95 -32.07
N ASP G 324 -33.75 -37.24 -31.89
CA ASP G 324 -33.39 -38.25 -32.87
C ASP G 324 -34.60 -38.71 -33.68
N GLU G 325 -35.55 -39.41 -33.08
CA GLU G 325 -36.71 -39.86 -33.84
C GLU G 325 -37.67 -38.70 -34.14
N GLN G 326 -38.01 -37.90 -33.14
CA GLN G 326 -38.92 -36.78 -33.37
C GLN G 326 -38.27 -35.73 -34.26
N GLY G 327 -36.96 -35.54 -34.12
CA GLY G 327 -36.28 -34.51 -34.91
C GLY G 327 -36.75 -33.11 -34.59
N GLN G 328 -36.92 -32.82 -33.31
CA GLN G 328 -37.37 -31.51 -32.87
C GLN G 328 -36.40 -30.94 -31.85
N ASP G 329 -36.25 -29.62 -31.89
CA ASP G 329 -35.35 -28.94 -30.97
C ASP G 329 -35.86 -29.09 -29.55
N VAL G 330 -34.93 -29.25 -28.61
CA VAL G 330 -35.29 -29.42 -27.22
C VAL G 330 -34.37 -28.58 -26.35
N LEU G 331 -34.88 -28.20 -25.19
CA LEU G 331 -34.15 -27.43 -24.20
C LEU G 331 -33.95 -28.31 -22.98
N LEU G 332 -32.72 -28.40 -22.52
CA LEU G 332 -32.39 -29.21 -21.36
C LEU G 332 -31.79 -28.30 -20.31
N PHE G 333 -32.33 -28.37 -19.10
CA PHE G 333 -31.86 -27.59 -17.97
C PHE G 333 -31.37 -28.54 -16.90
N ILE G 334 -30.15 -28.32 -16.43
CA ILE G 334 -29.53 -29.15 -15.41
C ILE G 334 -29.14 -28.27 -14.23
N ASP G 335 -29.54 -28.70 -13.04
CA ASP G 335 -29.26 -28.02 -11.78
C ASP G 335 -28.68 -29.07 -10.85
N ASN G 336 -27.66 -28.69 -10.09
CA ASN G 336 -26.33 -28.50 -10.62
C ASN G 336 -25.68 -29.79 -11.10
N ILE G 337 -24.89 -29.64 -12.17
CA ILE G 337 -24.12 -30.72 -12.77
C ILE G 337 -22.99 -31.18 -11.83
N TYR G 338 -22.47 -30.26 -11.01
CA TYR G 338 -21.36 -30.58 -10.12
C TYR G 338 -21.67 -31.74 -9.18
N ARG G 339 -22.94 -31.85 -8.78
CA ARG G 339 -23.36 -32.91 -7.88
C ARG G 339 -23.03 -34.26 -8.49
N PHE G 340 -23.16 -34.38 -9.81
CA PHE G 340 -22.87 -35.62 -10.49
C PHE G 340 -21.42 -36.06 -10.24
N THR G 341 -20.47 -35.13 -10.35
CA THR G 341 -19.09 -35.45 -10.03
C THR G 341 -18.92 -35.73 -8.54
N GLN G 342 -19.64 -34.98 -7.71
CA GLN G 342 -19.52 -35.16 -6.27
C GLN G 342 -19.88 -36.59 -5.88
N ALA G 343 -20.89 -37.16 -6.54
CA ALA G 343 -21.26 -38.52 -6.20
C ALA G 343 -20.11 -39.49 -6.46
N GLY G 344 -19.41 -39.27 -7.58
CA GLY G 344 -18.27 -40.11 -7.87
C GLY G 344 -17.24 -39.96 -6.78
N SER G 345 -17.10 -38.75 -6.25
CA SER G 345 -16.11 -38.54 -5.20
C SER G 345 -16.42 -39.39 -3.98
N GLU G 346 -17.70 -39.53 -3.63
CA GLU G 346 -18.13 -40.32 -2.49
C GLU G 346 -18.45 -41.76 -2.86
N VAL G 347 -17.97 -42.20 -4.02
CA VAL G 347 -18.12 -43.59 -4.47
C VAL G 347 -16.77 -44.23 -4.77
N SER G 348 -15.89 -43.51 -5.46
CA SER G 348 -14.63 -44.09 -5.91
C SER G 348 -13.80 -44.59 -4.75
N ALA G 349 -13.91 -43.95 -3.58
CA ALA G 349 -13.19 -44.44 -2.41
C ALA G 349 -13.62 -45.85 -2.08
N LEU G 350 -14.90 -46.16 -2.29
CA LEU G 350 -15.44 -47.47 -1.97
C LEU G 350 -15.22 -48.47 -3.10
N LEU G 351 -15.04 -47.98 -4.31
CA LEU G 351 -14.72 -48.86 -5.43
C LEU G 351 -13.27 -49.28 -5.47
N GLY G 352 -12.43 -48.75 -4.59
CA GLY G 352 -11.04 -49.18 -4.51
C GLY G 352 -10.11 -48.44 -5.44
N ARG G 353 -10.35 -47.16 -5.62
CA ARG G 353 -9.57 -46.33 -6.53
C ARG G 353 -8.74 -45.32 -5.75
N ILE G 354 -7.58 -44.98 -6.32
CA ILE G 354 -6.69 -44.01 -5.68
C ILE G 354 -7.25 -42.62 -5.93
N PRO G 355 -7.30 -41.75 -4.93
CA PRO G 355 -7.85 -40.41 -5.16
C PRO G 355 -6.89 -39.50 -5.90
N SER G 356 -7.48 -38.54 -6.57
CA SER G 356 -6.78 -37.49 -7.28
C SER G 356 -6.56 -36.29 -6.35
N ALA G 357 -6.27 -35.14 -6.93
CA ALA G 357 -5.75 -33.99 -6.19
C ALA G 357 -6.54 -33.67 -4.92
N VAL G 358 -7.82 -33.38 -5.08
CA VAL G 358 -8.62 -32.85 -3.96
C VAL G 358 -9.61 -33.89 -3.48
N GLY G 359 -9.23 -35.16 -3.55
CA GLY G 359 -10.13 -36.24 -3.23
C GLY G 359 -11.05 -36.64 -4.35
N TYR G 360 -11.04 -35.90 -5.45
CA TYR G 360 -11.85 -36.24 -6.61
C TYR G 360 -11.35 -37.54 -7.22
N GLN G 361 -12.01 -37.95 -8.24
CA GLN G 361 -11.70 -39.22 -8.85
C GLN G 361 -10.63 -39.04 -9.91
N PRO G 362 -9.96 -40.12 -10.31
CA PRO G 362 -9.15 -40.07 -11.52
C PRO G 362 -9.99 -40.03 -12.78
N THR G 363 -11.25 -40.45 -12.70
CA THR G 363 -12.17 -40.45 -13.82
C THR G 363 -13.03 -39.19 -13.88
N LEU G 364 -12.53 -38.08 -13.37
CA LEU G 364 -13.33 -36.86 -13.29
C LEU G 364 -13.60 -36.23 -14.63
N ALA G 365 -12.77 -36.51 -15.64
CA ALA G 365 -12.91 -35.89 -16.94
C ALA G 365 -13.69 -36.76 -17.93
N THR G 366 -13.47 -38.07 -17.91
CA THR G 366 -14.16 -38.93 -18.86
C THR G 366 -15.61 -39.13 -18.48
N ASP G 367 -15.90 -39.25 -17.19
CA ASP G 367 -17.27 -39.38 -16.73
C ASP G 367 -18.09 -38.15 -17.04
N LEU G 368 -17.45 -37.01 -17.23
CA LEU G 368 -18.10 -35.77 -17.61
C LEU G 368 -18.17 -35.58 -19.11
N GLY G 369 -17.09 -35.91 -19.82
CA GLY G 369 -17.10 -35.79 -21.26
C GLY G 369 -18.07 -36.76 -21.91
N GLN G 370 -18.20 -37.96 -21.35
CA GLN G 370 -19.17 -38.91 -21.84
C GLN G 370 -20.60 -38.44 -21.62
N LEU G 371 -20.82 -37.52 -20.68
CA LEU G 371 -22.13 -36.93 -20.46
C LEU G 371 -22.37 -35.73 -21.36
N GLN G 372 -21.35 -34.91 -21.58
CA GLN G 372 -21.51 -33.69 -22.34
C GLN G 372 -21.54 -33.94 -23.84
N GLU G 373 -20.73 -34.89 -24.32
CA GLU G 373 -20.69 -35.15 -25.74
C GLU G 373 -22.01 -35.70 -26.27
N ARG G 374 -22.83 -36.28 -25.41
CA ARG G 374 -24.18 -36.65 -25.82
C ARG G 374 -25.06 -35.44 -26.06
N ILE G 375 -24.75 -34.32 -25.41
CA ILE G 375 -25.44 -33.07 -25.67
C ILE G 375 -24.75 -32.42 -26.85
N THR G 376 -25.40 -32.43 -28.01
CA THR G 376 -24.83 -31.73 -29.14
C THR G 376 -25.87 -31.62 -30.25
N THR G 377 -25.92 -30.46 -30.88
CA THR G 377 -26.68 -30.30 -32.10
C THR G 377 -26.13 -31.21 -33.19
N THR G 378 -27.05 -31.85 -33.91
CA THR G 378 -26.68 -32.72 -35.02
C THR G 378 -27.53 -32.42 -36.24
N LYS G 379 -27.37 -33.21 -37.29
CA LYS G 379 -28.15 -33.04 -38.50
C LYS G 379 -29.60 -33.47 -38.34
N LYS G 380 -29.91 -34.17 -37.25
CA LYS G 380 -31.27 -34.62 -36.98
C LYS G 380 -32.05 -33.57 -36.20
N GLY G 381 -31.49 -33.12 -35.09
CA GLY G 381 -32.13 -32.15 -34.22
C GLY G 381 -31.11 -31.32 -33.50
N SER G 382 -31.48 -30.82 -32.33
CA SER G 382 -30.60 -29.96 -31.56
C SER G 382 -31.00 -30.02 -30.11
N ILE G 383 -30.01 -29.99 -29.23
CA ILE G 383 -30.23 -29.83 -27.80
C ILE G 383 -29.51 -28.56 -27.38
N THR G 384 -30.27 -27.54 -27.00
CA THR G 384 -29.72 -26.47 -26.19
C THR G 384 -29.72 -26.89 -24.73
N SER G 385 -28.66 -26.52 -24.03
CA SER G 385 -28.46 -26.94 -22.65
C SER G 385 -28.08 -25.74 -21.82
N VAL G 386 -28.61 -25.69 -20.61
CA VAL G 386 -28.33 -24.63 -19.64
C VAL G 386 -28.01 -25.33 -18.34
N GLN G 387 -26.73 -25.39 -17.99
CA GLN G 387 -26.24 -26.10 -16.83
C GLN G 387 -25.78 -25.12 -15.78
N ALA G 388 -26.27 -25.31 -14.57
CA ALA G 388 -25.80 -24.56 -13.40
C ALA G 388 -24.69 -25.36 -12.75
N VAL G 389 -23.51 -24.76 -12.66
CA VAL G 389 -22.32 -25.43 -12.15
C VAL G 389 -21.95 -24.80 -10.83
N TYR G 390 -22.06 -25.56 -9.75
CA TYR G 390 -21.60 -25.11 -8.46
C TYR G 390 -20.09 -24.94 -8.45
N VAL G 391 -19.62 -24.06 -7.57
CA VAL G 391 -18.21 -23.76 -7.41
C VAL G 391 -17.89 -23.77 -5.92
N PRO G 392 -17.30 -24.83 -5.37
CA PRO G 392 -17.15 -24.91 -3.92
C PRO G 392 -16.13 -23.92 -3.38
N ALA G 393 -16.51 -23.26 -2.29
CA ALA G 393 -15.66 -22.30 -1.61
C ALA G 393 -15.27 -21.14 -2.53
N ASP G 394 -16.11 -20.86 -3.53
CA ASP G 394 -15.86 -19.78 -4.48
C ASP G 394 -14.51 -19.92 -5.17
N ASP G 395 -14.07 -21.15 -5.40
CA ASP G 395 -12.78 -21.46 -6.00
C ASP G 395 -13.02 -22.00 -7.40
N LEU G 396 -12.71 -21.17 -8.40
CA LEU G 396 -12.86 -21.57 -9.80
C LEU G 396 -11.73 -22.46 -10.29
N THR G 397 -10.66 -22.62 -9.51
CA THR G 397 -9.57 -23.51 -9.87
C THR G 397 -9.82 -24.94 -9.40
N ASP G 398 -10.99 -25.21 -8.82
CA ASP G 398 -11.32 -26.56 -8.44
C ASP G 398 -11.37 -27.43 -9.69
N PRO G 399 -11.05 -28.72 -9.59
CA PRO G 399 -11.05 -29.56 -10.79
C PRO G 399 -12.40 -29.66 -11.49
N ALA G 400 -13.51 -29.64 -10.75
CA ALA G 400 -14.80 -29.84 -11.38
C ALA G 400 -15.16 -28.70 -12.32
N PRO G 401 -15.27 -27.45 -11.87
CA PRO G 401 -15.55 -26.36 -12.81
C PRO G 401 -14.46 -26.15 -13.83
N ALA G 402 -13.20 -26.41 -13.46
CA ALA G 402 -12.11 -26.29 -14.42
C ALA G 402 -12.30 -27.23 -15.59
N THR G 403 -12.65 -28.48 -15.31
CA THR G 403 -12.95 -29.42 -16.39
C THR G 403 -14.19 -29.01 -17.16
N THR G 404 -15.21 -28.52 -16.45
CA THR G 404 -16.47 -28.20 -17.11
C THR G 404 -16.34 -27.02 -18.05
N PHE G 405 -15.40 -26.12 -17.79
CA PHE G 405 -15.23 -24.95 -18.65
C PHE G 405 -14.93 -25.33 -20.09
N ALA G 406 -14.23 -26.46 -20.30
CA ALA G 406 -13.79 -26.85 -21.63
C ALA G 406 -14.92 -27.35 -22.51
N HIS G 407 -16.09 -27.65 -21.94
CA HIS G 407 -17.17 -28.28 -22.68
C HIS G 407 -18.26 -27.31 -23.07
N LEU G 408 -18.10 -26.03 -22.77
CA LEU G 408 -19.18 -25.06 -22.89
C LEU G 408 -18.97 -24.17 -24.10
N ASP G 409 -20.09 -23.77 -24.70
CA ASP G 409 -20.09 -22.80 -25.78
C ASP G 409 -20.35 -21.39 -25.28
N ALA G 410 -20.99 -21.25 -24.13
CA ALA G 410 -21.21 -19.95 -23.51
C ALA G 410 -21.12 -20.09 -22.01
N THR G 411 -20.71 -19.00 -21.37
CA THR G 411 -20.32 -18.99 -19.97
C THR G 411 -20.95 -17.80 -19.29
N THR G 412 -21.25 -17.97 -18.01
CA THR G 412 -21.80 -16.89 -17.20
C THR G 412 -21.37 -17.14 -15.76
N VAL G 413 -20.38 -16.37 -15.31
CA VAL G 413 -19.76 -16.55 -14.02
C VAL G 413 -20.38 -15.56 -13.05
N LEU G 414 -21.12 -16.07 -12.08
CA LEU G 414 -21.73 -15.25 -11.05
C LEU G 414 -20.73 -15.03 -9.93
N SER G 415 -20.90 -13.92 -9.22
CA SER G 415 -19.94 -13.51 -8.21
C SER G 415 -20.66 -13.06 -6.96
N ARG G 416 -20.01 -13.29 -5.83
CA ARG G 416 -20.53 -12.87 -4.54
C ARG G 416 -20.18 -11.43 -4.22
N GLN G 417 -19.03 -10.96 -4.72
CA GLN G 417 -18.63 -9.58 -4.50
C GLN G 417 -19.63 -8.62 -5.15
N ILE G 418 -20.22 -9.03 -6.27
CA ILE G 418 -21.16 -8.17 -6.97
C ILE G 418 -22.56 -8.30 -6.37
N ALA G 419 -22.89 -9.44 -5.78
CA ALA G 419 -24.18 -9.59 -5.14
C ALA G 419 -24.26 -8.80 -3.85
N GLU G 420 -23.14 -8.65 -3.14
CA GLU G 420 -23.11 -7.84 -1.93
C GLU G 420 -23.42 -6.38 -2.20
N LEU G 421 -23.18 -5.92 -3.43
CA LEU G 421 -23.56 -4.57 -3.83
C LEU G 421 -25.03 -4.46 -4.21
N GLY G 422 -25.80 -5.52 -4.04
CA GLY G 422 -27.20 -5.50 -4.42
C GLY G 422 -27.46 -5.66 -5.89
N ILE G 423 -26.44 -5.86 -6.70
CA ILE G 423 -26.63 -6.06 -8.13
C ILE G 423 -27.06 -7.50 -8.38
N TYR G 424 -28.14 -7.67 -9.13
CA TYR G 424 -28.72 -8.95 -9.45
C TYR G 424 -29.24 -8.83 -10.87
N PRO G 425 -28.86 -9.72 -11.78
CA PRO G 425 -27.99 -10.90 -11.65
C PRO G 425 -26.54 -10.54 -11.39
N ALA G 426 -25.91 -11.27 -10.49
CA ALA G 426 -24.56 -10.94 -10.06
C ALA G 426 -23.51 -11.47 -11.03
N VAL G 427 -23.67 -11.16 -12.30
CA VAL G 427 -22.80 -11.67 -13.34
C VAL G 427 -21.53 -10.84 -13.40
N ASP G 428 -20.39 -11.51 -13.37
CA ASP G 428 -19.11 -10.87 -13.60
C ASP G 428 -18.86 -10.81 -15.11
N PRO G 429 -19.03 -9.65 -15.75
CA PRO G 429 -18.99 -9.61 -17.21
C PRO G 429 -17.60 -9.81 -17.80
N LEU G 430 -16.55 -9.89 -16.98
CA LEU G 430 -15.22 -10.12 -17.49
C LEU G 430 -14.86 -11.60 -17.50
N ASP G 431 -15.24 -12.32 -16.45
CA ASP G 431 -15.04 -13.76 -16.44
C ASP G 431 -16.02 -14.45 -17.38
N SER G 432 -17.18 -13.86 -17.59
CA SER G 432 -18.12 -14.37 -18.58
C SER G 432 -17.60 -14.12 -19.98
N THR G 433 -17.93 -15.04 -20.89
CA THR G 433 -17.48 -14.94 -22.27
C THR G 433 -18.40 -15.79 -23.13
N SER G 434 -18.07 -15.88 -24.41
CA SER G 434 -18.87 -16.65 -25.35
C SER G 434 -18.12 -16.77 -26.67
N ARG G 435 -18.58 -17.71 -27.48
CA ARG G 435 -18.07 -17.91 -28.83
C ARG G 435 -18.92 -17.21 -29.89
N MET G 436 -20.14 -16.79 -29.55
CA MET G 436 -21.05 -16.16 -30.48
C MET G 436 -21.03 -14.64 -30.38
N LEU G 437 -19.88 -14.06 -30.06
CA LEU G 437 -19.74 -12.62 -29.96
C LEU G 437 -19.00 -12.02 -31.16
N ALA G 438 -18.47 -12.85 -32.04
CA ALA G 438 -17.67 -12.33 -33.13
C ALA G 438 -18.54 -11.52 -34.08
N PRO G 439 -17.94 -10.61 -34.84
CA PRO G 439 -18.74 -9.78 -35.77
C PRO G 439 -19.30 -10.55 -36.94
N GLU G 440 -18.84 -11.77 -37.20
CA GLU G 440 -19.40 -12.58 -38.27
C GLU G 440 -20.70 -13.25 -37.87
N ILE G 441 -21.17 -13.03 -36.64
CA ILE G 441 -22.40 -13.64 -36.14
C ILE G 441 -23.31 -12.50 -35.72
N VAL G 442 -22.88 -11.76 -34.71
CA VAL G 442 -23.54 -10.52 -34.35
C VAL G 442 -22.89 -9.38 -35.14
N GLY G 443 -23.58 -8.27 -35.22
CA GLY G 443 -23.09 -7.14 -35.98
C GLY G 443 -21.84 -6.54 -35.37
N GLN G 444 -21.28 -5.57 -36.10
CA GLN G 444 -20.11 -4.87 -35.60
C GLN G 444 -20.48 -3.82 -34.55
N GLU G 445 -21.71 -3.31 -34.57
CA GLU G 445 -22.12 -2.39 -33.52
C GLU G 445 -22.27 -3.11 -32.19
N HIS G 446 -22.84 -4.31 -32.21
CA HIS G 446 -22.94 -5.12 -31.01
C HIS G 446 -21.56 -5.50 -30.49
N TYR G 447 -20.71 -5.99 -31.37
CA TYR G 447 -19.36 -6.38 -30.98
C TYR G 447 -18.59 -5.19 -30.40
N ASP G 448 -18.67 -4.04 -31.07
CA ASP G 448 -17.92 -2.87 -30.62
C ASP G 448 -18.44 -2.35 -29.29
N THR G 449 -19.77 -2.35 -29.10
CA THR G 449 -20.33 -1.93 -27.83
C THR G 449 -19.88 -2.85 -26.71
N ALA G 450 -19.93 -4.16 -26.94
CA ALA G 450 -19.52 -5.11 -25.93
C ALA G 450 -18.05 -4.94 -25.56
N ARG G 451 -17.20 -4.79 -26.58
CA ARG G 451 -15.77 -4.65 -26.30
C ARG G 451 -15.44 -3.32 -25.63
N ALA G 452 -16.16 -2.26 -25.97
CA ALA G 452 -15.96 -0.99 -25.28
C ALA G 452 -16.38 -1.09 -23.82
N THR G 453 -17.50 -1.76 -23.56
CA THR G 453 -17.93 -1.96 -22.17
C THR G 453 -16.92 -2.78 -21.39
N GLN G 454 -16.38 -3.83 -22.00
CA GLN G 454 -15.38 -4.64 -21.33
C GLN G 454 -14.12 -3.85 -21.04
N LYS G 455 -13.66 -3.05 -21.99
CA LYS G 455 -12.50 -2.19 -21.77
C LYS G 455 -12.76 -1.23 -20.62
N LEU G 456 -13.95 -0.63 -20.58
CA LEU G 456 -14.28 0.31 -19.51
C LEU G 456 -14.25 -0.37 -18.15
N LEU G 457 -14.86 -1.55 -18.05
CA LEU G 457 -14.90 -2.24 -16.77
C LEU G 457 -13.53 -2.72 -16.34
N GLN G 458 -12.68 -3.11 -17.29
CA GLN G 458 -11.33 -3.50 -16.92
C GLN G 458 -10.51 -2.30 -16.45
N ASP G 459 -10.67 -1.16 -17.12
CA ASP G 459 -10.00 0.05 -16.65
C ASP G 459 -10.47 0.47 -15.28
N TYR G 460 -11.73 0.21 -14.95
CA TYR G 460 -12.21 0.49 -13.61
C TYR G 460 -11.66 -0.51 -12.60
N LYS G 461 -11.56 -1.77 -12.98
CA LYS G 461 -10.98 -2.78 -12.10
C LYS G 461 -9.53 -2.49 -11.78
N SER G 462 -8.81 -1.95 -12.75
CA SER G 462 -7.39 -1.67 -12.57
C SER G 462 -7.11 -0.57 -11.55
N LEU G 463 -8.12 0.21 -11.17
CA LEU G 463 -7.96 1.31 -10.23
C LEU G 463 -8.50 0.99 -8.84
N GLN G 464 -8.93 -0.24 -8.61
CA GLN G 464 -9.58 -0.57 -7.35
C GLN G 464 -8.61 -0.44 -6.18
N ASP G 465 -7.36 -0.88 -6.37
CA ASP G 465 -6.39 -0.82 -5.29
C ASP G 465 -6.08 0.62 -4.92
N ILE G 466 -5.76 1.45 -5.91
CA ILE G 466 -5.39 2.83 -5.63
C ILE G 466 -6.59 3.64 -5.14
N ILE G 467 -7.81 3.23 -5.47
CA ILE G 467 -8.97 3.91 -4.89
C ILE G 467 -9.17 3.49 -3.46
N ALA G 468 -8.94 2.22 -3.14
CA ALA G 468 -9.16 1.75 -1.79
C ALA G 468 -8.13 2.34 -0.84
N ILE G 469 -6.87 2.39 -1.26
CA ILE G 469 -5.82 2.92 -0.40
C ILE G 469 -5.91 4.44 -0.33
N LEU G 470 -5.74 5.11 -1.46
CA LEU G 470 -5.61 6.57 -1.47
C LEU G 470 -6.96 7.27 -1.58
N GLY G 471 -7.68 7.01 -2.66
CA GLY G 471 -8.97 7.65 -2.86
C GLY G 471 -9.17 8.13 -4.27
N MET G 472 -10.40 8.55 -4.59
CA MET G 472 -10.71 9.03 -5.93
C MET G 472 -10.04 10.36 -6.22
N ASP G 473 -9.65 11.12 -5.20
CA ASP G 473 -9.06 12.43 -5.43
C ASP G 473 -7.72 12.34 -6.13
N GLU G 474 -6.97 11.27 -5.89
CA GLU G 474 -5.67 11.11 -6.56
C GLU G 474 -5.83 10.94 -8.06
N LEU G 475 -6.96 10.40 -8.50
CA LEU G 475 -7.15 10.12 -9.91
C LEU G 475 -7.25 11.42 -10.71
N SER G 476 -6.98 11.28 -12.01
CA SER G 476 -7.13 12.38 -12.94
C SER G 476 -8.60 12.55 -13.31
N GLU G 477 -8.88 13.37 -14.32
CA GLU G 477 -10.26 13.61 -14.73
C GLU G 477 -10.75 12.53 -15.70
N GLU G 478 -9.86 12.05 -16.57
CA GLU G 478 -10.22 10.95 -17.44
C GLU G 478 -10.56 9.71 -16.62
N ASP G 479 -9.75 9.41 -15.61
CA ASP G 479 -10.02 8.26 -14.76
C ASP G 479 -11.32 8.44 -13.96
N LYS G 480 -11.62 9.68 -13.56
CA LYS G 480 -12.87 9.90 -12.83
C LYS G 480 -14.07 9.72 -13.74
N LEU G 481 -13.98 10.19 -14.98
CA LEU G 481 -15.04 9.94 -15.95
C LEU G 481 -15.20 8.44 -16.19
N VAL G 482 -14.09 7.73 -16.27
CA VAL G 482 -14.13 6.28 -16.44
C VAL G 482 -14.83 5.62 -15.26
N VAL G 483 -14.50 6.04 -14.04
CA VAL G 483 -15.11 5.45 -12.86
C VAL G 483 -16.61 5.71 -12.86
N SER G 484 -17.01 6.94 -13.22
CA SER G 484 -18.42 7.26 -13.26
C SER G 484 -19.16 6.38 -14.26
N ARG G 485 -18.65 6.30 -15.48
CA ARG G 485 -19.32 5.49 -16.50
C ARG G 485 -19.30 4.02 -16.15
N ALA G 486 -18.25 3.54 -15.48
CA ALA G 486 -18.17 2.13 -15.12
C ALA G 486 -19.17 1.79 -14.03
N ARG G 487 -19.30 2.63 -13.01
CA ARG G 487 -20.33 2.40 -12.01
C ARG G 487 -21.71 2.47 -12.63
N LYS G 488 -21.91 3.40 -13.56
CA LYS G 488 -23.22 3.54 -14.20
C LYS G 488 -23.56 2.31 -15.03
N ILE G 489 -22.59 1.77 -15.75
CA ILE G 489 -22.87 0.62 -16.61
C ILE G 489 -22.95 -0.66 -15.80
N GLN G 490 -22.26 -0.73 -14.66
CA GLN G 490 -22.48 -1.82 -13.73
C GLN G 490 -23.91 -1.82 -13.21
N ARG G 491 -24.38 -0.66 -12.72
CA ARG G 491 -25.72 -0.58 -12.19
C ARG G 491 -26.78 -0.76 -13.28
N PHE G 492 -26.43 -0.42 -14.52
CA PHE G 492 -27.38 -0.54 -15.62
C PHE G 492 -27.54 -1.99 -16.05
N LEU G 493 -26.51 -2.80 -15.87
CA LEU G 493 -26.58 -4.22 -16.15
C LEU G 493 -27.16 -4.98 -14.97
N SER G 494 -28.33 -4.53 -14.53
CA SER G 494 -29.02 -5.13 -13.39
C SER G 494 -30.51 -5.08 -13.70
N GLN G 495 -31.14 -6.25 -13.70
CA GLN G 495 -32.48 -6.42 -14.20
C GLN G 495 -33.35 -7.02 -13.12
N PRO G 496 -34.54 -6.48 -12.86
CA PRO G 496 -35.48 -7.16 -11.96
C PRO G 496 -36.27 -8.20 -12.73
N PHE G 497 -36.14 -9.44 -12.33
CA PHE G 497 -36.84 -10.52 -12.98
C PHE G 497 -38.29 -10.60 -12.49
N THR G 498 -39.06 -11.45 -13.18
CA THR G 498 -40.46 -11.66 -12.80
C THR G 498 -40.59 -12.57 -11.60
N VAL G 499 -39.73 -13.59 -11.52
CA VAL G 499 -39.80 -14.55 -10.42
C VAL G 499 -39.28 -13.98 -9.11
N ALA G 500 -38.55 -12.87 -9.15
CA ALA G 500 -38.06 -12.24 -7.93
C ALA G 500 -39.09 -11.36 -7.25
N GLU G 501 -40.27 -11.21 -7.85
CA GLU G 501 -41.28 -10.33 -7.28
C GLU G 501 -41.71 -10.78 -5.90
N VAL G 502 -41.44 -12.03 -5.55
CA VAL G 502 -41.93 -12.54 -4.27
C VAL G 502 -41.07 -12.01 -3.13
N PHE G 503 -39.79 -11.72 -3.39
CA PHE G 503 -38.91 -11.17 -2.37
C PHE G 503 -38.29 -9.84 -2.77
N THR G 504 -38.78 -9.23 -3.83
CA THR G 504 -38.30 -7.92 -4.26
C THR G 504 -39.44 -6.92 -4.42
N GLY G 505 -40.61 -7.36 -4.88
CA GLY G 505 -41.76 -6.51 -5.02
C GLY G 505 -41.84 -5.79 -6.35
N LYS G 506 -40.70 -5.44 -6.93
CA LYS G 506 -40.75 -4.68 -8.16
C LYS G 506 -41.06 -5.60 -9.34
N PRO G 507 -41.82 -5.13 -10.31
CA PRO G 507 -42.24 -6.02 -11.40
C PRO G 507 -41.10 -6.33 -12.35
N GLY G 508 -41.31 -7.36 -13.15
CA GLY G 508 -40.29 -7.79 -14.06
C GLY G 508 -40.15 -6.90 -15.26
N ARG G 509 -38.99 -6.96 -15.90
CA ARG G 509 -38.66 -6.10 -17.03
C ARG G 509 -37.97 -6.96 -18.09
N PHE G 510 -38.72 -7.38 -19.09
CA PHE G 510 -38.11 -7.94 -20.29
C PHE G 510 -37.48 -6.83 -21.10
N VAL G 511 -36.32 -7.12 -21.67
CA VAL G 511 -35.52 -6.12 -22.36
C VAL G 511 -35.04 -6.72 -23.67
N GLU G 512 -35.35 -6.06 -24.77
CA GLU G 512 -34.86 -6.46 -26.06
C GLU G 512 -33.39 -6.05 -26.23
N LEU G 513 -32.79 -6.52 -27.29
CA LEU G 513 -31.36 -6.34 -27.52
C LEU G 513 -31.04 -4.95 -28.07
N PRO G 514 -31.77 -4.44 -29.04
CA PRO G 514 -31.42 -3.12 -29.58
C PRO G 514 -31.55 -2.02 -28.56
N GLU G 515 -32.50 -2.11 -27.64
CA GLU G 515 -32.61 -1.12 -26.58
C GLU G 515 -31.39 -1.17 -25.68
N THR G 516 -30.93 -2.37 -25.34
CA THR G 516 -29.71 -2.53 -24.56
C THR G 516 -28.52 -1.89 -25.28
N ILE G 517 -28.43 -2.11 -26.59
CA ILE G 517 -27.29 -1.59 -27.34
C ILE G 517 -27.32 -0.07 -27.40
N LYS G 518 -28.50 0.51 -27.66
CA LYS G 518 -28.63 1.95 -27.67
C LYS G 518 -28.28 2.55 -26.31
N SER G 519 -28.76 1.93 -25.24
CA SER G 519 -28.48 2.45 -23.91
C SER G 519 -26.99 2.40 -23.60
N ALA G 520 -26.34 1.30 -23.97
CA ALA G 520 -24.90 1.19 -23.73
C ALA G 520 -24.13 2.22 -24.56
N GLN G 521 -24.52 2.40 -25.82
CA GLN G 521 -23.88 3.41 -26.65
C GLN G 521 -24.01 4.79 -26.04
N THR G 522 -25.20 5.13 -25.53
CA THR G 522 -25.41 6.45 -24.96
C THR G 522 -24.61 6.62 -23.68
N ILE G 523 -24.55 5.59 -22.84
CA ILE G 523 -23.79 5.71 -21.60
C ILE G 523 -22.30 5.82 -21.89
N LEU G 524 -21.83 5.18 -22.95
CA LEU G 524 -20.41 5.23 -23.27
C LEU G 524 -20.04 6.57 -23.91
N ARG G 525 -20.91 7.09 -24.77
CA ARG G 525 -20.62 8.36 -25.43
C ARG G 525 -20.46 9.49 -24.42
N GLY G 526 -21.38 9.57 -23.47
CA GLY G 526 -21.38 10.63 -22.47
C GLY G 526 -22.69 11.38 -22.46
N GLU G 527 -23.73 10.78 -23.03
CA GLU G 527 -25.05 11.36 -23.06
C GLU G 527 -25.86 11.06 -21.80
N CYS G 528 -25.22 10.48 -20.78
CA CYS G 528 -25.91 10.19 -19.54
C CYS G 528 -25.05 10.48 -18.32
N ASP G 529 -24.03 11.34 -18.46
CA ASP G 529 -23.21 11.70 -17.31
C ASP G 529 -23.95 12.62 -16.36
N ASP G 530 -24.91 13.39 -16.88
CA ASP G 530 -25.68 14.29 -16.02
C ASP G 530 -26.53 13.54 -15.01
N LEU G 531 -26.93 12.32 -15.31
CA LEU G 531 -27.83 11.58 -14.43
C LEU G 531 -27.08 11.09 -13.20
N PRO G 532 -27.81 10.71 -12.15
CA PRO G 532 -27.15 10.16 -10.97
C PRO G 532 -26.66 8.74 -11.18
N GLU G 533 -26.16 8.11 -10.13
CA GLU G 533 -25.67 6.74 -10.19
C GLU G 533 -26.73 5.74 -9.77
N MET G 534 -27.58 6.09 -8.81
CA MET G 534 -28.62 5.20 -8.32
C MET G 534 -29.87 5.23 -9.19
N ALA G 535 -29.83 5.92 -10.32
CA ALA G 535 -30.95 5.94 -11.25
C ALA G 535 -30.91 4.78 -12.24
N PHE G 536 -29.79 4.08 -12.33
CA PHE G 536 -29.66 2.94 -13.22
C PHE G 536 -29.97 1.62 -12.55
N TYR G 537 -30.28 1.64 -11.25
CA TYR G 537 -30.47 0.41 -10.49
C TYR G 537 -31.88 -0.13 -10.73
N MET G 538 -31.96 -1.28 -11.41
CA MET G 538 -33.20 -2.01 -11.61
C MET G 538 -34.24 -1.15 -12.34
N CYS G 539 -33.90 -0.83 -13.59
CA CYS G 539 -34.75 0.01 -14.42
C CYS G 539 -34.94 -0.51 -15.84
N GLY G 540 -34.17 -1.49 -16.28
CA GLY G 540 -34.31 -1.97 -17.65
C GLY G 540 -33.72 -1.02 -18.66
N GLY G 541 -34.57 -0.43 -19.48
CA GLY G 541 -34.14 0.51 -20.49
C GLY G 541 -33.73 1.85 -19.90
N LEU G 542 -33.59 2.83 -20.79
CA LEU G 542 -33.15 4.15 -20.38
C LEU G 542 -34.30 5.09 -20.06
N GLU G 543 -35.45 4.92 -20.71
CA GLU G 543 -36.60 5.76 -20.38
C GLU G 543 -36.97 5.62 -18.91
N GLU G 544 -36.87 4.40 -18.37
CA GLU G 544 -37.07 4.22 -16.94
C GLU G 544 -36.00 4.94 -16.13
N VAL G 545 -34.76 4.94 -16.63
CA VAL G 545 -33.69 5.61 -15.90
C VAL G 545 -33.94 7.10 -15.84
N ARG G 546 -34.37 7.70 -16.95
CA ARG G 546 -34.63 9.13 -16.97
C ARG G 546 -35.85 9.48 -16.12
N SER G 547 -36.89 8.65 -16.16
CA SER G 547 -38.05 8.89 -15.30
C SER G 547 -37.67 8.80 -13.83
N LYS G 548 -36.81 7.84 -13.48
CA LYS G 548 -36.38 7.71 -12.10
C LYS G 548 -35.51 8.88 -11.68
N ALA G 549 -34.68 9.38 -12.59
CA ALA G 549 -33.88 10.56 -12.27
C ALA G 549 -34.78 11.77 -12.06
N VAL G 550 -35.83 11.91 -12.86
CA VAL G 550 -36.79 12.99 -12.67
C VAL G 550 -37.42 12.87 -11.28
N LYS G 551 -37.92 11.68 -10.94
CA LYS G 551 -38.56 11.51 -9.65
C LYS G 551 -37.58 11.70 -8.49
N MET G 552 -36.32 11.40 -8.72
CA MET G 552 -35.28 11.58 -7.71
C MET G 552 -34.83 13.03 -7.56
N ALA G 553 -35.06 13.85 -8.58
CA ALA G 553 -34.72 15.26 -8.47
C ALA G 553 -35.49 15.92 -7.33
N GLN G 554 -36.69 15.43 -7.04
CA GLN G 554 -37.50 15.96 -5.96
C GLN G 554 -36.86 15.66 -4.61
N ASP H 42 -3.26 -18.19 -3.61
CA ASP H 42 -1.89 -18.61 -3.32
C ASP H 42 -1.34 -17.90 -2.09
N LEU H 43 -0.05 -18.08 -1.84
CA LEU H 43 0.62 -17.51 -0.68
C LEU H 43 1.56 -16.36 -1.02
N LYS H 44 2.39 -16.53 -2.05
CA LYS H 44 3.33 -15.48 -2.38
C LYS H 44 2.62 -14.18 -2.72
N ILE H 45 1.46 -14.28 -3.38
CA ILE H 45 0.69 -13.09 -3.75
C ILE H 45 0.25 -12.34 -2.51
N VAL H 46 -0.36 -13.06 -1.56
CA VAL H 46 -0.92 -12.41 -0.38
C VAL H 46 0.19 -11.87 0.50
N ALA H 47 1.31 -12.58 0.58
CA ALA H 47 2.43 -12.12 1.38
C ALA H 47 3.04 -10.86 0.80
N ALA H 48 3.22 -10.84 -0.52
CA ALA H 48 3.75 -9.64 -1.18
C ALA H 48 2.81 -8.45 -0.96
N ARG H 49 1.50 -8.67 -1.11
CA ARG H 49 0.55 -7.59 -0.89
C ARG H 49 0.63 -7.07 0.55
N MET H 50 0.70 -7.99 1.52
CA MET H 50 0.79 -7.56 2.91
C MET H 50 2.05 -6.75 3.16
N LYS H 51 3.18 -7.19 2.60
CA LYS H 51 4.42 -6.46 2.77
C LYS H 51 4.31 -5.05 2.20
N SER H 52 3.77 -4.94 0.99
CA SER H 52 3.62 -3.63 0.36
C SER H 52 2.70 -2.73 1.17
N VAL H 53 1.59 -3.27 1.66
CA VAL H 53 0.62 -2.44 2.38
C VAL H 53 1.19 -2.01 3.72
N LYS H 54 1.97 -2.87 4.37
CA LYS H 54 2.62 -2.49 5.62
C LYS H 54 3.58 -1.34 5.39
N SER H 55 4.37 -1.43 4.32
CA SER H 55 5.27 -0.32 3.99
C SER H 55 4.49 0.96 3.74
N ILE H 56 3.37 0.85 3.02
CA ILE H 56 2.54 2.02 2.75
C ILE H 56 2.06 2.65 4.05
N GLN H 57 1.58 1.82 4.98
CA GLN H 57 1.09 2.34 6.25
C GLN H 57 2.18 3.06 7.01
N LYS H 58 3.38 2.47 7.04
CA LYS H 58 4.50 3.09 7.75
C LYS H 58 4.84 4.46 7.16
N ILE H 59 5.05 4.49 5.84
CA ILE H 59 5.40 5.75 5.18
C ILE H 59 4.29 6.77 5.34
N THR H 60 3.04 6.32 5.39
CA THR H 60 1.92 7.23 5.56
C THR H 60 1.96 7.90 6.93
N LYS H 61 2.22 7.12 7.98
CA LYS H 61 2.31 7.72 9.31
C LYS H 61 3.46 8.72 9.39
N ALA H 62 4.61 8.36 8.80
CA ALA H 62 5.73 9.28 8.82
C ALA H 62 5.40 10.58 8.11
N MET H 63 4.77 10.48 6.94
CA MET H 63 4.39 11.69 6.21
C MET H 63 3.33 12.48 6.96
N LYS H 64 2.51 11.80 7.75
CA LYS H 64 1.55 12.51 8.59
C LYS H 64 2.25 13.42 9.59
N MET H 65 3.22 12.88 10.30
CA MET H 65 3.95 13.71 11.26
C MET H 65 4.69 14.84 10.56
N VAL H 66 5.30 14.55 9.41
CA VAL H 66 6.01 15.57 8.66
C VAL H 66 5.07 16.70 8.25
N ALA H 67 3.87 16.34 7.80
CA ALA H 67 2.90 17.35 7.38
C ALA H 67 2.39 18.15 8.57
N ALA H 68 2.31 17.54 9.75
CA ALA H 68 1.94 18.30 10.94
C ALA H 68 2.98 19.37 11.24
N SER H 69 4.25 19.01 11.17
CA SER H 69 5.30 20.01 11.39
C SER H 69 5.24 21.12 10.36
N LYS H 70 5.07 20.75 9.08
CA LYS H 70 4.96 21.76 8.04
C LYS H 70 3.75 22.65 8.25
N LEU H 71 2.66 22.10 8.78
CA LEU H 71 1.48 22.90 9.05
C LEU H 71 1.73 23.89 10.17
N ARG H 72 2.48 23.48 11.19
CA ARG H 72 2.88 24.43 12.22
C ARG H 72 3.62 25.61 11.61
N MET H 73 4.63 25.31 10.79
CA MET H 73 5.41 26.39 10.20
C MET H 73 4.58 27.25 9.25
N ASP H 74 3.62 26.65 8.55
CA ASP H 74 2.80 27.44 7.63
C ASP H 74 1.83 28.33 8.37
N GLN H 75 1.28 27.86 9.49
CA GLN H 75 0.48 28.72 10.34
C GLN H 75 1.30 29.89 10.86
N ARG H 76 2.56 29.63 11.21
CA ARG H 76 3.43 30.73 11.62
C ARG H 76 3.62 31.73 10.49
N ARG H 77 3.85 31.24 9.28
CA ARG H 77 4.02 32.13 8.13
C ARG H 77 2.77 32.98 7.92
N LEU H 78 1.58 32.37 8.05
CA LEU H 78 0.35 33.14 7.93
C LEU H 78 0.26 34.21 9.01
N GLU H 79 0.46 33.83 10.27
CA GLU H 79 0.31 34.78 11.35
C GLU H 79 1.28 35.94 11.21
N ASN H 80 2.44 35.70 10.62
CA ASN H 80 3.40 36.79 10.43
C ASN H 80 3.11 37.62 9.18
N GLY H 81 2.56 37.01 8.14
CA GLY H 81 2.47 37.66 6.85
C GLY H 81 1.09 38.15 6.43
N LEU H 82 0.07 37.91 7.24
CA LEU H 82 -1.27 38.36 6.90
C LEU H 82 -1.46 39.85 7.17
N PRO H 83 -1.02 40.34 8.33
CA PRO H 83 -1.13 41.79 8.58
C PRO H 83 -0.48 42.64 7.51
N PHE H 84 0.53 42.11 6.83
CA PHE H 84 1.16 42.84 5.73
C PHE H 84 0.22 43.04 4.56
N ALA H 85 -0.82 42.21 4.43
CA ALA H 85 -1.66 42.20 3.24
C ALA H 85 -3.06 42.74 3.46
N THR H 86 -3.62 42.57 4.65
CA THR H 86 -5.00 42.97 4.90
C THR H 86 -5.27 44.46 4.70
N PRO H 87 -4.43 45.38 5.18
CA PRO H 87 -4.83 46.80 5.17
C PRO H 87 -5.06 47.37 3.80
N VAL H 88 -4.12 47.22 2.88
CA VAL H 88 -4.30 47.77 1.53
C VAL H 88 -5.45 47.09 0.82
N GLN H 89 -5.66 45.79 1.08
CA GLN H 89 -6.78 45.08 0.48
C GLN H 89 -8.10 45.68 0.93
N LYS H 90 -8.23 45.96 2.23
CA LYS H 90 -9.44 46.60 2.72
C LYS H 90 -9.59 48.00 2.16
N LEU H 91 -8.47 48.73 2.06
CA LEU H 91 -8.53 50.10 1.56
C LEU H 91 -9.08 50.16 0.15
N VAL H 92 -8.62 49.26 -0.72
CA VAL H 92 -9.11 49.24 -2.10
C VAL H 92 -10.44 48.53 -2.23
N GLN H 93 -10.78 47.64 -1.31
CA GLN H 93 -12.09 46.99 -1.34
C GLN H 93 -13.20 47.94 -0.96
N ARG H 94 -12.88 49.10 -0.37
CA ARG H 94 -13.88 50.14 -0.18
C ARG H 94 -14.53 50.52 -1.51
N ILE H 95 -13.77 50.44 -2.60
CA ILE H 95 -14.33 50.63 -3.94
C ILE H 95 -15.06 49.35 -4.35
N PRO H 96 -16.38 49.36 -4.47
CA PRO H 96 -17.10 48.11 -4.74
C PRO H 96 -16.89 47.69 -6.20
N VAL H 97 -16.58 46.41 -6.38
CA VAL H 97 -16.39 45.83 -7.71
C VAL H 97 -17.59 44.96 -8.02
N ASP H 98 -18.22 45.20 -9.15
CA ASP H 98 -19.32 44.33 -9.55
C ASP H 98 -18.79 43.14 -10.33
N PRO H 99 -19.16 41.91 -9.96
CA PRO H 99 -18.69 40.75 -10.73
C PRO H 99 -19.49 40.47 -11.99
N LYS H 100 -20.48 41.30 -12.32
CA LYS H 100 -21.27 41.13 -13.52
C LYS H 100 -20.76 41.96 -14.69
N GLU H 101 -19.71 42.74 -14.48
CA GLU H 101 -19.18 43.59 -15.53
C GLU H 101 -18.72 42.76 -16.73
N LYS H 102 -18.96 43.28 -17.92
CA LYS H 102 -18.56 42.61 -19.14
C LYS H 102 -17.17 43.08 -19.56
N GLY H 103 -16.37 42.14 -20.02
CA GLY H 103 -15.01 42.44 -20.43
C GLY H 103 -14.14 41.19 -20.34
N THR H 104 -12.91 41.35 -20.77
CA THR H 104 -11.95 40.25 -20.82
C THR H 104 -11.64 39.81 -19.39
N LEU H 105 -12.22 38.68 -18.98
CA LEU H 105 -11.96 38.15 -17.66
C LEU H 105 -10.64 37.40 -17.63
N ALA H 106 -9.96 37.48 -16.50
CA ALA H 106 -8.75 36.72 -16.25
C ALA H 106 -8.88 36.01 -14.91
N VAL H 107 -8.77 34.68 -14.94
CA VAL H 107 -9.02 33.85 -13.78
C VAL H 107 -7.68 33.28 -13.32
N LEU H 108 -7.24 33.69 -12.13
CA LEU H 108 -6.02 33.19 -11.52
C LEU H 108 -6.40 32.12 -10.51
N ALA H 109 -6.10 30.87 -10.83
CA ALA H 109 -6.43 29.74 -9.99
C ALA H 109 -5.18 29.27 -9.26
N LEU H 110 -5.21 29.34 -7.93
CA LEU H 110 -4.10 28.88 -7.12
C LEU H 110 -4.29 27.41 -6.76
N SER H 111 -3.21 26.65 -6.88
CA SER H 111 -3.25 25.22 -6.62
C SER H 111 -1.86 24.78 -6.19
N SER H 112 -1.68 23.48 -6.02
CA SER H 112 -0.45 22.89 -5.54
C SER H 112 0.27 22.17 -6.68
N ASP H 113 1.40 21.57 -6.34
CA ASP H 113 2.18 20.77 -7.26
C ASP H 113 2.35 19.33 -6.84
N LYS H 114 2.21 19.03 -5.55
CA LYS H 114 2.26 17.67 -5.03
C LYS H 114 0.85 17.12 -4.88
N GLY H 115 0.76 15.80 -4.86
CA GLY H 115 -0.49 15.11 -4.67
C GLY H 115 -0.75 14.78 -3.21
N LEU H 116 -1.76 13.94 -3.00
CA LEU H 116 -2.17 13.51 -1.67
C LEU H 116 -2.64 14.68 -0.82
N CYS H 117 -3.13 15.73 -1.48
CA CYS H 117 -3.61 16.93 -0.81
C CYS H 117 -5.10 16.92 -0.57
N GLY H 118 -5.69 15.74 -0.42
CA GLY H 118 -7.14 15.67 -0.30
C GLY H 118 -7.80 16.04 -1.60
N GLY H 119 -8.82 16.89 -1.53
CA GLY H 119 -9.55 17.31 -2.71
C GLY H 119 -9.73 18.81 -2.81
N VAL H 120 -8.72 19.57 -2.36
CA VAL H 120 -8.82 21.02 -2.40
C VAL H 120 -8.69 21.53 -3.83
N ASN H 121 -7.74 20.96 -4.59
CA ASN H 121 -7.59 21.37 -5.99
C ASN H 121 -8.80 20.98 -6.82
N SER H 122 -9.47 19.88 -6.44
CA SER H 122 -10.70 19.52 -7.11
C SER H 122 -11.74 20.61 -6.95
N PHE H 123 -11.92 21.13 -5.73
CA PHE H 123 -12.90 22.18 -5.51
C PHE H 123 -12.48 23.47 -6.21
N VAL H 124 -11.19 23.76 -6.23
CA VAL H 124 -10.72 24.95 -6.94
C VAL H 124 -11.08 24.86 -8.41
N ALA H 125 -10.74 23.74 -9.04
CA ALA H 125 -11.04 23.59 -10.47
C ALA H 125 -12.54 23.54 -10.73
N LYS H 126 -13.32 23.02 -9.79
CA LYS H 126 -14.77 23.04 -9.93
C LYS H 126 -15.29 24.47 -9.96
N GLN H 127 -14.86 25.29 -9.00
CA GLN H 127 -15.27 26.69 -8.98
C GLN H 127 -14.80 27.42 -10.24
N ALA H 128 -13.60 27.09 -10.73
CA ALA H 128 -13.10 27.73 -11.94
C ALA H 128 -13.94 27.36 -13.14
N ARG H 129 -14.31 26.09 -13.27
CA ARG H 129 -15.18 25.68 -14.36
C ARG H 129 -16.52 26.39 -14.28
N ILE H 130 -17.06 26.50 -13.07
CA ILE H 130 -18.33 27.20 -12.89
C ILE H 130 -18.21 28.65 -13.37
N VAL H 131 -17.15 29.33 -12.94
CA VAL H 131 -16.97 30.73 -13.30
C VAL H 131 -16.80 30.89 -14.80
N ILE H 132 -16.02 30.02 -15.42
CA ILE H 132 -15.76 30.12 -16.84
C ILE H 132 -17.04 29.87 -17.64
N LYS H 133 -17.79 28.84 -17.27
CA LYS H 133 -19.03 28.54 -17.98
C LYS H 133 -20.09 29.60 -17.74
N GLU H 134 -20.02 30.32 -16.63
CA GLU H 134 -20.99 31.38 -16.38
C GLU H 134 -20.63 32.65 -17.16
N ASN H 135 -19.35 32.99 -17.23
CA ASN H 135 -18.93 34.22 -17.86
C ASN H 135 -18.73 34.09 -19.37
N GLU H 136 -18.58 32.88 -19.88
CA GLU H 136 -18.43 32.69 -21.33
C GLU H 136 -19.76 32.71 -22.06
N MET H 137 -20.87 32.54 -21.34
CA MET H 137 -22.18 32.63 -21.98
C MET H 137 -22.48 34.05 -22.42
N ALA H 138 -22.25 35.02 -21.54
CA ALA H 138 -22.52 36.42 -21.86
C ALA H 138 -21.61 36.93 -22.97
N GLY H 139 -20.49 36.26 -23.22
CA GLY H 139 -19.59 36.64 -24.29
C GLY H 139 -18.26 37.19 -23.84
N ASN H 140 -17.97 37.17 -22.55
CA ASN H 140 -16.69 37.67 -22.04
C ASN H 140 -15.58 36.69 -22.40
N ALA H 141 -14.58 37.17 -23.13
CA ALA H 141 -13.45 36.34 -23.49
C ALA H 141 -12.58 36.09 -22.27
N VAL H 142 -12.41 34.82 -21.92
CA VAL H 142 -11.79 34.42 -20.67
C VAL H 142 -10.35 33.98 -20.92
N GLN H 143 -9.45 34.40 -20.04
CA GLN H 143 -8.08 33.92 -20.00
C GLN H 143 -7.82 33.29 -18.64
N VAL H 144 -6.87 32.36 -18.61
CA VAL H 144 -6.65 31.51 -17.44
C VAL H 144 -5.17 31.58 -17.08
N TYR H 145 -4.89 32.09 -15.88
CA TYR H 145 -3.59 31.97 -15.25
C TYR H 145 -3.71 30.98 -14.10
N GLY H 146 -2.62 30.28 -13.82
CA GLY H 146 -2.65 29.23 -12.84
C GLY H 146 -1.36 29.15 -12.06
N VAL H 147 -1.45 28.54 -10.88
CA VAL H 147 -0.29 28.29 -10.04
C VAL H 147 -0.37 26.85 -9.56
N GLY H 148 0.55 26.02 -10.03
CA GLY H 148 0.60 24.60 -9.73
C GLY H 148 0.23 23.77 -10.93
N ASP H 149 0.76 22.54 -10.95
CA ASP H 149 0.48 21.62 -12.05
C ASP H 149 -0.87 20.94 -11.93
N LYS H 150 -1.47 20.93 -10.73
CA LYS H 150 -2.72 20.22 -10.56
C LYS H 150 -3.85 20.89 -11.32
N ILE H 151 -3.93 22.22 -11.26
CA ILE H 151 -4.97 22.91 -12.01
C ILE H 151 -4.75 22.71 -13.51
N ARG H 152 -3.49 22.64 -13.91
CA ARG H 152 -3.17 22.40 -15.32
C ARG H 152 -3.66 21.04 -15.77
N SER H 153 -3.45 20.01 -14.94
CA SER H 153 -3.92 18.68 -15.27
C SER H 153 -5.43 18.59 -15.20
N ALA H 154 -6.06 19.43 -14.37
CA ALA H 154 -7.51 19.39 -14.26
C ALA H 154 -8.17 20.04 -15.46
N LEU H 155 -7.62 21.14 -15.97
CA LEU H 155 -8.29 21.96 -16.97
C LEU H 155 -7.65 21.89 -18.35
N GLN H 156 -6.62 21.06 -18.56
CA GLN H 156 -6.00 21.00 -19.88
C GLN H 156 -6.99 20.55 -20.96
N ARG H 157 -7.70 19.45 -20.71
CA ARG H 157 -8.53 18.87 -21.77
C ARG H 157 -9.76 19.72 -22.05
N THR H 158 -10.32 20.37 -21.04
CA THR H 158 -11.60 21.07 -21.16
C THR H 158 -11.44 22.55 -21.46
N PHE H 159 -10.46 23.21 -20.86
CA PHE H 159 -10.23 24.64 -21.05
C PHE H 159 -8.77 24.90 -21.27
N GLY H 160 -8.11 24.03 -22.04
CA GLY H 160 -6.72 24.23 -22.41
C GLY H 160 -6.51 25.20 -23.53
N ASP H 161 -7.58 25.56 -24.25
CA ASP H 161 -7.52 26.55 -25.30
C ASP H 161 -7.73 27.96 -24.77
N ARG H 162 -7.55 28.16 -23.46
CA ARG H 162 -7.72 29.46 -22.84
C ARG H 162 -6.57 29.82 -21.92
N PHE H 163 -5.59 28.94 -21.73
CA PHE H 163 -4.46 29.26 -20.87
C PHE H 163 -3.65 30.41 -21.46
N LYS H 164 -3.12 31.23 -20.56
CA LYS H 164 -2.25 32.34 -20.94
C LYS H 164 -0.85 32.23 -20.36
N ARG H 165 -0.74 31.86 -19.08
CA ARG H 165 0.55 31.72 -18.45
C ARG H 165 0.38 30.91 -17.18
N ILE H 166 1.28 29.95 -16.98
CA ILE H 166 1.21 29.04 -15.85
C ILE H 166 2.57 29.02 -15.16
N MET H 167 2.54 28.98 -13.83
CA MET H 167 3.73 28.91 -13.01
C MET H 167 3.66 27.67 -12.13
N THR H 168 4.82 27.17 -11.74
CA THR H 168 4.87 25.99 -10.88
C THR H 168 6.20 25.97 -10.16
N GLU H 169 6.39 24.92 -9.36
CA GLU H 169 7.57 24.77 -8.51
C GLU H 169 7.71 25.93 -7.55
N VAL H 170 6.58 26.47 -7.10
CA VAL H 170 6.59 27.61 -6.19
C VAL H 170 6.70 27.17 -4.74
N THR H 171 6.19 25.98 -4.41
CA THR H 171 6.18 25.48 -3.04
C THR H 171 7.46 24.74 -2.68
N ARG H 172 8.45 24.72 -3.57
CA ARG H 172 9.73 24.10 -3.24
C ARG H 172 10.37 24.84 -2.07
N PHE H 173 10.70 26.10 -2.28
CA PHE H 173 11.24 26.96 -1.25
C PHE H 173 10.11 27.65 -0.49
N PRO H 174 10.42 28.27 0.63
CA PRO H 174 9.37 28.98 1.37
C PRO H 174 8.78 30.12 0.55
N TRP H 175 7.47 30.29 0.68
CA TRP H 175 6.78 31.37 -0.01
C TRP H 175 7.29 32.72 0.48
N ASN H 176 7.43 33.66 -0.46
CA ASN H 176 7.99 34.96 -0.17
C ASN H 176 7.35 36.01 -1.04
N PHE H 177 7.51 37.27 -0.64
CA PHE H 177 6.92 38.38 -1.39
C PHE H 177 7.54 38.54 -2.76
N GLY H 178 8.80 38.12 -2.92
CA GLY H 178 9.42 38.19 -4.22
C GLY H 178 8.78 37.24 -5.21
N GLN H 179 8.30 36.10 -4.73
CA GLN H 179 7.64 35.16 -5.62
C GLN H 179 6.30 35.71 -6.09
N ALA H 180 5.64 36.49 -5.24
CA ALA H 180 4.33 37.03 -5.58
C ALA H 180 4.46 38.24 -6.48
N CYS H 181 5.49 39.06 -6.29
CA CYS H 181 5.65 40.24 -7.10
C CYS H 181 5.83 39.89 -8.58
N ILE H 182 6.48 38.76 -8.85
CA ILE H 182 6.67 38.33 -10.23
C ILE H 182 5.32 38.03 -10.88
N ILE H 183 4.48 37.28 -10.18
CA ILE H 183 3.18 36.91 -10.73
C ILE H 183 2.31 38.16 -10.87
N ALA H 184 2.39 39.07 -9.91
CA ALA H 184 1.62 40.31 -10.01
C ALA H 184 2.06 41.14 -11.21
N ASP H 185 3.37 41.23 -11.45
CA ASP H 185 3.87 41.95 -12.61
C ASP H 185 3.40 41.28 -13.90
N ARG H 186 3.43 39.96 -13.94
CA ARG H 186 2.96 39.25 -15.13
C ARG H 186 1.47 39.52 -15.37
N LEU H 187 0.70 39.64 -14.30
CA LEU H 187 -0.72 39.96 -14.44
C LEU H 187 -0.92 41.39 -14.93
N MET H 188 -0.09 42.31 -14.45
CA MET H 188 -0.26 43.71 -14.81
C MET H 188 0.17 43.97 -16.26
N GLN H 189 1.23 43.29 -16.71
CA GLN H 189 1.69 43.48 -18.08
C GLN H 189 0.62 43.05 -19.08
N ASP H 190 -0.24 42.12 -18.69
CA ASP H 190 -1.34 41.64 -19.52
C ASP H 190 -2.67 42.22 -19.07
N ASN H 191 -2.68 43.51 -18.72
CA ASN H 191 -3.76 44.14 -18.00
C ASN H 191 -5.13 43.77 -18.57
N PRO H 192 -5.91 42.97 -17.85
CA PRO H 192 -7.26 42.66 -18.31
C PRO H 192 -8.30 43.65 -17.79
N ALA H 193 -9.54 43.48 -18.21
CA ALA H 193 -10.62 44.34 -17.77
C ALA H 193 -11.22 43.91 -16.44
N ARG H 194 -11.12 42.64 -16.09
CA ARG H 194 -11.60 42.18 -14.79
C ARG H 194 -10.85 40.91 -14.42
N LEU H 195 -10.51 40.81 -13.14
CA LEU H 195 -9.67 39.74 -12.62
C LEU H 195 -10.38 39.04 -11.48
N MET H 196 -10.30 37.72 -11.48
CA MET H 196 -10.81 36.89 -10.41
C MET H 196 -9.70 35.98 -9.91
N VAL H 197 -9.73 35.68 -8.61
CA VAL H 197 -8.70 34.88 -7.97
C VAL H 197 -9.40 33.79 -7.16
N ILE H 198 -9.06 32.54 -7.44
CA ILE H 198 -9.67 31.40 -6.78
C ILE H 198 -8.60 30.72 -5.93
N TYR H 199 -8.94 30.46 -4.68
CA TYR H 199 -8.02 29.89 -3.71
C TYR H 199 -8.82 29.24 -2.60
N ASN H 200 -8.12 28.73 -1.59
CA ASN H 200 -8.72 28.03 -0.47
C ASN H 200 -8.39 28.78 0.82
N HIS H 201 -9.41 29.19 1.54
CA HIS H 201 -9.24 29.85 2.82
C HIS H 201 -9.04 28.82 3.92
N PHE H 202 -8.12 29.11 4.83
CA PHE H 202 -7.73 28.19 5.89
C PHE H 202 -8.43 28.61 7.17
N LYS H 203 -9.60 28.03 7.41
CA LYS H 203 -10.37 28.37 8.60
C LYS H 203 -9.73 27.76 9.84
N SER H 204 -9.56 26.45 9.85
CA SER H 204 -8.93 25.76 10.96
C SER H 204 -8.25 24.50 10.44
N ALA H 205 -7.53 23.83 11.34
CA ALA H 205 -6.69 22.72 10.94
C ALA H 205 -7.47 21.57 10.31
N VAL H 206 -8.80 21.56 10.46
CA VAL H 206 -9.62 20.51 9.89
C VAL H 206 -10.75 21.10 9.06
N ALA H 207 -10.59 22.35 8.63
CA ALA H 207 -11.66 23.01 7.89
C ALA H 207 -11.07 24.11 7.01
N TYR H 208 -11.42 24.08 5.74
CA TYR H 208 -11.05 25.11 4.78
C TYR H 208 -12.31 25.62 4.11
N ASP H 209 -12.13 26.51 3.13
CA ASP H 209 -13.26 27.12 2.44
C ASP H 209 -12.77 27.73 1.14
N THR H 210 -13.44 27.40 0.04
CA THR H 210 -13.07 27.92 -1.26
C THR H 210 -13.72 29.28 -1.48
N LEU H 211 -12.98 30.20 -2.09
CA LEU H 211 -13.42 31.56 -2.26
C LEU H 211 -13.03 32.08 -3.64
N THR H 212 -13.68 33.16 -4.05
CA THR H 212 -13.36 33.85 -5.28
C THR H 212 -13.29 35.34 -4.99
N LEU H 213 -12.17 35.95 -5.33
CA LEU H 213 -11.93 37.36 -5.06
C LEU H 213 -12.06 38.15 -6.36
N ASN H 214 -13.08 38.99 -6.45
CA ASN H 214 -13.19 39.93 -7.55
C ASN H 214 -12.21 41.07 -7.27
N VAL H 215 -11.17 41.17 -8.09
CA VAL H 215 -10.05 42.06 -7.83
C VAL H 215 -10.17 43.28 -8.74
N LEU H 216 -9.87 44.44 -8.17
CA LEU H 216 -9.92 45.68 -8.94
C LEU H 216 -8.79 45.73 -9.95
N THR H 217 -9.03 46.47 -11.03
CA THR H 217 -8.05 46.61 -12.10
C THR H 217 -7.97 48.06 -12.53
N PRO H 218 -6.92 48.43 -13.27
CA PRO H 218 -6.83 49.82 -13.74
C PRO H 218 -8.02 50.25 -14.59
N THR H 219 -8.54 49.35 -15.42
CA THR H 219 -9.71 49.68 -16.23
C THR H 219 -10.90 50.00 -15.35
N GLN H 220 -11.08 49.24 -14.27
CA GLN H 220 -12.17 49.47 -13.33
C GLN H 220 -11.90 50.65 -12.41
N ALA H 221 -10.63 51.02 -12.24
CA ALA H 221 -10.29 52.16 -11.40
C ALA H 221 -10.48 53.48 -12.13
N ALA H 222 -10.09 53.54 -13.40
CA ALA H 222 -10.26 54.76 -14.18
C ALA H 222 -11.74 55.09 -14.36
N GLN H 223 -12.60 54.07 -14.40
CA GLN H 223 -14.03 54.29 -14.54
C GLN H 223 -14.69 54.74 -13.25
N SER H 224 -13.94 54.92 -12.18
CA SER H 224 -14.47 55.42 -10.92
C SER H 224 -13.66 56.63 -10.49
N ALA H 225 -14.35 57.61 -9.91
CA ALA H 225 -13.71 58.83 -9.43
C ALA H 225 -13.03 58.63 -8.07
N LYS H 226 -13.17 57.46 -7.47
CA LYS H 226 -12.53 57.15 -6.20
C LYS H 226 -12.98 58.12 -5.11
N GLU H 227 -14.27 58.46 -5.13
CA GLU H 227 -14.82 59.34 -4.11
C GLU H 227 -14.77 58.70 -2.72
N GLN H 228 -14.69 57.37 -2.66
CA GLN H 228 -14.70 56.68 -1.37
C GLN H 228 -13.40 56.90 -0.61
N LEU H 229 -12.31 57.23 -1.30
CA LEU H 229 -11.01 57.45 -0.70
C LEU H 229 -10.75 58.92 -0.41
N ASN H 230 -11.74 59.79 -0.58
CA ASN H 230 -11.55 61.20 -0.30
C ASN H 230 -11.32 61.46 1.18
N THR H 231 -11.75 60.54 2.05
CA THR H 231 -11.47 60.67 3.47
C THR H 231 -10.00 60.49 3.80
N PHE H 232 -9.22 59.92 2.89
CA PHE H 232 -7.81 59.63 3.13
C PHE H 232 -6.94 60.71 2.49
N GLU H 233 -5.99 61.23 3.26
CA GLU H 233 -5.04 62.22 2.76
C GLU H 233 -3.83 61.50 2.21
N PHE H 234 -3.72 61.45 0.89
CA PHE H 234 -2.56 60.86 0.22
C PHE H 234 -1.41 61.86 0.20
N GLU H 235 -0.26 61.46 0.74
CA GLU H 235 0.83 62.41 0.91
C GLU H 235 1.37 62.88 -0.43
N PRO H 236 1.76 62.00 -1.35
CA PRO H 236 1.75 62.38 -2.76
C PRO H 236 0.31 62.44 -3.25
N GLU H 237 0.11 63.11 -4.38
CA GLU H 237 -1.23 63.22 -4.92
C GLU H 237 -1.75 61.84 -5.31
N LYS H 238 -3.08 61.73 -5.33
CA LYS H 238 -3.70 60.43 -5.55
C LYS H 238 -3.32 59.87 -6.92
N THR H 239 -3.30 60.73 -7.94
CA THR H 239 -3.01 60.28 -9.28
C THR H 239 -1.60 59.74 -9.43
N ASP H 240 -0.67 60.20 -8.58
CA ASP H 240 0.72 59.78 -8.67
C ASP H 240 1.01 58.53 -7.86
N VAL H 241 0.27 58.31 -6.77
CA VAL H 241 0.49 57.17 -5.88
C VAL H 241 -0.43 55.99 -6.18
N TRP H 242 -1.49 56.19 -6.97
CA TRP H 242 -2.45 55.13 -7.21
C TRP H 242 -1.84 53.93 -7.92
N LYS H 243 -0.99 54.15 -8.91
CA LYS H 243 -0.46 53.01 -9.65
C LYS H 243 0.45 52.15 -8.78
N ASP H 244 1.08 52.76 -7.77
CA ASP H 244 1.94 52.00 -6.89
C ASP H 244 1.12 51.30 -5.84
N LEU H 245 0.10 51.97 -5.31
CA LEU H 245 -0.80 51.32 -4.38
C LEU H 245 -1.47 50.12 -5.04
N GLN H 246 -1.77 50.23 -6.34
CA GLN H 246 -2.41 49.15 -7.06
C GLN H 246 -1.47 47.97 -7.26
N ASP H 247 -0.21 48.24 -7.60
CA ASP H 247 0.74 47.14 -7.74
C ASP H 247 0.96 46.44 -6.40
N PHE H 248 1.08 47.23 -5.32
CA PHE H 248 1.18 46.66 -3.99
C PHE H 248 -0.05 45.81 -3.66
N TYR H 249 -1.22 46.28 -4.08
CA TYR H 249 -2.45 45.54 -3.81
C TYR H 249 -2.43 44.19 -4.50
N TYR H 250 -2.04 44.17 -5.77
CA TYR H 250 -1.89 42.91 -6.50
C TYR H 250 -0.96 41.96 -5.76
N ALA H 251 0.23 42.45 -5.40
CA ALA H 251 1.22 41.59 -4.76
C ALA H 251 0.71 41.04 -3.44
N CYS H 252 0.13 41.89 -2.60
CA CYS H 252 -0.38 41.46 -1.31
C CYS H 252 -1.51 40.45 -1.48
N THR H 253 -2.37 40.67 -2.45
CA THR H 253 -3.46 39.73 -2.71
C THR H 253 -2.90 38.35 -3.02
N VAL H 254 -2.00 38.27 -3.99
CA VAL H 254 -1.41 36.98 -4.34
C VAL H 254 -0.74 36.35 -3.13
N PHE H 255 -0.01 37.15 -2.36
CA PHE H 255 0.71 36.65 -1.20
C PHE H 255 -0.23 35.98 -0.21
N GLY H 256 -1.24 36.72 0.25
CA GLY H 256 -2.16 36.18 1.23
C GLY H 256 -2.94 34.99 0.72
N CYS H 257 -3.39 35.06 -0.53
CA CYS H 257 -4.15 33.95 -1.10
C CYS H 257 -3.33 32.69 -1.13
N MET H 258 -2.07 32.79 -1.56
CA MET H 258 -1.23 31.60 -1.66
C MET H 258 -0.89 31.05 -0.29
N LEU H 259 -0.69 31.92 0.70
CA LEU H 259 -0.45 31.43 2.06
C LEU H 259 -1.63 30.60 2.56
N ASP H 260 -2.84 31.13 2.40
CA ASP H 260 -4.02 30.39 2.84
C ASP H 260 -4.14 29.06 2.10
N ASN H 261 -3.88 29.07 0.79
CA ASN H 261 -3.97 27.83 0.03
C ASN H 261 -2.96 26.81 0.52
N ILE H 262 -1.74 27.26 0.85
CA ILE H 262 -0.71 26.34 1.32
C ILE H 262 -1.12 25.69 2.63
N ALA H 263 -1.63 26.51 3.56
CA ALA H 263 -2.06 25.95 4.84
C ALA H 263 -3.18 24.93 4.66
N SER H 264 -4.16 25.26 3.82
CA SER H 264 -5.24 24.32 3.58
C SER H 264 -4.71 23.04 2.94
N GLU H 265 -3.75 23.16 2.04
CA GLU H 265 -3.13 22.01 1.42
C GLU H 265 -2.51 21.09 2.45
N GLN H 266 -1.76 21.66 3.39
CA GLN H 266 -1.09 20.82 4.39
C GLN H 266 -2.09 20.15 5.32
N SER H 267 -3.15 20.87 5.70
CA SER H 267 -4.18 20.24 6.53
C SER H 267 -4.80 19.06 5.81
N ALA H 268 -5.17 19.25 4.54
CA ALA H 268 -5.75 18.16 3.78
C ALA H 268 -4.76 17.01 3.62
N ARG H 269 -3.47 17.31 3.52
CA ARG H 269 -2.47 16.26 3.40
C ARG H 269 -2.45 15.40 4.65
N MET H 270 -2.46 16.03 5.82
CA MET H 270 -2.50 15.26 7.06
C MET H 270 -3.75 14.39 7.14
N SER H 271 -4.91 14.96 6.80
CA SER H 271 -6.13 14.18 6.83
C SER H 271 -6.07 12.99 5.89
N ALA H 272 -5.54 13.20 4.69
CA ALA H 272 -5.44 12.13 3.71
C ALA H 272 -4.51 11.03 4.18
N MET H 273 -3.39 11.41 4.79
CA MET H 273 -2.48 10.39 5.32
C MET H 273 -3.14 9.58 6.43
N ASP H 274 -3.91 10.24 7.29
CA ASP H 274 -4.66 9.51 8.31
C ASP H 274 -5.58 8.48 7.68
N ASN H 275 -6.39 8.91 6.71
CA ASN H 275 -7.35 7.99 6.10
C ASN H 275 -6.64 6.86 5.38
N ALA H 276 -5.52 7.16 4.73
CA ALA H 276 -4.79 6.13 4.01
C ALA H 276 -4.20 5.10 4.95
N SER H 277 -3.65 5.54 6.07
CA SER H 277 -3.13 4.58 7.05
C SER H 277 -4.24 3.70 7.61
N THR H 278 -5.40 4.28 7.87
CA THR H 278 -6.52 3.48 8.37
C THR H 278 -6.95 2.43 7.35
N ASN H 279 -7.11 2.84 6.09
CA ASN H 279 -7.50 1.91 5.04
C ASN H 279 -6.45 0.82 4.87
N ALA H 280 -5.18 1.19 5.00
CA ALA H 280 -4.11 0.20 4.89
C ALA H 280 -4.19 -0.82 6.02
N GLY H 281 -4.52 -0.37 7.22
CA GLY H 281 -4.71 -1.31 8.31
C GLY H 281 -5.85 -2.28 8.04
N GLU H 282 -6.97 -1.77 7.52
CA GLU H 282 -8.08 -2.65 7.17
C GLU H 282 -7.67 -3.69 6.13
N MET H 283 -7.00 -3.24 5.07
CA MET H 283 -6.55 -4.16 4.04
C MET H 283 -5.58 -5.18 4.61
N ILE H 284 -4.74 -4.76 5.56
CA ILE H 284 -3.80 -5.67 6.20
C ILE H 284 -4.55 -6.76 6.96
N SER H 285 -5.62 -6.38 7.66
CA SER H 285 -6.41 -7.37 8.37
C SER H 285 -6.98 -8.41 7.41
N SER H 286 -7.59 -7.93 6.33
CA SER H 286 -8.18 -8.85 5.36
C SER H 286 -7.11 -9.78 4.77
N LEU H 287 -5.97 -9.22 4.40
CA LEU H 287 -4.92 -10.03 3.81
C LEU H 287 -4.32 -11.00 4.81
N THR H 288 -4.31 -10.66 6.09
CA THR H 288 -3.85 -11.59 7.11
C THR H 288 -4.77 -12.79 7.20
N LEU H 289 -6.08 -12.54 7.19
CA LEU H 289 -7.02 -13.66 7.18
C LEU H 289 -6.79 -14.56 5.97
N ARG H 290 -6.68 -13.96 4.79
CA ARG H 290 -6.47 -14.76 3.59
C ARG H 290 -5.16 -15.53 3.65
N TYR H 291 -4.12 -14.91 4.21
CA TYR H 291 -2.82 -15.58 4.30
C TYR H 291 -2.90 -16.81 5.19
N ASN H 292 -3.55 -16.67 6.34
CA ASN H 292 -3.68 -17.82 7.23
C ASN H 292 -4.50 -18.92 6.59
N ARG H 293 -5.58 -18.56 5.90
CA ARG H 293 -6.36 -19.57 5.19
C ARG H 293 -5.51 -20.33 4.19
N ALA H 294 -4.75 -19.60 3.36
CA ALA H 294 -3.92 -20.24 2.36
C ALA H 294 -2.82 -21.09 2.98
N ARG H 295 -2.29 -20.64 4.12
CA ARG H 295 -1.27 -21.41 4.83
C ARG H 295 -1.83 -22.75 5.29
N GLN H 296 -2.99 -22.73 5.94
CA GLN H 296 -3.63 -23.97 6.35
C GLN H 296 -3.91 -24.87 5.17
N ALA H 297 -4.36 -24.29 4.06
CA ALA H 297 -4.65 -25.09 2.87
C ALA H 297 -3.39 -25.75 2.34
N LYS H 298 -2.28 -25.01 2.29
CA LYS H 298 -1.03 -25.57 1.81
C LYS H 298 -0.59 -26.74 2.67
N ILE H 299 -0.66 -26.58 4.00
CA ILE H 299 -0.25 -27.65 4.89
C ILE H 299 -1.09 -28.88 4.64
N THR H 300 -2.41 -28.70 4.62
CA THR H 300 -3.31 -29.84 4.43
C THR H 300 -3.08 -30.52 3.09
N THR H 301 -2.89 -29.74 2.02
CA THR H 301 -2.69 -30.31 0.70
C THR H 301 -1.41 -31.13 0.62
N GLU H 302 -0.30 -30.55 1.11
CA GLU H 302 0.96 -31.28 1.08
C GLU H 302 0.88 -32.57 1.89
N LEU H 303 0.24 -32.50 3.05
CA LEU H 303 0.16 -33.66 3.91
C LEU H 303 -0.72 -34.74 3.29
N VAL H 304 -1.81 -34.35 2.65
CA VAL H 304 -2.67 -35.33 2.00
C VAL H 304 -1.96 -35.96 0.83
N GLU H 305 -1.15 -35.18 0.10
CA GLU H 305 -0.36 -35.77 -0.99
C GLU H 305 0.60 -36.83 -0.45
N ILE H 306 1.32 -36.50 0.62
CA ILE H 306 2.27 -37.46 1.19
C ILE H 306 1.54 -38.71 1.66
N ILE H 307 0.39 -38.55 2.31
CA ILE H 307 -0.32 -39.69 2.86
C ILE H 307 -0.86 -40.57 1.74
N SER H 308 -1.43 -39.96 0.71
CA SER H 308 -1.94 -40.73 -0.42
C SER H 308 -0.82 -41.45 -1.15
N GLY H 309 0.37 -40.87 -1.20
CA GLY H 309 1.50 -41.58 -1.78
C GLY H 309 2.04 -42.67 -0.87
N ALA H 310 1.74 -42.59 0.42
CA ALA H 310 2.21 -43.57 1.38
C ALA H 310 1.28 -44.77 1.48
N ASN H 311 -0.01 -44.57 1.22
CA ASN H 311 -0.99 -45.64 1.32
C ASN H 311 -1.21 -46.37 0.01
N ALA H 312 -0.64 -45.90 -1.09
CA ALA H 312 -0.75 -46.57 -2.37
C ALA H 312 0.38 -47.56 -2.62
N LEU H 313 1.05 -48.00 -1.56
CA LEU H 313 2.17 -48.91 -1.69
C LEU H 313 1.73 -50.36 -1.56
N PHE I 41 -10.62 51.35 24.32
CA PHE I 41 -9.48 50.77 25.04
C PHE I 41 -8.70 51.87 25.75
N LYS I 42 -7.87 52.59 25.01
CA LYS I 42 -7.08 53.67 25.56
C LYS I 42 -6.77 54.66 24.44
N ASN I 43 -6.43 55.88 24.84
CA ASN I 43 -6.13 56.94 23.87
C ASN I 43 -4.64 56.96 23.55
N GLN I 44 -4.17 55.82 23.04
CA GLN I 44 -2.80 55.63 22.60
C GLN I 44 -2.77 55.53 21.08
N LEU I 45 -1.60 55.23 20.53
CA LEU I 45 -1.44 55.02 19.10
C LEU I 45 -1.18 53.54 18.89
N LEU I 46 -2.10 52.85 18.21
CA LEU I 46 -1.98 51.42 17.97
C LEU I 46 -1.16 51.19 16.70
N LEU I 47 0.12 50.92 16.89
CA LEU I 47 1.03 50.66 15.79
C LEU I 47 1.05 49.17 15.44
N THR I 48 1.14 48.89 14.14
CA THR I 48 1.52 47.57 13.65
C THR I 48 2.56 47.77 12.56
N LEU I 49 3.79 47.38 12.87
CA LEU I 49 4.91 47.46 11.93
C LEU I 49 5.13 46.06 11.36
N SER I 50 4.89 45.90 10.08
CA SER I 50 4.79 44.58 9.47
C SER I 50 5.65 44.49 8.23
N SER I 51 6.44 43.44 8.17
CA SER I 51 7.10 42.96 6.97
C SER I 51 6.52 41.61 6.59
N PRO I 52 6.80 41.12 5.38
CA PRO I 52 6.23 39.84 4.99
C PRO I 52 6.72 38.68 5.83
N SER I 53 8.00 38.70 6.22
CA SER I 53 8.62 37.59 6.91
C SER I 53 8.39 37.63 8.42
N GLU I 54 8.06 38.78 8.99
CA GLU I 54 7.94 38.90 10.43
C GLU I 54 7.12 40.13 10.77
N ALA I 55 6.17 39.97 11.69
CA ALA I 55 5.41 41.09 12.23
C ALA I 55 6.03 41.49 13.55
N ILE I 56 6.71 42.63 13.57
CA ILE I 56 7.40 43.07 14.78
C ILE I 56 6.42 43.58 15.81
N TYR I 57 5.37 44.28 15.36
CA TYR I 57 4.34 44.78 16.25
C TYR I 57 2.97 44.52 15.61
N VAL I 58 1.96 44.37 16.45
CA VAL I 58 0.63 43.97 15.99
C VAL I 58 -0.39 44.99 16.47
N ARG I 59 -0.39 45.28 17.77
CA ARG I 59 -1.24 46.30 18.35
C ARG I 59 -0.49 47.08 19.41
N THR I 60 0.75 47.42 19.12
CA THR I 60 1.62 48.00 20.14
C THR I 60 1.17 49.42 20.45
N PRO I 61 0.84 49.76 21.69
CA PRO I 61 0.52 51.15 22.01
C PRO I 61 1.78 52.00 22.15
N VAL I 62 1.83 53.10 21.41
CA VAL I 62 2.95 54.02 21.40
C VAL I 62 2.40 55.44 21.45
N ARG I 63 3.33 56.40 21.56
CA ARG I 63 3.00 57.82 21.60
C ARG I 63 3.22 58.50 20.26
N SER I 64 4.38 58.28 19.65
CA SER I 64 4.72 58.92 18.38
C SER I 64 5.59 57.98 17.57
N VAL I 65 5.42 58.02 16.26
CA VAL I 65 6.13 57.13 15.34
C VAL I 65 6.61 57.93 14.15
N THR I 66 7.92 58.00 13.95
CA THR I 66 8.49 58.71 12.81
C THR I 66 8.67 57.77 11.64
N VAL I 67 8.38 58.28 10.44
CA VAL I 67 8.40 57.49 9.22
C VAL I 67 8.94 58.35 8.07
N PRO I 68 9.79 57.80 7.19
CA PRO I 68 10.37 58.59 6.11
C PRO I 68 9.55 58.61 4.81
N GLY I 69 8.55 59.48 4.80
CA GLY I 69 7.70 59.60 3.63
C GLY I 69 8.49 59.99 2.38
N SER I 70 7.81 59.84 1.24
CA SER I 70 8.46 60.13 -0.03
C SER I 70 8.78 61.61 -0.16
N GLU I 71 7.86 62.47 0.31
CA GLU I 71 8.14 63.90 0.33
C GLU I 71 9.16 64.22 1.42
N GLY I 72 8.84 63.87 2.67
CA GLY I 72 9.77 64.05 3.76
C GLY I 72 9.33 63.26 4.96
N ALA I 73 10.23 63.15 5.92
CA ALA I 73 9.94 62.44 7.15
C ALA I 73 8.82 63.13 7.91
N MET I 74 8.07 62.34 8.67
CA MET I 74 6.95 62.87 9.44
C MET I 74 6.65 61.95 10.61
N THR I 75 6.11 62.54 11.66
CA THR I 75 5.85 61.84 12.92
C THR I 75 4.34 61.78 13.13
N MET I 76 3.82 60.57 13.21
CA MET I 76 2.41 60.33 13.45
C MET I 76 2.15 60.11 14.93
N THR I 77 1.08 60.74 15.42
CA THR I 77 0.64 60.62 16.80
C THR I 77 -0.88 60.45 16.79
N ASN I 78 -1.45 60.28 17.98
CA ASN I 78 -2.90 60.23 18.10
C ASN I 78 -3.50 61.56 17.66
N GLY I 79 -4.69 61.49 17.07
CA GLY I 79 -5.35 62.65 16.53
C GLY I 79 -4.97 62.99 15.11
N HIS I 80 -3.85 62.45 14.63
CA HIS I 80 -3.45 62.68 13.24
C HIS I 80 -4.54 62.22 12.29
N SER I 81 -4.71 62.95 11.19
CA SER I 81 -5.78 62.66 10.26
C SER I 81 -5.55 61.33 9.56
N GLN I 82 -6.63 60.79 8.99
CA GLN I 82 -6.50 59.62 8.13
C GLN I 82 -5.56 59.95 6.97
N THR I 83 -4.68 59.01 6.66
CA THR I 83 -3.74 59.30 5.58
C THR I 83 -3.12 58.01 5.07
N VAL I 84 -2.67 58.08 3.82
CA VAL I 84 -1.86 57.05 3.19
C VAL I 84 -0.61 57.70 2.66
N ALA I 85 0.53 57.02 2.83
CA ALA I 85 1.78 57.61 2.38
C ALA I 85 2.72 56.53 1.89
N ARG I 86 3.53 56.90 0.91
CA ARG I 86 4.56 56.03 0.35
C ARG I 86 5.90 56.40 0.96
N LEU I 87 6.66 55.39 1.36
CA LEU I 87 7.97 55.57 1.96
C LEU I 87 9.05 55.24 0.96
N LYS I 88 10.20 55.89 1.10
CA LYS I 88 11.29 55.77 0.15
C LYS I 88 12.46 54.96 0.72
N ALA I 89 12.88 55.29 1.94
CA ALA I 89 13.87 54.54 2.68
C ALA I 89 14.10 55.27 3.99
N GLY I 90 14.66 54.57 4.97
CA GLY I 90 15.21 55.26 6.12
C GLY I 90 14.79 54.61 7.41
N GLU I 91 14.96 55.36 8.50
CA GLU I 91 14.95 54.80 9.84
C GLU I 91 13.66 55.21 10.55
N ILE I 92 12.70 54.29 10.56
CA ILE I 92 11.56 54.40 11.45
C ILE I 92 12.05 54.46 12.89
N ILE I 93 11.40 55.32 13.68
CA ILE I 93 11.79 55.57 15.06
C ILE I 93 10.52 55.51 15.91
N VAL I 94 10.39 54.45 16.70
CA VAL I 94 9.22 54.20 17.53
C VAL I 94 9.48 54.66 18.95
N ARG I 95 8.43 55.14 19.61
CA ARG I 95 8.52 55.64 20.97
C ARG I 95 7.26 55.20 21.72
N LYS I 96 7.42 54.24 22.62
CA LYS I 96 6.28 53.69 23.33
C LYS I 96 5.76 54.68 24.37
N GLY I 97 4.51 54.47 24.79
CA GLY I 97 3.95 55.29 25.84
C GLY I 97 4.65 55.08 27.16
N GLU I 98 5.00 53.83 27.47
CA GLU I 98 5.78 53.57 28.67
C GLU I 98 7.19 54.16 28.55
N THR I 99 7.75 54.16 27.34
CA THR I 99 9.11 54.66 27.15
C THR I 99 9.15 56.18 27.22
N GLY I 100 8.46 56.85 26.30
CA GLY I 100 8.54 58.29 26.22
C GLY I 100 9.86 58.73 25.64
N ASP I 101 10.93 58.48 26.39
CA ASP I 101 12.28 58.84 25.97
C ASP I 101 12.96 57.72 25.21
N GLU I 102 12.84 56.48 25.68
CA GLU I 102 13.45 55.36 24.97
C GLU I 102 12.76 55.13 23.64
N VAL I 103 13.53 54.66 22.67
CA VAL I 103 13.10 54.58 21.28
C VAL I 103 13.44 53.20 20.73
N GLU I 104 13.03 52.97 19.48
CA GLU I 104 13.42 51.77 18.75
C GLU I 104 13.59 52.12 17.28
N ARG I 105 14.75 51.81 16.72
CA ARG I 105 15.07 52.13 15.34
C ARG I 105 14.86 50.92 14.45
N PHE I 106 14.37 51.16 13.24
CA PHE I 106 14.13 50.10 12.28
C PHE I 106 14.32 50.66 10.88
N PHE I 107 15.25 50.09 10.12
CA PHE I 107 15.46 50.53 8.75
C PHE I 107 14.44 49.88 7.82
N LEU I 108 13.85 50.70 6.96
CA LEU I 108 12.87 50.28 5.98
C LEU I 108 13.35 50.68 4.59
N SER I 109 13.19 49.76 3.64
CA SER I 109 13.56 50.05 2.26
C SER I 109 12.46 50.81 1.53
N ASP I 110 11.29 50.18 1.40
CA ASP I 110 10.18 50.77 0.66
C ASP I 110 8.89 50.19 1.22
N GLY I 111 7.81 50.91 1.02
CA GLY I 111 6.52 50.44 1.50
C GLY I 111 5.56 51.58 1.72
N PHE I 112 4.59 51.34 2.58
CA PHE I 112 3.47 52.24 2.77
C PHE I 112 3.18 52.41 4.24
N VAL I 113 2.46 53.49 4.54
CA VAL I 113 1.94 53.76 5.88
C VAL I 113 0.48 54.15 5.74
N LEU I 114 -0.34 53.61 6.64
CA LEU I 114 -1.77 53.82 6.63
C LEU I 114 -2.21 54.22 8.03
N PHE I 115 -2.59 55.49 8.20
CA PHE I 115 -3.07 56.00 9.47
C PHE I 115 -4.58 56.10 9.41
N LYS I 116 -5.25 55.44 10.36
CA LYS I 116 -6.70 55.33 10.37
C LYS I 116 -7.26 55.86 11.69
N SER I 117 -8.30 56.68 11.58
CA SER I 117 -8.88 57.37 12.71
C SER I 117 -9.33 56.38 13.78
N PRO I 118 -9.58 56.87 14.99
CA PRO I 118 -10.06 55.97 16.05
C PRO I 118 -11.56 55.79 16.02
N GLU I 119 -12.01 54.54 16.14
CA GLU I 119 -13.43 54.28 16.29
C GLU I 119 -13.96 54.94 17.55
N ASP I 120 -15.26 55.24 17.54
CA ASP I 120 -15.86 55.95 18.67
C ASP I 120 -15.84 55.12 19.95
N ASP I 121 -15.90 53.80 19.83
CA ASP I 121 -15.94 52.93 21.00
C ASP I 121 -14.55 52.47 21.40
N SER I 122 -13.63 52.33 20.44
CA SER I 122 -12.29 51.87 20.77
C SER I 122 -11.51 52.93 21.53
N GLY I 123 -11.69 54.20 21.17
CA GLY I 123 -10.92 55.25 21.80
C GLY I 123 -9.45 55.26 21.47
N CYS I 124 -9.05 54.54 20.42
CA CYS I 124 -7.64 54.42 20.06
C CYS I 124 -7.50 54.43 18.54
N CYS I 125 -6.45 55.11 18.08
CA CYS I 125 -6.26 55.42 16.67
C CYS I 125 -5.12 54.59 16.11
N THR I 126 -5.30 54.01 14.92
CA THR I 126 -4.45 52.93 14.47
C THR I 126 -3.55 53.37 13.33
N ALA I 127 -2.47 52.61 13.16
CA ALA I 127 -1.46 52.92 12.15
C ALA I 127 -0.77 51.64 11.74
N GLU I 128 -0.56 51.48 10.43
CA GLU I 128 0.00 50.28 9.87
C GLU I 128 1.16 50.67 8.96
N VAL I 129 2.36 50.21 9.30
CA VAL I 129 3.56 50.51 8.53
C VAL I 129 3.98 49.22 7.85
N LEU I 130 3.69 49.11 6.56
CA LEU I 130 4.03 47.93 5.78
C LEU I 130 5.34 48.17 5.05
N GLY I 131 6.28 47.25 5.23
CA GLY I 131 7.58 47.38 4.60
C GLY I 131 8.00 46.08 3.93
N VAL I 132 8.54 46.22 2.72
CA VAL I 132 8.97 45.05 1.97
C VAL I 132 10.19 44.42 2.61
N GLU I 133 10.97 45.21 3.35
CA GLU I 133 12.12 44.68 4.08
C GLU I 133 12.38 45.63 5.23
N VAL I 134 12.06 45.21 6.44
CA VAL I 134 12.17 46.02 7.65
C VAL I 134 13.24 45.40 8.51
N VAL I 135 14.42 46.00 8.54
CA VAL I 135 15.54 45.48 9.31
C VAL I 135 15.72 46.38 10.52
N PRO I 136 16.25 45.89 11.63
CA PRO I 136 16.77 46.79 12.66
C PRO I 136 18.15 47.33 12.28
N VAL I 137 18.50 48.44 12.91
CA VAL I 137 19.79 49.07 12.60
C VAL I 137 20.95 48.30 13.22
N SER I 138 20.70 47.50 14.26
CA SER I 138 21.76 46.69 14.83
C SER I 138 22.31 45.69 13.83
N MET I 139 21.49 45.23 12.89
CA MET I 139 21.86 44.17 11.97
C MET I 139 22.41 44.71 10.66
N LEU I 140 22.83 45.97 10.63
CA LEU I 140 23.32 46.60 9.41
C LEU I 140 24.84 46.68 9.41
N ASP I 141 25.40 46.87 8.22
CA ASP I 141 26.84 46.94 8.02
C ASP I 141 27.19 48.07 7.08
N LYS I 142 28.29 48.75 7.37
CA LYS I 142 28.74 49.87 6.55
C LYS I 142 29.75 49.48 5.48
N GLU I 143 30.41 48.33 5.63
CA GLU I 143 31.40 47.91 4.66
C GLU I 143 30.75 47.23 3.46
N SER I 144 29.88 46.26 3.72
CA SER I 144 29.13 45.64 2.62
C SER I 144 28.27 46.65 1.90
N ALA I 145 27.79 47.67 2.61
CA ALA I 145 27.04 48.75 1.96
C ALA I 145 27.90 49.44 0.90
N ALA I 146 29.12 49.83 1.25
CA ALA I 146 29.99 50.50 0.30
C ALA I 146 30.42 49.55 -0.81
N THR I 147 30.60 48.26 -0.50
CA THR I 147 30.94 47.30 -1.55
C THR I 147 29.81 47.18 -2.56
N ALA I 148 28.57 47.08 -2.07
CA ALA I 148 27.42 47.02 -2.98
C ALA I 148 27.29 48.31 -3.78
N LEU I 149 27.59 49.45 -3.15
CA LEU I 149 27.56 50.71 -3.88
C LEU I 149 28.58 50.72 -5.00
N GLN I 150 29.79 50.23 -4.73
CA GLN I 150 30.81 50.18 -5.77
C GLN I 150 30.41 49.24 -6.89
N GLU I 151 29.85 48.08 -6.56
CA GLU I 151 29.43 47.15 -7.60
C GLU I 151 28.27 47.71 -8.42
N LEU I 152 27.36 48.44 -7.77
CA LEU I 152 26.27 49.08 -8.50
C LEU I 152 26.80 50.13 -9.46
N LEU I 153 27.74 50.96 -9.00
CA LEU I 153 28.33 51.97 -9.89
C LEU I 153 29.08 51.31 -11.04
N GLN I 154 29.72 50.16 -10.78
CA GLN I 154 30.40 49.44 -11.84
C GLN I 154 29.41 48.93 -12.88
N GLN I 155 28.29 48.35 -12.42
CA GLN I 155 27.33 47.80 -13.35
C GLN I 155 26.62 48.89 -14.14
N GLY I 156 26.36 50.03 -13.52
CA GLY I 156 25.65 51.11 -14.16
C GLY I 156 26.50 52.04 -14.99
N ALA I 157 27.82 51.83 -15.00
CA ALA I 157 28.69 52.67 -15.83
C ALA I 157 28.35 52.50 -17.31
N GLY I 158 27.97 51.30 -17.71
CA GLY I 158 27.52 51.07 -19.07
C GLY I 158 26.06 51.46 -19.23
N ALA I 159 25.77 52.76 -19.06
CA ALA I 159 24.41 53.25 -19.06
C ALA I 159 23.84 53.20 -20.48
N THR I 160 22.96 52.25 -20.73
CA THR I 160 22.26 52.14 -22.00
C THR I 160 20.75 52.10 -21.83
N ASP I 161 20.25 51.41 -20.81
CA ASP I 161 18.82 51.27 -20.56
C ASP I 161 18.40 52.26 -19.47
N GLU I 162 17.16 52.73 -19.58
CA GLU I 162 16.66 53.67 -18.59
C GLU I 162 16.57 53.01 -17.22
N TRP I 163 16.13 51.75 -17.18
CA TRP I 163 15.97 51.08 -15.91
C TRP I 163 17.31 50.87 -15.22
N THR I 164 18.39 50.65 -15.98
CA THR I 164 19.69 50.47 -15.36
C THR I 164 20.16 51.75 -14.69
N LYS I 165 20.04 52.88 -15.39
CA LYS I 165 20.41 54.18 -14.80
C LYS I 165 19.56 54.47 -13.56
N ALA I 166 18.24 54.27 -13.68
CA ALA I 166 17.36 54.52 -12.55
C ALA I 166 17.71 53.64 -11.36
N ARG I 167 18.00 52.37 -11.61
CA ARG I 167 18.37 51.45 -10.54
C ARG I 167 19.68 51.87 -9.90
N THR I 168 20.64 52.33 -10.70
CA THR I 168 21.91 52.79 -10.15
C THR I 168 21.69 53.98 -9.23
N LEU I 169 20.87 54.94 -9.67
CA LEU I 169 20.65 56.13 -8.85
C LEU I 169 19.90 55.80 -7.57
N LEU I 170 18.87 54.95 -7.67
CA LEU I 170 18.10 54.60 -6.48
C LEU I 170 18.90 53.76 -5.51
N GLY I 171 19.76 52.87 -6.03
CA GLY I 171 20.68 52.16 -5.17
C GLY I 171 21.65 53.07 -4.47
N GLN I 172 22.16 54.08 -5.19
CA GLN I 172 23.00 55.08 -4.54
C GLN I 172 22.26 55.74 -3.39
N GLU I 173 21.01 56.13 -3.64
CA GLU I 173 20.19 56.73 -2.60
C GLU I 173 20.08 55.82 -1.37
N LEU I 174 19.64 54.58 -1.59
CA LEU I 174 19.37 53.70 -0.46
C LEU I 174 20.63 53.34 0.28
N LEU I 175 21.75 53.18 -0.44
CA LEU I 175 22.99 52.80 0.22
C LEU I 175 23.58 53.97 1.02
N SER I 176 23.48 55.18 0.48
CA SER I 176 23.86 56.35 1.27
C SER I 176 23.00 56.45 2.53
N SER I 177 21.70 56.16 2.39
CA SER I 177 20.83 56.20 3.56
C SER I 177 21.23 55.15 4.58
N VAL I 178 21.58 53.95 4.12
CA VAL I 178 22.02 52.89 5.02
C VAL I 178 23.28 53.31 5.75
N ILE I 179 24.22 53.90 5.01
CA ILE I 179 25.49 54.31 5.61
C ILE I 179 25.24 55.38 6.67
N ARG I 180 24.43 56.38 6.34
CA ARG I 180 24.12 57.43 7.30
C ARG I 180 23.33 56.89 8.49
N ALA I 181 22.60 55.80 8.30
CA ALA I 181 21.73 55.27 9.34
C ALA I 181 22.41 54.22 10.20
N ALA I 182 23.39 53.51 9.66
CA ALA I 182 24.06 52.47 10.42
C ALA I 182 24.89 53.09 11.55
N PRO I 183 25.15 52.32 12.62
CA PRO I 183 25.82 52.86 13.81
C PRO I 183 27.34 52.81 13.71
N MET J 1 10.22 57.89 -11.17
CA MET J 1 11.42 57.35 -11.85
C MET J 1 11.12 56.02 -12.53
N TRP J 2 10.60 55.07 -11.74
CA TRP J 2 10.28 53.77 -12.31
C TRP J 2 9.10 53.85 -13.27
N ARG J 3 8.19 54.80 -13.06
CA ARG J 3 7.08 54.96 -13.99
C ARG J 3 7.57 55.46 -15.35
N SER J 4 8.66 56.22 -15.36
CA SER J 4 9.18 56.75 -16.61
C SER J 4 10.01 55.72 -17.37
N SER J 5 10.72 54.85 -16.64
CA SER J 5 11.51 53.79 -17.24
C SER J 5 10.68 52.58 -17.63
N GLY J 6 9.36 52.68 -17.50
CA GLY J 6 8.48 51.56 -17.79
C GLY J 6 8.72 50.42 -16.81
N VAL J 7 8.60 50.72 -15.53
CA VAL J 7 8.92 49.78 -14.46
C VAL J 7 7.80 49.80 -13.42
N SER J 8 7.52 48.64 -12.85
CA SER J 8 6.52 48.53 -11.80
C SER J 8 7.13 48.85 -10.45
N PHE J 9 6.29 49.35 -9.54
CA PHE J 9 6.75 49.63 -8.19
C PHE J 9 7.15 48.36 -7.47
N THR J 10 6.50 47.24 -7.79
CA THR J 10 6.88 45.97 -7.18
C THR J 10 8.30 45.58 -7.58
N ARG J 11 8.63 45.75 -8.86
CA ARG J 11 9.98 45.46 -9.33
C ARG J 11 11.01 46.33 -8.62
N TYR J 12 10.73 47.63 -8.52
CA TYR J 12 11.64 48.53 -7.85
C TYR J 12 11.84 48.14 -6.39
N ALA J 13 10.73 47.87 -5.70
CA ALA J 13 10.82 47.53 -4.29
C ALA J 13 11.59 46.24 -4.08
N SER J 14 11.34 45.24 -4.93
CA SER J 14 12.04 43.96 -4.78
C SER J 14 13.52 44.11 -5.06
N GLU J 15 13.86 44.80 -6.16
CA GLU J 15 15.25 44.95 -6.53
C GLU J 15 16.02 45.85 -5.56
N MET J 16 15.33 46.70 -4.81
CA MET J 16 15.98 47.50 -3.78
C MET J 16 16.10 46.74 -2.46
N ALA J 17 15.08 45.95 -2.11
CA ALA J 17 15.19 45.09 -0.95
C ALA J 17 16.28 44.06 -1.12
N ALA J 18 16.55 43.65 -2.35
CA ALA J 18 17.67 42.75 -2.60
C ALA J 18 18.99 43.40 -2.17
N LEU J 19 19.20 44.65 -2.57
CA LEU J 19 20.40 45.36 -2.17
C LEU J 19 20.44 45.54 -0.66
N LEU J 20 19.31 45.89 -0.04
CA LEU J 20 19.28 46.03 1.41
C LEU J 20 19.66 44.72 2.09
N ARG J 21 19.17 43.60 1.56
CA ARG J 21 19.55 42.30 2.11
C ARG J 21 21.03 42.04 1.91
N GLN J 22 21.61 42.51 0.81
CA GLN J 22 23.05 42.39 0.64
C GLN J 22 23.83 43.22 1.65
N CYS J 23 23.21 44.25 2.23
CA CYS J 23 23.86 45.09 3.24
C CYS J 23 23.59 44.60 4.65
N LEU J 24 23.39 43.31 4.83
CA LEU J 24 23.08 42.73 6.13
C LEU J 24 24.32 42.13 6.76
N LYS J 25 24.20 41.78 8.05
CA LYS J 25 25.23 41.03 8.74
C LYS J 25 25.06 39.53 8.51
N GLU J 26 26.18 38.83 8.46
CA GLU J 26 26.19 37.46 7.96
C GLU J 26 25.24 36.54 8.70
N PRO J 27 25.20 36.52 10.04
CA PRO J 27 24.28 35.59 10.71
C PRO J 27 22.82 35.81 10.36
N TYR J 28 22.40 37.08 10.30
CA TYR J 28 21.05 37.39 9.87
C TYR J 28 20.92 37.39 8.35
N ARG J 29 22.01 37.70 7.65
CA ARG J 29 21.97 37.73 6.18
C ARG J 29 21.71 36.34 5.62
N THR J 30 22.25 35.30 6.26
CA THR J 30 21.99 33.93 5.83
C THR J 30 20.49 33.63 5.88
N GLN J 31 19.86 33.94 7.01
CA GLN J 31 18.43 33.68 7.15
C GLN J 31 17.61 34.54 6.21
N ALA J 32 18.05 35.77 5.96
CA ALA J 32 17.32 36.66 5.07
C ALA J 32 17.34 36.14 3.65
N MET J 33 18.52 35.78 3.14
CA MET J 33 18.61 35.21 1.81
C MET J 33 18.04 33.80 1.76
N GLN J 34 17.84 33.15 2.91
CA GLN J 34 17.22 31.83 2.95
C GLN J 34 15.71 31.92 2.76
N ARG J 35 15.06 32.83 3.49
CA ARG J 35 13.63 33.01 3.41
C ARG J 35 13.18 33.72 2.15
N ASN J 36 14.11 34.13 1.28
CA ASN J 36 13.80 34.83 0.05
C ASN J 36 14.39 34.10 -1.15
N GLN J 37 14.36 32.78 -1.12
CA GLN J 37 14.76 31.99 -2.27
C GLN J 37 13.68 32.01 -3.33
N ILE J 38 14.09 31.98 -4.59
CA ILE J 38 13.19 32.12 -5.72
C ILE J 38 13.42 30.98 -6.69
N HIS J 39 12.33 30.32 -7.09
CA HIS J 39 12.38 29.31 -8.14
C HIS J 39 11.02 29.26 -8.81
N LEU J 40 11.00 29.49 -10.12
CA LEU J 40 9.75 29.47 -10.87
C LEU J 40 9.97 28.81 -12.22
N LYS J 41 8.87 28.38 -12.83
CA LYS J 41 8.89 27.75 -14.15
C LYS J 41 7.67 28.25 -14.92
N GLU J 42 7.87 29.32 -15.67
CA GLU J 42 6.80 29.89 -16.47
C GLU J 42 6.57 29.06 -17.72
N THR J 43 5.30 28.93 -18.11
CA THR J 43 4.88 28.12 -19.25
C THR J 43 3.82 28.91 -20.00
N VAL J 44 4.19 29.44 -21.17
CA VAL J 44 3.30 30.35 -21.90
C VAL J 44 2.48 29.54 -22.89
N TYR J 45 1.22 29.93 -23.05
CA TYR J 45 0.25 29.19 -23.86
C TYR J 45 -0.43 30.13 -24.84
N GLN J 46 -0.91 29.56 -25.94
CA GLN J 46 -1.74 30.28 -26.91
C GLN J 46 -2.71 29.29 -27.54
N GLN J 47 -3.90 29.19 -26.95
CA GLN J 47 -4.88 28.18 -27.34
C GLN J 47 -4.25 26.79 -27.33
N GLY J 48 -3.80 26.40 -26.14
CA GLY J 48 -2.93 25.26 -26.12
C GLY J 48 -1.64 25.63 -26.86
N GLN J 49 -0.92 24.59 -27.29
CA GLN J 49 0.23 24.77 -28.17
C GLN J 49 1.25 25.70 -27.52
N VAL J 50 1.86 25.17 -26.46
CA VAL J 50 2.83 25.89 -25.65
C VAL J 50 3.82 26.66 -26.52
N LEU J 51 3.93 27.97 -26.27
CA LEU J 51 4.89 28.78 -27.01
C LEU J 51 6.30 28.64 -26.45
N THR J 52 6.43 28.56 -25.13
CA THR J 52 7.74 28.44 -24.52
C THR J 52 7.58 28.06 -23.05
N ARG J 53 8.66 27.50 -22.51
CA ARG J 53 8.79 27.20 -21.09
C ARG J 53 10.15 27.69 -20.64
N GLU J 54 10.19 28.35 -19.48
CA GLU J 54 11.43 28.98 -19.04
C GLU J 54 11.47 29.04 -17.52
N THR J 55 12.63 28.71 -16.97
CA THR J 55 12.85 28.72 -15.53
C THR J 55 13.40 30.06 -15.08
N PHE J 56 13.23 30.34 -13.79
CA PHE J 56 13.72 31.57 -13.19
C PHE J 56 14.23 31.26 -11.79
N ASN J 57 15.46 31.71 -11.51
CA ASN J 57 16.04 31.59 -10.19
C ASN J 57 16.52 32.92 -9.64
N ASP J 58 16.47 34.00 -10.42
CA ASP J 58 16.89 35.31 -9.99
C ASP J 58 15.74 36.30 -10.16
N ILE J 59 15.68 37.28 -9.25
CA ILE J 59 14.61 38.26 -9.30
C ILE J 59 14.72 39.13 -10.54
N LYS J 60 15.95 39.52 -10.91
CA LYS J 60 16.15 40.43 -12.03
C LYS J 60 15.75 39.77 -13.35
N LYS J 61 16.21 38.54 -13.58
CA LYS J 61 15.84 37.86 -14.81
C LYS J 61 14.38 37.45 -14.80
N ALA J 62 13.80 37.27 -13.61
CA ALA J 62 12.39 36.94 -13.50
C ALA J 62 11.52 38.13 -13.88
N PHE J 63 11.95 39.34 -13.52
CA PHE J 63 11.18 40.52 -13.87
C PHE J 63 11.45 40.98 -15.29
N GLU J 64 12.66 40.76 -15.79
CA GLU J 64 13.01 41.23 -17.14
C GLU J 64 12.23 40.47 -18.19
N ALA J 65 12.41 39.15 -18.24
CA ALA J 65 11.72 38.33 -19.21
C ALA J 65 10.22 38.28 -18.91
N GLN K 73 4.06 -69.35 -6.68
CA GLN K 73 3.94 -67.90 -6.68
C GLN K 73 3.19 -67.40 -5.45
N THR K 74 1.89 -67.65 -5.40
CA THR K 74 1.06 -67.19 -4.30
C THR K 74 1.43 -67.94 -3.02
N LEU K 75 0.77 -67.57 -1.93
CA LEU K 75 1.05 -68.19 -0.64
C LEU K 75 0.79 -69.68 -0.68
N GLU K 76 -0.44 -70.06 -1.04
CA GLU K 76 -0.74 -71.46 -1.28
C GLU K 76 0.17 -72.04 -2.36
N GLY K 77 0.54 -71.23 -3.36
CA GLY K 77 1.50 -71.69 -4.34
C GLY K 77 2.85 -71.99 -3.73
N ARG K 78 3.31 -71.14 -2.81
CA ARG K 78 4.59 -71.38 -2.15
C ARG K 78 4.56 -72.67 -1.35
N TYR K 79 3.54 -72.81 -0.50
CA TYR K 79 3.45 -74.00 0.33
C TYR K 79 3.30 -75.26 -0.51
N ALA K 80 2.51 -75.18 -1.60
CA ALA K 80 2.31 -76.33 -2.46
C ALA K 80 3.59 -76.70 -3.19
N SER K 81 4.35 -75.71 -3.65
CA SER K 81 5.61 -75.99 -4.33
C SER K 81 6.60 -76.62 -3.37
N ALA K 82 6.67 -76.11 -2.14
CA ALA K 82 7.58 -76.70 -1.16
C ALA K 82 7.20 -78.13 -0.85
N LEU K 83 5.91 -78.40 -0.66
CA LEU K 83 5.48 -79.76 -0.36
C LEU K 83 5.70 -80.69 -1.54
N PHE K 84 5.41 -80.21 -2.76
CA PHE K 84 5.66 -81.00 -3.95
C PHE K 84 7.13 -81.38 -4.05
N ARG K 85 8.02 -80.40 -3.82
CA ARG K 85 9.44 -80.67 -3.89
C ARG K 85 9.86 -81.70 -2.85
N VAL K 86 9.52 -81.46 -1.57
CA VAL K 86 9.97 -82.35 -0.51
C VAL K 86 9.34 -83.72 -0.62
N ALA K 87 8.17 -83.83 -1.24
CA ALA K 87 7.51 -85.12 -1.43
C ALA K 87 8.12 -85.89 -2.58
N LYS K 88 8.43 -85.19 -3.68
CA LYS K 88 9.14 -85.82 -4.78
C LYS K 88 10.56 -86.19 -4.40
N LYS K 89 11.12 -85.57 -3.37
CA LYS K 89 12.52 -85.82 -3.01
C LYS K 89 12.67 -87.02 -2.08
N LYS K 90 12.10 -86.95 -0.87
CA LYS K 90 12.46 -87.88 0.18
C LYS K 90 11.42 -88.98 0.39
N ASN K 91 10.20 -88.62 0.77
CA ASN K 91 9.25 -89.61 1.32
C ASN K 91 8.47 -90.35 0.24
N GLN K 92 7.59 -89.64 -0.45
CA GLN K 92 6.56 -90.23 -1.30
C GLN K 92 5.78 -89.11 -1.97
N LEU K 93 4.91 -89.48 -2.89
CA LEU K 93 3.93 -88.58 -3.47
C LEU K 93 2.50 -89.07 -3.29
N GLU K 94 2.25 -90.36 -3.49
CA GLU K 94 0.88 -90.87 -3.41
C GLU K 94 0.33 -90.75 -2.00
N LYS K 95 1.17 -90.96 -0.98
CA LYS K 95 0.71 -90.84 0.39
C LYS K 95 0.19 -89.45 0.68
N VAL K 96 1.02 -88.43 0.42
CA VAL K 96 0.61 -87.06 0.69
C VAL K 96 -0.55 -86.64 -0.21
N TYR K 97 -0.60 -87.17 -1.44
CA TYR K 97 -1.71 -86.86 -2.32
C TYR K 97 -3.03 -87.37 -1.74
N GLY K 98 -3.06 -88.64 -1.35
CA GLY K 98 -4.26 -89.17 -0.72
C GLY K 98 -4.62 -88.47 0.57
N ASP K 99 -3.60 -88.07 1.34
CA ASP K 99 -3.85 -87.34 2.58
C ASP K 99 -4.52 -86.01 2.31
N LEU K 100 -3.98 -85.24 1.35
CA LEU K 100 -4.57 -83.96 1.00
C LEU K 100 -5.98 -84.13 0.46
N GLU K 101 -6.20 -85.17 -0.36
CA GLU K 101 -7.53 -85.40 -0.90
C GLU K 101 -8.52 -85.73 0.20
N SER K 102 -8.12 -86.57 1.15
CA SER K 102 -9.00 -86.89 2.27
C SER K 102 -9.29 -85.66 3.10
N VAL K 103 -8.29 -84.80 3.31
CA VAL K 103 -8.50 -83.58 4.09
C VAL K 103 -9.47 -82.66 3.38
N ARG K 104 -9.32 -82.51 2.06
CA ARG K 104 -10.22 -81.64 1.32
C ARG K 104 -11.65 -82.19 1.35
N ASN K 105 -11.80 -83.51 1.23
CA ASN K 105 -13.12 -84.10 1.29
C ASN K 105 -13.74 -83.90 2.67
N ALA K 106 -12.93 -84.01 3.72
CA ALA K 106 -13.44 -83.76 5.06
C ALA K 106 -13.84 -82.30 5.23
N LEU K 107 -13.10 -81.38 4.62
CA LEU K 107 -13.44 -79.97 4.70
C LEU K 107 -14.76 -79.68 4.00
N LYS K 108 -14.97 -80.32 2.84
CA LYS K 108 -16.17 -80.05 2.06
C LYS K 108 -17.38 -80.86 2.51
N ASP K 109 -17.20 -81.87 3.35
CA ASP K 109 -18.30 -82.71 3.81
C ASP K 109 -18.68 -82.51 5.26
N SER K 110 -17.70 -82.27 6.14
CA SER K 110 -18.00 -82.19 7.57
C SER K 110 -18.81 -80.93 7.90
N SER K 111 -18.44 -79.80 7.32
CA SER K 111 -19.09 -78.51 7.52
C SER K 111 -18.77 -77.90 8.88
N GLU K 112 -17.95 -78.55 9.69
CA GLU K 112 -17.46 -77.99 10.96
C GLU K 112 -15.95 -77.90 11.01
N PHE K 113 -15.23 -78.78 10.32
CA PHE K 113 -13.79 -78.62 10.20
C PHE K 113 -13.45 -77.29 9.55
N ARG K 114 -14.26 -76.89 8.58
CA ARG K 114 -14.07 -75.60 7.92
C ARG K 114 -14.17 -74.46 8.93
N LEU K 115 -15.21 -74.49 9.78
CA LEU K 115 -15.36 -73.46 10.79
C LEU K 115 -14.28 -73.56 11.85
N PHE K 116 -13.83 -74.78 12.18
CA PHE K 116 -12.72 -74.93 13.09
C PHE K 116 -11.48 -74.27 12.55
N VAL K 117 -11.29 -74.33 11.22
CA VAL K 117 -10.14 -73.69 10.61
C VAL K 117 -10.30 -72.17 10.60
N ASP K 118 -11.50 -71.68 10.29
CA ASP K 118 -11.70 -70.26 10.13
C ASP K 118 -11.90 -69.53 11.46
N SER K 119 -12.45 -70.21 12.45
CA SER K 119 -12.81 -69.53 13.69
C SER K 119 -11.57 -69.09 14.44
N PRO K 120 -11.59 -67.90 15.07
CA PRO K 120 -10.47 -67.47 15.90
C PRO K 120 -10.62 -67.80 17.37
N ALA K 121 -11.79 -68.26 17.80
CA ALA K 121 -11.98 -68.66 19.18
C ALA K 121 -11.13 -69.87 19.55
N VAL K 122 -10.72 -70.65 18.57
CA VAL K 122 -9.90 -71.83 18.82
C VAL K 122 -8.46 -71.39 19.04
N SER K 123 -7.90 -71.75 20.18
CA SER K 123 -6.52 -71.39 20.49
C SER K 123 -5.55 -72.14 19.58
N VAL K 124 -4.35 -71.60 19.46
CA VAL K 124 -3.32 -72.24 18.65
C VAL K 124 -2.97 -73.61 19.24
N GLN K 125 -3.01 -73.72 20.57
CA GLN K 125 -2.69 -75.00 21.21
C GLN K 125 -3.78 -76.03 20.95
N GLN K 126 -5.05 -75.62 21.05
CA GLN K 126 -6.14 -76.53 20.72
C GLN K 126 -6.08 -76.94 19.25
N LYS K 127 -5.74 -75.99 18.37
CA LYS K 127 -5.57 -76.31 16.97
C LYS K 127 -4.51 -77.39 16.76
N LEU K 128 -3.33 -77.18 17.34
CA LEU K 128 -2.25 -78.14 17.17
C LEU K 128 -2.60 -79.49 17.79
N ASP K 129 -3.33 -79.47 18.91
CA ASP K 129 -3.70 -80.72 19.55
C ASP K 129 -4.67 -81.51 18.69
N VAL K 130 -5.68 -80.84 18.13
CA VAL K 130 -6.63 -81.51 17.26
C VAL K 130 -5.92 -82.02 16.01
N LEU K 131 -4.96 -81.26 15.50
CA LEU K 131 -4.25 -81.68 14.31
C LEU K 131 -3.41 -82.92 14.59
N ARG K 132 -2.75 -82.98 15.76
CA ARG K 132 -1.98 -84.15 16.11
C ARG K 132 -2.86 -85.36 16.39
N GLN K 133 -4.05 -85.14 16.95
CA GLN K 133 -5.00 -86.23 17.12
C GLN K 133 -5.47 -86.77 15.77
N LEU K 134 -5.68 -85.87 14.81
CA LEU K 134 -6.03 -86.32 13.46
C LEU K 134 -4.86 -87.07 12.83
N VAL K 135 -3.64 -86.65 13.12
CA VAL K 135 -2.46 -87.37 12.66
C VAL K 135 -2.49 -88.80 13.18
N ASN K 136 -2.67 -88.95 14.50
CA ASN K 136 -2.58 -90.28 15.10
C ASN K 136 -3.71 -91.18 14.66
N ARG K 137 -4.92 -90.63 14.49
CA ARG K 137 -6.12 -91.41 14.25
C ARG K 137 -6.34 -91.71 12.77
N TYR K 138 -5.39 -91.36 11.90
CA TYR K 138 -5.55 -91.60 10.48
C TYR K 138 -4.18 -91.92 9.88
N LYS K 139 -4.21 -92.55 8.71
CA LYS K 139 -3.00 -92.75 7.94
C LYS K 139 -2.41 -91.39 7.56
N PHE K 140 -1.25 -91.07 8.12
CA PHE K 140 -0.76 -89.71 8.07
C PHE K 140 0.76 -89.71 8.13
N ASP K 141 1.39 -88.93 7.26
CA ASP K 141 2.84 -88.79 7.24
C ASP K 141 3.26 -87.53 7.98
N PRO K 142 4.52 -87.45 8.42
CA PRO K 142 4.93 -86.29 9.24
C PRO K 142 5.10 -85.03 8.41
N LEU K 143 5.28 -85.15 7.09
CA LEU K 143 5.43 -83.95 6.27
C LEU K 143 4.16 -83.12 6.30
N THR K 144 3.01 -83.77 6.15
CA THR K 144 1.74 -83.06 6.22
C THR K 144 1.52 -82.47 7.61
N GLY K 145 2.00 -83.15 8.65
CA GLY K 145 1.86 -82.60 9.99
C GLY K 145 2.70 -81.35 10.18
N ASN K 146 3.91 -81.35 9.64
CA ASN K 146 4.74 -80.15 9.70
C ASN K 146 4.13 -79.05 8.85
N LEU K 147 3.51 -79.40 7.73
CA LEU K 147 2.80 -78.41 6.93
C LEU K 147 1.69 -77.75 7.74
N LEU K 148 0.91 -78.56 8.44
CA LEU K 148 -0.21 -78.01 9.20
C LEU K 148 0.29 -77.15 10.36
N THR K 149 1.37 -77.60 11.03
CA THR K 149 1.94 -76.80 12.11
C THR K 149 2.47 -75.48 11.59
N THR K 150 3.07 -75.49 10.38
CA THR K 150 3.57 -74.26 9.79
C THR K 150 2.43 -73.32 9.42
N LEU K 151 1.37 -73.86 8.82
CA LEU K 151 0.23 -73.02 8.45
C LEU K 151 -0.44 -72.44 9.69
N VAL K 152 -0.41 -73.15 10.81
CA VAL K 152 -0.95 -72.61 12.05
C VAL K 152 -0.02 -71.54 12.60
N GLU K 153 1.29 -71.76 12.51
CA GLU K 153 2.25 -70.80 13.04
C GLU K 153 2.19 -69.48 12.31
N ASN K 154 1.86 -69.50 11.02
CA ASN K 154 1.84 -68.31 10.18
C ASN K 154 0.43 -67.80 9.93
N LYS K 155 -0.57 -68.36 10.61
CA LYS K 155 -1.96 -67.93 10.45
C LYS K 155 -2.43 -68.14 9.01
N ARG K 156 -2.18 -69.33 8.48
CA ARG K 156 -2.53 -69.66 7.10
C ARG K 156 -3.36 -70.93 7.02
N LEU K 157 -4.02 -71.32 8.11
CA LEU K 157 -4.81 -72.54 8.10
C LEU K 157 -6.00 -72.45 7.15
N PRO K 158 -6.67 -71.30 7.05
CA PRO K 158 -7.73 -71.18 6.03
C PRO K 158 -7.26 -71.47 4.63
N MET K 159 -5.96 -71.33 4.36
CA MET K 159 -5.39 -71.64 3.05
C MET K 159 -5.11 -73.13 2.87
N LEU K 160 -5.64 -74.00 3.72
CA LEU K 160 -5.47 -75.44 3.51
C LEU K 160 -6.11 -75.88 2.21
N ALA K 161 -7.42 -75.65 2.08
CA ALA K 161 -8.15 -76.14 0.92
C ALA K 161 -7.50 -75.65 -0.38
N ARG K 162 -7.23 -74.35 -0.46
CA ARG K 162 -6.54 -73.81 -1.61
C ARG K 162 -5.24 -74.56 -1.88
N VAL K 163 -4.43 -74.74 -0.83
CA VAL K 163 -3.18 -75.46 -1.00
C VAL K 163 -3.45 -76.85 -1.55
N ALA K 164 -4.49 -77.51 -1.04
CA ALA K 164 -4.81 -78.84 -1.52
C ALA K 164 -5.06 -78.82 -3.02
N ASP K 165 -5.80 -77.82 -3.50
CA ASP K 165 -6.05 -77.73 -4.93
C ASP K 165 -4.74 -77.62 -5.70
N ALA K 166 -3.78 -76.84 -5.17
CA ALA K 166 -2.50 -76.76 -5.84
C ALA K 166 -1.82 -78.12 -5.90
N PHE K 167 -1.88 -78.87 -4.80
CA PHE K 167 -1.32 -80.21 -4.81
C PHE K 167 -2.10 -81.13 -5.74
N ASP K 168 -3.37 -80.83 -5.99
CA ASP K 168 -4.15 -81.56 -6.98
C ASP K 168 -4.01 -80.97 -8.38
N ALA K 169 -3.44 -79.76 -8.50
CA ALA K 169 -3.30 -79.09 -9.78
C ALA K 169 -1.93 -79.24 -10.40
N MET K 170 -0.97 -79.84 -9.69
CA MET K 170 0.38 -79.99 -10.20
C MET K 170 0.41 -80.97 -11.36
N TYR K 171 -2.48 -82.35 -10.57
CA TYR K 171 -2.37 -83.50 -11.45
C TYR K 171 -3.65 -83.69 -12.26
N ALA L 96 -3.79 120.66 -19.05
CA ALA L 96 -4.82 120.10 -18.19
C ALA L 96 -4.81 118.58 -18.28
N GLY L 97 -3.61 118.00 -18.29
CA GLY L 97 -3.44 116.57 -18.35
C GLY L 97 -3.52 115.86 -17.02
N VAL L 98 -3.83 116.58 -15.94
CA VAL L 98 -3.92 115.93 -14.63
C VAL L 98 -5.10 114.98 -14.58
N ALA L 99 -6.17 115.28 -15.31
CA ALA L 99 -7.29 114.34 -15.40
C ALA L 99 -6.86 113.05 -16.06
N SER L 100 -6.09 113.15 -17.15
CA SER L 100 -5.54 111.96 -17.79
C SER L 100 -4.65 111.19 -16.83
N LEU L 101 -3.86 111.90 -16.03
CA LEU L 101 -2.99 111.24 -15.07
C LEU L 101 -3.80 110.47 -14.03
N SER L 102 -4.88 111.08 -13.53
CA SER L 102 -5.71 110.40 -12.55
C SER L 102 -6.39 109.18 -13.17
N ALA L 103 -6.86 109.31 -14.42
CA ALA L 103 -7.48 108.17 -15.08
C ALA L 103 -6.48 107.04 -15.27
N ALA L 104 -5.23 107.37 -15.59
CA ALA L 104 -4.22 106.34 -15.74
C ALA L 104 -3.91 105.67 -14.42
N ILE L 105 -3.81 106.47 -13.34
CA ILE L 105 -3.50 105.89 -12.04
C ILE L 105 -4.62 104.97 -11.59
N ALA L 106 -5.88 105.41 -11.78
CA ALA L 106 -7.00 104.55 -11.42
C ALA L 106 -7.04 103.31 -12.30
N LEU L 107 -6.51 103.40 -13.51
CA LEU L 107 -6.44 102.24 -14.39
C LEU L 107 -5.27 101.32 -14.07
N MET L 108 -4.37 101.73 -13.20
CA MET L 108 -3.22 100.91 -12.83
C MET L 108 -3.56 99.99 -11.65
N SER L 109 -4.67 99.29 -11.78
CA SER L 109 -5.03 98.22 -10.85
C SER L 109 -5.65 97.03 -11.54
N VAL L 110 -5.74 97.02 -12.87
CA VAL L 110 -6.26 95.87 -13.58
C VAL L 110 -5.31 94.69 -13.47
N GLY L 111 -4.05 94.94 -13.14
CA GLY L 111 -3.10 93.85 -12.98
C GLY L 111 -3.51 92.89 -11.88
N GLY L 112 -4.07 93.43 -10.79
CA GLY L 112 -4.53 92.57 -9.71
C GLY L 112 -5.72 91.74 -10.11
N VAL L 113 -6.67 92.36 -10.83
CA VAL L 113 -7.81 91.61 -11.36
C VAL L 113 -7.32 90.49 -12.26
N ALA L 114 -6.31 90.77 -13.09
CA ALA L 114 -5.81 89.75 -14.01
C ALA L 114 -5.12 88.62 -13.26
N GLN L 115 -4.34 88.97 -12.23
CA GLN L 115 -3.70 87.93 -11.43
C GLN L 115 -4.74 87.07 -10.73
N GLY L 116 -5.78 87.68 -10.19
CA GLY L 116 -6.84 86.90 -9.55
C GLY L 116 -7.54 85.98 -10.53
N ILE L 117 -7.80 86.46 -11.75
CA ILE L 117 -8.47 85.62 -12.74
C ILE L 117 -7.57 84.47 -13.16
N GLY L 118 -6.27 84.76 -13.30
CA GLY L 118 -5.33 83.70 -13.61
C GLY L 118 -5.28 82.64 -12.53
N SER L 119 -5.28 83.06 -11.27
CA SER L 119 -5.30 82.10 -10.18
C SER L 119 -6.58 81.28 -10.20
N LEU L 120 -7.72 81.94 -10.43
CA LEU L 120 -8.99 81.22 -10.58
C LEU L 120 -8.89 80.11 -11.60
N PHE L 121 -8.52 80.47 -12.83
CA PHE L 121 -8.54 79.48 -13.89
C PHE L 121 -7.44 78.44 -13.74
N ALA L 122 -6.32 78.82 -13.13
CA ALA L 122 -5.27 77.85 -12.85
C ALA L 122 -5.76 76.79 -11.87
N ALA L 123 -6.41 77.23 -10.79
CA ALA L 123 -6.93 76.27 -9.82
C ALA L 123 -8.05 75.44 -10.43
N LEU L 124 -8.86 76.05 -11.29
CA LEU L 124 -9.90 75.29 -11.98
C LEU L 124 -9.29 74.18 -12.82
N VAL L 125 -8.27 74.51 -13.61
CA VAL L 125 -7.65 73.51 -14.48
C VAL L 125 -6.98 72.42 -13.63
N SER L 126 -6.32 72.82 -12.55
CA SER L 126 -5.66 71.83 -11.69
C SER L 126 -6.68 70.88 -11.08
N GLY L 127 -7.70 71.41 -10.43
CA GLY L 127 -8.73 70.57 -9.85
C GLY L 127 -9.50 69.76 -10.86
N THR L 128 -9.55 70.22 -12.12
CA THR L 128 -10.17 69.42 -13.16
C THR L 128 -9.29 68.24 -13.55
N ALA L 129 -7.98 68.48 -13.68
CA ALA L 129 -7.06 67.38 -13.96
C ALA L 129 -7.01 66.40 -12.81
N ARG L 130 -7.24 66.86 -11.58
CA ARG L 130 -7.28 65.95 -10.45
C ARG L 130 -8.55 65.12 -10.43
N ASN L 131 -9.67 65.69 -10.88
CA ASN L 131 -10.95 65.00 -10.86
C ASN L 131 -11.81 65.58 -11.98
N PRO L 132 -11.83 64.94 -13.15
CA PRO L 132 -12.65 65.49 -14.25
C PRO L 132 -14.13 65.35 -14.05
N SER L 133 -14.57 64.28 -13.39
CA SER L 133 -16.00 63.97 -13.31
C SER L 133 -16.80 65.06 -12.60
N ILE L 134 -16.12 65.93 -11.85
CA ILE L 134 -16.79 66.99 -11.08
C ILE L 134 -16.68 68.35 -11.77
N LYS L 135 -16.26 68.37 -13.04
CA LYS L 135 -16.07 69.63 -13.75
C LYS L 135 -17.29 70.54 -13.63
N GLU L 136 -18.48 69.98 -13.80
CA GLU L 136 -19.69 70.79 -13.79
C GLU L 136 -19.82 71.64 -12.54
N ASP L 137 -19.24 71.19 -11.42
CA ASP L 137 -19.27 72.00 -10.21
C ASP L 137 -18.13 73.02 -10.16
N LEU L 138 -16.95 72.63 -10.63
CA LEU L 138 -15.80 73.51 -10.55
C LEU L 138 -16.02 74.77 -11.37
N PHE L 139 -16.66 74.63 -12.53
CA PHE L 139 -17.01 75.81 -13.31
C PHE L 139 -18.06 76.64 -12.58
N THR L 140 -19.00 75.98 -11.91
CA THR L 140 -20.14 76.69 -11.34
C THR L 140 -19.69 77.72 -10.31
N TYR L 141 -18.72 77.37 -9.48
CA TYR L 141 -18.17 78.33 -8.53
C TYR L 141 -17.26 79.33 -9.22
N THR L 142 -16.53 78.90 -10.24
CA THR L 142 -15.57 79.78 -10.89
C THR L 142 -16.25 81.04 -11.41
N LEU L 143 -17.31 80.87 -12.18
CA LEU L 143 -18.06 82.03 -12.69
C LEU L 143 -18.48 82.93 -11.55
N ILE L 144 -18.88 82.35 -10.41
CA ILE L 144 -19.32 83.18 -9.30
C ILE L 144 -18.21 84.13 -8.88
N GLY L 145 -16.98 83.63 -8.81
CA GLY L 145 -15.86 84.51 -8.52
C GLY L 145 -15.75 85.62 -9.55
N MET L 146 -15.85 85.26 -10.83
CA MET L 146 -15.83 86.27 -11.87
C MET L 146 -16.95 87.27 -11.66
N GLY L 147 -18.11 86.79 -11.21
CA GLY L 147 -19.23 87.67 -10.96
C GLY L 147 -18.90 88.81 -10.03
N PHE L 148 -17.84 88.67 -9.23
CA PHE L 148 -17.31 89.78 -8.46
C PHE L 148 -16.15 90.47 -9.15
N LEU L 149 -15.18 89.70 -9.66
CA LEU L 149 -13.93 90.31 -10.11
C LEU L 149 -14.18 91.27 -11.26
N GLU L 150 -14.86 90.81 -12.31
CA GLU L 150 -15.18 91.68 -13.42
C GLU L 150 -15.93 92.91 -12.94
N PHE L 151 -16.83 92.74 -11.96
CA PHE L 151 -17.53 93.89 -11.43
C PHE L 151 -16.57 94.89 -10.82
N LEU L 152 -15.63 94.41 -10.00
CA LEU L 152 -14.55 95.28 -9.54
C LEU L 152 -13.83 95.90 -10.72
N GLY L 153 -13.51 95.09 -11.73
CA GLY L 153 -12.87 95.63 -12.91
C GLY L 153 -13.69 96.73 -13.55
N ILE L 154 -15.02 96.58 -13.54
CA ILE L 154 -15.87 97.63 -14.11
C ILE L 154 -15.65 98.93 -13.36
N ILE L 155 -15.62 98.87 -12.02
CA ILE L 155 -15.29 100.05 -11.25
C ILE L 155 -13.93 100.59 -11.67
N CYS L 156 -12.95 99.68 -11.79
CA CYS L 156 -11.61 100.09 -12.18
C CYS L 156 -11.59 100.81 -13.51
N VAL L 157 -12.62 100.63 -14.33
CA VAL L 157 -12.79 101.40 -15.54
C VAL L 157 -13.62 102.65 -15.29
N LEU L 158 -14.76 102.51 -14.62
CA LEU L 158 -15.78 103.55 -14.66
C LEU L 158 -15.24 104.86 -14.10
N MET L 159 -14.73 104.81 -12.86
CA MET L 159 -14.20 106.02 -12.24
C MET L 159 -13.11 106.64 -13.11
N SER L 160 -12.31 105.80 -13.78
CA SER L 160 -11.27 106.34 -14.65
C SER L 160 -11.88 107.24 -15.71
N ALA L 161 -12.91 106.75 -16.40
CA ALA L 161 -13.62 107.60 -17.35
C ALA L 161 -14.14 108.85 -16.65
N VAL L 162 -14.72 108.70 -15.47
CA VAL L 162 -15.20 109.86 -14.74
C VAL L 162 -14.05 110.80 -14.46
N LEU L 163 -12.89 110.26 -14.10
CA LEU L 163 -11.75 111.11 -13.77
C LEU L 163 -11.24 111.85 -15.00
N LEU L 164 -11.60 111.40 -16.20
CA LEU L 164 -11.23 112.12 -17.39
C LEU L 164 -12.10 113.34 -17.63
N TYR L 165 -13.30 113.38 -17.06
CA TYR L 165 -14.24 114.47 -17.29
C TYR L 165 -14.51 115.26 -16.02
N SER L 166 -14.98 114.61 -14.96
CA SER L 166 -15.27 115.29 -13.71
C SER L 166 -13.99 115.61 -12.94
N ALA M 96 -4.53 121.51 -8.74
CA ALA M 96 -5.85 121.65 -9.33
C ALA M 96 -6.54 120.30 -9.44
N GLY M 97 -5.78 119.28 -9.81
CA GLY M 97 -6.30 117.93 -9.93
C GLY M 97 -6.08 117.12 -8.67
N VAL M 98 -6.26 117.78 -7.52
CA VAL M 98 -6.03 117.12 -6.24
C VAL M 98 -7.06 116.01 -6.03
N ALA M 99 -8.34 116.33 -6.15
CA ALA M 99 -9.38 115.37 -5.79
C ALA M 99 -9.34 114.16 -6.71
N SER M 100 -9.22 114.38 -8.02
CA SER M 100 -9.20 113.28 -8.96
C SER M 100 -7.99 112.39 -8.73
N LEU M 101 -6.82 112.99 -8.55
CA LEU M 101 -5.60 112.21 -8.31
C LEU M 101 -5.71 111.41 -7.02
N SER M 102 -6.27 112.01 -5.97
CA SER M 102 -6.37 111.30 -4.70
C SER M 102 -7.36 110.15 -4.80
N ALA M 103 -8.48 110.36 -5.49
CA ALA M 103 -9.43 109.26 -5.69
C ALA M 103 -8.79 108.13 -6.48
N ALA M 104 -8.03 108.46 -7.53
CA ALA M 104 -7.39 107.42 -8.31
C ALA M 104 -6.35 106.66 -7.49
N ILE M 105 -5.59 107.38 -6.66
CA ILE M 105 -4.60 106.71 -5.82
C ILE M 105 -5.28 105.83 -4.78
N ALA M 106 -6.44 106.25 -4.29
CA ALA M 106 -7.17 105.43 -3.32
C ALA M 106 -7.71 104.17 -3.96
N LEU M 107 -8.17 104.27 -5.21
CA LEU M 107 -8.78 103.14 -5.90
C LEU M 107 -7.79 102.03 -6.25
N MET M 108 -6.51 102.15 -5.89
CA MET M 108 -5.49 101.20 -6.33
C MET M 108 -5.55 99.87 -5.60
N SER M 109 -6.14 99.83 -4.40
CA SER M 109 -6.14 98.61 -3.60
C SER M 109 -7.08 97.53 -4.17
N VAL M 110 -7.88 97.88 -5.17
CA VAL M 110 -8.77 96.91 -5.78
C VAL M 110 -7.97 95.75 -6.37
N GLY M 111 -6.74 96.02 -6.81
CA GLY M 111 -5.91 94.93 -7.30
C GLY M 111 -5.63 93.88 -6.25
N GLY M 112 -5.18 94.32 -5.07
CA GLY M 112 -4.93 93.36 -3.99
C GLY M 112 -6.22 92.68 -3.55
N VAL M 113 -7.32 93.42 -3.55
CA VAL M 113 -8.61 92.81 -3.20
C VAL M 113 -8.95 91.69 -4.17
N ALA M 114 -8.77 91.94 -5.47
CA ALA M 114 -9.08 90.93 -6.47
C ALA M 114 -8.13 89.73 -6.36
N GLN M 115 -6.87 89.98 -6.02
CA GLN M 115 -5.95 88.87 -5.79
C GLN M 115 -6.42 88.00 -4.63
N GLY M 116 -6.87 88.64 -3.54
CA GLY M 116 -7.38 87.87 -2.42
C GLY M 116 -8.61 87.06 -2.78
N ILE M 117 -9.53 87.67 -3.52
CA ILE M 117 -10.74 86.95 -3.93
C ILE M 117 -10.38 85.78 -4.83
N GLY M 118 -9.39 85.97 -5.72
CA GLY M 118 -8.96 84.88 -6.57
C GLY M 118 -8.36 83.74 -5.78
N SER M 119 -7.57 84.07 -4.75
CA SER M 119 -7.02 83.03 -3.89
C SER M 119 -8.13 82.28 -3.16
N LEU M 120 -9.13 83.01 -2.66
CA LEU M 120 -10.28 82.39 -2.03
C LEU M 120 -10.92 81.36 -2.95
N PHE M 121 -11.32 81.79 -4.14
CA PHE M 121 -12.07 80.89 -5.00
C PHE M 121 -11.19 79.79 -5.59
N ALA M 122 -9.89 80.03 -5.72
CA ALA M 122 -8.97 78.97 -6.08
C ALA M 122 -8.94 77.88 -5.02
N ALA M 123 -8.81 78.28 -3.76
CA ALA M 123 -8.90 77.30 -2.68
C ALA M 123 -10.25 76.61 -2.67
N LEU M 124 -11.31 77.33 -3.02
CA LEU M 124 -12.63 76.73 -3.05
C LEU M 124 -12.69 75.60 -4.07
N VAL M 125 -12.27 75.88 -5.31
CA VAL M 125 -12.33 74.86 -6.35
C VAL M 125 -11.38 73.71 -6.02
N SER M 126 -10.23 74.01 -5.41
CA SER M 126 -9.30 72.95 -5.05
C SER M 126 -9.88 72.05 -3.97
N GLY M 127 -10.52 72.63 -2.95
CA GLY M 127 -11.17 71.83 -1.93
C GLY M 127 -12.34 71.04 -2.47
N THR M 128 -13.05 71.59 -3.46
CA THR M 128 -14.10 70.84 -4.10
C THR M 128 -13.54 69.62 -4.84
N ALA M 129 -12.42 69.81 -5.54
CA ALA M 129 -11.78 68.68 -6.20
C ALA M 129 -11.25 67.67 -5.19
N ARG M 130 -10.84 68.13 -4.02
CA ARG M 130 -10.27 67.23 -3.02
C ARG M 130 -11.35 66.52 -2.22
N ASN M 131 -12.52 67.13 -2.07
CA ASN M 131 -13.62 66.50 -1.33
C ASN M 131 -14.94 67.14 -1.73
N PRO M 132 -15.58 66.67 -2.79
CA PRO M 132 -16.89 67.24 -3.18
C PRO M 132 -17.97 67.05 -2.14
N SER M 133 -17.86 66.03 -1.28
CA SER M 133 -18.94 65.72 -0.35
C SER M 133 -19.22 66.85 0.64
N ILE M 134 -18.25 67.71 0.89
CA ILE M 134 -18.44 68.85 1.79
C ILE M 134 -18.45 70.17 1.02
N LYS M 135 -18.64 70.08 -0.30
CA LYS M 135 -18.68 71.28 -1.14
C LYS M 135 -19.61 72.34 -0.56
N GLU M 136 -20.86 71.96 -0.28
CA GLU M 136 -21.84 72.92 0.22
C GLU M 136 -21.36 73.62 1.47
N ASP M 137 -20.51 72.98 2.27
CA ASP M 137 -19.97 73.64 3.45
C ASP M 137 -18.91 74.67 3.07
N LEU M 138 -17.98 74.30 2.20
CA LEU M 138 -16.83 75.15 1.94
C LEU M 138 -17.26 76.51 1.43
N PHE M 139 -18.19 76.53 0.48
CA PHE M 139 -18.65 77.79 -0.09
C PHE M 139 -19.12 78.73 1.01
N THR M 140 -19.77 78.18 2.03
CA THR M 140 -20.21 79.02 3.15
C THR M 140 -19.04 79.81 3.72
N TYR M 141 -17.97 79.11 4.11
CA TYR M 141 -16.80 79.81 4.62
C TYR M 141 -16.26 80.79 3.60
N THR M 142 -16.28 80.41 2.32
CA THR M 142 -15.77 81.32 1.31
C THR M 142 -16.53 82.62 1.31
N LEU M 143 -17.85 82.54 1.49
CA LEU M 143 -18.64 83.77 1.52
C LEU M 143 -18.22 84.66 2.68
N ILE M 144 -17.91 84.06 3.82
CA ILE M 144 -17.45 84.86 4.95
C ILE M 144 -16.20 85.63 4.56
N GLY M 145 -15.32 85.01 3.78
CA GLY M 145 -14.15 85.73 3.30
C GLY M 145 -14.55 86.96 2.50
N MET M 146 -15.47 86.78 1.55
CA MET M 146 -15.99 87.93 0.81
C MET M 146 -16.60 88.94 1.77
N GLY M 147 -17.29 88.47 2.79
CA GLY M 147 -17.91 89.34 3.76
C GLY M 147 -16.94 90.31 4.38
N PHE M 148 -15.66 89.94 4.37
CA PHE M 148 -14.61 90.90 4.74
C PHE M 148 -14.07 91.61 3.51
N LEU M 149 -13.64 90.85 2.50
CA LEU M 149 -12.84 91.44 1.43
C LEU M 149 -13.60 92.55 0.72
N GLU M 150 -14.73 92.20 0.10
CA GLU M 150 -15.52 93.21 -0.58
C GLU M 150 -15.88 94.35 0.36
N PHE M 151 -16.11 94.03 1.63
CA PHE M 151 -16.46 95.10 2.58
C PHE M 151 -15.34 96.11 2.64
N LEU M 152 -14.10 95.65 2.82
CA LEU M 152 -12.96 96.55 2.74
C LEU M 152 -12.95 97.28 1.41
N GLY M 153 -13.14 96.53 0.32
CA GLY M 153 -13.18 97.18 -0.98
C GLY M 153 -14.25 98.24 -1.03
N ILE M 154 -15.43 97.96 -0.45
CA ILE M 154 -16.50 98.95 -0.47
C ILE M 154 -16.02 100.22 0.21
N ILE M 155 -15.35 100.08 1.35
CA ILE M 155 -14.86 101.25 2.06
C ILE M 155 -13.98 102.08 1.15
N CYS M 156 -13.09 101.41 0.40
CA CYS M 156 -12.21 102.15 -0.49
C CYS M 156 -13.02 103.01 -1.44
N VAL M 157 -14.05 102.45 -2.05
CA VAL M 157 -14.81 103.23 -3.02
C VAL M 157 -15.49 104.39 -2.32
N LEU M 158 -15.97 104.16 -1.09
CA LEU M 158 -16.61 105.25 -0.36
C LEU M 158 -15.62 106.39 -0.16
N MET M 159 -14.37 106.07 0.16
CA MET M 159 -13.39 107.12 0.34
C MET M 159 -13.20 107.91 -0.95
N SER M 160 -13.24 107.22 -2.09
CA SER M 160 -13.17 107.94 -3.35
C SER M 160 -14.36 108.89 -3.49
N ALA M 161 -15.55 108.42 -3.15
CA ALA M 161 -16.71 109.29 -3.19
C ALA M 161 -16.57 110.44 -2.21
N VAL M 162 -15.81 110.24 -1.14
CA VAL M 162 -15.57 111.33 -0.20
C VAL M 162 -14.53 112.29 -0.76
N LEU M 163 -13.59 111.80 -1.56
CA LEU M 163 -12.43 112.59 -1.97
C LEU M 163 -12.59 113.24 -3.33
N LEU M 164 -13.41 112.67 -4.20
CA LEU M 164 -13.68 113.30 -5.49
C LEU M 164 -14.61 114.51 -5.39
N TYR M 165 -15.18 114.76 -4.21
CA TYR M 165 -16.00 115.94 -3.99
C TYR M 165 -15.66 116.66 -2.70
N SER M 166 -14.63 116.22 -1.97
CA SER M 166 -14.21 116.89 -0.76
C SER M 166 -15.32 116.90 0.28
N ALA N 96 -6.73 121.79 -0.87
CA ALA N 96 -7.05 120.53 -0.18
C ALA N 96 -6.10 119.43 -0.63
N GLY N 97 -4.90 119.82 -1.04
CA GLY N 97 -3.93 118.89 -1.58
C GLY N 97 -3.50 117.82 -0.60
N VAL N 98 -2.82 118.23 0.46
CA VAL N 98 -2.18 117.27 1.36
C VAL N 98 -3.21 116.38 2.02
N ALA N 99 -4.39 116.92 2.32
CA ALA N 99 -5.39 116.12 3.03
C ALA N 99 -5.77 114.89 2.25
N SER N 100 -6.35 115.08 1.06
CA SER N 100 -6.77 113.94 0.25
C SER N 100 -5.58 113.12 -0.24
N LEU N 101 -4.44 113.77 -0.50
CA LEU N 101 -3.26 113.01 -0.90
C LEU N 101 -2.87 112.01 0.17
N SER N 102 -2.69 112.49 1.40
CA SER N 102 -2.32 111.61 2.50
C SER N 102 -3.40 110.57 2.77
N ALA N 103 -4.67 110.96 2.62
CA ALA N 103 -5.75 110.00 2.81
C ALA N 103 -5.61 108.83 1.85
N ALA N 104 -5.53 109.11 0.55
CA ALA N 104 -5.42 108.04 -0.44
C ALA N 104 -4.14 107.24 -0.24
N ILE N 105 -3.03 107.91 0.06
CA ILE N 105 -1.77 107.22 0.20
C ILE N 105 -1.83 106.24 1.36
N ALA N 106 -2.38 106.68 2.51
CA ALA N 106 -2.55 105.78 3.63
C ALA N 106 -3.53 104.66 3.29
N LEU N 107 -4.55 104.94 2.48
CA LEU N 107 -5.51 103.91 2.13
C LEU N 107 -4.96 102.90 1.13
N MET N 108 -3.82 103.21 0.51
CA MET N 108 -3.23 102.28 -0.46
C MET N 108 -2.87 100.95 0.18
N SER N 109 -2.68 100.90 1.49
CA SER N 109 -2.09 99.75 2.15
C SER N 109 -3.12 98.71 2.59
N VAL N 110 -4.34 98.80 2.10
CA VAL N 110 -5.36 97.81 2.43
C VAL N 110 -5.29 96.59 1.51
N GLY N 111 -4.65 96.72 0.35
CA GLY N 111 -4.48 95.56 -0.52
C GLY N 111 -3.73 94.43 0.15
N GLY N 112 -2.70 94.76 0.94
CA GLY N 112 -2.00 93.73 1.68
C GLY N 112 -2.89 93.05 2.70
N VAL N 113 -3.78 93.82 3.34
CA VAL N 113 -4.72 93.24 4.29
C VAL N 113 -5.64 92.26 3.58
N ALA N 114 -6.13 92.65 2.40
CA ALA N 114 -7.00 91.77 1.63
C ALA N 114 -6.26 90.51 1.20
N GLN N 115 -5.00 90.65 0.78
CA GLN N 115 -4.22 89.49 0.38
C GLN N 115 -4.03 88.53 1.55
N GLY N 116 -3.71 89.06 2.73
CA GLY N 116 -3.56 88.19 3.88
C GLY N 116 -4.84 87.49 4.25
N ILE N 117 -5.96 88.22 4.21
CA ILE N 117 -7.26 87.60 4.47
C ILE N 117 -7.52 86.47 3.48
N GLY N 118 -7.23 86.71 2.20
CA GLY N 118 -7.48 85.69 1.20
C GLY N 118 -6.64 84.45 1.43
N SER N 119 -5.36 84.64 1.73
CA SER N 119 -4.48 83.51 2.00
C SER N 119 -4.97 82.72 3.21
N LEU N 120 -5.36 83.44 4.26
CA LEU N 120 -5.80 82.79 5.49
C LEU N 120 -7.06 81.97 5.26
N PHE N 121 -8.05 82.56 4.58
CA PHE N 121 -9.29 81.82 4.35
C PHE N 121 -9.08 80.69 3.34
N ALA N 122 -8.12 80.83 2.43
CA ALA N 122 -7.79 79.72 1.55
C ALA N 122 -7.21 78.56 2.33
N ALA N 123 -6.32 78.85 3.29
CA ALA N 123 -5.81 77.80 4.15
C ALA N 123 -6.93 77.16 4.96
N LEU N 124 -7.88 77.96 5.41
CA LEU N 124 -9.03 77.42 6.13
C LEU N 124 -9.82 76.46 5.26
N VAL N 125 -10.10 76.85 4.02
CA VAL N 125 -10.88 76.00 3.12
C VAL N 125 -10.13 74.70 2.84
N SER N 126 -8.82 74.80 2.58
CA SER N 126 -8.04 73.60 2.30
C SER N 126 -8.04 72.66 3.50
N GLY N 127 -7.82 73.21 4.70
CA GLY N 127 -7.82 72.38 5.89
C GLY N 127 -9.16 71.73 6.14
N THR N 128 -10.25 72.45 5.86
CA THR N 128 -11.58 71.84 5.98
C THR N 128 -11.77 70.73 4.96
N ALA N 129 -11.21 70.90 3.76
CA ALA N 129 -11.29 69.84 2.76
C ALA N 129 -10.53 68.60 3.21
N ARG N 130 -9.40 68.80 3.90
CA ARG N 130 -8.58 67.68 4.29
C ARG N 130 -9.04 67.03 5.60
N ASN N 131 -9.65 67.80 6.50
CA ASN N 131 -10.02 67.29 7.82
C ASN N 131 -11.22 68.06 8.33
N PRO N 132 -12.42 67.67 7.90
CA PRO N 132 -13.63 68.36 8.37
C PRO N 132 -13.91 68.18 9.85
N SER N 133 -13.40 67.13 10.48
CA SER N 133 -13.76 66.82 11.84
C SER N 133 -13.37 67.92 12.83
N ILE N 134 -12.44 68.80 12.45
CA ILE N 134 -12.03 69.88 13.34
C ILE N 134 -12.36 71.21 12.68
N LYS N 135 -13.43 71.20 11.87
CA LYS N 135 -13.83 72.42 11.17
C LYS N 135 -14.01 73.58 12.13
N GLU N 136 -14.81 73.39 13.17
CA GLU N 136 -15.04 74.46 14.14
C GLU N 136 -13.76 74.88 14.82
N ASP N 137 -12.77 73.99 14.89
CA ASP N 137 -11.50 74.34 15.52
C ASP N 137 -10.63 75.20 14.64
N LEU N 138 -10.87 75.22 13.32
CA LEU N 138 -10.10 76.06 12.42
C LEU N 138 -10.71 77.46 12.33
N PHE N 139 -12.02 77.54 12.13
CA PHE N 139 -12.70 78.82 12.02
C PHE N 139 -12.26 79.76 13.14
N THR N 140 -12.29 79.27 14.37
CA THR N 140 -11.83 80.02 15.53
C THR N 140 -10.50 80.73 15.26
N TYR N 141 -9.48 79.97 14.86
CA TYR N 141 -8.16 80.57 14.66
C TYR N 141 -8.21 81.67 13.61
N THR N 142 -9.00 81.47 12.56
CA THR N 142 -9.09 82.49 11.52
C THR N 142 -9.63 83.79 12.08
N LEU N 143 -10.58 83.70 13.01
CA LEU N 143 -11.08 84.91 13.64
C LEU N 143 -9.98 85.64 14.37
N ILE N 144 -9.09 84.90 15.04
CA ILE N 144 -7.97 85.54 15.71
C ILE N 144 -7.14 86.31 14.70
N GLY N 145 -6.98 85.76 13.51
CA GLY N 145 -6.27 86.48 12.46
C GLY N 145 -6.94 87.80 12.15
N MET N 146 -8.27 87.79 12.02
CA MET N 146 -8.99 89.04 11.82
C MET N 146 -8.70 90.02 12.94
N GLY N 147 -8.64 89.53 14.17
CA GLY N 147 -8.38 90.38 15.31
C GLY N 147 -7.12 91.19 15.17
N PHE N 148 -6.22 90.75 14.29
CA PHE N 148 -5.13 91.60 13.86
C PHE N 148 -5.48 92.33 12.58
N LEU N 149 -5.75 91.59 11.50
CA LEU N 149 -5.72 92.18 10.17
C LEU N 149 -6.73 93.31 10.05
N GLU N 150 -8.02 92.99 10.20
CA GLU N 150 -9.04 94.02 10.14
C GLU N 150 -8.71 95.17 11.07
N PHE N 151 -8.22 94.85 12.28
CA PHE N 151 -7.91 95.90 13.23
C PHE N 151 -6.85 96.85 12.65
N LEU N 152 -5.79 96.29 12.08
CA LEU N 152 -4.82 97.13 11.39
C LEU N 152 -5.52 97.95 10.32
N GLY N 153 -6.33 97.30 9.49
CA GLY N 153 -7.07 98.03 8.48
C GLY N 153 -7.88 99.15 9.09
N ILE N 154 -8.54 98.87 10.22
CA ILE N 154 -9.31 99.92 10.88
C ILE N 154 -8.40 101.10 11.19
N ILE N 155 -7.28 100.82 11.85
CA ILE N 155 -6.33 101.90 12.15
C ILE N 155 -6.00 102.65 10.88
N CYS N 156 -5.69 101.90 9.82
CA CYS N 156 -5.34 102.55 8.55
C CYS N 156 -6.45 103.50 8.13
N VAL N 157 -7.68 102.99 8.08
CA VAL N 157 -8.79 103.83 7.65
C VAL N 157 -8.93 105.03 8.58
N LEU N 158 -8.76 104.79 9.88
CA LEU N 158 -8.90 105.89 10.82
C LEU N 158 -7.87 106.97 10.52
N MET N 159 -6.64 106.55 10.19
CA MET N 159 -5.62 107.55 9.92
C MET N 159 -6.00 108.41 8.74
N SER N 160 -6.68 107.82 7.75
CA SER N 160 -7.15 108.63 6.63
C SER N 160 -8.01 109.78 7.12
N ALA N 161 -9.00 109.47 7.97
CA ALA N 161 -9.80 110.54 8.55
C ALA N 161 -8.95 111.50 9.36
N VAL N 162 -7.97 110.97 10.11
CA VAL N 162 -7.11 111.84 10.90
C VAL N 162 -6.30 112.73 9.98
N LEU N 163 -6.05 112.31 8.76
CA LEU N 163 -5.34 113.13 7.79
C LEU N 163 -6.28 113.97 6.94
N LEU N 164 -7.58 113.73 7.00
CA LEU N 164 -8.52 114.53 6.22
C LEU N 164 -8.94 115.80 6.94
N TYR N 165 -8.92 115.81 8.27
CA TYR N 165 -9.25 116.99 9.07
C TYR N 165 -8.21 117.19 10.15
N SER N 166 -6.94 117.12 9.77
CA SER N 166 -5.84 117.32 10.70
C SER N 166 -5.75 118.80 11.10
N ALA O 96 1.08 121.71 8.69
CA ALA O 96 1.82 120.45 8.68
C ALA O 96 1.46 119.61 7.46
N GLY O 97 1.80 120.12 6.27
CA GLY O 97 1.48 119.40 5.05
C GLY O 97 2.48 118.31 4.73
N VAL O 98 3.76 118.69 4.63
CA VAL O 98 4.79 117.70 4.32
C VAL O 98 4.87 116.65 5.42
N ALA O 99 4.60 117.05 6.66
CA ALA O 99 4.57 116.09 7.76
C ALA O 99 3.42 115.09 7.56
N SER O 100 2.25 115.59 7.14
CA SER O 100 1.13 114.70 6.89
C SER O 100 1.44 113.73 5.75
N LEU O 101 2.08 114.23 4.69
CA LEU O 101 2.46 113.33 3.61
C LEU O 101 3.45 112.28 4.08
N SER O 102 4.41 112.67 4.92
CA SER O 102 5.34 111.69 5.47
C SER O 102 4.62 110.64 6.29
N ALA O 103 3.68 111.07 7.13
CA ALA O 103 2.94 110.11 7.95
C ALA O 103 2.12 109.16 7.09
N ALA O 104 1.53 109.66 6.01
CA ALA O 104 0.78 108.80 5.12
C ALA O 104 1.70 107.80 4.43
N ILE O 105 2.82 108.27 3.90
CA ILE O 105 3.75 107.38 3.21
C ILE O 105 4.33 106.35 4.16
N ALA O 106 4.36 106.65 5.46
CA ALA O 106 4.90 105.72 6.42
C ALA O 106 4.11 104.43 6.50
N LEU O 107 2.84 104.44 6.10
CA LEU O 107 1.93 103.33 6.36
C LEU O 107 1.77 102.41 5.16
N MET O 108 2.82 102.24 4.37
CA MET O 108 2.81 101.22 3.31
C MET O 108 3.31 99.87 3.81
N SER O 109 4.17 99.88 4.83
CA SER O 109 4.70 98.64 5.36
C SER O 109 3.63 97.78 6.01
N VAL O 110 2.46 98.34 6.28
CA VAL O 110 1.38 97.58 6.89
C VAL O 110 0.95 96.43 5.99
N GLY O 111 1.09 96.60 4.67
CA GLY O 111 0.75 95.51 3.77
C GLY O 111 1.62 94.29 3.97
N GLY O 112 2.93 94.50 4.13
CA GLY O 112 3.81 93.37 4.39
C GLY O 112 3.54 92.73 5.74
N VAL O 113 3.19 93.55 6.73
CA VAL O 113 2.84 93.01 8.04
C VAL O 113 1.62 92.10 7.91
N ALA O 114 0.59 92.57 7.20
CA ALA O 114 -0.61 91.76 7.04
C ALA O 114 -0.32 90.50 6.23
N GLN O 115 0.56 90.59 5.24
CA GLN O 115 0.89 89.40 4.46
C GLN O 115 1.62 88.37 5.31
N GLY O 116 2.57 88.82 6.14
CA GLY O 116 3.24 87.89 7.03
C GLY O 116 2.28 87.27 8.03
N ILE O 117 1.35 88.07 8.56
CA ILE O 117 0.36 87.54 9.48
C ILE O 117 -0.49 86.48 8.80
N GLY O 118 -0.92 86.75 7.57
CA GLY O 118 -1.71 85.77 6.84
C GLY O 118 -0.93 84.50 6.57
N SER O 119 0.36 84.62 6.26
CA SER O 119 1.18 83.44 6.04
C SER O 119 1.26 82.60 7.31
N LEU O 120 1.52 83.26 8.45
CA LEU O 120 1.62 82.52 9.71
C LEU O 120 0.32 81.81 10.03
N PHE O 121 -0.80 82.52 9.92
CA PHE O 121 -2.06 81.91 10.31
C PHE O 121 -2.50 80.84 9.32
N ALA O 122 -2.13 80.97 8.05
CA ALA O 122 -2.38 79.91 7.09
C ALA O 122 -1.60 78.66 7.45
N ALA O 123 -0.31 78.82 7.76
CA ALA O 123 0.48 77.66 8.14
C ALA O 123 -0.05 77.02 9.41
N LEU O 124 -0.47 77.85 10.37
CA LEU O 124 -1.06 77.31 11.60
C LEU O 124 -2.33 76.53 11.32
N VAL O 125 -3.20 77.07 10.46
CA VAL O 125 -4.45 76.40 10.14
C VAL O 125 -4.19 75.09 9.44
N SER O 126 -3.23 75.06 8.52
CA SER O 126 -2.92 73.83 7.82
C SER O 126 -2.32 72.79 8.76
N GLY O 127 -1.38 73.21 9.61
CA GLY O 127 -0.81 72.27 10.56
C GLY O 127 -1.85 71.72 11.53
N THR O 128 -2.82 72.54 11.91
CA THR O 128 -3.89 72.06 12.76
C THR O 128 -4.80 71.11 12.02
N ALA O 129 -5.02 71.36 10.72
CA ALA O 129 -5.78 70.41 9.91
C ALA O 129 -5.05 69.09 9.79
N ARG O 130 -3.71 69.11 9.84
CA ARG O 130 -2.93 67.89 9.72
C ARG O 130 -2.88 67.13 11.03
N ASN O 131 -2.38 67.77 12.08
CA ASN O 131 -2.22 67.15 13.39
C ASN O 131 -2.80 68.07 14.45
N PRO O 132 -4.07 67.90 14.80
CA PRO O 132 -4.66 68.74 15.86
C PRO O 132 -3.99 68.55 17.22
N SER O 133 -3.39 67.39 17.46
CA SER O 133 -2.79 67.10 18.76
C SER O 133 -1.62 68.01 19.09
N ILE O 134 -1.14 68.80 18.14
CA ILE O 134 -0.05 69.74 18.38
C ILE O 134 -0.59 71.15 18.23
N LYS O 135 -1.85 71.35 18.59
CA LYS O 135 -2.47 72.66 18.51
C LYS O 135 -1.68 73.68 19.34
N GLU O 136 -1.71 73.49 20.67
CA GLU O 136 -1.25 74.54 21.56
C GLU O 136 0.21 74.88 21.31
N ASP O 137 1.06 73.86 21.19
CA ASP O 137 2.46 74.09 20.87
C ASP O 137 2.59 75.00 19.65
N LEU O 138 1.91 74.64 18.56
CA LEU O 138 1.98 75.48 17.36
C LEU O 138 1.54 76.89 17.68
N PHE O 139 0.43 77.04 18.42
CA PHE O 139 -0.05 78.36 18.78
C PHE O 139 1.07 79.16 19.43
N THR O 140 1.79 78.54 20.35
CA THR O 140 2.90 79.22 21.00
C THR O 140 3.84 79.82 19.96
N TYR O 141 4.36 78.97 19.07
CA TYR O 141 5.27 79.47 18.06
C TYR O 141 4.62 80.58 17.26
N THR O 142 3.36 80.40 16.90
CA THR O 142 2.67 81.42 16.11
C THR O 142 2.71 82.75 16.83
N LEU O 143 2.32 82.76 18.10
CA LEU O 143 2.26 84.02 18.83
C LEU O 143 3.63 84.68 18.83
N ILE O 144 4.69 83.87 18.97
CA ILE O 144 6.02 84.45 19.01
C ILE O 144 6.27 85.25 17.74
N GLY O 145 6.04 84.63 16.58
CA GLY O 145 6.24 85.36 15.35
C GLY O 145 5.35 86.59 15.28
N MET O 146 4.10 86.46 15.72
CA MET O 146 3.21 87.61 15.64
C MET O 146 3.77 88.77 16.44
N GLY O 147 4.39 88.48 17.58
CA GLY O 147 4.97 89.55 18.36
C GLY O 147 5.91 90.41 17.53
N PHE O 148 6.82 89.75 16.81
CA PHE O 148 7.73 90.50 15.95
C PHE O 148 6.95 91.38 15.00
N LEU O 149 6.02 90.79 14.27
CA LEU O 149 5.23 91.59 13.33
C LEU O 149 4.50 92.70 14.05
N GLU O 150 3.88 92.38 15.20
CA GLU O 150 3.18 93.42 15.94
C GLU O 150 4.13 94.55 16.28
N PHE O 151 5.33 94.21 16.76
CA PHE O 151 6.29 95.24 17.08
C PHE O 151 6.52 96.14 15.86
N LEU O 152 6.81 95.52 14.72
CA LEU O 152 7.01 96.31 13.51
C LEU O 152 5.82 97.21 13.25
N GLY O 153 4.62 96.66 13.34
CA GLY O 153 3.44 97.48 13.15
C GLY O 153 3.43 98.67 14.08
N ILE O 154 3.59 98.40 15.38
CA ILE O 154 3.57 99.48 16.36
C ILE O 154 4.63 100.50 15.99
N ILE O 155 5.79 100.02 15.54
CA ILE O 155 6.87 100.95 15.23
C ILE O 155 6.41 101.95 14.19
N CYS O 156 5.83 101.47 13.09
CA CYS O 156 5.44 102.41 12.05
C CYS O 156 4.39 103.37 12.59
N VAL O 157 3.47 102.87 13.41
CA VAL O 157 2.46 103.74 13.99
C VAL O 157 3.12 104.85 14.78
N LEU O 158 4.10 104.48 15.61
CA LEU O 158 4.83 105.50 16.35
C LEU O 158 5.43 106.52 15.41
N MET O 159 6.11 106.06 14.36
CA MET O 159 6.70 106.99 13.41
C MET O 159 5.62 107.86 12.78
N SER O 160 4.46 107.27 12.50
CA SER O 160 3.36 108.07 11.99
C SER O 160 3.09 109.24 12.91
N ALA O 161 2.91 108.96 14.20
CA ALA O 161 2.70 110.03 15.16
C ALA O 161 3.82 111.06 15.08
N VAL O 162 5.07 110.58 15.06
CA VAL O 162 6.19 111.48 14.91
C VAL O 162 6.03 112.30 13.63
N LEU O 163 5.80 111.62 12.51
CA LEU O 163 5.68 112.32 11.25
C LEU O 163 4.38 113.09 11.16
N LEU O 164 3.47 112.92 12.11
CA LEU O 164 2.27 113.74 12.17
C LEU O 164 2.50 115.03 12.94
N TYR O 165 3.52 115.08 13.78
CA TYR O 165 3.85 116.28 14.55
C TYR O 165 5.23 116.82 14.24
N SER O 166 6.26 115.99 14.34
CA SER O 166 7.62 116.42 14.05
C SER O 166 7.94 116.27 12.57
N ALA P 96 15.24 120.96 6.28
CA ALA P 96 13.86 121.40 6.40
C ALA P 96 12.95 120.22 6.70
N GLY P 97 11.64 120.47 6.72
CA GLY P 97 10.68 119.41 6.95
C GLY P 97 10.69 118.34 5.89
N VAL P 98 11.18 118.67 4.69
CA VAL P 98 11.22 117.68 3.61
C VAL P 98 12.03 116.47 4.01
N ALA P 99 13.03 116.64 4.87
CA ALA P 99 13.82 115.51 5.33
C ALA P 99 12.96 114.44 5.98
N SER P 100 11.85 114.84 6.60
CA SER P 100 10.96 113.87 7.21
C SER P 100 10.45 112.86 6.19
N LEU P 101 10.25 113.29 4.95
CA LEU P 101 9.85 112.35 3.91
C LEU P 101 10.86 111.22 3.76
N SER P 102 12.15 111.55 3.83
CA SER P 102 13.16 110.51 3.79
C SER P 102 12.93 109.47 4.87
N ALA P 103 12.56 109.92 6.07
CA ALA P 103 12.25 108.97 7.12
C ALA P 103 11.08 108.08 6.73
N ALA P 104 10.03 108.68 6.16
CA ALA P 104 8.89 107.89 5.71
C ALA P 104 9.27 106.97 4.56
N ILE P 105 10.37 107.25 3.87
CA ILE P 105 10.84 106.33 2.85
C ILE P 105 11.67 105.22 3.46
N ALA P 106 12.33 105.50 4.59
CA ALA P 106 13.19 104.50 5.21
C ALA P 106 12.40 103.38 5.84
N LEU P 107 11.12 103.60 6.10
CA LEU P 107 10.25 102.60 6.70
C LEU P 107 9.53 101.75 5.67
N MET P 108 9.83 101.93 4.38
CA MET P 108 9.23 101.08 3.35
C MET P 108 9.97 99.77 3.21
N SER P 109 11.23 99.70 3.63
CA SER P 109 11.92 98.42 3.72
C SER P 109 11.23 97.55 4.76
N VAL P 110 10.86 98.13 5.90
CA VAL P 110 9.90 97.48 6.77
C VAL P 110 8.64 97.21 5.97
N GLY P 111 8.01 96.08 6.23
CA GLY P 111 6.98 95.57 5.34
C GLY P 111 7.54 94.78 4.17
N GLY P 112 8.85 94.63 4.09
CA GLY P 112 9.46 93.61 3.27
C GLY P 112 10.12 92.59 4.16
N VAL P 113 10.63 93.07 5.30
CA VAL P 113 11.13 92.19 6.34
C VAL P 113 10.01 91.34 6.91
N ALA P 114 8.79 91.91 6.98
CA ALA P 114 7.68 91.19 7.57
C ALA P 114 7.34 89.94 6.77
N GLN P 115 7.43 90.02 5.44
CA GLN P 115 7.18 88.83 4.64
C GLN P 115 8.22 87.76 4.92
N GLY P 116 9.47 88.16 5.13
CA GLY P 116 10.51 87.18 5.43
C GLY P 116 10.26 86.50 6.76
N ILE P 117 9.95 87.29 7.79
CA ILE P 117 9.63 86.72 9.09
C ILE P 117 8.43 85.79 8.99
N GLY P 118 7.41 86.20 8.25
CA GLY P 118 6.23 85.36 8.11
C GLY P 118 6.53 84.05 7.43
N SER P 119 7.30 84.10 6.34
CA SER P 119 7.66 82.89 5.63
C SER P 119 8.48 81.96 6.52
N LEU P 120 9.44 82.51 7.25
CA LEU P 120 10.29 81.69 8.10
C LEU P 120 9.49 81.02 9.20
N PHE P 121 8.66 81.78 9.91
CA PHE P 121 7.90 81.20 11.01
C PHE P 121 6.79 80.28 10.50
N ALA P 122 6.29 80.52 9.29
CA ALA P 122 5.33 79.58 8.71
C ALA P 122 5.99 78.26 8.36
N ALA P 123 7.22 78.32 7.84
CA ALA P 123 7.97 77.09 7.61
C ALA P 123 8.23 76.36 8.91
N LEU P 124 8.53 77.11 9.98
CA LEU P 124 8.68 76.50 11.29
C LEU P 124 7.40 75.79 11.71
N VAL P 125 6.26 76.46 11.56
CA VAL P 125 4.98 75.87 11.95
C VAL P 125 4.71 74.59 11.16
N SER P 126 4.95 74.63 9.85
CA SER P 126 4.66 73.45 9.03
C SER P 126 5.60 72.30 9.37
N GLY P 127 6.89 72.58 9.51
CA GLY P 127 7.83 71.53 9.86
C GLY P 127 7.58 70.96 11.24
N THR P 128 7.01 71.76 12.13
CA THR P 128 6.65 71.26 13.45
C THR P 128 5.41 70.38 13.37
N ALA P 129 4.40 70.81 12.61
CA ALA P 129 3.19 70.00 12.45
C ALA P 129 3.50 68.68 11.78
N ARG P 130 4.47 68.66 10.87
CA ARG P 130 4.84 67.41 10.19
C ARG P 130 5.67 66.52 11.09
N ASN P 131 6.62 67.11 11.82
CA ASN P 131 7.58 66.35 12.63
C ASN P 131 7.80 67.08 13.95
N PRO P 132 6.87 66.94 14.88
CA PRO P 132 7.05 67.58 16.19
C PRO P 132 8.26 67.07 16.96
N SER P 133 8.72 65.85 16.66
CA SER P 133 9.75 65.22 17.47
C SER P 133 11.02 66.05 17.54
N ILE P 134 11.27 66.88 16.52
CA ILE P 134 12.49 67.66 16.43
C ILE P 134 12.21 69.15 16.66
N LYS P 135 11.10 69.47 17.32
CA LYS P 135 10.65 70.84 17.52
C LYS P 135 11.78 71.78 17.91
N GLU P 136 12.41 71.51 19.06
CA GLU P 136 13.38 72.43 19.61
C GLU P 136 14.59 72.64 18.71
N ASP P 137 14.81 71.80 17.71
CA ASP P 137 15.86 72.08 16.76
C ASP P 137 15.46 73.19 15.80
N LEU P 138 14.26 73.09 15.23
CA LEU P 138 13.84 74.06 14.22
C LEU P 138 13.81 75.47 14.80
N PHE P 139 13.31 75.60 16.03
CA PHE P 139 13.32 76.90 16.69
C PHE P 139 14.70 77.52 16.65
N THR P 140 15.73 76.72 16.95
CA THR P 140 17.09 77.25 16.94
C THR P 140 17.43 77.88 15.60
N TYR P 141 17.04 77.23 14.50
CA TYR P 141 17.37 77.78 13.19
C TYR P 141 16.70 79.12 12.99
N THR P 142 15.47 79.28 13.48
CA THR P 142 14.82 80.57 13.35
C THR P 142 15.57 81.64 14.13
N LEU P 143 16.16 81.27 15.27
CA LEU P 143 16.95 82.23 16.02
C LEU P 143 18.13 82.74 15.19
N ILE P 144 18.59 81.95 14.23
CA ILE P 144 19.61 82.42 13.31
C ILE P 144 19.01 83.36 12.29
N GLY P 145 17.85 83.02 11.73
CA GLY P 145 17.26 83.86 10.71
C GLY P 145 16.88 85.23 11.23
N MET P 146 16.19 85.26 12.37
CA MET P 146 15.89 86.52 13.03
C MET P 146 17.16 87.26 13.42
N GLY P 147 18.30 86.57 13.50
CA GLY P 147 19.56 87.24 13.74
C GLY P 147 19.93 88.23 12.65
N PHE P 148 19.36 88.06 11.45
CA PHE P 148 19.58 88.98 10.34
C PHE P 148 18.43 89.96 10.20
N LEU P 149 17.21 89.44 10.02
CA LEU P 149 16.06 90.30 9.71
C LEU P 149 15.83 91.31 10.81
N GLU P 150 15.89 90.88 12.07
CA GLU P 150 15.66 91.80 13.18
C GLU P 150 16.64 92.96 13.15
N PHE P 151 17.82 92.76 12.58
CA PHE P 151 18.72 93.88 12.34
C PHE P 151 18.27 94.69 11.13
N LEU P 152 18.08 94.02 9.99
CA LEU P 152 17.80 94.73 8.75
C LEU P 152 16.58 95.63 8.86
N GLY P 153 15.68 95.32 9.78
CA GLY P 153 14.58 96.21 10.05
C GLY P 153 15.04 97.44 10.80
N ILE P 154 15.57 97.22 12.01
CA ILE P 154 15.82 98.35 12.90
C ILE P 154 16.88 99.26 12.32
N ILE P 155 17.82 98.70 11.55
CA ILE P 155 18.80 99.53 10.84
C ILE P 155 18.08 100.63 10.06
N CYS P 156 17.13 100.24 9.22
CA CYS P 156 16.40 101.25 8.46
C CYS P 156 15.66 102.21 9.38
N VAL P 157 15.14 101.70 10.50
CA VAL P 157 14.48 102.58 11.45
C VAL P 157 15.47 103.61 11.99
N LEU P 158 16.72 103.18 12.22
CA LEU P 158 17.74 104.13 12.62
C LEU P 158 17.92 105.20 11.55
N MET P 159 17.93 104.79 10.29
CA MET P 159 17.99 105.77 9.21
C MET P 159 16.78 106.68 9.25
N SER P 160 15.62 106.14 9.61
CA SER P 160 14.43 106.97 9.72
C SER P 160 14.62 108.08 10.74
N ALA P 161 15.50 107.86 11.71
CA ALA P 161 15.94 108.93 12.60
C ALA P 161 17.09 109.73 11.98
N VAL P 162 18.08 109.04 11.41
CA VAL P 162 19.28 109.74 10.96
C VAL P 162 18.97 110.63 9.75
N LEU P 163 18.04 110.22 8.91
CA LEU P 163 17.57 111.05 7.80
C LEU P 163 16.36 111.87 8.17
N LEU P 164 16.12 112.08 9.47
CA LEU P 164 15.09 112.98 9.95
C LEU P 164 15.66 114.21 10.63
N TYR P 165 16.52 114.03 11.64
CA TYR P 165 17.20 115.15 12.29
C TYR P 165 18.54 115.45 11.63
N SER P 166 19.33 114.43 11.34
CA SER P 166 20.60 114.61 10.65
C SER P 166 21.51 115.54 11.43
N ALA Q 96 22.22 120.56 2.05
CA ALA Q 96 21.18 120.09 1.16
C ALA Q 96 20.57 118.77 1.66
N GLY Q 97 19.40 118.88 2.29
CA GLY Q 97 18.72 117.70 2.79
C GLY Q 97 18.22 116.77 1.70
N VAL Q 98 18.12 117.27 0.47
CA VAL Q 98 17.58 116.45 -0.63
C VAL Q 98 18.43 115.21 -0.83
N ALA Q 99 19.75 115.33 -0.68
CA ALA Q 99 20.62 114.18 -0.87
C ALA Q 99 20.33 113.08 0.14
N SER Q 100 19.68 113.40 1.25
CA SER Q 100 19.22 112.35 2.16
C SER Q 100 18.23 111.43 1.46
N LEU Q 101 17.26 112.01 0.75
CA LEU Q 101 16.18 111.24 0.16
C LEU Q 101 16.71 110.09 -0.69
N SER Q 102 17.62 110.39 -1.62
CA SER Q 102 18.20 109.35 -2.45
C SER Q 102 18.72 108.20 -1.60
N ALA Q 103 19.48 108.51 -0.55
CA ALA Q 103 20.01 107.45 0.29
C ALA Q 103 18.88 106.60 0.85
N ALA Q 104 17.83 107.25 1.37
CA ALA Q 104 16.71 106.50 1.91
C ALA Q 104 16.12 105.57 0.86
N ILE Q 105 16.08 106.02 -0.39
CA ILE Q 105 15.48 105.20 -1.44
C ILE Q 105 16.24 103.90 -1.57
N ALA Q 106 17.57 103.95 -1.47
CA ALA Q 106 18.34 102.72 -1.58
C ALA Q 106 17.93 101.71 -0.54
N LEU Q 107 17.56 102.17 0.65
CA LEU Q 107 17.21 101.26 1.72
C LEU Q 107 15.99 100.41 1.37
N MET Q 108 15.15 100.88 0.45
CA MET Q 108 14.01 100.05 0.06
C MET Q 108 14.47 98.70 -0.47
N SER Q 109 15.59 98.69 -1.20
CA SER Q 109 16.09 97.42 -1.72
C SER Q 109 16.34 96.42 -0.60
N VAL Q 110 16.80 96.91 0.55
CA VAL Q 110 17.10 96.01 1.66
C VAL Q 110 15.86 95.22 2.04
N GLY Q 111 14.69 95.85 1.99
CA GLY Q 111 13.47 95.12 2.26
C GLY Q 111 13.33 93.90 1.38
N GLY Q 112 13.49 94.09 0.07
CA GLY Q 112 13.44 92.94 -0.82
C GLY Q 112 14.44 91.87 -0.43
N VAL Q 113 15.66 92.29 -0.04
CA VAL Q 113 16.67 91.32 0.36
C VAL Q 113 16.14 90.46 1.50
N ALA Q 114 15.51 91.10 2.49
CA ALA Q 114 15.01 90.34 3.62
C ALA Q 114 14.07 89.24 3.16
N GLN Q 115 13.21 89.55 2.19
CA GLN Q 115 12.28 88.54 1.70
C GLN Q 115 13.04 87.30 1.26
N GLY Q 116 14.06 87.49 0.42
CA GLY Q 116 14.84 86.34 -0.03
C GLY Q 116 15.38 85.55 1.14
N ILE Q 117 15.97 86.26 2.11
CA ILE Q 117 16.54 85.59 3.26
C ILE Q 117 15.48 84.71 3.91
N GLY Q 118 14.29 85.26 4.14
CA GLY Q 118 13.25 84.46 4.76
C GLY Q 118 13.00 83.19 3.99
N SER Q 119 12.80 83.31 2.68
CA SER Q 119 12.54 82.12 1.88
C SER Q 119 13.66 81.12 2.04
N LEU Q 120 14.90 81.59 2.00
CA LEU Q 120 16.03 80.69 2.12
C LEU Q 120 15.96 79.92 3.42
N PHE Q 121 15.71 80.62 4.52
CA PHE Q 121 15.71 79.93 5.80
C PHE Q 121 14.54 78.98 5.89
N ALA Q 122 13.42 79.31 5.24
CA ALA Q 122 12.31 78.38 5.23
C ALA Q 122 12.74 77.06 4.61
N ALA Q 123 13.53 77.12 3.53
CA ALA Q 123 14.00 75.90 2.90
C ALA Q 123 14.80 75.06 3.86
N LEU Q 124 15.53 75.70 4.78
CA LEU Q 124 16.20 74.95 5.83
C LEU Q 124 15.19 74.39 6.81
N VAL Q 125 14.29 75.23 7.32
CA VAL Q 125 13.43 74.83 8.41
C VAL Q 125 12.46 73.76 7.96
N SER Q 126 12.08 73.76 6.68
CA SER Q 126 11.33 72.66 6.12
C SER Q 126 12.23 71.45 5.89
N GLY Q 127 13.40 71.67 5.29
CA GLY Q 127 14.28 70.56 4.99
C GLY Q 127 14.69 69.78 6.22
N THR Q 128 15.05 70.50 7.29
CA THR Q 128 15.39 69.82 8.54
C THR Q 128 14.22 69.01 9.07
N ALA Q 129 13.00 69.46 8.82
CA ALA Q 129 11.83 68.65 9.19
C ALA Q 129 11.59 67.53 8.20
N ARG Q 130 11.95 67.73 6.94
CA ARG Q 130 11.75 66.70 5.93
C ARG Q 130 12.84 65.66 5.95
N ASN Q 131 14.03 66.02 6.45
CA ASN Q 131 15.20 65.14 6.47
C ASN Q 131 16.10 65.56 7.61
N PRO Q 132 15.70 65.29 8.85
CA PRO Q 132 16.50 65.73 10.00
C PRO Q 132 17.79 64.96 10.19
N SER Q 133 18.14 64.05 9.28
CA SER Q 133 19.37 63.30 9.44
C SER Q 133 20.59 64.14 9.09
N ILE Q 134 20.48 65.01 8.09
CA ILE Q 134 21.65 65.70 7.57
C ILE Q 134 21.93 66.95 8.39
N LYS Q 135 21.06 67.95 8.29
CA LYS Q 135 21.10 69.19 9.05
C LYS Q 135 22.41 69.95 8.86
N GLU Q 136 23.26 69.54 7.93
CA GLU Q 136 24.60 70.09 7.81
C GLU Q 136 24.87 70.70 6.45
N ASP Q 137 24.61 69.96 5.37
CA ASP Q 137 24.81 70.52 4.03
C ASP Q 137 23.79 71.60 3.73
N LEU Q 138 22.58 71.44 4.26
CA LEU Q 138 21.57 72.49 4.12
C LEU Q 138 22.06 73.78 4.76
N PHE Q 139 22.71 73.67 5.92
CA PHE Q 139 23.26 74.86 6.57
C PHE Q 139 24.37 75.48 5.71
N THR Q 140 25.16 74.63 5.04
CA THR Q 140 26.22 75.15 4.17
C THR Q 140 25.64 75.96 3.03
N TYR Q 141 24.65 75.41 2.32
CA TYR Q 141 24.05 76.14 1.22
C TYR Q 141 23.33 77.40 1.72
N THR Q 142 22.71 77.30 2.89
CA THR Q 142 22.08 78.46 3.50
C THR Q 142 23.10 79.56 3.75
N LEU Q 143 24.27 79.19 4.27
CA LEU Q 143 25.30 80.18 4.57
C LEU Q 143 25.84 80.80 3.28
N ILE Q 144 25.95 80.02 2.22
CA ILE Q 144 26.40 80.57 0.94
C ILE Q 144 25.41 81.62 0.45
N GLY Q 145 24.13 81.25 0.39
CA GLY Q 145 23.12 82.20 -0.04
C GLY Q 145 23.08 83.43 0.84
N MET Q 146 23.25 83.24 2.15
CA MET Q 146 23.23 84.38 3.06
C MET Q 146 24.44 85.27 2.87
N GLY Q 147 25.59 84.69 2.49
CA GLY Q 147 26.74 85.51 2.15
C GLY Q 147 26.46 86.40 0.96
N PHE Q 148 25.87 85.81 -0.10
CA PHE Q 148 25.53 86.61 -1.26
C PHE Q 148 24.55 87.73 -0.91
N LEU Q 149 23.48 87.39 -0.18
CA LEU Q 149 22.46 88.38 0.12
C LEU Q 149 22.97 89.44 1.09
N GLU Q 150 23.84 89.07 2.02
CA GLU Q 150 24.41 90.05 2.92
C GLU Q 150 25.36 90.99 2.18
N PHE Q 151 26.12 90.47 1.22
CA PHE Q 151 26.93 91.33 0.38
C PHE Q 151 26.05 92.33 -0.37
N LEU Q 152 24.93 91.87 -0.93
CA LEU Q 152 24.03 92.77 -1.63
C LEU Q 152 23.50 93.87 -0.71
N GLY Q 153 22.98 93.47 0.45
CA GLY Q 153 22.48 94.45 1.40
C GLY Q 153 23.54 95.41 1.87
N ILE Q 154 24.78 94.93 2.01
CA ILE Q 154 25.86 95.78 2.50
C ILE Q 154 26.24 96.81 1.45
N ILE Q 155 26.29 96.41 0.17
CA ILE Q 155 26.60 97.40 -0.85
C ILE Q 155 25.46 98.39 -1.00
N CYS Q 156 24.22 97.96 -0.76
CA CYS Q 156 23.10 98.90 -0.77
C CYS Q 156 23.25 99.93 0.35
N VAL Q 157 23.57 99.47 1.56
CA VAL Q 157 23.77 100.38 2.68
C VAL Q 157 24.93 101.33 2.40
N LEU Q 158 26.02 100.81 1.83
CA LEU Q 158 27.17 101.65 1.55
C LEU Q 158 26.83 102.73 0.52
N MET Q 159 26.10 102.35 -0.53
CA MET Q 159 25.68 103.34 -1.52
C MET Q 159 24.74 104.37 -0.89
N SER Q 160 23.90 103.93 0.05
CA SER Q 160 23.03 104.87 0.75
C SER Q 160 23.85 105.89 1.52
N ALA Q 161 24.84 105.42 2.29
CA ALA Q 161 25.69 106.35 3.04
C ALA Q 161 26.46 107.27 2.11
N VAL Q 162 26.89 106.75 0.97
CA VAL Q 162 27.64 107.55 0.00
C VAL Q 162 26.76 108.67 -0.52
N LEU Q 163 25.56 108.34 -0.98
CA LEU Q 163 24.64 109.35 -1.47
C LEU Q 163 24.20 110.30 -0.36
N LEU Q 164 24.26 109.87 0.89
CA LEU Q 164 23.99 110.77 2.00
C LEU Q 164 25.09 111.82 2.11
N TYR Q 165 26.32 111.39 2.38
CA TYR Q 165 27.42 112.34 2.54
C TYR Q 165 27.96 112.79 1.19
N SER Q 166 28.51 111.85 0.42
CA SER Q 166 29.03 112.16 -0.91
C SER Q 166 30.17 113.18 -0.83
N ALA R 96 18.63 119.99 -7.43
CA ALA R 96 19.91 120.11 -8.11
C ALA R 96 20.61 118.75 -8.16
N GLY R 97 20.49 117.98 -7.08
CA GLY R 97 21.09 116.67 -7.01
C GLY R 97 20.23 115.59 -7.64
N VAL R 98 20.13 115.60 -8.96
CA VAL R 98 19.30 114.63 -9.66
C VAL R 98 20.05 113.33 -9.92
N ALA R 99 21.38 113.39 -10.00
CA ALA R 99 22.16 112.18 -10.25
C ALA R 99 22.03 111.19 -9.11
N SER R 100 22.00 111.69 -7.87
CA SER R 100 21.80 110.82 -6.72
C SER R 100 20.43 110.15 -6.78
N LEU R 101 19.40 110.91 -7.14
CA LEU R 101 18.07 110.35 -7.29
C LEU R 101 18.07 109.24 -8.33
N SER R 102 18.72 109.49 -9.48
CA SER R 102 18.75 108.48 -10.53
C SER R 102 19.49 107.23 -10.07
N ALA R 103 20.60 107.41 -9.37
CA ALA R 103 21.36 106.26 -8.87
C ALA R 103 20.53 105.44 -7.90
N ALA R 104 19.88 106.11 -6.94
CA ALA R 104 19.07 105.39 -5.96
C ALA R 104 17.89 104.70 -6.62
N ILE R 105 17.33 105.30 -7.67
CA ILE R 105 16.19 104.68 -8.35
C ILE R 105 16.64 103.49 -9.18
N ALA R 106 17.86 103.55 -9.72
CA ALA R 106 18.37 102.42 -10.49
C ALA R 106 18.80 101.26 -9.60
N LEU R 107 19.24 101.56 -8.38
CA LEU R 107 19.72 100.49 -7.49
C LEU R 107 18.60 99.56 -7.02
N MET R 108 17.34 99.95 -7.18
CA MET R 108 16.22 99.28 -6.51
C MET R 108 15.92 97.89 -7.07
N SER R 109 16.60 97.44 -8.13
CA SER R 109 16.38 96.09 -8.65
C SER R 109 17.06 95.02 -7.80
N VAL R 110 17.84 95.42 -6.81
CA VAL R 110 18.49 94.45 -5.93
C VAL R 110 17.45 93.64 -5.17
N GLY R 111 16.27 94.22 -4.93
CA GLY R 111 15.21 93.47 -4.29
C GLY R 111 14.79 92.26 -5.10
N GLY R 112 14.51 92.47 -6.38
CA GLY R 112 14.15 91.35 -7.24
C GLY R 112 15.30 90.37 -7.41
N VAL R 113 16.53 90.89 -7.50
CA VAL R 113 17.68 90.00 -7.62
C VAL R 113 17.78 89.09 -6.39
N ALA R 114 17.60 89.66 -5.20
CA ALA R 114 17.71 88.87 -3.98
C ALA R 114 16.54 87.90 -3.85
N GLN R 115 15.35 88.30 -4.26
CA GLN R 115 14.22 87.38 -4.27
C GLN R 115 14.52 86.18 -5.16
N GLY R 116 15.05 86.43 -6.36
CA GLY R 116 15.41 85.32 -7.24
C GLY R 116 16.47 84.42 -6.64
N ILE R 117 17.50 85.02 -6.04
CA ILE R 117 18.57 84.22 -5.44
C ILE R 117 18.03 83.36 -4.31
N GLY R 118 17.15 83.94 -3.48
CA GLY R 118 16.59 83.18 -2.39
C GLY R 118 15.72 82.03 -2.85
N SER R 119 14.88 82.28 -3.86
CA SER R 119 14.07 81.19 -4.40
C SER R 119 14.95 80.09 -4.98
N LEU R 120 16.02 80.47 -5.68
CA LEU R 120 16.92 79.49 -6.27
C LEU R 120 17.56 78.62 -5.19
N PHE R 121 18.15 79.25 -4.19
CA PHE R 121 18.83 78.46 -3.16
C PHE R 121 17.84 77.69 -2.30
N ALA R 122 16.60 78.16 -2.18
CA ALA R 122 15.59 77.38 -1.48
C ALA R 122 15.27 76.12 -2.25
N ALA R 123 15.11 76.23 -3.57
CA ALA R 123 14.92 75.03 -4.38
C ALA R 123 16.11 74.10 -4.26
N LEU R 124 17.32 74.65 -4.22
CA LEU R 124 18.50 73.83 -4.03
C LEU R 124 18.43 73.05 -2.71
N VAL R 125 18.12 73.75 -1.63
CA VAL R 125 18.10 73.11 -0.31
C VAL R 125 17.02 72.04 -0.26
N SER R 126 15.85 72.31 -0.83
CA SER R 126 14.78 71.32 -0.82
C SER R 126 15.16 70.09 -1.65
N GLY R 127 15.70 70.30 -2.85
CA GLY R 127 16.12 69.18 -3.66
C GLY R 127 17.22 68.38 -3.02
N THR R 128 18.06 69.02 -2.21
CA THR R 128 19.10 68.29 -1.49
C THR R 128 18.53 67.51 -0.32
N ALA R 129 17.53 68.08 0.35
CA ALA R 129 16.87 67.34 1.43
C ALA R 129 16.13 66.14 0.89
N ARG R 130 15.59 66.23 -0.32
CA ARG R 130 14.91 65.08 -0.91
C ARG R 130 15.93 64.07 -1.44
N ASN R 131 16.76 64.49 -2.39
CA ASN R 131 17.74 63.64 -3.02
C ASN R 131 19.14 64.06 -2.59
N PRO R 132 19.59 63.62 -1.41
CA PRO R 132 20.92 64.05 -0.93
C PRO R 132 22.08 63.49 -1.72
N SER R 133 21.88 62.43 -2.51
CA SER R 133 22.95 61.89 -3.33
C SER R 133 23.20 62.68 -4.60
N ILE R 134 22.40 63.72 -4.85
CA ILE R 134 22.54 64.57 -6.04
C ILE R 134 22.69 65.99 -5.53
N LYS R 135 23.94 66.43 -5.38
CA LYS R 135 24.24 67.76 -4.88
C LYS R 135 25.13 68.52 -5.83
N GLU R 136 25.96 67.80 -6.58
CA GLU R 136 26.90 68.46 -7.48
C GLU R 136 26.19 69.06 -8.69
N ASP R 137 25.23 68.32 -9.27
CA ASP R 137 24.49 68.85 -10.41
C ASP R 137 23.58 69.99 -9.98
N LEU R 138 22.92 69.84 -8.83
CA LEU R 138 22.09 70.92 -8.32
C LEU R 138 22.93 72.15 -8.02
N PHE R 139 24.09 71.96 -7.41
CA PHE R 139 24.98 73.08 -7.12
C PHE R 139 25.45 73.73 -8.42
N THR R 140 25.68 72.94 -9.45
CA THR R 140 26.11 73.49 -10.74
C THR R 140 25.02 74.37 -11.34
N TYR R 141 23.79 73.87 -11.36
CA TYR R 141 22.69 74.67 -11.91
C TYR R 141 22.44 75.92 -11.06
N THR R 142 22.57 75.79 -9.74
CA THR R 142 22.45 76.95 -8.87
C THR R 142 23.56 77.96 -9.14
N LEU R 143 24.76 77.48 -9.45
CA LEU R 143 25.85 78.40 -9.78
C LEU R 143 25.59 79.11 -11.09
N ILE R 144 25.01 78.42 -12.07
CA ILE R 144 24.65 79.07 -13.33
C ILE R 144 23.64 80.18 -13.09
N GLY R 145 22.58 79.85 -12.36
CA GLY R 145 21.57 80.87 -12.06
C GLY R 145 22.13 82.03 -11.28
N MET R 146 22.96 81.74 -10.28
CA MET R 146 23.59 82.79 -9.50
C MET R 146 24.51 83.64 -10.36
N GLY R 147 25.15 83.04 -11.37
CA GLY R 147 25.98 83.82 -12.26
C GLY R 147 25.17 84.80 -13.07
N PHE R 148 24.04 84.34 -13.62
CA PHE R 148 23.15 85.25 -14.35
C PHE R 148 22.67 86.38 -13.44
N LEU R 149 22.23 86.03 -12.24
CA LEU R 149 21.66 87.03 -11.34
C LEU R 149 22.71 88.03 -10.86
N GLU R 150 23.90 87.55 -10.54
CA GLU R 150 24.98 88.44 -10.16
C GLU R 150 25.39 89.32 -11.32
N PHE R 151 25.32 88.81 -12.55
CA PHE R 151 25.59 89.65 -13.71
C PHE R 151 24.59 90.80 -13.78
N LEU R 152 23.31 90.50 -13.60
CA LEU R 152 22.30 91.57 -13.61
C LEU R 152 22.54 92.57 -12.49
N GLY R 153 22.88 92.07 -11.30
CA GLY R 153 23.13 92.96 -10.17
C GLY R 153 24.33 93.86 -10.40
N ILE R 154 25.43 93.30 -10.90
CA ILE R 154 26.59 94.12 -11.19
C ILE R 154 26.30 95.10 -12.32
N ILE R 155 25.43 94.73 -13.26
CA ILE R 155 25.02 95.66 -14.30
C ILE R 155 24.33 96.86 -13.68
N CYS R 156 23.35 96.61 -12.81
CA CYS R 156 22.60 97.72 -12.24
C CYS R 156 23.47 98.57 -11.32
N VAL R 157 24.40 97.95 -10.59
CA VAL R 157 25.32 98.72 -9.75
C VAL R 157 26.24 99.58 -10.59
N LEU R 158 26.75 99.03 -11.70
CA LEU R 158 27.60 99.83 -12.59
C LEU R 158 26.83 101.00 -13.19
N MET R 159 25.59 100.76 -13.60
CA MET R 159 24.80 101.87 -14.14
C MET R 159 24.51 102.91 -13.06
N SER R 160 24.32 102.48 -11.82
CA SER R 160 24.13 103.44 -10.73
C SER R 160 25.37 104.30 -10.55
N ALA R 161 26.55 103.67 -10.56
CA ALA R 161 27.78 104.43 -10.43
C ALA R 161 27.98 105.38 -11.60
N VAL R 162 27.60 104.95 -12.80
CA VAL R 162 27.73 105.80 -13.98
C VAL R 162 26.82 107.01 -13.87
N LEU R 163 25.55 106.79 -13.52
CA LEU R 163 24.61 107.88 -13.39
C LEU R 163 25.00 108.82 -12.24
N LEU R 164 25.69 108.30 -11.23
CA LEU R 164 26.10 109.14 -10.12
C LEU R 164 27.30 110.01 -10.49
N TYR R 165 28.25 109.45 -11.23
CA TYR R 165 29.46 110.17 -11.59
C TYR R 165 29.59 110.27 -13.10
N SER R 166 28.49 110.65 -13.76
CA SER R 166 28.49 110.78 -15.21
C SER R 166 29.40 111.92 -15.65
N ALA S 96 23.13 115.37 -16.69
CA ALA S 96 22.67 115.57 -15.33
C ALA S 96 21.29 116.23 -15.32
N GLY S 97 20.31 115.55 -15.92
CA GLY S 97 18.96 116.06 -15.98
C GLY S 97 17.93 114.95 -15.95
N VAL S 98 16.95 115.03 -16.86
CA VAL S 98 15.87 114.05 -16.87
C VAL S 98 16.30 112.75 -17.53
N ALA S 99 17.30 112.80 -18.41
CA ALA S 99 17.76 111.60 -19.09
C ALA S 99 18.28 110.58 -18.08
N SER S 100 19.01 111.04 -17.07
CA SER S 100 19.51 110.14 -16.04
C SER S 100 18.36 109.50 -15.27
N LEU S 101 17.34 110.30 -14.93
CA LEU S 101 16.19 109.76 -14.22
C LEU S 101 15.51 108.68 -15.05
N SER S 102 15.35 108.91 -16.35
CA SER S 102 14.69 107.93 -17.19
C SER S 102 15.53 106.67 -17.33
N ALA S 103 16.83 106.82 -17.55
CA ALA S 103 17.71 105.65 -17.66
C ALA S 103 17.77 104.87 -16.36
N ALA S 104 17.52 105.53 -15.23
CA ALA S 104 17.45 104.80 -13.97
C ALA S 104 16.11 104.09 -13.82
N ILE S 105 15.02 104.75 -14.20
CA ILE S 105 13.70 104.15 -14.06
C ILE S 105 13.56 102.95 -14.98
N ALA S 106 14.31 102.93 -16.09
CA ALA S 106 14.27 101.78 -16.98
C ALA S 106 14.80 100.51 -16.32
N LEU S 107 15.61 100.64 -15.28
CA LEU S 107 16.25 99.49 -14.65
C LEU S 107 15.36 98.74 -13.67
N MET S 108 14.12 99.19 -13.48
CA MET S 108 13.22 98.52 -12.54
C MET S 108 12.79 97.14 -13.01
N SER S 109 12.91 96.87 -14.31
CA SER S 109 12.50 95.58 -14.86
C SER S 109 13.49 94.46 -14.56
N VAL S 110 14.73 94.81 -14.20
CA VAL S 110 15.73 93.79 -13.94
C VAL S 110 15.33 92.93 -12.76
N GLY S 111 14.59 93.48 -11.80
CA GLY S 111 14.09 92.67 -10.71
C GLY S 111 13.16 91.58 -11.17
N GLY S 112 12.20 91.94 -12.03
CA GLY S 112 11.30 90.93 -12.57
C GLY S 112 12.02 89.89 -13.40
N VAL S 113 13.00 90.34 -14.20
CA VAL S 113 13.76 89.39 -15.02
C VAL S 113 14.53 88.43 -14.12
N ALA S 114 15.09 88.94 -13.03
CA ALA S 114 15.82 88.09 -12.10
C ALA S 114 14.90 87.10 -11.40
N GLN S 115 13.71 87.55 -11.02
CA GLN S 115 12.74 86.64 -10.43
C GLN S 115 12.36 85.54 -11.40
N GLY S 116 12.18 85.88 -12.67
CA GLY S 116 11.86 84.86 -13.66
C GLY S 116 12.98 83.86 -13.83
N ILE S 117 14.22 84.34 -13.87
CA ILE S 117 15.36 83.43 -14.01
C ILE S 117 15.47 82.53 -12.78
N GLY S 118 15.23 83.09 -11.60
CA GLY S 118 15.25 82.28 -10.39
C GLY S 118 14.19 81.21 -10.40
N SER S 119 12.97 81.54 -10.84
CA SER S 119 11.92 80.54 -10.95
C SER S 119 12.31 79.45 -11.94
N LEU S 120 12.85 79.84 -13.09
CA LEU S 120 13.31 78.87 -14.08
C LEU S 120 14.28 77.87 -13.45
N PHE S 121 15.38 78.37 -12.89
CA PHE S 121 16.41 77.47 -12.41
C PHE S 121 16.01 76.74 -11.14
N ALA S 122 15.10 77.29 -10.34
CA ALA S 122 14.56 76.54 -9.22
C ALA S 122 13.73 75.35 -9.71
N ALA S 123 12.94 75.55 -10.76
CA ALA S 123 12.19 74.44 -11.34
C ALA S 123 13.13 73.40 -11.93
N LEU S 124 14.20 73.86 -12.57
CA LEU S 124 15.20 72.92 -13.09
C LEU S 124 15.81 72.10 -11.96
N VAL S 125 16.17 72.75 -10.86
CA VAL S 125 16.78 72.04 -9.74
C VAL S 125 15.80 71.04 -9.15
N SER S 126 14.54 71.44 -8.99
CA SER S 126 13.54 70.53 -8.43
C SER S 126 13.32 69.33 -9.34
N GLY S 127 13.20 69.56 -10.64
CA GLY S 127 13.05 68.47 -11.57
C GLY S 127 14.24 67.54 -11.58
N THR S 128 15.44 68.09 -11.40
CA THR S 128 16.63 67.25 -11.32
C THR S 128 16.60 66.39 -10.07
N ALA S 129 16.26 66.99 -8.92
CA ALA S 129 16.20 66.22 -7.68
C ALA S 129 15.11 65.15 -7.74
N ARG S 130 14.05 65.41 -8.48
CA ARG S 130 12.96 64.45 -8.61
C ARG S 130 13.34 63.30 -9.54
N ASN S 131 13.72 63.62 -10.78
CA ASN S 131 14.06 62.63 -11.80
C ASN S 131 15.35 63.07 -12.48
N PRO S 132 16.50 62.69 -11.93
CA PRO S 132 17.77 63.05 -12.57
C PRO S 132 17.94 62.53 -13.98
N SER S 133 17.25 61.44 -14.33
CA SER S 133 17.51 60.73 -15.57
C SER S 133 17.11 61.51 -16.82
N ILE S 134 16.60 62.73 -16.69
CA ILE S 134 16.29 63.56 -17.85
C ILE S 134 16.95 64.92 -17.70
N LYS S 135 18.05 64.97 -16.96
CA LYS S 135 18.76 66.23 -16.76
C LYS S 135 19.05 66.93 -18.08
N GLU S 136 19.73 66.23 -18.99
CA GLU S 136 20.08 66.81 -20.28
C GLU S 136 18.86 67.33 -21.03
N ASP S 137 17.68 66.80 -20.74
CA ASP S 137 16.47 67.35 -21.35
C ASP S 137 16.10 68.67 -20.71
N LEU S 138 15.97 68.70 -19.38
CA LEU S 138 15.45 69.88 -18.70
C LEU S 138 16.31 71.09 -19.00
N PHE S 139 17.63 70.95 -18.83
CA PHE S 139 18.54 72.04 -19.15
C PHE S 139 18.24 72.62 -20.53
N THR S 140 18.01 71.75 -21.51
CA THR S 140 17.67 72.22 -22.84
C THR S 140 16.51 73.20 -22.79
N TYR S 141 15.37 72.76 -22.24
CA TYR S 141 14.22 73.65 -22.15
C TYR S 141 14.58 74.92 -21.39
N THR S 142 15.38 74.78 -20.33
CA THR S 142 15.75 75.96 -19.55
C THR S 142 16.44 76.98 -20.44
N LEU S 143 17.34 76.52 -21.30
CA LEU S 143 18.05 77.46 -22.17
C LEU S 143 17.07 78.21 -23.06
N ILE S 144 16.05 77.52 -23.55
CA ILE S 144 15.05 78.18 -24.39
C ILE S 144 14.41 79.33 -23.61
N GLY S 145 14.09 79.10 -22.34
CA GLY S 145 13.54 80.18 -21.55
C GLY S 145 14.49 81.36 -21.48
N MET S 146 15.77 81.09 -21.23
CA MET S 146 16.74 82.19 -21.20
C MET S 146 16.73 82.95 -22.53
N GLY S 147 16.55 82.23 -23.64
CA GLY S 147 16.52 82.83 -24.94
C GLY S 147 15.55 83.98 -25.05
N PHE S 148 14.57 84.01 -24.14
CA PHE S 148 13.72 85.19 -23.97
C PHE S 148 14.21 86.07 -22.81
N LEU S 149 14.28 85.50 -21.61
CA LEU S 149 14.30 86.33 -20.40
C LEU S 149 15.52 87.23 -20.38
N GLU S 150 16.72 86.65 -20.42
CA GLU S 150 17.92 87.46 -20.48
C GLU S 150 17.82 88.48 -21.62
N PHE S 151 17.40 88.02 -22.80
CA PHE S 151 17.29 88.93 -23.93
C PHE S 151 16.36 90.09 -23.59
N LEU S 152 15.21 89.78 -22.99
CA LEU S 152 14.29 90.85 -22.61
C LEU S 152 14.98 91.85 -21.70
N GLY S 153 15.69 91.35 -20.68
CA GLY S 153 16.40 92.26 -19.79
C GLY S 153 17.36 93.13 -20.57
N ILE S 154 18.11 92.53 -21.49
CA ILE S 154 19.10 93.29 -22.25
C ILE S 154 18.41 94.42 -22.99
N ILE S 155 17.22 94.15 -23.52
CA ILE S 155 16.49 95.20 -24.23
C ILE S 155 16.37 96.43 -23.34
N CYS S 156 15.84 96.23 -22.13
CA CYS S 156 15.68 97.37 -21.23
C CYS S 156 17.01 98.05 -20.98
N VAL S 157 18.06 97.28 -20.75
CA VAL S 157 19.37 97.87 -20.51
C VAL S 157 19.78 98.73 -21.69
N LEU S 158 19.64 98.21 -22.90
CA LEU S 158 19.95 99.01 -24.07
C LEU S 158 19.09 100.26 -24.10
N MET S 159 17.79 100.11 -23.86
CA MET S 159 16.92 101.27 -23.90
C MET S 159 17.29 102.26 -22.81
N SER S 160 17.86 101.78 -21.71
CA SER S 160 18.32 102.71 -20.68
C SER S 160 19.36 103.67 -21.25
N ALA S 161 20.33 103.13 -21.98
CA ALA S 161 21.31 104.00 -22.63
C ALA S 161 20.61 104.91 -23.64
N VAL S 162 19.59 104.40 -24.32
CA VAL S 162 18.86 105.24 -25.27
C VAL S 162 18.16 106.37 -24.54
N LEU S 163 17.77 106.14 -23.29
CA LEU S 163 17.18 107.19 -22.47
C LEU S 163 18.22 108.06 -21.78
N LEU S 164 19.49 107.66 -21.79
CA LEU S 164 20.55 108.45 -21.20
C LEU S 164 21.19 109.41 -22.20
N TYR S 165 21.04 109.18 -23.50
CA TYR S 165 21.58 110.06 -24.53
C TYR S 165 20.53 110.32 -25.61
N SER S 166 19.27 110.41 -25.22
CA SER S 166 18.20 110.68 -26.17
C SER S 166 18.35 112.08 -26.74
N ALA T 96 11.38 117.86 -24.54
CA ALA T 96 11.67 116.48 -24.90
C ALA T 96 12.19 115.70 -23.70
N GLY T 97 11.74 116.10 -22.51
CA GLY T 97 12.19 115.48 -21.28
C GLY T 97 11.17 114.52 -20.70
N VAL T 98 9.89 114.81 -20.94
CA VAL T 98 8.82 113.98 -20.39
C VAL T 98 8.67 112.69 -21.18
N ALA T 99 9.03 112.69 -22.46
CA ALA T 99 8.89 111.49 -23.27
C ALA T 99 9.81 110.37 -22.78
N SER T 100 11.05 110.72 -22.44
CA SER T 100 11.98 109.70 -21.94
C SER T 100 11.46 109.10 -20.64
N LEU T 101 10.95 109.93 -19.74
CA LEU T 101 10.39 109.41 -18.50
C LEU T 101 9.17 108.53 -18.77
N SER T 102 8.36 108.90 -19.76
CA SER T 102 7.21 108.08 -20.10
C SER T 102 7.64 106.71 -20.60
N ALA T 103 8.67 106.66 -21.44
CA ALA T 103 9.15 105.37 -21.93
C ALA T 103 9.74 104.54 -20.80
N ALA T 104 10.52 105.17 -19.92
CA ALA T 104 11.11 104.44 -18.81
C ALA T 104 10.03 103.89 -17.89
N ILE T 105 8.94 104.65 -17.71
CA ILE T 105 7.84 104.17 -16.89
C ILE T 105 7.10 103.03 -17.58
N ALA T 106 7.00 103.10 -18.92
CA ALA T 106 6.34 102.03 -19.66
C ALA T 106 7.16 100.74 -19.67
N LEU T 107 8.46 100.83 -19.42
CA LEU T 107 9.30 99.64 -19.47
C LEU T 107 9.04 98.66 -18.32
N MET T 108 8.14 98.95 -17.38
CA MET T 108 7.94 98.06 -16.24
C MET T 108 7.31 96.74 -16.66
N SER T 109 6.46 96.78 -17.69
CA SER T 109 5.78 95.57 -18.11
C SER T 109 6.76 94.53 -18.64
N VAL T 110 7.97 94.94 -19.04
CA VAL T 110 8.98 93.97 -19.44
C VAL T 110 9.30 93.02 -18.29
N GLY T 111 9.63 93.57 -17.12
CA GLY T 111 9.86 92.72 -15.96
C GLY T 111 8.60 92.02 -15.51
N GLY T 112 7.45 92.68 -15.66
CA GLY T 112 6.21 92.02 -15.30
C GLY T 112 5.88 90.86 -16.21
N VAL T 113 6.46 90.81 -17.40
CA VAL T 113 6.20 89.74 -18.35
C VAL T 113 7.21 88.63 -18.20
N ALA T 114 8.48 89.01 -17.98
CA ALA T 114 9.50 88.02 -17.65
C ALA T 114 9.07 87.20 -16.45
N GLN T 115 8.49 87.87 -15.44
CA GLN T 115 7.65 87.17 -14.48
C GLN T 115 6.38 86.72 -15.20
N GLY T 116 6.21 85.42 -15.32
CA GLY T 116 5.14 84.84 -16.11
C GLY T 116 5.70 83.97 -17.22
N ILE T 117 6.69 84.47 -17.97
CA ILE T 117 7.45 83.57 -18.82
C ILE T 117 8.23 82.59 -17.96
N GLY T 118 8.83 83.07 -16.88
CA GLY T 118 9.54 82.18 -15.98
C GLY T 118 8.64 81.13 -15.38
N SER T 119 7.43 81.53 -14.97
CA SER T 119 6.49 80.56 -14.40
C SER T 119 6.05 79.54 -15.44
N LEU T 120 5.80 79.99 -16.67
CA LEU T 120 5.41 79.06 -17.73
C LEU T 120 6.49 78.02 -17.96
N PHE T 121 7.74 78.45 -18.10
CA PHE T 121 8.80 77.48 -18.38
C PHE T 121 9.12 76.63 -17.17
N ALA T 122 8.94 77.15 -15.96
CA ALA T 122 9.07 76.32 -14.76
C ALA T 122 8.04 75.21 -14.76
N ALA T 123 6.80 75.53 -15.15
CA ALA T 123 5.76 74.52 -15.23
C ALA T 123 6.10 73.48 -16.29
N LEU T 124 6.64 73.93 -17.43
CA LEU T 124 7.07 72.99 -18.45
C LEU T 124 8.13 72.04 -17.90
N VAL T 125 9.11 72.57 -17.18
CA VAL T 125 10.18 71.74 -16.63
C VAL T 125 9.61 70.72 -15.64
N SER T 126 8.74 71.18 -14.74
CA SER T 126 8.17 70.28 -13.76
C SER T 126 7.31 69.21 -14.42
N GLY T 127 6.57 69.57 -15.47
CA GLY T 127 5.79 68.58 -16.18
C GLY T 127 6.66 67.55 -16.88
N THR T 128 7.77 67.98 -17.46
CA THR T 128 8.69 67.02 -18.07
C THR T 128 9.33 66.13 -17.01
N ALA T 129 9.49 66.64 -15.80
CA ALA T 129 10.05 65.83 -14.72
C ALA T 129 9.04 64.83 -14.18
N ARG T 130 7.76 65.19 -14.15
CA ARG T 130 6.73 64.27 -13.66
C ARG T 130 6.27 63.28 -14.70
N ASN T 131 6.43 63.59 -15.99
CA ASN T 131 6.01 62.71 -17.07
C ASN T 131 6.89 62.93 -18.27
N PRO T 132 8.09 62.33 -18.28
CA PRO T 132 8.98 62.49 -19.44
C PRO T 132 8.43 61.92 -20.72
N SER T 133 7.45 61.02 -20.63
CA SER T 133 6.87 60.40 -21.82
C SER T 133 6.10 61.39 -22.68
N ILE T 134 5.83 62.60 -22.16
CA ILE T 134 5.05 63.61 -22.87
C ILE T 134 5.91 64.88 -22.89
N LYS T 135 6.72 65.03 -23.94
CA LYS T 135 7.48 66.26 -24.16
C LYS T 135 6.67 67.21 -25.02
N GLU T 136 6.26 66.75 -26.20
CA GLU T 136 5.26 67.45 -26.98
C GLU T 136 3.91 67.44 -26.27
N ASP T 137 3.07 68.39 -26.66
CA ASP T 137 1.81 68.72 -25.99
C ASP T 137 2.06 69.46 -24.70
N LEU T 138 3.32 69.59 -24.29
CA LEU T 138 3.71 70.56 -23.29
C LEU T 138 4.44 71.76 -23.88
N PHE T 139 5.22 71.53 -24.93
CA PHE T 139 5.92 72.61 -25.61
C PHE T 139 5.00 73.42 -26.52
N THR T 140 3.92 72.82 -27.00
CA THR T 140 2.97 73.57 -27.84
C THR T 140 2.24 74.62 -27.02
N TYR T 141 1.69 74.23 -25.87
CA TYR T 141 1.03 75.18 -24.99
C TYR T 141 2.02 76.23 -24.48
N THR T 142 3.24 75.79 -24.16
CA THR T 142 4.27 76.72 -23.75
C THR T 142 4.54 77.75 -24.84
N LEU T 143 4.61 77.30 -26.09
CA LEU T 143 4.87 78.24 -27.18
C LEU T 143 3.68 79.16 -27.42
N ILE T 144 2.46 78.69 -27.18
CA ILE T 144 1.29 79.56 -27.29
C ILE T 144 1.35 80.68 -26.27
N GLY T 145 1.61 80.31 -25.01
CA GLY T 145 1.78 81.32 -23.98
C GLY T 145 2.93 82.25 -24.27
N MET T 146 4.01 81.72 -24.83
CA MET T 146 5.14 82.55 -25.24
C MET T 146 4.70 83.56 -26.30
N GLY T 147 3.87 83.14 -27.25
CA GLY T 147 3.37 84.06 -28.25
C GLY T 147 2.54 85.17 -27.65
N PHE T 148 1.66 84.82 -26.72
CA PHE T 148 0.85 85.83 -26.03
C PHE T 148 1.75 86.84 -25.31
N LEU T 149 2.70 86.35 -24.53
CA LEU T 149 3.52 87.26 -23.73
C LEU T 149 4.47 88.05 -24.60
N GLU T 150 4.93 87.47 -25.72
CA GLU T 150 5.73 88.22 -26.68
C GLU T 150 4.92 89.33 -27.31
N PHE T 151 3.64 89.07 -27.60
CA PHE T 151 2.79 90.12 -28.13
C PHE T 151 2.62 91.26 -27.14
N LEU T 152 2.45 90.91 -25.85
CA LEU T 152 2.34 91.95 -24.83
C LEU T 152 3.62 92.77 -24.73
N GLY T 153 4.78 92.10 -24.75
CA GLY T 153 6.05 92.82 -24.72
C GLY T 153 6.23 93.70 -25.93
N ILE T 154 5.81 93.22 -27.10
CA ILE T 154 5.89 94.02 -28.32
C ILE T 154 5.01 95.25 -28.18
N ILE T 155 3.83 95.08 -27.58
CA ILE T 155 2.95 96.22 -27.36
C ILE T 155 3.66 97.27 -26.51
N CYS T 156 4.25 96.83 -25.40
CA CYS T 156 4.84 97.80 -24.48
C CYS T 156 6.05 98.48 -25.10
N VAL T 157 6.89 97.74 -25.82
CA VAL T 157 8.07 98.35 -26.43
C VAL T 157 7.65 99.29 -27.56
N LEU T 158 6.64 98.91 -28.33
CA LEU T 158 6.14 99.78 -29.39
C LEU T 158 5.62 101.09 -28.81
N MET T 159 4.84 101.01 -27.73
CA MET T 159 4.33 102.23 -27.13
C MET T 159 5.45 103.07 -26.52
N SER T 160 6.48 102.43 -25.98
CA SER T 160 7.64 103.18 -25.49
C SER T 160 8.29 103.96 -26.63
N ALA T 161 8.56 103.30 -27.75
CA ALA T 161 9.19 103.98 -28.88
C ALA T 161 8.28 105.06 -29.44
N VAL T 162 6.97 104.85 -29.40
CA VAL T 162 6.02 105.85 -29.87
C VAL T 162 6.11 107.09 -29.01
N LEU T 163 5.88 106.93 -27.71
CA LEU T 163 5.88 108.06 -26.80
C LEU T 163 7.24 108.75 -26.76
N LEU T 164 8.31 108.02 -27.08
CA LEU T 164 9.64 108.64 -27.04
C LEU T 164 9.79 109.69 -28.14
N TYR T 165 9.01 109.60 -29.21
CA TYR T 165 9.07 110.56 -30.31
C TYR T 165 7.70 111.15 -30.64
N SER T 166 6.75 111.06 -29.70
CA SER T 166 5.41 111.59 -29.93
C SER T 166 4.73 111.88 -28.59
N ALA U 96 0.42 118.19 -24.63
CA ALA U 96 0.33 117.91 -23.20
C ALA U 96 1.34 116.82 -22.81
N GLY U 97 2.39 117.24 -22.11
CA GLY U 97 3.42 116.29 -21.73
C GLY U 97 2.92 115.23 -20.75
N VAL U 98 2.05 115.62 -19.83
CA VAL U 98 1.56 114.69 -18.82
C VAL U 98 0.79 113.54 -19.46
N ALA U 99 0.18 113.79 -20.62
CA ALA U 99 -0.47 112.71 -21.35
C ALA U 99 0.50 111.56 -21.63
N SER U 100 1.72 111.89 -22.06
CA SER U 100 2.69 110.85 -22.32
C SER U 100 3.00 110.03 -21.07
N LEU U 101 2.91 110.65 -19.88
CA LEU U 101 3.09 109.87 -18.67
C LEU U 101 1.89 108.98 -18.45
N SER U 102 0.70 109.54 -18.70
CA SER U 102 -0.54 108.84 -18.39
C SER U 102 -0.58 107.53 -19.14
N ALA U 103 -0.30 107.58 -20.44
CA ALA U 103 -0.27 106.36 -21.25
C ALA U 103 0.67 105.31 -20.66
N ALA U 104 1.88 105.72 -20.28
CA ALA U 104 2.81 104.77 -19.69
C ALA U 104 2.22 104.11 -18.45
N ILE U 105 1.61 104.92 -17.59
CA ILE U 105 1.00 104.34 -16.40
C ILE U 105 -0.09 103.37 -16.79
N ALA U 106 -0.89 103.71 -17.79
CA ALA U 106 -1.95 102.81 -18.23
C ALA U 106 -1.40 101.52 -18.81
N LEU U 107 -0.13 101.52 -19.23
CA LEU U 107 0.52 100.33 -19.74
C LEU U 107 1.19 99.51 -18.66
N MET U 108 1.44 100.12 -17.50
CA MET U 108 2.12 99.41 -16.41
C MET U 108 1.34 98.18 -15.95
N SER U 109 0.01 98.21 -16.04
CA SER U 109 -0.83 97.07 -15.67
C SER U 109 -0.52 95.79 -16.45
N VAL U 110 0.09 95.89 -17.63
CA VAL U 110 0.44 94.67 -18.34
C VAL U 110 1.34 93.80 -17.47
N GLY U 111 2.14 94.41 -16.60
CA GLY U 111 2.97 93.64 -15.71
C GLY U 111 2.19 92.72 -14.80
N GLY U 112 0.96 93.10 -14.44
CA GLY U 112 0.10 92.23 -13.67
C GLY U 112 -0.66 91.28 -14.56
N VAL U 113 -0.82 91.66 -15.82
CA VAL U 113 -1.59 90.84 -16.75
C VAL U 113 -0.81 89.59 -17.10
N ALA U 114 0.39 89.79 -17.64
CA ALA U 114 1.17 88.68 -18.16
C ALA U 114 1.41 87.63 -17.09
N GLN U 115 1.75 88.06 -15.88
CA GLN U 115 1.87 87.14 -14.76
C GLN U 115 0.69 86.18 -14.69
N GLY U 116 -0.52 86.74 -14.63
CA GLY U 116 -1.72 85.92 -14.62
C GLY U 116 -1.76 84.93 -15.75
N ILE U 117 -1.55 85.41 -16.98
CA ILE U 117 -1.55 84.52 -18.14
C ILE U 117 -0.57 83.37 -17.95
N GLY U 118 0.65 83.71 -17.54
CA GLY U 118 1.67 82.70 -17.28
C GLY U 118 1.20 81.66 -16.29
N SER U 119 0.68 82.11 -15.14
CA SER U 119 0.19 81.18 -14.12
C SER U 119 -0.86 80.25 -14.71
N LEU U 120 -1.80 80.81 -15.46
CA LEU U 120 -2.84 80.01 -16.09
C LEU U 120 -2.24 78.91 -16.95
N PHE U 121 -1.37 79.28 -17.89
CA PHE U 121 -0.83 78.27 -18.78
C PHE U 121 0.03 77.28 -18.00
N ALA U 122 0.67 77.73 -16.92
CA ALA U 122 1.44 76.82 -16.09
C ALA U 122 0.55 75.72 -15.56
N ALA U 123 -0.61 76.11 -15.02
CA ALA U 123 -1.54 75.12 -14.50
C ALA U 123 -1.98 74.19 -15.61
N LEU U 124 -2.20 74.75 -16.81
CA LEU U 124 -2.59 73.92 -17.95
C LEU U 124 -1.56 72.84 -18.21
N VAL U 125 -0.28 73.22 -18.24
CA VAL U 125 0.80 72.25 -18.47
C VAL U 125 0.83 71.22 -17.36
N SER U 126 0.67 71.64 -16.11
CA SER U 126 0.64 70.68 -15.02
C SER U 126 -0.49 69.67 -15.19
N GLY U 127 -1.68 70.14 -15.58
CA GLY U 127 -2.76 69.22 -15.86
C GLY U 127 -2.42 68.25 -16.97
N THR U 128 -1.82 68.76 -18.04
CA THR U 128 -1.42 67.90 -19.14
C THR U 128 -0.30 66.96 -18.74
N ALA U 129 0.37 67.23 -17.62
CA ALA U 129 1.37 66.34 -17.05
C ALA U 129 0.77 65.34 -16.07
N ARG U 130 -0.47 65.55 -15.65
CA ARG U 130 -1.12 64.66 -14.69
C ARG U 130 -2.16 63.77 -15.36
N ASN U 131 -3.10 64.36 -16.09
CA ASN U 131 -4.15 63.63 -16.80
C ASN U 131 -4.13 64.11 -18.23
N PRO U 132 -3.19 63.60 -19.05
CA PRO U 132 -3.11 64.08 -20.44
C PRO U 132 -4.33 63.75 -21.27
N SER U 133 -5.00 62.64 -20.99
CA SER U 133 -6.07 62.16 -21.85
C SER U 133 -7.28 63.09 -21.89
N ILE U 134 -7.26 64.21 -21.17
CA ILE U 134 -8.36 65.17 -21.22
C ILE U 134 -7.83 66.55 -21.57
N LYS U 135 -6.74 66.61 -22.33
CA LYS U 135 -6.25 67.89 -22.83
C LYS U 135 -7.38 68.69 -23.49
N GLU U 136 -8.20 68.01 -24.30
CA GLU U 136 -9.26 68.68 -25.04
C GLU U 136 -10.18 69.47 -24.10
N ASP U 137 -10.31 69.03 -22.85
CA ASP U 137 -11.07 69.81 -21.88
C ASP U 137 -10.29 71.04 -21.44
N LEU U 138 -9.07 70.83 -20.95
CA LEU U 138 -8.38 71.88 -20.20
C LEU U 138 -8.17 73.11 -21.07
N PHE U 139 -7.66 72.90 -22.29
CA PHE U 139 -7.43 74.01 -23.20
C PHE U 139 -8.68 74.85 -23.37
N THR U 140 -9.84 74.19 -23.49
CA THR U 140 -11.09 74.94 -23.62
C THR U 140 -11.24 75.91 -22.46
N TYR U 141 -11.15 75.40 -21.23
CA TYR U 141 -11.25 76.29 -20.07
C TYR U 141 -10.20 77.37 -20.14
N THR U 142 -8.98 77.01 -20.54
CA THR U 142 -7.92 78.00 -20.62
C THR U 142 -8.32 79.13 -21.56
N LEU U 143 -8.92 78.78 -22.69
CA LEU U 143 -9.32 79.82 -23.64
C LEU U 143 -10.29 80.79 -22.99
N ILE U 144 -11.22 80.27 -22.17
CA ILE U 144 -12.17 81.14 -21.50
C ILE U 144 -11.43 82.18 -20.68
N GLY U 145 -10.40 81.76 -19.94
CA GLY U 145 -9.63 82.73 -19.17
C GLY U 145 -9.04 83.79 -20.07
N MET U 146 -8.44 83.38 -21.19
CA MET U 146 -7.88 84.36 -22.09
C MET U 146 -8.96 85.29 -22.62
N GLY U 147 -10.17 84.75 -22.83
CA GLY U 147 -11.26 85.59 -23.30
C GLY U 147 -11.51 86.78 -22.42
N PHE U 148 -11.18 86.66 -21.13
CA PHE U 148 -11.20 87.82 -20.27
C PHE U 148 -9.91 88.63 -20.38
N LEU U 149 -8.77 87.96 -20.20
CA LEU U 149 -7.52 88.69 -19.98
C LEU U 149 -7.17 89.57 -21.16
N GLU U 150 -7.15 88.98 -22.36
CA GLU U 150 -6.93 89.77 -23.57
C GLU U 150 -7.85 90.99 -23.59
N PHE U 151 -9.15 90.77 -23.35
CA PHE U 151 -10.06 91.90 -23.34
C PHE U 151 -9.63 92.94 -22.32
N LEU U 152 -9.32 92.49 -21.10
CA LEU U 152 -8.79 93.41 -20.10
C LEU U 152 -7.54 94.10 -20.61
N GLY U 153 -6.63 93.33 -21.20
CA GLY U 153 -5.43 93.93 -21.74
C GLY U 153 -5.75 94.99 -22.77
N ILE U 154 -6.75 94.73 -23.61
CA ILE U 154 -7.09 95.71 -24.63
C ILE U 154 -7.48 97.02 -23.99
N ILE U 155 -8.24 96.95 -22.89
CA ILE U 155 -8.60 98.17 -22.18
C ILE U 155 -7.34 98.90 -21.73
N CYS U 156 -6.39 98.15 -21.16
CA CYS U 156 -5.16 98.76 -20.69
C CYS U 156 -4.39 99.41 -21.82
N VAL U 157 -4.62 98.98 -23.06
CA VAL U 157 -4.06 99.68 -24.21
C VAL U 157 -4.91 100.89 -24.56
N LEU U 158 -6.22 100.69 -24.72
CA LEU U 158 -7.04 101.67 -25.41
C LEU U 158 -6.99 103.02 -24.71
N MET U 159 -7.35 103.06 -23.43
CA MET U 159 -7.31 104.32 -22.70
C MET U 159 -5.96 104.99 -22.83
N SER U 160 -4.88 104.20 -22.81
CA SER U 160 -3.56 104.77 -22.97
C SER U 160 -3.49 105.59 -24.26
N ALA U 161 -3.83 104.97 -25.38
CA ALA U 161 -3.86 105.73 -26.63
C ALA U 161 -4.82 106.90 -26.53
N VAL U 162 -5.98 106.68 -25.91
CA VAL U 162 -6.92 107.78 -25.72
C VAL U 162 -6.26 108.87 -24.90
N LEU U 163 -5.54 108.49 -23.85
CA LEU U 163 -4.88 109.45 -23.00
C LEU U 163 -3.70 110.10 -23.71
N LEU U 164 -3.28 109.57 -24.85
CA LEU U 164 -2.26 110.24 -25.66
C LEU U 164 -2.87 111.33 -26.53
N TYR U 165 -4.18 111.31 -26.76
CA TYR U 165 -4.85 112.34 -27.53
C TYR U 165 -5.66 113.28 -26.64
N SER U 166 -6.57 112.73 -25.83
CA SER U 166 -7.39 113.55 -24.95
C SER U 166 -6.57 114.01 -23.74
#